data_7MP4
#
_entry.id   7MP4
#
_cell.length_a   107.475
_cell.length_b   113.967
_cell.length_c   125.772
_cell.angle_alpha   78.310
_cell.angle_beta   70.180
_cell.angle_gamma   65.880
#
_symmetry.space_group_name_H-M   'P 1'
#
loop_
_entity.id
_entity.type
_entity.pdbx_description
1 polymer Carboxylesterase-24
2 branched alpha-D-mannopyranose-(1-2)-alpha-D-mannopyranose-(1-3)-beta-D-mannopyranose-(1-4)-2-acetamido-2-deoxy-beta-D-glucopyranose-(1-4)-2-acetamido-2-deoxy-beta-D-glucopyranose
3 water water
#
_entity_poly.entity_id   1
_entity_poly.type   'polypeptide(L)'
_entity_poly.pdbx_seq_one_letter_code
;SKPVVRVTQGVLQGSWKVSTHGRTYASFEGVPYARPPVGKYRFREPQHLKPWAGVWDASKTLPQCLQWDPFQQEVSGSEN
CLYINVHTPKLSAGASLPVVVFIHGGAFMYGAGSLYDVSHLMDRDVVAVTFNYRLGPLGFLSTGDESAPGNAGLKDQAFA
LQWVKNNVMMFGGNPDSVTLTGCSAGGASVHYHYLSPLSKGNFARGIAFSGAAFASWTHAVKPLQNARSLAAIVGCPTGT
NRELVDCLKYRPAEVVVGAQIEMLEFPYQQMFTPFTPTVEPQGTRDAFLTQYPFLVAQAGGMHKVPLITSVTSEEGLYPA
AVYQKSPDTLAYLEANWDQLASNIFEYNDTLPVNQRAGVAAKIKQRYLGNKPVSQETYPQLVQALGDRLFAVDVGKLAQI
HARHSGQPTYLYRYSFRGEKSLSNMMASNDKNYGVSHADDIFHIFKFPSLSSTSSEDVRMTEALIDMIYSFSTTGNPKLT
NEAPVWTPVTPGSAELSYLEIASPSRMEMKSSSDFGHRSFWDSLGFVENENYRHIRDELENLYFQGHHHHHHHHHH
;
_entity_poly.pdbx_strand_id   A,B,C,D,E,F,G,H
#
loop_
_chem_comp.id
_chem_comp.type
_chem_comp.name
_chem_comp.formula
BMA D-saccharide, beta linking beta-D-mannopyranose 'C6 H12 O6'
MAN D-saccharide, alpha linking alpha-D-mannopyranose 'C6 H12 O6'
NAG D-saccharide, beta linking 2-acetamido-2-deoxy-beta-D-glucopyranose 'C8 H15 N O6'
#
# COMPACT_ATOMS: atom_id res chain seq x y z
N SER A 1 62.09 6.93 1.69
CA SER A 1 61.18 7.44 0.62
C SER A 1 59.86 7.95 1.22
N LYS A 2 59.66 9.29 1.23
CA LYS A 2 58.53 9.98 1.90
C LYS A 2 57.20 9.51 1.29
N PRO A 3 56.13 9.38 2.11
CA PRO A 3 54.85 8.84 1.65
C PRO A 3 54.14 9.77 0.65
N VAL A 4 53.49 9.17 -0.34
CA VAL A 4 52.87 9.87 -1.50
C VAL A 4 51.45 9.34 -1.68
N VAL A 5 50.51 10.26 -1.93
CA VAL A 5 49.07 9.96 -2.19
C VAL A 5 48.63 10.91 -3.30
N ARG A 6 47.79 10.43 -4.20
CA ARG A 6 47.02 11.31 -5.12
C ARG A 6 45.64 11.51 -4.50
N VAL A 7 45.22 12.77 -4.37
CA VAL A 7 43.82 13.18 -4.04
C VAL A 7 43.24 13.83 -5.30
N THR A 8 41.96 14.22 -5.26
CA THR A 8 41.20 14.72 -6.44
C THR A 8 41.94 15.90 -7.09
N GLN A 9 42.57 16.74 -6.27
CA GLN A 9 43.19 18.01 -6.75
C GLN A 9 44.66 17.77 -7.14
N GLY A 10 45.28 16.64 -6.74
CA GLY A 10 46.62 16.25 -7.22
C GLY A 10 47.43 15.43 -6.23
N VAL A 11 48.76 15.45 -6.39
CA VAL A 11 49.72 14.53 -5.71
C VAL A 11 50.27 15.24 -4.46
N LEU A 12 50.28 14.53 -3.34
CA LEU A 12 50.78 14.99 -2.02
C LEU A 12 52.00 14.15 -1.62
N GLN A 13 53.01 14.79 -1.03
CA GLN A 13 54.16 14.15 -0.37
C GLN A 13 54.14 14.56 1.10
N GLY A 14 53.97 13.59 2.01
CA GLY A 14 53.92 13.82 3.46
C GLY A 14 55.22 13.41 4.13
N SER A 15 55.15 13.18 5.44
CA SER A 15 56.28 12.71 6.29
C SER A 15 55.92 11.38 6.93
N TRP A 16 56.90 10.71 7.51
CA TRP A 16 56.71 9.52 8.38
C TRP A 16 56.84 9.98 9.83
N LYS A 17 55.81 9.76 10.64
CA LYS A 17 55.79 10.12 12.08
C LYS A 17 55.76 8.83 12.90
N VAL A 18 55.94 8.96 14.22
CA VAL A 18 55.89 7.84 15.19
C VAL A 18 54.74 8.11 16.16
N SER A 19 53.87 7.11 16.37
CA SER A 19 52.82 7.14 17.43
C SER A 19 53.49 7.15 18.80
N THR A 20 52.71 7.35 19.85
CA THR A 20 53.20 7.41 21.25
C THR A 20 53.91 6.10 21.62
N HIS A 21 53.43 4.94 21.15
CA HIS A 21 53.96 3.59 21.51
C HIS A 21 54.83 2.98 20.39
N GLY A 22 55.44 3.82 19.55
CA GLY A 22 56.56 3.44 18.68
C GLY A 22 56.13 2.79 17.37
N ARG A 23 54.98 3.19 16.83
CA ARG A 23 54.44 2.66 15.56
C ARG A 23 54.55 3.72 14.47
N THR A 24 54.88 3.30 13.25
CA THR A 24 55.05 4.18 12.06
C THR A 24 53.66 4.62 11.56
N TYR A 25 53.51 5.87 11.14
CA TYR A 25 52.30 6.34 10.40
C TYR A 25 52.67 7.46 9.42
N ALA A 26 51.84 7.60 8.37
CA ALA A 26 51.95 8.62 7.31
C ALA A 26 51.15 9.85 7.72
N SER A 27 51.77 11.03 7.62
CA SER A 27 51.21 12.34 8.01
C SER A 27 51.25 13.28 6.81
N PHE A 28 50.07 13.72 6.36
CA PHE A 28 49.83 14.69 5.26
C PHE A 28 49.22 15.97 5.83
N GLU A 29 50.03 17.01 6.01
CA GLU A 29 49.65 18.27 6.69
C GLU A 29 49.69 19.41 5.67
N GLY A 30 48.85 20.43 5.85
CA GLY A 30 48.76 21.57 4.90
C GLY A 30 48.18 21.16 3.57
N VAL A 31 47.23 20.23 3.54
CA VAL A 31 46.50 19.80 2.32
C VAL A 31 45.39 20.82 2.07
N PRO A 32 45.37 21.54 0.93
CA PRO A 32 44.30 22.50 0.66
C PRO A 32 43.04 21.72 0.27
N TYR A 33 41.88 22.12 0.82
CA TYR A 33 40.58 21.44 0.59
C TYR A 33 39.60 22.40 -0.10
N ALA A 34 40.03 23.64 -0.36
CA ALA A 34 39.19 24.71 -0.92
C ALA A 34 40.07 25.84 -1.46
N ARG A 35 39.54 26.61 -2.41
CA ARG A 35 40.21 27.83 -2.92
C ARG A 35 40.45 28.74 -1.73
N PRO A 36 41.60 29.44 -1.66
CA PRO A 36 41.83 30.45 -0.63
C PRO A 36 40.70 31.49 -0.63
N PRO A 37 40.03 31.71 0.52
CA PRO A 37 38.91 32.64 0.58
C PRO A 37 39.44 34.07 0.71
N VAL A 38 39.98 34.59 -0.41
CA VAL A 38 40.75 35.87 -0.50
C VAL A 38 40.07 36.76 -1.54
N GLY A 39 40.22 38.08 -1.42
CA GLY A 39 39.72 39.07 -2.39
C GLY A 39 38.20 39.06 -2.40
N LYS A 40 37.59 38.80 -3.57
CA LYS A 40 36.12 38.83 -3.71
C LYS A 40 35.48 37.63 -3.00
N TYR A 41 36.30 36.67 -2.52
CA TYR A 41 35.86 35.40 -1.88
C TYR A 41 36.05 35.48 -0.36
N ARG A 42 36.52 36.60 0.16
CA ARG A 42 36.41 36.89 1.61
C ARG A 42 34.91 36.94 1.94
N PHE A 43 34.49 36.23 2.99
CA PHE A 43 33.11 36.22 3.54
C PHE A 43 32.21 35.25 2.77
N ARG A 44 32.60 34.78 1.59
CA ARG A 44 31.72 33.95 0.73
C ARG A 44 31.88 32.48 1.09
N GLU A 45 30.90 31.66 0.73
CA GLU A 45 30.93 30.17 0.89
C GLU A 45 32.22 29.66 0.27
N PRO A 46 32.78 28.52 0.76
CA PRO A 46 34.00 27.96 0.18
C PRO A 46 33.80 27.63 -1.30
N GLN A 47 34.81 27.94 -2.13
CA GLN A 47 34.80 27.69 -3.58
C GLN A 47 35.59 26.41 -3.86
N HIS A 48 35.30 25.72 -4.95
CA HIS A 48 36.04 24.51 -5.37
C HIS A 48 37.49 24.88 -5.65
N LEU A 49 38.42 24.02 -5.19
CA LEU A 49 39.88 24.17 -5.36
C LEU A 49 40.25 23.65 -6.75
N LYS A 50 40.91 24.51 -7.53
CA LYS A 50 41.49 24.16 -8.85
C LYS A 50 42.67 23.20 -8.61
N PRO A 51 42.76 22.05 -9.32
CA PRO A 51 43.88 21.14 -9.15
C PRO A 51 45.25 21.85 -9.30
N TRP A 52 46.22 21.42 -8.49
CA TRP A 52 47.61 21.99 -8.47
C TRP A 52 48.54 21.17 -9.35
N ALA A 53 49.54 21.84 -9.94
CA ALA A 53 50.59 21.22 -10.76
C ALA A 53 51.62 20.54 -9.85
N GLY A 54 52.20 19.43 -10.30
CA GLY A 54 53.34 18.76 -9.65
C GLY A 54 52.98 18.16 -8.30
N VAL A 55 53.94 18.17 -7.36
CA VAL A 55 53.81 17.54 -6.02
C VAL A 55 53.70 18.63 -4.93
N TRP A 56 52.61 18.62 -4.17
CA TRP A 56 52.35 19.56 -3.05
C TRP A 56 53.01 19.04 -1.76
N ASP A 57 53.83 19.87 -1.13
CA ASP A 57 54.57 19.52 0.12
C ASP A 57 53.59 19.44 1.29
N ALA A 58 53.35 18.22 1.82
CA ALA A 58 52.42 17.94 2.93
C ALA A 58 53.20 17.40 4.15
N SER A 59 54.44 17.86 4.32
CA SER A 59 55.37 17.45 5.40
C SER A 59 55.20 18.35 6.65
N LYS A 60 54.66 19.57 6.48
CA LYS A 60 54.52 20.59 7.56
C LYS A 60 53.08 21.09 7.61
N THR A 61 52.58 21.44 8.80
CA THR A 61 51.31 22.19 8.93
C THR A 61 51.53 23.60 8.38
N LEU A 62 50.54 24.13 7.66
CA LEU A 62 50.56 25.49 7.05
C LEU A 62 49.76 26.45 7.95
N PRO A 63 49.63 27.74 7.60
CA PRO A 63 49.05 28.74 8.50
C PRO A 63 47.61 28.49 8.95
N GLN A 64 47.36 28.75 10.22
CA GLN A 64 46.00 28.78 10.81
C GLN A 64 45.23 29.97 10.23
N CYS A 65 43.91 29.93 10.33
CA CYS A 65 43.02 30.99 9.79
C CYS A 65 43.28 32.28 10.56
N LEU A 66 43.24 33.41 9.87
CA LEU A 66 43.50 34.73 10.47
C LEU A 66 42.46 34.95 11.58
N GLN A 67 42.92 35.23 12.79
CA GLN A 67 42.13 35.13 14.04
C GLN A 67 42.65 36.15 15.05
N TRP A 68 41.78 36.63 15.93
CA TRP A 68 42.20 37.28 17.19
C TRP A 68 42.52 36.18 18.21
N ASP A 69 43.80 36.02 18.55
CA ASP A 69 44.25 35.07 19.60
C ASP A 69 44.25 35.83 20.92
N PRO A 70 43.26 35.61 21.82
CA PRO A 70 43.16 36.39 23.05
C PRO A 70 44.29 36.05 24.04
N PHE A 71 44.91 34.88 23.90
CA PHE A 71 45.99 34.40 24.79
C PHE A 71 47.28 35.14 24.45
N GLN A 72 47.55 35.38 23.17
CA GLN A 72 48.78 36.09 22.72
C GLN A 72 48.51 37.57 22.52
N GLN A 73 47.24 38.01 22.58
CA GLN A 73 46.82 39.43 22.44
C GLN A 73 47.34 40.00 21.11
N GLU A 74 47.14 39.26 20.02
CA GLU A 74 47.59 39.64 18.66
C GLU A 74 46.66 39.02 17.61
N VAL A 75 46.66 39.58 16.40
CA VAL A 75 46.17 38.93 15.15
C VAL A 75 47.29 38.04 14.61
N SER A 76 46.98 36.80 14.26
CA SER A 76 47.95 35.81 13.71
C SER A 76 47.25 34.94 12.68
N GLY A 77 48.04 34.25 11.85
CA GLY A 77 47.56 33.37 10.78
C GLY A 77 47.52 34.09 9.44
N SER A 78 46.65 33.62 8.56
CA SER A 78 46.53 34.05 7.14
C SER A 78 45.09 33.83 6.67
N GLU A 79 44.62 34.64 5.72
CA GLU A 79 43.37 34.38 4.97
C GLU A 79 43.49 33.01 4.28
N ASN A 80 44.69 32.66 3.79
CA ASN A 80 44.96 31.39 3.07
C ASN A 80 45.23 30.31 4.13
N CYS A 81 44.17 29.63 4.58
CA CYS A 81 44.20 28.77 5.80
C CYS A 81 43.31 27.53 5.69
N LEU A 82 42.56 27.35 4.61
CA LEU A 82 41.62 26.20 4.50
C LEU A 82 42.42 24.92 4.22
N TYR A 83 43.09 24.42 5.26
CA TYR A 83 44.02 23.27 5.19
C TYR A 83 43.47 22.15 6.06
N ILE A 84 43.60 20.91 5.55
CA ILE A 84 43.21 19.64 6.23
C ILE A 84 44.49 18.85 6.51
N ASN A 85 44.52 18.09 7.61
CA ASN A 85 45.66 17.20 7.97
C ASN A 85 45.11 15.79 8.17
N VAL A 86 45.68 14.83 7.44
CA VAL A 86 45.23 13.39 7.36
C VAL A 86 46.37 12.48 7.80
N HIS A 87 46.16 11.70 8.86
CA HIS A 87 47.17 10.81 9.47
C HIS A 87 46.69 9.36 9.43
N THR A 88 47.46 8.47 8.80
CA THR A 88 47.09 7.05 8.59
C THR A 88 48.25 6.13 8.95
N PRO A 89 48.01 5.07 9.76
CA PRO A 89 49.00 4.01 9.99
C PRO A 89 48.96 2.90 8.93
N LYS A 90 48.05 2.99 7.96
CA LYS A 90 47.86 2.01 6.87
C LYS A 90 47.60 2.80 5.59
N LEU A 91 48.68 3.21 4.91
CA LEU A 91 48.62 3.98 3.64
C LEU A 91 48.34 3.01 2.49
N SER A 92 47.06 2.66 2.29
CA SER A 92 46.57 1.66 1.31
C SER A 92 45.06 1.83 1.11
N ALA A 93 44.63 2.01 -0.14
CA ALA A 93 43.22 2.27 -0.53
C ALA A 93 42.28 1.16 -0.02
N GLY A 94 42.79 -0.03 0.29
CA GLY A 94 41.97 -1.21 0.68
C GLY A 94 41.89 -1.44 2.17
N ALA A 95 42.41 -0.54 3.00
CA ALA A 95 42.53 -0.72 4.47
C ALA A 95 41.17 -0.54 5.15
N SER A 96 40.35 0.42 4.67
CA SER A 96 38.94 0.64 5.10
C SER A 96 38.85 0.84 6.61
N LEU A 97 39.68 1.72 7.15
CA LEU A 97 39.77 2.03 8.61
C LEU A 97 38.67 3.01 9.01
N PRO A 98 38.19 2.98 10.26
CA PRO A 98 37.36 4.07 10.78
C PRO A 98 38.11 5.40 10.68
N VAL A 99 37.39 6.49 10.39
CA VAL A 99 37.98 7.84 10.18
C VAL A 99 37.52 8.74 11.33
N VAL A 100 38.47 9.22 12.13
CA VAL A 100 38.19 10.17 13.27
C VAL A 100 38.48 11.60 12.82
N VAL A 101 37.45 12.39 12.55
CA VAL A 101 37.56 13.84 12.18
C VAL A 101 37.42 14.67 13.45
N PHE A 102 38.28 15.67 13.67
CA PHE A 102 38.22 16.55 14.87
C PHE A 102 38.06 18.01 14.45
N ILE A 103 36.99 18.65 14.92
CA ILE A 103 36.71 20.10 14.72
C ILE A 103 37.19 20.79 16.00
N HIS A 104 38.18 21.67 15.87
CA HIS A 104 38.87 22.30 17.03
C HIS A 104 37.93 23.33 17.66
N GLY A 105 38.18 23.66 18.92
CA GLY A 105 37.50 24.75 19.65
C GLY A 105 38.28 26.05 19.56
N GLY A 106 37.80 27.05 20.30
CA GLY A 106 38.25 28.45 20.30
C GLY A 106 37.10 29.43 20.14
N ALA A 107 35.89 29.03 20.55
CA ALA A 107 34.68 29.88 20.63
C ALA A 107 34.31 30.45 19.25
N PHE A 108 34.76 29.81 18.17
CA PHE A 108 34.60 30.25 16.75
C PHE A 108 35.46 31.49 16.48
N MET A 109 36.35 31.86 17.40
CA MET A 109 37.16 33.09 17.26
C MET A 109 38.62 32.74 16.93
N TYR A 110 39.16 31.68 17.52
CA TYR A 110 40.59 31.31 17.43
C TYR A 110 40.76 29.78 17.33
N GLY A 111 42.01 29.34 17.21
CA GLY A 111 42.39 27.91 17.19
C GLY A 111 42.78 27.47 15.79
N ALA A 112 43.08 26.17 15.64
CA ALA A 112 43.57 25.53 14.41
C ALA A 112 43.55 24.02 14.57
N GLY A 113 43.32 23.29 13.49
CA GLY A 113 43.39 21.82 13.47
C GLY A 113 44.79 21.32 13.80
N SER A 114 45.80 22.09 13.39
CA SER A 114 47.23 21.70 13.43
C SER A 114 47.79 21.80 14.85
N LEU A 115 47.03 22.37 15.80
CA LEU A 115 47.43 22.38 17.24
C LEU A 115 47.21 21.00 17.86
N TYR A 116 46.43 20.12 17.23
CA TYR A 116 46.01 18.81 17.79
C TYR A 116 46.82 17.70 17.12
N ASP A 117 47.86 17.23 17.83
CA ASP A 117 48.77 16.13 17.40
C ASP A 117 48.07 14.80 17.69
N VAL A 118 48.15 13.86 16.75
CA VAL A 118 47.35 12.60 16.72
C VAL A 118 48.23 11.40 17.10
N SER A 119 49.37 11.61 17.76
CA SER A 119 50.32 10.57 18.19
C SER A 119 49.62 9.42 18.91
N HIS A 120 48.78 9.72 19.91
CA HIS A 120 48.05 8.72 20.72
C HIS A 120 47.07 7.91 19.84
N LEU A 121 46.31 8.58 18.97
CA LEU A 121 45.27 7.94 18.11
C LEU A 121 45.90 6.96 17.11
N MET A 122 47.16 7.16 16.72
CA MET A 122 47.83 6.37 15.65
C MET A 122 48.33 5.02 16.20
N ASP A 123 48.17 4.76 17.50
CA ASP A 123 48.33 3.40 18.09
C ASP A 123 47.02 2.62 17.90
N ARG A 124 46.04 3.16 17.17
CA ARG A 124 44.81 2.43 16.76
C ARG A 124 44.65 2.52 15.25
N ASP A 125 43.98 1.53 14.66
CA ASP A 125 43.74 1.43 13.19
C ASP A 125 42.53 2.32 12.86
N VAL A 126 42.80 3.63 12.85
CA VAL A 126 41.87 4.69 12.38
C VAL A 126 42.69 5.66 11.52
N VAL A 127 42.04 6.38 10.62
CA VAL A 127 42.62 7.59 9.99
C VAL A 127 42.16 8.78 10.85
N ALA A 128 43.08 9.62 11.30
CA ALA A 128 42.78 10.86 12.04
C ALA A 128 42.78 12.03 11.05
N VAL A 129 41.86 12.98 11.22
CA VAL A 129 41.71 14.17 10.34
C VAL A 129 41.48 15.40 11.25
N THR A 130 42.38 16.38 11.19
CA THR A 130 42.18 17.74 11.74
C THR A 130 42.09 18.72 10.56
N PHE A 131 41.54 19.92 10.78
CA PHE A 131 41.47 20.94 9.70
C PHE A 131 41.13 22.32 10.28
N ASN A 132 41.33 23.33 9.44
CA ASN A 132 41.01 24.74 9.70
C ASN A 132 39.72 25.09 8.96
N TYR A 133 38.95 26.01 9.55
CA TYR A 133 37.70 26.62 9.01
C TYR A 133 37.79 28.10 9.37
N ARG A 134 37.20 28.99 8.59
CA ARG A 134 37.36 30.45 8.83
C ARG A 134 36.71 30.81 10.17
N LEU A 135 37.29 31.79 10.84
CA LEU A 135 36.96 32.18 12.22
C LEU A 135 36.49 33.64 12.24
N GLY A 136 35.85 34.03 13.34
CA GLY A 136 35.51 35.43 13.64
C GLY A 136 34.72 36.04 12.49
N PRO A 137 34.83 37.37 12.27
CA PRO A 137 34.09 38.01 11.18
C PRO A 137 34.40 37.37 9.80
N LEU A 138 35.59 36.81 9.59
CA LEU A 138 35.95 36.17 8.28
C LEU A 138 35.05 34.96 8.06
N GLY A 139 34.79 34.19 9.13
CA GLY A 139 34.02 32.94 9.04
C GLY A 139 32.52 33.10 9.30
N PHE A 140 32.09 34.18 9.95
CA PHE A 140 30.71 34.27 10.50
C PHE A 140 30.08 35.66 10.34
N LEU A 141 30.57 36.50 9.43
CA LEU A 141 29.87 37.78 9.14
C LEU A 141 28.48 37.46 8.60
N SER A 142 27.47 38.21 9.05
CA SER A 142 26.10 38.14 8.49
C SER A 142 25.43 39.51 8.58
N THR A 143 24.85 39.95 7.47
CA THR A 143 23.99 41.16 7.37
C THR A 143 22.52 40.72 7.35
N GLY A 144 22.25 39.43 7.57
CA GLY A 144 20.88 38.86 7.64
C GLY A 144 20.19 38.90 6.29
N ASP A 145 20.94 39.01 5.19
CA ASP A 145 20.41 39.11 3.81
C ASP A 145 21.46 38.59 2.81
N GLU A 146 21.17 38.65 1.52
CA GLU A 146 22.00 38.00 0.46
C GLU A 146 23.43 38.58 0.41
N SER A 147 23.66 39.79 0.94
CA SER A 147 25.00 40.43 0.98
C SER A 147 25.97 39.59 1.79
N ALA A 148 25.51 39.01 2.90
CA ALA A 148 26.33 38.16 3.81
C ALA A 148 25.38 37.28 4.62
N PRO A 149 24.96 36.13 4.05
CA PRO A 149 23.93 35.29 4.69
C PRO A 149 24.39 34.67 6.03
N GLY A 150 25.68 34.35 6.16
CA GLY A 150 26.27 33.82 7.41
C GLY A 150 26.74 32.39 7.27
N ASN A 151 27.49 31.89 8.27
CA ASN A 151 27.86 30.47 8.48
C ASN A 151 28.95 30.02 7.49
N ALA A 152 29.71 30.95 6.90
CA ALA A 152 30.83 30.64 5.97
C ALA A 152 31.73 29.56 6.59
N GLY A 153 32.08 29.70 7.87
CA GLY A 153 33.04 28.83 8.58
C GLY A 153 32.47 27.45 8.85
N LEU A 154 31.15 27.32 8.98
CA LEU A 154 30.46 26.00 9.06
C LEU A 154 30.39 25.40 7.65
N LYS A 155 30.28 26.25 6.62
CA LYS A 155 30.30 25.79 5.22
C LYS A 155 31.71 25.28 4.87
N ASP A 156 32.75 25.93 5.38
CA ASP A 156 34.15 25.42 5.33
C ASP A 156 34.18 23.99 5.90
N GLN A 157 33.62 23.80 7.09
CA GLN A 157 33.60 22.47 7.77
C GLN A 157 32.90 21.45 6.87
N ALA A 158 31.68 21.74 6.41
CA ALA A 158 30.87 20.86 5.54
C ALA A 158 31.71 20.49 4.31
N PHE A 159 32.40 21.48 3.75
CA PHE A 159 33.27 21.32 2.55
C PHE A 159 34.39 20.34 2.89
N ALA A 160 34.97 20.44 4.09
CA ALA A 160 36.03 19.54 4.56
C ALA A 160 35.47 18.11 4.73
N LEU A 161 34.26 17.95 5.28
CA LEU A 161 33.60 16.62 5.41
C LEU A 161 33.32 16.04 4.02
N GLN A 162 32.86 16.87 3.08
CA GLN A 162 32.68 16.48 1.65
C GLN A 162 34.04 16.01 1.09
N TRP A 163 35.11 16.74 1.37
CA TRP A 163 36.47 16.38 0.90
C TRP A 163 36.89 15.02 1.48
N VAL A 164 36.62 14.79 2.77
CA VAL A 164 36.98 13.51 3.46
C VAL A 164 36.24 12.35 2.78
N LYS A 165 34.95 12.53 2.48
CA LYS A 165 34.10 11.51 1.81
C LYS A 165 34.73 11.13 0.46
N ASN A 166 35.19 12.11 -0.33
CA ASN A 166 35.68 11.90 -1.71
C ASN A 166 37.14 11.40 -1.76
N ASN A 167 37.94 11.59 -0.70
CA ASN A 167 39.42 11.47 -0.78
C ASN A 167 40.02 10.54 0.29
N VAL A 168 39.35 10.30 1.42
CA VAL A 168 39.96 9.57 2.59
C VAL A 168 40.26 8.11 2.21
N MET A 169 39.56 7.51 1.25
CA MET A 169 39.85 6.11 0.82
C MET A 169 41.35 5.96 0.49
N MET A 170 41.93 6.95 -0.18
CA MET A 170 43.34 6.96 -0.68
C MET A 170 44.34 6.96 0.48
N PHE A 171 43.90 7.30 1.70
CA PHE A 171 44.69 7.29 2.95
C PHE A 171 44.34 6.05 3.79
N GLY A 172 43.47 5.17 3.28
CA GLY A 172 43.06 3.91 3.96
C GLY A 172 41.88 4.10 4.92
N GLY A 173 41.13 5.19 4.79
CA GLY A 173 39.90 5.42 5.59
C GLY A 173 38.67 4.90 4.88
N ASN A 174 37.69 4.41 5.64
CA ASN A 174 36.34 4.06 5.13
C ASN A 174 35.48 5.32 5.14
N PRO A 175 35.07 5.87 3.97
CA PRO A 175 34.26 7.07 3.95
C PRO A 175 32.90 6.84 4.64
N ASP A 176 32.46 5.59 4.67
CA ASP A 176 31.15 5.18 5.24
C ASP A 176 31.24 4.96 6.76
N SER A 177 32.42 5.18 7.38
CA SER A 177 32.62 5.03 8.85
C SER A 177 33.36 6.24 9.43
N VAL A 178 32.85 7.44 9.17
CA VAL A 178 33.44 8.71 9.69
C VAL A 178 32.85 8.98 11.07
N THR A 179 33.68 9.00 12.11
CA THR A 179 33.36 9.51 13.47
C THR A 179 33.65 11.01 13.51
N LEU A 180 32.61 11.84 13.54
CA LEU A 180 32.72 13.32 13.57
C LEU A 180 32.81 13.77 15.03
N THR A 181 33.93 14.38 15.43
CA THR A 181 34.21 14.80 16.83
C THR A 181 34.68 16.26 16.87
N GLY A 182 34.51 16.90 18.04
CA GLY A 182 34.89 18.30 18.28
C GLY A 182 34.72 18.70 19.73
N CYS A 183 35.36 19.80 20.15
CA CYS A 183 35.43 20.34 21.53
C CYS A 183 35.11 21.84 21.53
N SER A 184 34.36 22.36 22.53
CA SER A 184 34.01 23.81 22.68
C SER A 184 33.19 24.19 21.42
N ALA A 185 33.69 25.10 20.58
CA ALA A 185 33.01 25.52 19.33
C ALA A 185 32.92 24.33 18.38
N GLY A 186 33.86 23.38 18.49
CA GLY A 186 33.90 22.12 17.71
C GLY A 186 32.79 21.16 18.09
N GLY A 187 32.48 21.03 19.38
CA GLY A 187 31.35 20.22 19.86
C GLY A 187 30.02 20.76 19.36
N ALA A 188 29.82 22.07 19.52
CA ALA A 188 28.69 22.84 18.93
C ALA A 188 28.66 22.59 17.42
N SER A 189 29.82 22.66 16.78
CA SER A 189 30.00 22.46 15.32
C SER A 189 29.48 21.07 14.93
N VAL A 190 29.86 20.02 15.67
CA VAL A 190 29.38 18.62 15.43
C VAL A 190 27.84 18.63 15.45
N HIS A 191 27.25 19.24 16.47
CA HIS A 191 25.78 19.39 16.62
C HIS A 191 25.22 20.15 15.40
N TYR A 192 25.89 21.21 14.96
CA TYR A 192 25.47 22.02 13.79
C TYR A 192 25.43 21.12 12.56
N HIS A 193 26.40 20.19 12.42
CA HIS A 193 26.48 19.24 11.28
C HIS A 193 25.31 18.26 11.33
N TYR A 194 24.85 17.88 12.53
CA TYR A 194 23.65 17.01 12.72
C TYR A 194 22.41 17.74 12.20
N LEU A 195 22.41 19.08 12.20
CA LEU A 195 21.21 19.91 11.90
C LEU A 195 21.16 20.33 10.41
N SER A 196 22.27 20.35 9.69
CA SER A 196 22.39 20.93 8.32
C SER A 196 22.16 19.88 7.25
N PRO A 197 21.38 20.21 6.18
CA PRO A 197 21.33 19.38 4.98
C PRO A 197 22.71 19.18 4.32
N LEU A 198 23.64 20.12 4.50
CA LEU A 198 24.95 20.12 3.79
C LEU A 198 25.81 18.92 4.22
N SER A 199 25.66 18.43 5.45
CA SER A 199 26.52 17.39 6.06
C SER A 199 25.75 16.07 6.23
N LYS A 200 24.51 15.99 5.76
CA LYS A 200 23.68 14.78 5.88
C LYS A 200 24.33 13.66 5.07
N GLY A 201 24.55 12.49 5.67
CA GLY A 201 25.13 11.31 5.01
C GLY A 201 26.64 11.39 4.93
N ASN A 202 27.29 12.30 5.66
CA ASN A 202 28.75 12.55 5.59
C ASN A 202 29.43 12.19 6.92
N PHE A 203 28.73 11.49 7.81
CA PHE A 203 29.31 10.90 9.05
C PHE A 203 28.39 9.79 9.59
N ALA A 204 28.99 8.75 10.16
CA ALA A 204 28.32 7.52 10.61
C ALA A 204 27.90 7.66 12.07
N ARG A 205 28.49 8.65 12.77
CA ARG A 205 28.33 8.83 14.23
C ARG A 205 29.05 10.13 14.64
N GLY A 206 28.75 10.64 15.84
CA GLY A 206 29.24 11.92 16.36
C GLY A 206 29.70 11.81 17.80
N ILE A 207 30.67 12.65 18.18
CA ILE A 207 31.04 12.96 19.59
C ILE A 207 31.15 14.49 19.75
N ALA A 208 30.23 15.10 20.49
CA ALA A 208 30.28 16.53 20.83
C ALA A 208 30.81 16.68 22.26
N PHE A 209 32.11 16.94 22.38
CA PHE A 209 32.79 17.15 23.68
C PHE A 209 32.50 18.57 24.18
N SER A 210 31.74 18.70 25.27
CA SER A 210 31.61 19.97 26.04
C SER A 210 31.15 21.09 25.12
N GLY A 211 30.08 20.86 24.36
CA GLY A 211 29.60 21.84 23.38
C GLY A 211 28.35 21.34 22.69
N ALA A 212 27.38 22.24 22.51
CA ALA A 212 26.11 22.02 21.79
C ALA A 212 25.69 23.30 21.07
N ALA A 213 24.99 23.18 19.94
CA ALA A 213 24.49 24.31 19.11
C ALA A 213 23.32 25.02 19.80
N PHE A 214 22.86 24.51 20.95
CA PHE A 214 21.79 25.13 21.79
C PHE A 214 22.39 26.19 22.72
N ALA A 215 23.72 26.25 22.86
CA ALA A 215 24.40 27.21 23.75
C ALA A 215 24.42 28.60 23.10
N SER A 216 24.09 29.63 23.87
CA SER A 216 23.90 31.04 23.43
C SER A 216 25.14 31.57 22.70
N TRP A 217 26.35 31.30 23.21
CA TRP A 217 27.66 31.78 22.66
C TRP A 217 27.94 31.16 21.28
N THR A 218 27.18 30.16 20.84
CA THR A 218 27.38 29.49 19.54
C THR A 218 26.46 30.08 18.47
N HIS A 219 25.60 31.04 18.83
CA HIS A 219 24.50 31.47 17.93
C HIS A 219 24.30 32.98 18.01
N ALA A 220 24.26 33.65 16.86
CA ALA A 220 24.07 35.12 16.74
C ALA A 220 22.60 35.40 16.39
N VAL A 221 21.92 36.15 17.28
CA VAL A 221 20.49 36.53 17.13
C VAL A 221 20.41 37.88 16.40
N LYS A 222 21.45 38.72 16.51
CA LYS A 222 21.47 40.08 15.90
C LYS A 222 22.75 40.27 15.11
N PRO A 223 22.98 39.42 14.07
CA PRO A 223 24.20 39.53 13.27
C PRO A 223 24.35 40.92 12.64
N LEU A 224 23.28 41.49 12.08
CA LEU A 224 23.35 42.79 11.36
C LEU A 224 23.84 43.90 12.31
N GLN A 225 23.48 43.86 13.59
CA GLN A 225 23.97 44.84 14.61
C GLN A 225 25.48 44.66 14.80
N ASN A 226 25.97 43.42 14.78
CA ASN A 226 27.40 43.07 14.93
C ASN A 226 28.18 43.56 13.69
N ALA A 227 27.65 43.33 12.48
CA ALA A 227 28.30 43.69 11.20
C ALA A 227 28.39 45.21 11.08
N ARG A 228 27.34 45.94 11.45
CA ARG A 228 27.32 47.42 11.37
C ARG A 228 28.35 48.02 12.34
N SER A 229 28.46 47.44 13.53
CA SER A 229 29.40 47.89 14.59
C SER A 229 30.84 47.70 14.11
N LEU A 230 31.15 46.49 13.62
CA LEU A 230 32.48 46.14 13.06
C LEU A 230 32.84 47.15 11.97
N ALA A 231 31.93 47.38 11.02
CA ALA A 231 32.12 48.28 9.85
C ALA A 231 32.38 49.71 10.35
N ALA A 232 31.66 50.18 11.38
CA ALA A 232 31.82 51.54 11.95
C ALA A 232 33.20 51.65 12.63
N ILE A 233 33.60 50.66 13.44
CA ILE A 233 34.90 50.67 14.17
C ILE A 233 36.04 50.87 13.15
N VAL A 234 35.87 50.33 11.95
CA VAL A 234 36.88 50.23 10.86
C VAL A 234 36.74 51.44 9.90
N GLY A 235 35.75 52.30 10.14
CA GLY A 235 35.58 53.59 9.45
C GLY A 235 34.86 53.44 8.13
N CYS A 236 34.19 52.30 7.92
CA CYS A 236 33.33 52.03 6.74
C CYS A 236 32.05 52.84 6.84
N PRO A 237 31.60 53.47 5.73
CA PRO A 237 30.39 54.29 5.77
C PRO A 237 29.21 53.33 5.97
N THR A 238 28.28 53.70 6.84
CA THR A 238 27.01 52.94 6.98
C THR A 238 26.05 53.51 5.93
N GLY A 239 25.36 52.57 5.29
CA GLY A 239 24.41 52.74 4.20
C GLY A 239 23.79 51.39 3.93
N THR A 240 23.85 50.90 2.70
CA THR A 240 23.28 49.59 2.31
C THR A 240 24.17 48.48 2.90
N ASN A 241 23.60 47.30 3.13
CA ASN A 241 24.35 46.11 3.59
C ASN A 241 25.39 45.73 2.52
N ARG A 242 25.07 46.04 1.27
CA ARG A 242 25.99 45.79 0.14
C ARG A 242 27.25 46.64 0.32
N GLU A 243 27.11 47.94 0.57
CA GLU A 243 28.24 48.88 0.79
C GLU A 243 29.07 48.44 2.00
N LEU A 244 28.40 47.96 3.05
CA LEU A 244 29.02 47.52 4.33
C LEU A 244 29.99 46.36 4.03
N VAL A 245 29.51 45.28 3.42
CA VAL A 245 30.31 44.05 3.12
C VAL A 245 31.41 44.42 2.11
N ASP A 246 31.09 45.26 1.14
CA ASP A 246 32.04 45.70 0.08
C ASP A 246 33.20 46.48 0.74
N CYS A 247 32.94 47.36 1.70
CA CYS A 247 34.00 48.14 2.39
C CYS A 247 34.85 47.16 3.22
N LEU A 248 34.22 46.20 3.91
CA LEU A 248 34.93 45.16 4.70
C LEU A 248 35.76 44.25 3.78
N LYS A 249 35.34 44.03 2.53
CA LYS A 249 36.09 43.18 1.55
C LYS A 249 37.42 43.84 1.17
N TYR A 250 37.51 45.18 1.22
CA TYR A 250 38.65 45.98 0.72
C TYR A 250 39.54 46.48 1.86
N ARG A 251 39.07 46.44 3.11
CA ARG A 251 39.92 46.73 4.29
C ARG A 251 40.89 45.56 4.47
N PRO A 252 42.10 45.76 5.04
CA PRO A 252 43.01 44.65 5.27
C PRO A 252 42.33 43.63 6.21
N ALA A 253 42.50 42.34 5.92
CA ALA A 253 41.98 41.23 6.75
C ALA A 253 42.34 41.45 8.23
N GLU A 254 43.56 41.94 8.51
CA GLU A 254 44.13 42.10 9.87
C GLU A 254 43.35 43.17 10.66
N VAL A 255 42.91 44.22 9.95
CA VAL A 255 42.15 45.36 10.53
C VAL A 255 40.74 44.87 10.88
N VAL A 256 40.14 44.06 10.01
CA VAL A 256 38.77 43.48 10.16
C VAL A 256 38.76 42.49 11.33
N VAL A 257 39.80 41.67 11.47
CA VAL A 257 39.85 40.62 12.54
C VAL A 257 40.11 41.29 13.88
N GLY A 258 41.06 42.24 13.95
CA GLY A 258 41.46 42.92 15.20
C GLY A 258 40.38 43.84 15.75
N ALA A 259 39.56 44.42 14.86
CA ALA A 259 38.54 45.44 15.20
C ALA A 259 37.46 44.85 16.12
N GLN A 260 37.17 43.55 15.99
CA GLN A 260 36.04 42.90 16.68
C GLN A 260 36.12 43.19 18.20
N ILE A 261 37.32 43.22 18.78
CA ILE A 261 37.52 43.32 20.26
C ILE A 261 37.10 44.71 20.76
N GLU A 262 36.82 45.67 19.88
CA GLU A 262 36.51 47.08 20.25
C GLU A 262 35.00 47.33 20.24
N MET A 263 34.20 46.31 19.94
CA MET A 263 32.71 46.37 19.90
C MET A 263 32.17 46.62 21.31
N LEU A 264 30.97 47.18 21.41
CA LEU A 264 30.35 47.52 22.72
C LEU A 264 29.96 46.23 23.44
N GLU A 265 30.39 46.08 24.69
CA GLU A 265 30.18 44.87 25.54
C GLU A 265 30.71 43.65 24.80
N PHE A 266 31.87 43.76 24.16
CA PHE A 266 32.61 42.59 23.62
C PHE A 266 32.86 41.65 24.80
N PRO A 267 32.73 40.31 24.61
CA PRO A 267 32.96 39.35 25.70
C PRO A 267 34.13 39.71 26.63
N TYR A 268 33.89 39.68 27.93
CA TYR A 268 34.86 40.03 29.00
C TYR A 268 36.02 39.03 28.97
N GLN A 269 37.25 39.53 28.79
CA GLN A 269 38.54 38.78 28.70
C GLN A 269 38.67 38.04 27.36
N GLN A 270 37.75 38.27 26.42
CA GLN A 270 37.90 37.94 24.98
C GLN A 270 37.92 36.42 24.78
N MET A 271 37.10 35.69 25.56
CA MET A 271 37.08 34.20 25.52
C MET A 271 35.99 33.73 24.56
N PHE A 272 35.11 34.64 24.14
CA PHE A 272 34.05 34.36 23.13
C PHE A 272 34.04 35.49 22.09
N THR A 273 33.14 35.37 21.10
CA THR A 273 32.99 36.37 20.01
C THR A 273 31.52 36.45 19.60
N PRO A 274 31.05 37.64 19.19
CA PRO A 274 29.73 37.76 18.58
C PRO A 274 29.67 37.23 17.14
N PHE A 275 30.82 36.93 16.51
CA PHE A 275 30.88 36.39 15.13
C PHE A 275 30.80 34.87 15.19
N THR A 276 29.58 34.37 15.27
CA THR A 276 29.23 32.93 15.47
C THR A 276 28.23 32.48 14.43
N PRO A 277 27.99 31.16 14.30
CA PRO A 277 26.87 30.67 13.50
C PRO A 277 25.58 31.48 13.74
N THR A 278 24.74 31.55 12.72
CA THR A 278 23.45 32.27 12.76
C THR A 278 22.42 31.49 11.93
N VAL A 279 21.20 32.02 11.82
CA VAL A 279 20.14 31.52 10.90
C VAL A 279 20.29 32.32 9.61
N GLU A 280 20.54 31.65 8.49
CA GLU A 280 20.69 32.30 7.16
C GLU A 280 19.30 32.69 6.67
N PRO A 281 19.17 33.75 5.86
CA PRO A 281 17.85 34.14 5.34
C PRO A 281 17.18 32.99 4.55
N GLN A 282 15.85 32.95 4.62
CA GLN A 282 14.97 32.09 3.76
C GLN A 282 15.37 32.28 2.29
N GLY A 283 15.49 31.19 1.53
CA GLY A 283 15.79 31.24 0.09
C GLY A 283 17.28 31.45 -0.19
N THR A 284 18.14 31.43 0.83
CA THR A 284 19.62 31.36 0.65
C THR A 284 19.91 30.05 -0.07
N ARG A 285 20.67 30.12 -1.16
CA ARG A 285 21.07 28.96 -2.01
C ARG A 285 22.14 28.14 -1.28
N ASP A 286 21.90 26.84 -1.10
CA ASP A 286 22.79 25.88 -0.39
C ASP A 286 23.15 26.43 0.99
N ALA A 287 22.14 26.88 1.74
CA ALA A 287 22.26 27.33 3.14
C ALA A 287 22.82 26.19 4.00
N PHE A 288 23.61 26.52 5.03
CA PHE A 288 23.99 25.56 6.09
C PHE A 288 22.78 25.37 7.02
N LEU A 289 22.10 26.47 7.38
CA LEU A 289 21.04 26.48 8.42
C LEU A 289 20.13 27.70 8.21
N THR A 290 18.84 27.45 7.96
CA THR A 290 17.80 28.49 7.70
C THR A 290 16.77 28.49 8.83
N GLN A 291 17.03 27.81 9.95
CA GLN A 291 16.10 27.76 11.12
C GLN A 291 16.92 27.59 12.41
N TYR A 292 16.42 28.16 13.50
CA TYR A 292 17.00 28.14 14.86
C TYR A 292 17.24 26.70 15.29
N PRO A 293 18.46 26.34 15.74
CA PRO A 293 18.80 24.96 16.09
C PRO A 293 17.73 24.19 16.88
N PHE A 294 17.17 24.78 17.95
CA PHE A 294 16.18 24.10 18.83
C PHE A 294 14.95 23.69 18.01
N LEU A 295 14.45 24.56 17.12
CA LEU A 295 13.24 24.26 16.30
C LEU A 295 13.55 23.13 15.32
N VAL A 296 14.76 23.04 14.78
CA VAL A 296 15.12 21.94 13.86
C VAL A 296 15.18 20.63 14.67
N ALA A 297 15.86 20.65 15.82
CA ALA A 297 16.04 19.49 16.73
C ALA A 297 14.67 18.95 17.17
N GLN A 298 13.79 19.82 17.70
CA GLN A 298 12.49 19.42 18.30
C GLN A 298 11.50 18.97 17.23
N ALA A 299 11.75 19.29 15.96
CA ALA A 299 11.03 18.73 14.80
C ALA A 299 11.61 17.35 14.44
N GLY A 300 12.65 16.89 15.13
CA GLY A 300 13.32 15.60 14.86
C GLY A 300 14.19 15.64 13.61
N GLY A 301 14.79 16.80 13.30
CA GLY A 301 15.51 17.07 12.04
C GLY A 301 17.00 16.76 12.12
N MET A 302 17.51 16.34 13.28
CA MET A 302 18.93 15.91 13.45
C MET A 302 19.15 14.57 12.73
N HIS A 303 20.36 14.34 12.22
CA HIS A 303 20.69 13.13 11.44
C HIS A 303 20.64 11.92 12.37
N LYS A 304 20.03 10.82 11.91
CA LYS A 304 19.75 9.64 12.74
C LYS A 304 20.98 8.74 12.74
N VAL A 305 22.03 9.20 13.41
CA VAL A 305 23.30 8.45 13.66
C VAL A 305 23.65 8.60 15.15
N PRO A 306 24.32 7.60 15.75
CA PRO A 306 24.67 7.67 17.18
C PRO A 306 25.47 8.92 17.59
N LEU A 307 25.45 9.20 18.89
CA LEU A 307 26.07 10.41 19.50
C LEU A 307 26.58 10.07 20.91
N ILE A 308 27.86 10.36 21.16
CA ILE A 308 28.41 10.59 22.53
C ILE A 308 28.49 12.11 22.72
N THR A 309 27.95 12.62 23.82
CA THR A 309 28.21 14.01 24.30
C THR A 309 28.61 13.92 25.77
N SER A 310 29.18 15.00 26.31
CA SER A 310 30.03 14.95 27.52
C SER A 310 30.38 16.33 28.05
N VAL A 311 30.56 16.41 29.37
CA VAL A 311 31.13 17.61 30.08
C VAL A 311 32.17 17.14 31.09
N THR A 312 32.97 18.08 31.59
CA THR A 312 33.93 17.92 32.70
C THR A 312 33.28 18.49 33.98
N SER A 313 33.82 18.14 35.15
CA SER A 313 33.28 18.54 36.47
C SER A 313 33.43 20.06 36.67
N GLU A 314 34.48 20.69 36.10
CA GLU A 314 34.75 22.15 36.21
C GLU A 314 34.88 22.77 34.81
N GLU A 315 33.85 22.61 34.00
CA GLU A 315 33.69 23.23 32.65
C GLU A 315 33.97 24.73 32.70
N GLY A 316 33.47 25.41 33.74
CA GLY A 316 33.51 26.87 33.87
C GLY A 316 34.92 27.44 33.96
N LEU A 317 35.94 26.61 34.19
CA LEU A 317 37.36 27.06 34.15
C LEU A 317 37.65 27.60 32.74
N TYR A 318 36.80 27.31 31.75
CA TYR A 318 36.58 28.15 30.55
C TYR A 318 35.27 28.93 30.73
N PRO A 319 35.30 30.27 30.98
CA PRO A 319 36.51 31.10 30.93
C PRO A 319 37.18 31.48 32.26
N ALA A 320 36.68 30.99 33.38
CA ALA A 320 36.97 31.51 34.74
C ALA A 320 38.46 31.41 35.08
N ALA A 321 39.20 30.49 34.45
CA ALA A 321 40.65 30.27 34.70
C ALA A 321 41.44 31.53 34.31
N VAL A 322 40.99 32.26 33.28
CA VAL A 322 41.65 33.52 32.83
C VAL A 322 41.46 34.61 33.90
N TYR A 323 40.50 34.45 34.82
CA TYR A 323 40.22 35.41 35.91
C TYR A 323 41.34 35.37 36.96
N GLN A 324 42.13 34.29 37.01
CA GLN A 324 43.24 34.11 37.99
C GLN A 324 44.56 34.73 37.48
N LYS A 325 44.62 35.09 36.19
CA LYS A 325 45.84 35.59 35.49
C LYS A 325 46.31 36.90 36.14
N SER A 326 45.43 37.91 36.19
CA SER A 326 45.62 39.16 36.96
C SER A 326 44.91 39.02 38.31
N PRO A 327 45.54 39.43 39.43
CA PRO A 327 44.88 39.34 40.75
C PRO A 327 43.78 40.38 40.99
N ASP A 328 43.57 41.33 40.07
CA ASP A 328 42.59 42.44 40.16
C ASP A 328 41.24 42.02 39.55
N THR A 329 41.19 40.89 38.83
CA THR A 329 40.06 40.55 37.92
C THR A 329 38.84 40.11 38.74
N LEU A 330 39.02 39.35 39.82
CA LEU A 330 37.90 38.89 40.67
C LEU A 330 37.25 40.08 41.38
N ALA A 331 38.05 41.06 41.84
CA ALA A 331 37.55 42.28 42.52
C ALA A 331 36.72 43.09 41.51
N TYR A 332 37.14 43.09 40.23
CA TYR A 332 36.49 43.82 39.10
C TYR A 332 35.13 43.19 38.79
N LEU A 333 35.06 41.86 38.80
CA LEU A 333 33.80 41.09 38.61
C LEU A 333 32.83 41.36 39.78
N GLU A 334 33.36 41.40 41.00
CA GLU A 334 32.55 41.75 42.20
C GLU A 334 31.97 43.16 42.00
N ALA A 335 32.82 44.15 41.72
CA ALA A 335 32.46 45.58 41.68
C ALA A 335 31.45 45.86 40.55
N ASN A 336 31.51 45.09 39.47
CA ASN A 336 30.77 45.39 38.21
C ASN A 336 29.83 44.25 37.87
N TRP A 337 29.50 43.38 38.84
CA TRP A 337 28.66 42.17 38.65
C TRP A 337 27.39 42.48 37.84
N ASP A 338 26.70 43.57 38.16
CA ASP A 338 25.36 43.88 37.60
C ASP A 338 25.51 44.22 36.11
N GLN A 339 26.64 44.78 35.69
CA GLN A 339 26.85 45.15 34.26
C GLN A 339 27.46 43.96 33.50
N LEU A 340 28.15 43.03 34.17
CA LEU A 340 28.98 42.01 33.49
C LEU A 340 28.36 40.61 33.54
N ALA A 341 27.27 40.37 34.27
CA ALA A 341 26.60 39.05 34.33
C ALA A 341 26.10 38.67 32.93
N SER A 342 25.41 39.58 32.24
CA SER A 342 24.91 39.39 30.85
C SER A 342 26.09 39.12 29.91
N ASN A 343 27.30 39.51 30.29
CA ASN A 343 28.53 39.33 29.48
C ASN A 343 29.09 37.92 29.69
N ILE A 344 29.55 37.60 30.90
CA ILE A 344 30.33 36.35 31.20
C ILE A 344 29.43 35.12 31.06
N PHE A 345 28.11 35.24 31.23
CA PHE A 345 27.11 34.14 31.12
C PHE A 345 26.45 34.17 29.73
N GLU A 346 26.85 35.11 28.89
CA GLU A 346 26.56 35.16 27.43
C GLU A 346 25.04 35.15 27.17
N TYR A 347 24.31 36.15 27.70
CA TYR A 347 22.91 36.47 27.33
C TYR A 347 22.81 37.96 26.95
N ASN A 348 23.85 38.49 26.33
CA ASN A 348 23.89 39.91 25.89
C ASN A 348 22.71 40.23 24.97
N ASP A 349 22.27 39.28 24.13
CA ASP A 349 21.32 39.54 23.02
C ASP A 349 19.97 38.83 23.24
N THR A 350 19.84 38.03 24.30
CA THR A 350 18.70 37.11 24.50
C THR A 350 17.96 37.44 25.80
N LEU A 351 18.18 38.63 26.35
CA LEU A 351 17.45 39.16 27.53
C LEU A 351 17.32 40.67 27.35
N PRO A 352 16.11 41.26 27.46
CA PRO A 352 15.99 42.72 27.50
C PRO A 352 16.93 43.35 28.54
N VAL A 353 17.49 44.51 28.21
CA VAL A 353 18.44 45.29 29.08
C VAL A 353 17.77 45.54 30.44
N ASN A 354 16.49 45.93 30.46
CA ASN A 354 15.73 46.27 31.70
C ASN A 354 15.57 45.05 32.61
N GLN A 355 15.94 43.84 32.15
CA GLN A 355 15.83 42.58 32.95
C GLN A 355 17.20 42.13 33.46
N ARG A 356 18.28 42.87 33.20
CA ARG A 356 19.68 42.45 33.51
C ARG A 356 19.90 42.45 35.03
N ALA A 357 19.56 43.55 35.71
CA ALA A 357 19.66 43.69 37.18
C ALA A 357 19.02 42.47 37.86
N GLY A 358 17.75 42.18 37.52
CA GLY A 358 16.98 41.06 38.07
C GLY A 358 17.73 39.74 37.94
N VAL A 359 18.13 39.39 36.72
CA VAL A 359 18.74 38.05 36.41
C VAL A 359 20.10 37.96 37.11
N ALA A 360 20.89 39.04 37.10
CA ALA A 360 22.20 39.11 37.77
C ALA A 360 22.06 38.72 39.24
N ALA A 361 21.03 39.24 39.92
CA ALA A 361 20.78 39.04 41.37
C ALA A 361 20.37 37.58 41.63
N LYS A 362 19.61 36.97 40.73
CA LYS A 362 19.18 35.55 40.84
C LYS A 362 20.38 34.61 40.71
N ILE A 363 21.28 34.90 39.76
CA ILE A 363 22.50 34.06 39.52
C ILE A 363 23.40 34.12 40.76
N LYS A 364 23.64 35.33 41.28
CA LYS A 364 24.48 35.53 42.49
C LYS A 364 23.81 34.88 43.71
N GLN A 365 22.47 34.91 43.78
CA GLN A 365 21.69 34.27 44.87
C GLN A 365 21.91 32.75 44.81
N ARG A 366 21.69 32.15 43.64
CA ARG A 366 21.62 30.68 43.45
C ARG A 366 22.96 29.99 43.73
N TYR A 367 24.06 30.53 43.20
CA TYR A 367 25.40 29.88 43.14
C TYR A 367 26.33 30.42 44.22
N LEU A 368 26.32 31.71 44.50
CA LEU A 368 27.27 32.33 45.49
C LEU A 368 26.56 32.57 46.83
N GLY A 369 25.24 32.36 46.92
CA GLY A 369 24.44 32.73 48.11
C GLY A 369 24.50 34.23 48.37
N ASN A 370 24.78 35.02 47.32
CA ASN A 370 24.84 36.50 47.36
C ASN A 370 26.11 36.99 48.06
N LYS A 371 27.07 36.09 48.33
CA LYS A 371 28.43 36.46 48.83
C LYS A 371 29.17 37.25 47.75
N PRO A 372 30.15 38.09 48.11
CA PRO A 372 30.95 38.78 47.09
C PRO A 372 31.78 37.79 46.24
N VAL A 373 32.08 38.16 44.99
CA VAL A 373 33.01 37.38 44.11
C VAL A 373 34.42 37.55 44.68
N SER A 374 35.13 36.44 44.88
CA SER A 374 36.45 36.36 45.58
C SER A 374 37.06 34.97 45.41
N GLN A 375 38.29 34.79 45.89
CA GLN A 375 38.98 33.47 45.88
C GLN A 375 38.11 32.46 46.63
N GLU A 376 37.39 32.91 47.67
CA GLU A 376 36.53 32.04 48.52
C GLU A 376 35.31 31.55 47.71
N THR A 377 34.76 32.37 46.81
CA THR A 377 33.54 32.02 46.02
C THR A 377 33.90 31.54 44.60
N TYR A 378 35.19 31.51 44.25
CA TYR A 378 35.70 31.12 42.89
C TYR A 378 35.08 29.80 42.44
N PRO A 379 35.07 28.72 43.25
CA PRO A 379 34.53 27.42 42.82
C PRO A 379 33.06 27.47 42.37
N GLN A 380 32.25 28.29 43.05
CA GLN A 380 30.80 28.45 42.74
C GLN A 380 30.65 29.27 41.46
N LEU A 381 31.53 30.26 41.26
CA LEU A 381 31.62 31.04 40.00
C LEU A 381 31.89 30.07 38.83
N VAL A 382 32.79 29.11 39.04
CA VAL A 382 33.21 28.11 38.01
C VAL A 382 32.01 27.22 37.67
N GLN A 383 31.27 26.73 38.68
CA GLN A 383 30.09 25.85 38.50
C GLN A 383 29.01 26.62 37.72
N ALA A 384 28.77 27.88 38.09
CA ALA A 384 27.75 28.76 37.48
C ALA A 384 28.02 28.87 35.98
N LEU A 385 29.22 29.32 35.63
CA LEU A 385 29.69 29.49 34.23
C LEU A 385 29.64 28.15 33.47
N GLY A 386 30.14 27.07 34.08
CA GLY A 386 30.16 25.73 33.46
C GLY A 386 28.76 25.23 33.18
N ASP A 387 27.84 25.47 34.11
CA ASP A 387 26.42 25.03 33.99
C ASP A 387 25.81 25.77 32.79
N ARG A 388 25.86 27.10 32.80
CA ARG A 388 25.19 27.99 31.81
C ARG A 388 25.80 27.77 30.42
N LEU A 389 27.12 27.81 30.33
CA LEU A 389 27.87 27.82 29.03
C LEU A 389 27.89 26.43 28.38
N PHE A 390 28.02 25.34 29.16
CA PHE A 390 28.35 24.00 28.61
C PHE A 390 27.34 22.93 29.04
N ALA A 391 27.22 22.64 30.35
CA ALA A 391 26.56 21.42 30.90
C ALA A 391 25.06 21.38 30.58
N VAL A 392 24.33 22.47 30.77
CA VAL A 392 22.85 22.55 30.55
C VAL A 392 22.55 22.12 29.11
N ASP A 393 23.23 22.72 28.13
CA ASP A 393 22.88 22.54 26.70
C ASP A 393 23.47 21.21 26.19
N VAL A 394 24.52 20.69 26.82
CA VAL A 394 25.00 19.30 26.58
C VAL A 394 23.92 18.30 27.02
N GLY A 395 23.27 18.53 28.18
CA GLY A 395 22.14 17.72 28.67
C GLY A 395 20.96 17.74 27.71
N LYS A 396 20.60 18.93 27.21
CA LYS A 396 19.49 19.08 26.23
C LYS A 396 19.87 18.36 24.94
N LEU A 397 21.12 18.48 24.49
CA LEU A 397 21.63 17.76 23.28
C LEU A 397 21.37 16.26 23.47
N ALA A 398 21.85 15.67 24.56
CA ALA A 398 21.73 14.22 24.84
C ALA A 398 20.25 13.82 24.84
N GLN A 399 19.43 14.53 25.63
CA GLN A 399 17.99 14.21 25.82
C GLN A 399 17.23 14.30 24.48
N ILE A 400 17.45 15.36 23.70
CA ILE A 400 16.64 15.65 22.47
C ILE A 400 17.08 14.70 21.36
N HIS A 401 18.37 14.37 21.26
CA HIS A 401 18.84 13.35 20.29
C HIS A 401 18.29 11.99 20.70
N ALA A 402 18.39 11.64 21.99
CA ALA A 402 17.94 10.32 22.51
C ALA A 402 16.44 10.16 22.19
N ARG A 403 15.73 11.28 22.25
CA ARG A 403 14.26 11.38 22.10
C ARG A 403 13.81 11.12 20.66
N HIS A 404 14.52 11.63 19.65
CA HIS A 404 14.07 11.74 18.23
C HIS A 404 14.79 10.74 17.31
N SER A 405 16.05 10.40 17.59
CA SER A 405 17.01 9.77 16.65
C SER A 405 16.67 8.30 16.37
N GLY A 406 16.18 7.56 17.38
CA GLY A 406 16.08 6.09 17.34
C GLY A 406 17.45 5.42 17.39
N GLN A 407 18.50 6.21 17.71
CA GLN A 407 19.93 5.79 17.69
C GLN A 407 20.50 5.82 19.11
N PRO A 408 21.46 4.94 19.45
CA PRO A 408 22.11 5.01 20.75
C PRO A 408 22.70 6.42 20.98
N THR A 409 22.33 7.05 22.11
CA THR A 409 22.86 8.37 22.56
C THR A 409 23.45 8.20 23.96
N TYR A 410 24.71 8.62 24.13
CA TYR A 410 25.49 8.44 25.38
C TYR A 410 25.95 9.79 25.91
N LEU A 411 26.01 9.87 27.23
CA LEU A 411 26.45 11.05 27.99
C LEU A 411 27.53 10.58 28.96
N TYR A 412 28.59 11.37 29.13
CA TYR A 412 29.57 11.14 30.21
C TYR A 412 29.88 12.45 30.91
N ARG A 413 30.20 12.33 32.20
CA ARG A 413 30.76 13.41 33.04
C ARG A 413 32.19 13.01 33.43
N TYR A 414 33.18 13.80 33.03
CA TYR A 414 34.62 13.53 33.27
C TYR A 414 35.08 14.35 34.48
N SER A 415 35.47 13.67 35.56
CA SER A 415 35.93 14.30 36.81
C SER A 415 37.31 13.78 37.21
N PHE A 416 38.07 13.19 36.28
CA PHE A 416 39.48 12.80 36.52
C PHE A 416 40.37 14.04 36.36
N ARG A 417 41.11 14.39 37.42
CA ARG A 417 42.13 15.47 37.42
C ARG A 417 43.53 14.83 37.29
N GLY A 418 44.18 15.01 36.14
CA GLY A 418 45.53 14.45 35.85
C GLY A 418 46.64 15.40 36.28
N GLU A 419 47.86 15.18 35.79
CA GLU A 419 49.04 16.04 36.09
C GLU A 419 48.74 17.49 35.68
N LYS A 420 48.21 17.68 34.46
CA LYS A 420 48.06 19.02 33.82
C LYS A 420 46.59 19.33 33.53
N SER A 421 46.26 20.62 33.52
CA SER A 421 44.93 21.17 33.17
C SER A 421 45.10 22.37 32.22
N LEU A 422 44.07 22.62 31.40
CA LEU A 422 43.97 23.84 30.55
C LEU A 422 44.05 25.08 31.44
N SER A 423 43.59 25.00 32.69
CA SER A 423 43.66 26.11 33.68
C SER A 423 45.12 26.59 33.83
N ASN A 424 46.09 25.67 33.74
CA ASN A 424 47.54 26.01 33.81
C ASN A 424 47.88 27.09 32.77
N MET A 425 47.46 26.89 31.52
CA MET A 425 47.75 27.80 30.38
C MET A 425 46.98 29.11 30.56
N MET A 426 45.70 29.03 30.89
CA MET A 426 44.77 30.19 30.89
C MET A 426 45.02 31.06 32.13
N ALA A 427 45.37 30.45 33.27
CA ALA A 427 45.66 31.13 34.55
C ALA A 427 47.14 31.55 34.65
N SER A 428 48.04 30.90 33.91
CA SER A 428 49.51 31.04 34.03
C SER A 428 49.96 30.69 35.44
N ASN A 429 49.43 29.61 36.01
CA ASN A 429 49.89 29.05 37.30
C ASN A 429 49.79 27.52 37.23
N ASP A 430 50.11 26.83 38.32
CA ASP A 430 50.05 25.35 38.41
C ASP A 430 49.03 24.97 39.49
N LYS A 431 48.10 25.86 39.82
CA LYS A 431 47.06 25.63 40.86
C LYS A 431 46.05 24.60 40.33
N ASN A 432 45.51 23.77 41.23
CA ASN A 432 44.43 22.81 40.92
C ASN A 432 43.07 23.43 41.29
N TYR A 433 42.30 23.84 40.28
CA TYR A 433 40.94 24.41 40.40
C TYR A 433 39.91 23.36 39.98
N GLY A 434 40.32 22.10 39.85
CA GLY A 434 39.48 20.98 39.37
C GLY A 434 39.82 20.59 37.93
N VAL A 435 38.83 20.02 37.23
CA VAL A 435 38.99 19.39 35.88
C VAL A 435 38.40 20.33 34.82
N SER A 436 39.26 21.08 34.14
CA SER A 436 38.83 22.15 33.20
C SER A 436 38.12 21.55 31.99
N HIS A 437 37.28 22.37 31.37
CA HIS A 437 36.87 22.27 29.95
C HIS A 437 38.10 21.81 29.14
N ALA A 438 37.97 20.71 28.40
CA ALA A 438 38.96 20.20 27.40
C ALA A 438 40.07 19.39 28.06
N ASP A 439 40.03 19.16 29.37
CA ASP A 439 41.08 18.35 30.06
C ASP A 439 40.98 16.90 29.60
N ASP A 440 39.80 16.44 29.18
CA ASP A 440 39.60 15.10 28.58
C ASP A 440 40.24 15.06 27.19
N ILE A 441 39.98 16.08 26.37
CA ILE A 441 40.51 16.21 24.97
C ILE A 441 42.04 16.22 24.97
N PHE A 442 42.65 16.81 26.00
CA PHE A 442 44.12 16.95 26.08
C PHE A 442 44.75 15.60 26.45
N HIS A 443 43.93 14.55 26.65
CA HIS A 443 44.37 13.15 26.80
C HIS A 443 44.28 12.39 25.47
N ILE A 444 43.34 12.78 24.60
CA ILE A 444 43.14 12.16 23.26
C ILE A 444 44.21 12.72 22.32
N PHE A 445 44.37 14.03 22.30
CA PHE A 445 45.36 14.76 21.46
C PHE A 445 46.49 15.30 22.34
N LYS A 446 47.67 15.51 21.74
CA LYS A 446 48.79 16.30 22.33
C LYS A 446 48.66 17.75 21.89
N PHE A 447 48.31 18.64 22.83
CA PHE A 447 48.23 20.11 22.66
C PHE A 447 49.47 20.74 23.29
N PRO A 448 50.12 21.75 22.66
CA PRO A 448 51.43 22.22 23.11
C PRO A 448 51.49 22.45 24.63
N SER A 449 52.37 21.69 25.30
CA SER A 449 52.73 21.73 26.75
C SER A 449 51.53 21.42 27.66
N LEU A 450 50.52 20.71 27.15
CA LEU A 450 49.37 20.20 27.95
C LEU A 450 49.26 18.67 27.80
N SER A 451 50.38 18.00 27.46
CA SER A 451 50.52 16.53 27.37
C SER A 451 51.28 16.00 28.60
N SER A 452 50.83 14.87 29.16
CA SER A 452 51.46 14.20 30.34
C SER A 452 51.89 12.77 29.98
N THR A 453 52.89 12.25 30.70
CA THR A 453 53.37 10.84 30.58
C THR A 453 53.39 10.19 31.99
N SER A 454 52.63 10.74 32.94
CA SER A 454 52.31 10.07 34.24
C SER A 454 51.55 8.78 33.93
N SER A 455 51.71 7.75 34.79
CA SER A 455 51.09 6.41 34.62
C SER A 455 49.57 6.52 34.55
N GLU A 456 48.97 7.40 35.37
CA GLU A 456 47.50 7.57 35.51
C GLU A 456 46.96 8.33 34.28
N ASP A 457 47.70 9.32 33.78
CA ASP A 457 47.30 10.13 32.60
C ASP A 457 47.38 9.28 31.33
N VAL A 458 48.43 8.45 31.23
CA VAL A 458 48.69 7.54 30.08
C VAL A 458 47.54 6.53 30.00
N ARG A 459 47.05 6.04 31.15
CA ARG A 459 45.93 5.06 31.25
C ARG A 459 44.62 5.73 30.80
N MET A 460 44.43 6.99 31.16
CA MET A 460 43.23 7.78 30.73
C MET A 460 43.31 7.95 29.20
N THR A 461 44.48 8.30 28.66
CA THR A 461 44.69 8.40 27.18
C THR A 461 44.24 7.11 26.48
N GLU A 462 44.65 5.95 26.99
CA GLU A 462 44.27 4.63 26.43
C GLU A 462 42.75 4.47 26.53
N ALA A 463 42.16 4.82 27.68
CA ALA A 463 40.72 4.62 27.97
C ALA A 463 39.89 5.44 26.97
N LEU A 464 40.24 6.73 26.78
CA LEU A 464 39.43 7.65 25.96
C LEU A 464 39.57 7.25 24.49
N ILE A 465 40.75 6.80 24.10
CA ILE A 465 41.00 6.31 22.70
C ILE A 465 40.23 5.00 22.50
N ASP A 466 40.18 4.10 23.49
CA ASP A 466 39.38 2.85 23.47
C ASP A 466 37.88 3.19 23.36
N MET A 467 37.44 4.27 24.00
CA MET A 467 36.06 4.81 23.86
C MET A 467 35.78 5.12 22.38
N ILE A 468 36.70 5.82 21.71
CA ILE A 468 36.50 6.30 20.30
C ILE A 468 36.57 5.08 19.37
N TYR A 469 37.54 4.20 19.58
CA TYR A 469 37.73 3.00 18.73
C TYR A 469 36.50 2.10 18.84
N SER A 470 36.06 1.78 20.06
CA SER A 470 34.93 0.86 20.34
C SER A 470 33.63 1.42 19.75
N PHE A 471 33.40 2.72 19.91
CA PHE A 471 32.25 3.48 19.35
C PHE A 471 32.29 3.45 17.82
N SER A 472 33.48 3.46 17.23
CA SER A 472 33.71 3.57 15.75
C SER A 472 33.62 2.20 15.06
N THR A 473 33.63 1.10 15.83
CA THR A 473 33.69 -0.30 15.32
C THR A 473 32.43 -1.06 15.77
N THR A 474 32.37 -1.50 17.03
CA THR A 474 31.21 -2.23 17.61
C THR A 474 30.01 -1.29 17.70
N GLY A 475 30.23 -0.04 18.11
CA GLY A 475 29.15 0.93 18.34
C GLY A 475 28.80 1.01 19.81
N ASN A 476 29.39 0.15 20.65
CA ASN A 476 29.18 0.14 22.12
C ASN A 476 30.42 0.74 22.77
N PRO A 477 30.33 2.00 23.27
CA PRO A 477 31.50 2.70 23.80
C PRO A 477 31.97 2.04 25.11
N LYS A 478 33.24 1.67 25.15
CA LYS A 478 33.87 0.95 26.29
C LYS A 478 35.29 1.49 26.48
N LEU A 479 35.56 2.07 27.66
CA LEU A 479 36.86 2.64 28.07
C LEU A 479 37.80 1.55 28.60
N THR A 480 37.29 0.61 29.38
CA THR A 480 38.07 -0.55 29.93
C THR A 480 37.16 -1.77 30.02
N ASN A 481 37.74 -2.98 30.08
CA ASN A 481 37.00 -4.25 30.19
C ASN A 481 36.39 -4.39 31.59
N GLU A 482 36.97 -3.74 32.60
CA GLU A 482 36.59 -3.92 34.02
C GLU A 482 35.42 -2.99 34.36
N ALA A 483 35.27 -1.87 33.63
CA ALA A 483 34.23 -0.84 33.84
C ALA A 483 32.84 -1.47 33.71
N PRO A 484 31.84 -1.02 34.51
CA PRO A 484 30.45 -1.42 34.30
C PRO A 484 30.01 -0.97 32.89
N VAL A 485 29.04 -1.69 32.30
CA VAL A 485 28.51 -1.39 30.94
C VAL A 485 28.06 0.08 30.92
N TRP A 486 28.44 0.81 29.87
CA TRP A 486 27.96 2.18 29.59
C TRP A 486 26.59 2.08 28.93
N THR A 487 25.54 2.41 29.68
CA THR A 487 24.12 2.41 29.24
C THR A 487 23.87 3.69 28.44
N PRO A 488 23.16 3.61 27.29
CA PRO A 488 22.72 4.82 26.59
C PRO A 488 21.64 5.55 27.40
N VAL A 489 21.45 6.84 27.12
CA VAL A 489 20.30 7.66 27.61
C VAL A 489 19.02 6.96 27.14
N THR A 490 18.03 6.78 28.03
CA THR A 490 16.72 6.16 27.70
C THR A 490 15.91 7.16 26.89
N PRO A 491 15.48 6.83 25.65
CA PRO A 491 14.59 7.69 24.87
C PRO A 491 13.37 8.16 25.69
N GLY A 492 13.17 9.48 25.79
CA GLY A 492 11.95 10.09 26.35
C GLY A 492 11.93 10.15 27.87
N SER A 493 12.99 9.70 28.55
CA SER A 493 13.06 9.75 30.03
C SER A 493 13.41 11.18 30.45
N ALA A 494 12.76 11.68 31.50
CA ALA A 494 13.12 12.94 32.19
C ALA A 494 14.49 12.76 32.87
N GLU A 495 14.88 11.50 33.08
CA GLU A 495 16.15 11.08 33.74
C GLU A 495 17.23 10.89 32.67
N LEU A 496 18.43 11.43 32.88
CA LEU A 496 19.59 11.27 31.96
C LEU A 496 20.63 10.33 32.59
N SER A 497 20.76 9.12 32.05
CA SER A 497 21.86 8.17 32.35
C SER A 497 23.17 8.69 31.74
N TYR A 498 24.20 8.84 32.58
CA TYR A 498 25.57 9.24 32.19
C TYR A 498 26.60 8.37 32.90
N LEU A 499 27.71 8.10 32.22
CA LEU A 499 28.91 7.48 32.84
C LEU A 499 29.69 8.58 33.57
N GLU A 500 29.86 8.45 34.88
CA GLU A 500 30.72 9.32 35.70
C GLU A 500 32.14 8.72 35.66
N ILE A 501 33.06 9.36 34.94
CA ILE A 501 34.48 8.93 34.83
C ILE A 501 35.32 9.70 35.87
N ALA A 502 35.47 9.13 37.06
CA ALA A 502 36.30 9.67 38.17
C ALA A 502 37.78 9.43 37.86
N SER A 503 38.14 8.27 37.32
CA SER A 503 39.53 7.87 36.97
C SER A 503 39.50 6.79 35.90
N PRO A 504 40.65 6.36 35.35
CA PRO A 504 40.68 5.24 34.41
C PRO A 504 40.15 3.91 34.99
N SER A 505 40.33 3.70 36.29
CA SER A 505 39.99 2.44 37.00
C SER A 505 38.65 2.55 37.75
N ARG A 506 38.05 3.74 37.77
CA ARG A 506 36.80 4.01 38.54
C ARG A 506 35.81 4.79 37.68
N MET A 507 34.76 4.13 37.22
CA MET A 507 33.61 4.76 36.53
C MET A 507 32.36 3.92 36.77
N GLU A 508 31.20 4.57 36.97
CA GLU A 508 29.91 3.91 37.23
C GLU A 508 28.79 4.73 36.60
N MET A 509 27.64 4.10 36.34
CA MET A 509 26.45 4.74 35.73
C MET A 509 25.74 5.57 36.80
N LYS A 510 25.48 6.83 36.49
CA LYS A 510 24.75 7.77 37.38
C LYS A 510 23.59 8.37 36.58
N SER A 511 22.75 9.15 37.25
CA SER A 511 21.46 9.67 36.73
C SER A 511 21.28 11.09 37.27
N SER A 512 20.82 12.01 36.43
CA SER A 512 20.38 13.37 36.86
C SER A 512 18.99 13.65 36.29
N SER A 513 18.12 14.20 37.14
CA SER A 513 16.79 14.74 36.77
C SER A 513 16.93 16.22 36.43
N ASP A 514 18.08 16.81 36.72
CA ASP A 514 18.31 18.26 36.51
C ASP A 514 19.77 18.50 36.07
N PHE A 515 20.15 18.01 34.89
CA PHE A 515 21.55 18.07 34.40
C PHE A 515 21.93 19.53 34.14
N GLY A 516 23.05 19.95 34.74
CA GLY A 516 23.58 21.33 34.70
C GLY A 516 22.73 22.31 35.49
N HIS A 517 21.76 21.81 36.27
CA HIS A 517 20.78 22.65 37.00
C HIS A 517 19.98 23.47 35.98
N ARG A 518 19.54 22.81 34.90
CA ARG A 518 18.65 23.33 33.82
C ARG A 518 17.42 24.07 34.39
N SER A 519 16.75 23.50 35.39
CA SER A 519 15.54 24.09 36.01
C SER A 519 15.81 25.55 36.41
N PHE A 520 17.00 25.85 36.94
CA PHE A 520 17.38 27.23 37.32
C PHE A 520 17.54 28.10 36.05
N TRP A 521 18.38 27.68 35.12
CA TRP A 521 18.78 28.53 33.96
C TRP A 521 17.59 28.73 33.01
N ASP A 522 16.68 27.77 32.92
CA ASP A 522 15.48 27.84 32.04
C ASP A 522 14.46 28.84 32.61
N SER A 523 14.58 29.25 33.88
CA SER A 523 13.57 30.03 34.62
C SER A 523 13.87 31.55 34.61
N LEU A 524 14.97 31.97 33.99
CA LEU A 524 15.50 33.37 34.07
C LEU A 524 14.91 34.24 32.96
N GLY A 525 14.25 33.65 31.97
CA GLY A 525 13.51 34.36 30.91
C GLY A 525 14.35 34.68 29.69
N PHE A 526 15.47 33.99 29.48
CA PHE A 526 16.29 34.10 28.25
C PHE A 526 15.44 33.71 27.04
N VAL A 527 15.48 34.49 25.96
CA VAL A 527 14.72 34.18 24.71
C VAL A 527 15.57 33.17 23.93
N GLU A 528 15.63 31.92 24.41
CA GLU A 528 16.49 30.83 23.87
C GLU A 528 15.71 29.51 23.95
N ASN A 529 16.01 28.56 23.05
CA ASN A 529 15.55 27.15 23.10
C ASN A 529 14.04 27.08 23.39
N GLU A 530 13.62 26.58 24.55
CA GLU A 530 12.17 26.39 24.90
C GLU A 530 11.43 27.74 24.79
N ASN A 531 12.14 28.85 24.99
CA ASN A 531 11.54 30.21 25.12
C ASN A 531 11.72 31.02 23.85
N TYR A 532 12.30 30.45 22.79
CA TYR A 532 12.68 31.20 21.57
C TYR A 532 11.43 31.61 20.78
N ARG A 533 11.41 32.85 20.30
CA ARG A 533 10.50 33.36 19.23
C ARG A 533 11.22 34.42 18.40
N HIS A 534 10.71 34.67 17.18
CA HIS A 534 11.26 35.62 16.17
C HIS A 534 11.22 37.06 16.71
N SER B 1 41.92 65.53 19.66
CA SER B 1 41.25 65.11 18.39
C SER B 1 42.31 64.65 17.38
N LYS B 2 42.16 63.46 16.79
CA LYS B 2 43.21 62.78 15.97
C LYS B 2 43.34 63.45 14.59
N PRO B 3 44.58 63.51 14.01
CA PRO B 3 44.82 64.26 12.78
C PRO B 3 44.24 63.56 11.54
N VAL B 4 43.69 64.34 10.62
CA VAL B 4 42.96 63.86 9.40
C VAL B 4 43.55 64.52 8.16
N VAL B 5 43.96 63.73 7.19
CA VAL B 5 44.40 64.19 5.85
C VAL B 5 43.59 63.44 4.80
N ARG B 6 43.15 64.13 3.74
CA ARG B 6 42.68 63.46 2.50
C ARG B 6 43.87 63.30 1.56
N VAL B 7 44.04 62.08 1.04
CA VAL B 7 44.96 61.76 -0.10
C VAL B 7 44.08 61.38 -1.30
N THR B 8 44.73 61.19 -2.46
CA THR B 8 44.10 60.85 -3.76
C THR B 8 43.06 59.74 -3.56
N GLN B 9 43.38 58.69 -2.79
CA GLN B 9 42.54 57.46 -2.68
C GLN B 9 41.47 57.60 -1.59
N GLY B 10 41.53 58.61 -0.71
CA GLY B 10 40.49 58.84 0.30
C GLY B 10 41.01 59.48 1.58
N VAL B 11 40.26 59.34 2.68
CA VAL B 11 40.48 60.06 3.97
C VAL B 11 41.29 59.14 4.90
N LEU B 12 42.34 59.68 5.51
CA LEU B 12 43.21 59.02 6.51
C LEU B 12 42.99 59.71 7.86
N GLN B 13 43.00 58.93 8.94
CA GLN B 13 43.00 59.43 10.34
C GLN B 13 44.20 58.79 11.04
N GLY B 14 45.18 59.62 11.41
CA GLY B 14 46.45 59.19 11.99
C GLY B 14 46.43 59.36 13.50
N SER B 15 47.60 59.48 14.12
CA SER B 15 47.78 59.71 15.57
C SER B 15 48.72 60.90 15.80
N TRP B 16 48.58 61.55 16.96
CA TRP B 16 49.56 62.52 17.49
C TRP B 16 50.63 61.76 18.27
N LYS B 17 51.89 61.97 17.91
CA LYS B 17 53.07 61.41 18.61
C LYS B 17 53.95 62.59 19.02
N VAL B 18 54.98 62.32 19.83
CA VAL B 18 55.88 63.35 20.41
C VAL B 18 57.30 63.05 19.93
N SER B 19 58.01 64.03 19.35
CA SER B 19 59.42 63.88 18.91
C SER B 19 60.32 63.67 20.14
N THR B 20 61.59 63.32 19.92
CA THR B 20 62.60 63.06 20.98
C THR B 20 62.68 64.26 21.92
N HIS B 21 62.72 65.49 21.41
CA HIS B 21 62.82 66.75 22.21
C HIS B 21 61.44 67.36 22.47
N GLY B 22 60.38 66.54 22.49
CA GLY B 22 59.07 66.88 23.09
C GLY B 22 58.13 67.62 22.16
N ARG B 23 58.47 67.76 20.89
CA ARG B 23 57.64 68.48 19.88
C ARG B 23 56.59 67.51 19.31
N THR B 24 55.34 67.98 19.16
CA THR B 24 54.17 67.18 18.67
C THR B 24 54.20 67.12 17.13
N TYR B 25 53.99 65.93 16.55
CA TYR B 25 53.91 65.72 15.08
C TYR B 25 52.77 64.76 14.75
N ALA B 26 52.23 64.87 13.54
CA ALA B 26 51.13 64.03 13.01
C ALA B 26 51.76 62.78 12.39
N SER B 27 51.24 61.60 12.71
CA SER B 27 51.76 60.29 12.25
C SER B 27 50.65 59.51 11.54
N PHE B 28 50.90 59.17 10.27
CA PHE B 28 49.98 58.40 9.38
C PHE B 28 50.72 57.14 8.95
N GLU B 29 50.38 56.02 9.59
CA GLU B 29 51.04 54.70 9.42
C GLU B 29 50.04 53.72 8.80
N GLY B 30 50.52 52.77 8.01
CA GLY B 30 49.69 51.75 7.34
C GLY B 30 48.84 52.36 6.24
N VAL B 31 49.39 53.32 5.49
CA VAL B 31 48.69 53.96 4.34
C VAL B 31 48.96 53.12 3.10
N PRO B 32 47.92 52.62 2.40
CA PRO B 32 48.13 51.78 1.22
C PRO B 32 48.46 52.69 0.02
N TYR B 33 49.51 52.35 -0.73
CA TYR B 33 50.01 53.14 -1.89
C TYR B 33 49.84 52.34 -3.18
N ALA B 34 49.35 51.10 -3.06
CA ALA B 34 49.11 50.18 -4.20
C ALA B 34 48.08 49.12 -3.81
N ARG B 35 47.46 48.52 -4.82
CA ARG B 35 46.62 47.30 -4.72
C ARG B 35 47.44 46.19 -4.04
N PRO B 36 46.85 45.41 -3.11
CA PRO B 36 47.54 44.25 -2.52
C PRO B 36 48.00 43.27 -3.60
N PRO B 37 49.31 42.95 -3.66
CA PRO B 37 49.86 42.12 -4.74
C PRO B 37 49.62 40.63 -4.47
N VAL B 38 48.36 40.21 -4.63
CA VAL B 38 47.81 38.90 -4.16
C VAL B 38 47.24 38.15 -5.36
N GLY B 39 47.22 36.82 -5.28
CA GLY B 39 46.62 35.94 -6.30
C GLY B 39 47.31 36.16 -7.63
N LYS B 40 46.57 36.60 -8.64
CA LYS B 40 47.09 36.76 -10.02
C LYS B 40 48.05 37.96 -10.08
N TYR B 41 48.04 38.87 -9.10
CA TYR B 41 48.95 40.05 -9.07
C TYR B 41 50.22 39.76 -8.25
N ARG B 42 50.41 38.51 -7.82
CA ARG B 42 51.71 38.04 -7.26
C ARG B 42 52.75 37.99 -8.38
N PHE B 43 53.94 38.53 -8.12
CA PHE B 43 55.13 38.57 -9.03
C PHE B 43 54.98 39.71 -10.06
N ARG B 44 53.78 40.25 -10.24
CA ARG B 44 53.47 41.31 -11.24
C ARG B 44 53.84 42.70 -10.67
N GLU B 45 53.98 43.70 -11.53
CA GLU B 45 54.22 45.12 -11.14
C GLU B 45 53.08 45.60 -10.25
N PRO B 46 53.29 46.62 -9.38
CA PRO B 46 52.23 47.17 -8.54
C PRO B 46 51.09 47.79 -9.36
N GLN B 47 49.85 47.51 -8.95
CA GLN B 47 48.62 47.95 -9.64
C GLN B 47 48.07 49.16 -8.90
N HIS B 48 47.38 50.07 -9.59
CA HIS B 48 46.75 51.28 -8.99
C HIS B 48 45.77 50.83 -7.90
N LEU B 49 45.84 51.51 -6.75
CA LEU B 49 44.93 51.33 -5.60
C LEU B 49 43.61 52.02 -5.92
N LYS B 50 42.51 51.26 -5.90
CA LYS B 50 41.13 51.77 -6.03
C LYS B 50 40.84 52.58 -4.77
N PRO B 51 40.18 53.76 -4.85
CA PRO B 51 39.86 54.55 -3.66
C PRO B 51 39.01 53.79 -2.64
N TRP B 52 39.26 54.01 -1.34
CA TRP B 52 38.54 53.32 -0.23
C TRP B 52 37.38 54.17 0.26
N ALA B 53 36.33 53.51 0.76
CA ALA B 53 35.14 54.15 1.35
C ALA B 53 35.48 54.64 2.76
N GLY B 54 34.85 55.74 3.21
CA GLY B 54 34.92 56.23 4.59
C GLY B 54 36.35 56.56 5.02
N VAL B 55 36.66 56.33 6.30
CA VAL B 55 37.91 56.83 6.95
C VAL B 55 38.82 55.64 7.24
N TRP B 56 40.04 55.66 6.67
CA TRP B 56 41.07 54.61 6.82
C TRP B 56 41.93 54.96 8.06
N ASP B 57 41.89 54.08 9.07
CA ASP B 57 42.69 54.15 10.32
C ASP B 57 44.18 54.11 9.96
N ALA B 58 44.91 55.18 10.26
CA ALA B 58 46.37 55.29 10.00
C ALA B 58 47.13 55.51 11.32
N SER B 59 46.60 54.97 12.43
CA SER B 59 47.12 55.12 13.82
C SER B 59 48.10 54.00 14.17
N LYS B 60 48.24 53.00 13.32
CA LYS B 60 49.13 51.82 13.55
C LYS B 60 49.87 51.47 12.25
N THR B 61 51.13 51.03 12.38
CA THR B 61 51.84 50.31 11.28
C THR B 61 51.11 48.98 11.06
N LEU B 62 50.94 48.58 9.80
CA LEU B 62 50.26 47.34 9.37
C LEU B 62 51.31 46.31 8.95
N PRO B 63 50.93 45.08 8.53
CA PRO B 63 51.91 44.01 8.31
C PRO B 63 53.04 44.34 7.33
N GLN B 64 54.23 43.84 7.65
CA GLN B 64 55.43 43.91 6.79
C GLN B 64 55.28 42.87 5.68
N CYS B 65 56.00 43.04 4.57
CA CYS B 65 55.93 42.14 3.39
C CYS B 65 56.42 40.75 3.80
N LEU B 66 55.68 39.71 3.38
CA LEU B 66 55.99 38.29 3.69
C LEU B 66 57.44 38.03 3.31
N GLN B 67 58.22 37.50 4.24
CA GLN B 67 59.70 37.48 4.16
C GLN B 67 60.25 36.32 4.99
N TRP B 68 61.41 35.80 4.59
CA TRP B 68 62.25 34.94 5.46
C TRP B 68 63.08 35.85 6.35
N ASP B 69 62.68 36.00 7.62
CA ASP B 69 63.45 36.70 8.68
C ASP B 69 64.49 35.73 9.24
N PRO B 70 65.78 35.88 8.84
CA PRO B 70 66.83 34.95 9.25
C PRO B 70 67.18 35.03 10.74
N PHE B 71 66.93 36.18 11.36
CA PHE B 71 67.22 36.43 12.80
C PHE B 71 66.19 35.68 13.65
N GLN B 72 64.94 35.65 13.18
CA GLN B 72 63.80 34.99 13.88
C GLN B 72 63.62 33.55 13.38
N GLN B 73 64.28 33.16 12.28
CA GLN B 73 64.22 31.77 11.76
C GLN B 73 62.77 31.37 11.48
N GLU B 74 62.02 32.22 10.78
CA GLU B 74 60.60 31.97 10.44
C GLU B 74 60.18 32.83 9.24
N VAL B 75 59.10 32.44 8.57
CA VAL B 75 58.33 33.29 7.62
C VAL B 75 57.37 34.15 8.44
N SER B 76 57.37 35.46 8.23
CA SER B 76 56.46 36.43 8.90
C SER B 76 55.99 37.48 7.90
N GLY B 77 54.90 38.17 8.25
CA GLY B 77 54.29 39.23 7.43
C GLY B 77 53.10 38.73 6.65
N SER B 78 52.85 39.36 5.51
CA SER B 78 51.63 39.18 4.68
C SER B 78 51.96 39.63 3.25
N GLU B 79 51.33 39.01 2.24
CA GLU B 79 51.35 39.50 0.85
C GLU B 79 50.77 40.91 0.81
N ASN B 80 49.78 41.21 1.66
CA ASN B 80 49.14 42.55 1.73
C ASN B 80 49.98 43.44 2.65
N CYS B 81 50.94 44.15 2.07
CA CYS B 81 52.07 44.80 2.81
C CYS B 81 52.53 46.12 2.19
N LEU B 82 52.01 46.52 1.02
CA LEU B 82 52.47 47.75 0.32
C LEU B 82 51.86 48.97 1.05
N TYR B 83 52.48 49.30 2.19
CA TYR B 83 52.08 50.37 3.13
C TYR B 83 53.17 51.43 3.19
N ILE B 84 52.76 52.69 3.24
CA ILE B 84 53.64 53.87 3.41
C ILE B 84 53.28 54.52 4.74
N ASN B 85 54.26 55.13 5.40
CA ASN B 85 54.08 55.82 6.70
C ASN B 85 54.60 57.25 6.54
N VAL B 86 53.74 58.25 6.72
CA VAL B 86 54.09 59.68 6.52
C VAL B 86 53.96 60.41 7.87
N HIS B 87 55.04 61.05 8.30
CA HIS B 87 55.16 61.77 9.59
C HIS B 87 55.50 63.23 9.32
N THR B 88 54.77 64.17 9.92
CA THR B 88 54.91 65.63 9.66
C THR B 88 54.76 66.41 10.96
N PRO B 89 55.66 67.38 11.24
CA PRO B 89 55.50 68.32 12.35
C PRO B 89 54.66 69.56 12.00
N LYS B 90 54.31 69.71 10.71
CA LYS B 90 53.51 70.84 10.19
C LYS B 90 52.48 70.29 9.20
N LEU B 91 51.32 69.89 9.72
CA LEU B 91 50.21 69.27 8.94
C LEU B 91 49.41 70.39 8.26
N SER B 92 49.94 70.96 7.19
CA SER B 92 49.37 72.12 6.45
C SER B 92 49.88 72.10 5.01
N ALA B 93 48.98 72.15 4.03
CA ALA B 93 49.29 72.03 2.59
C ALA B 93 50.26 73.11 2.10
N GLY B 94 50.48 74.19 2.89
CA GLY B 94 51.35 75.33 2.51
C GLY B 94 52.73 75.29 3.16
N ALA B 95 53.04 74.28 3.97
CA ALA B 95 54.26 74.23 4.81
C ALA B 95 55.49 74.03 3.93
N SER B 96 55.37 73.20 2.88
CA SER B 96 56.39 72.99 1.82
C SER B 96 57.75 72.62 2.44
N LEU B 97 57.78 71.58 3.28
CA LEU B 97 59.01 71.10 3.97
C LEU B 97 59.76 70.13 3.06
N PRO B 98 61.10 70.03 3.19
CA PRO B 98 61.83 68.95 2.54
C PRO B 98 61.26 67.60 3.01
N VAL B 99 61.33 66.59 2.14
CA VAL B 99 60.76 65.23 2.39
C VAL B 99 61.92 64.22 2.40
N VAL B 100 62.18 63.60 3.56
CA VAL B 100 63.20 62.53 3.73
C VAL B 100 62.50 61.17 3.57
N VAL B 101 62.61 60.55 2.40
CA VAL B 101 62.14 59.17 2.10
C VAL B 101 63.26 58.19 2.44
N PHE B 102 62.94 57.10 3.15
CA PHE B 102 63.92 56.06 3.57
C PHE B 102 63.48 54.69 3.07
N ILE B 103 64.37 54.04 2.32
CA ILE B 103 64.22 52.64 1.82
C ILE B 103 65.00 51.73 2.77
N HIS B 104 64.32 50.84 3.49
CA HIS B 104 64.94 49.96 4.51
C HIS B 104 65.88 48.94 3.83
N GLY B 105 66.84 48.44 4.59
CA GLY B 105 67.71 47.31 4.20
C GLY B 105 67.14 45.97 4.64
N GLY B 106 67.93 44.91 4.50
CA GLY B 106 67.53 43.50 4.68
C GLY B 106 67.88 42.65 3.48
N ALA B 107 68.86 43.09 2.66
CA ALA B 107 69.45 42.32 1.55
C ALA B 107 68.40 42.02 0.48
N PHE B 108 67.29 42.77 0.46
CA PHE B 108 66.12 42.55 -0.42
C PHE B 108 65.38 41.27 -0.01
N MET B 109 65.65 40.76 1.19
CA MET B 109 65.04 39.48 1.67
C MET B 109 64.08 39.77 2.82
N TYR B 110 64.47 40.60 3.79
CA TYR B 110 63.70 40.84 5.04
C TYR B 110 63.64 42.34 5.35
N GLY B 111 63.02 42.71 6.48
CA GLY B 111 62.93 44.09 6.99
C GLY B 111 61.59 44.73 6.66
N ALA B 112 61.43 46.01 7.04
CA ALA B 112 60.17 46.80 6.89
C ALA B 112 60.46 48.28 7.16
N GLY B 113 59.73 49.17 6.48
CA GLY B 113 59.73 50.63 6.72
C GLY B 113 59.29 50.96 8.14
N SER B 114 58.39 50.16 8.71
CA SER B 114 57.77 50.37 10.04
C SER B 114 58.78 50.15 11.17
N LEU B 115 59.95 49.55 10.92
CA LEU B 115 60.95 49.25 11.98
C LEU B 115 61.75 50.52 12.32
N TYR B 116 61.68 51.54 11.46
CA TYR B 116 62.49 52.78 11.54
C TYR B 116 61.62 53.91 12.11
N ASP B 117 61.77 54.16 13.41
CA ASP B 117 61.02 55.18 14.18
C ASP B 117 61.64 56.56 13.89
N VAL B 118 60.81 57.57 13.60
CA VAL B 118 61.28 58.88 13.08
C VAL B 118 61.35 59.93 14.20
N SER B 119 61.17 59.55 15.46
CA SER B 119 61.16 60.45 16.65
C SER B 119 62.24 61.55 16.56
N HIS B 120 63.48 61.19 16.17
CA HIS B 120 64.62 62.13 16.10
C HIS B 120 64.37 63.16 14.99
N LEU B 121 64.01 62.73 13.78
CA LEU B 121 63.89 63.58 12.56
C LEU B 121 62.76 64.60 12.71
N MET B 122 61.80 64.32 13.59
CA MET B 122 60.57 65.16 13.78
C MET B 122 60.88 66.40 14.64
N ASP B 123 62.10 66.49 15.19
CA ASP B 123 62.64 67.73 15.81
C ASP B 123 63.15 68.69 14.73
N ARG B 124 63.19 68.25 13.47
CA ARG B 124 63.50 69.12 12.28
C ARG B 124 62.21 69.40 11.50
N ASP B 125 62.29 70.37 10.58
CA ASP B 125 61.18 70.84 9.71
C ASP B 125 61.27 70.06 8.39
N VAL B 126 60.92 68.78 8.47
CA VAL B 126 60.88 67.82 7.33
C VAL B 126 59.64 66.93 7.49
N VAL B 127 59.15 66.40 6.38
CA VAL B 127 58.25 65.21 6.34
C VAL B 127 59.15 63.98 6.25
N ALA B 128 58.96 63.00 7.14
CA ALA B 128 59.66 61.69 7.12
C ALA B 128 58.72 60.63 6.53
N VAL B 129 59.24 59.86 5.57
CA VAL B 129 58.48 58.78 4.86
C VAL B 129 59.29 57.48 4.98
N THR B 130 58.63 56.43 5.49
CA THR B 130 59.10 55.02 5.42
C THR B 130 58.03 54.23 4.68
N PHE B 131 58.39 53.08 4.10
CA PHE B 131 57.43 52.24 3.35
C PHE B 131 57.96 50.82 3.19
N ASN B 132 57.05 49.91 2.85
CA ASN B 132 57.36 48.49 2.55
C ASN B 132 57.37 48.30 1.03
N TYR B 133 58.24 47.40 0.56
CA TYR B 133 58.31 46.90 -0.84
C TYR B 133 58.44 45.38 -0.78
N ARG B 134 58.02 44.69 -1.83
CA ARG B 134 58.04 43.20 -1.87
C ARG B 134 59.49 42.71 -1.83
N LEU B 135 59.70 41.57 -1.15
CA LEU B 135 61.03 41.04 -0.76
C LEU B 135 61.20 39.62 -1.31
N GLY B 136 62.44 39.20 -1.47
CA GLY B 136 62.80 37.84 -1.92
C GLY B 136 62.01 37.47 -3.19
N PRO B 137 61.55 36.21 -3.31
CA PRO B 137 60.91 35.75 -4.54
C PRO B 137 59.67 36.55 -4.95
N LEU B 138 58.90 37.03 -3.97
CA LEU B 138 57.65 37.79 -4.21
C LEU B 138 58.00 39.14 -4.84
N GLY B 139 59.17 39.69 -4.52
CA GLY B 139 59.64 40.99 -5.02
C GLY B 139 60.51 40.88 -6.27
N PHE B 140 61.22 39.77 -6.45
CA PHE B 140 62.43 39.75 -7.33
C PHE B 140 62.57 38.44 -8.13
N LEU B 141 61.53 37.59 -8.16
CA LEU B 141 61.48 36.44 -9.10
C LEU B 141 61.66 36.99 -10.51
N SER B 142 62.49 36.32 -11.33
CA SER B 142 62.63 36.60 -12.78
C SER B 142 62.93 35.30 -13.52
N THR B 143 62.25 35.08 -14.65
CA THR B 143 62.46 33.96 -15.58
C THR B 143 63.22 34.46 -16.81
N GLY B 144 63.67 35.73 -16.79
CA GLY B 144 64.39 36.39 -17.87
C GLY B 144 63.53 36.58 -19.12
N ASP B 145 62.20 36.56 -18.97
CA ASP B 145 61.23 36.71 -20.09
C ASP B 145 59.91 37.29 -19.54
N GLU B 146 58.87 37.33 -20.38
CA GLU B 146 57.59 38.05 -20.11
C GLU B 146 56.78 37.36 -19.00
N SER B 147 57.02 36.09 -18.71
CA SER B 147 56.34 35.31 -17.63
C SER B 147 56.63 35.93 -16.25
N ALA B 148 57.82 36.52 -16.08
CA ALA B 148 58.26 37.22 -14.84
C ALA B 148 59.53 38.02 -15.14
N PRO B 149 59.43 39.28 -15.61
CA PRO B 149 60.59 40.02 -16.08
C PRO B 149 61.58 40.40 -14.97
N GLY B 150 61.07 40.71 -13.77
CA GLY B 150 61.88 41.01 -12.57
C GLY B 150 61.64 42.41 -12.04
N ASN B 151 62.25 42.72 -10.89
CA ASN B 151 62.28 44.08 -10.26
C ASN B 151 60.90 44.50 -9.73
N ALA B 152 59.97 43.56 -9.53
CA ALA B 152 58.64 43.85 -8.95
C ALA B 152 58.76 44.76 -7.72
N GLY B 153 59.75 44.48 -6.85
CA GLY B 153 59.97 45.18 -5.57
C GLY B 153 60.52 46.59 -5.76
N LEU B 154 61.41 46.77 -6.74
CA LEU B 154 61.91 48.11 -7.15
C LEU B 154 60.77 48.88 -7.82
N LYS B 155 59.96 48.21 -8.62
CA LYS B 155 58.72 48.82 -9.19
C LYS B 155 57.81 49.27 -8.03
N ASP B 156 57.76 48.53 -6.92
CA ASP B 156 57.00 48.92 -5.71
C ASP B 156 57.56 50.24 -5.14
N GLN B 157 58.89 50.33 -5.00
CA GLN B 157 59.57 51.53 -4.45
C GLN B 157 59.23 52.74 -5.35
N ALA B 158 59.33 52.59 -6.67
CA ALA B 158 59.03 53.63 -7.68
C ALA B 158 57.58 54.09 -7.53
N PHE B 159 56.66 53.15 -7.29
CA PHE B 159 55.20 53.41 -7.16
C PHE B 159 54.97 54.24 -5.88
N ALA B 160 55.73 53.95 -4.83
CA ALA B 160 55.72 54.67 -3.53
C ALA B 160 56.25 56.10 -3.74
N LEU B 161 57.32 56.28 -4.53
CA LEU B 161 57.89 57.62 -4.83
C LEU B 161 56.88 58.43 -5.64
N GLN B 162 56.29 57.81 -6.66
CA GLN B 162 55.21 58.41 -7.46
C GLN B 162 54.08 58.87 -6.51
N TRP B 163 53.74 58.04 -5.52
CA TRP B 163 52.69 58.34 -4.50
C TRP B 163 53.09 59.56 -3.66
N VAL B 164 54.34 59.60 -3.20
CA VAL B 164 54.91 60.74 -2.42
C VAL B 164 54.78 62.01 -3.28
N LYS B 165 55.17 61.94 -4.55
CA LYS B 165 55.12 63.10 -5.47
C LYS B 165 53.68 63.63 -5.53
N ASN B 166 52.70 62.72 -5.67
CA ASN B 166 51.27 63.08 -5.91
C ASN B 166 50.55 63.50 -4.62
N ASN B 167 51.01 63.07 -3.43
CA ASN B 167 50.22 63.18 -2.17
C ASN B 167 50.98 63.89 -1.05
N VAL B 168 52.32 63.96 -1.07
CA VAL B 168 53.12 64.45 0.10
C VAL B 168 52.75 65.90 0.44
N MET B 169 52.23 66.71 -0.50
CA MET B 169 51.88 68.13 -0.25
C MET B 169 50.84 68.23 0.86
N MET B 170 49.91 67.26 0.94
CA MET B 170 48.80 67.22 1.92
C MET B 170 49.34 67.02 3.34
N PHE B 171 50.59 66.59 3.50
CA PHE B 171 51.24 66.36 4.81
C PHE B 171 52.27 67.47 5.08
N GLY B 172 52.28 68.52 4.27
CA GLY B 172 53.15 69.69 4.44
C GLY B 172 54.49 69.54 3.74
N GLY B 173 54.55 68.62 2.77
CA GLY B 173 55.78 68.25 2.06
C GLY B 173 55.88 68.95 0.72
N ASN B 174 57.11 69.23 0.30
CA ASN B 174 57.43 69.81 -1.03
C ASN B 174 57.81 68.66 -1.97
N PRO B 175 56.96 68.33 -2.97
CA PRO B 175 57.23 67.19 -3.84
C PRO B 175 58.47 67.38 -4.74
N ASP B 176 58.96 68.62 -4.84
CA ASP B 176 60.16 69.01 -5.64
C ASP B 176 61.41 69.10 -4.76
N SER B 177 61.33 68.64 -3.51
CA SER B 177 62.51 68.55 -2.60
C SER B 177 62.43 67.23 -1.80
N VAL B 178 62.37 66.10 -2.52
CA VAL B 178 62.44 64.72 -1.94
C VAL B 178 63.93 64.36 -1.79
N THR B 179 64.39 64.17 -0.55
CA THR B 179 65.70 63.55 -0.24
C THR B 179 65.49 62.03 -0.12
N LEU B 180 65.82 61.29 -1.19
CA LEU B 180 65.73 59.81 -1.26
C LEU B 180 66.95 59.19 -0.57
N THR B 181 66.73 58.41 0.50
CA THR B 181 67.77 57.80 1.37
C THR B 181 67.52 56.29 1.53
N GLY B 182 68.54 55.55 1.98
CA GLY B 182 68.47 54.08 2.10
C GLY B 182 69.75 53.48 2.67
N CYS B 183 69.65 52.31 3.27
CA CYS B 183 70.76 51.55 3.91
C CYS B 183 70.78 50.10 3.42
N SER B 184 71.95 49.49 3.28
CA SER B 184 72.14 48.10 2.77
C SER B 184 71.49 48.01 1.39
N ALA B 185 70.48 47.14 1.24
CA ALA B 185 69.65 47.00 0.01
C ALA B 185 68.90 48.31 -0.27
N GLY B 186 68.60 49.08 0.78
CA GLY B 186 68.08 50.45 0.68
C GLY B 186 69.04 51.36 -0.05
N GLY B 187 70.33 51.32 0.32
CA GLY B 187 71.40 52.11 -0.32
C GLY B 187 71.49 51.80 -1.79
N ALA B 188 71.59 50.51 -2.14
CA ALA B 188 71.58 50.01 -3.54
C ALA B 188 70.28 50.42 -4.22
N SER B 189 69.14 50.33 -3.52
CA SER B 189 67.81 50.73 -4.06
C SER B 189 67.85 52.20 -4.51
N VAL B 190 68.34 53.11 -3.67
CA VAL B 190 68.52 54.56 -4.01
C VAL B 190 69.26 54.63 -5.35
N HIS B 191 70.41 53.95 -5.45
CA HIS B 191 71.25 53.87 -6.67
C HIS B 191 70.40 53.37 -7.85
N TYR B 192 69.65 52.28 -7.67
CA TYR B 192 68.73 51.71 -8.69
C TYR B 192 67.73 52.79 -9.17
N HIS B 193 67.24 53.65 -8.27
CA HIS B 193 66.31 54.75 -8.62
C HIS B 193 67.01 55.78 -9.51
N TYR B 194 68.30 56.04 -9.28
CA TYR B 194 69.14 56.92 -10.13
C TYR B 194 69.20 56.36 -11.56
N LEU B 195 69.16 55.04 -11.71
CA LEU B 195 69.40 54.34 -13.01
C LEU B 195 68.12 54.17 -13.81
N SER B 196 66.94 54.32 -13.21
CA SER B 196 65.65 53.86 -13.78
C SER B 196 64.87 55.03 -14.36
N PRO B 197 64.32 54.89 -15.59
CA PRO B 197 63.38 55.88 -16.14
C PRO B 197 62.16 56.11 -15.23
N LEU B 198 61.75 55.09 -14.45
CA LEU B 198 60.51 55.08 -13.62
C LEU B 198 60.59 56.09 -12.45
N SER B 199 61.79 56.46 -11.99
CA SER B 199 61.99 57.36 -10.82
C SER B 199 62.54 58.73 -11.24
N LYS B 200 62.70 58.97 -12.54
CA LYS B 200 63.29 60.21 -13.09
C LYS B 200 62.44 61.42 -12.69
N GLY B 201 63.06 62.46 -12.14
CA GLY B 201 62.38 63.69 -11.68
C GLY B 201 61.41 63.43 -10.54
N ASN B 202 61.60 62.36 -9.76
CA ASN B 202 60.76 62.04 -8.58
C ASN B 202 61.59 62.11 -7.30
N PHE B 203 62.82 62.61 -7.39
CA PHE B 203 63.66 62.96 -6.21
C PHE B 203 64.73 63.98 -6.63
N ALA B 204 64.96 64.97 -5.78
CA ALA B 204 65.85 66.13 -6.02
C ALA B 204 67.28 65.83 -5.56
N ARG B 205 67.49 64.77 -4.77
CA ARG B 205 68.84 64.37 -4.24
C ARG B 205 68.75 62.99 -3.55
N GLY B 206 69.90 62.31 -3.44
CA GLY B 206 69.97 60.95 -2.88
C GLY B 206 71.01 60.81 -1.80
N ILE B 207 70.77 59.90 -0.84
CA ILE B 207 71.79 59.46 0.15
C ILE B 207 71.81 57.92 0.15
N ALA B 208 72.90 57.33 -0.37
CA ALA B 208 73.11 55.85 -0.41
C ALA B 208 74.03 55.46 0.74
N PHE B 209 73.46 55.19 1.91
CA PHE B 209 74.20 54.65 3.08
C PHE B 209 74.57 53.19 2.81
N SER B 210 75.88 52.89 2.79
CA SER B 210 76.46 51.51 2.88
C SER B 210 75.83 50.58 1.85
N GLY B 211 75.73 51.03 0.59
CA GLY B 211 75.16 50.19 -0.49
C GLY B 211 75.19 50.86 -1.85
N ALA B 212 75.30 50.05 -2.90
CA ALA B 212 75.38 50.49 -4.31
C ALA B 212 74.94 49.35 -5.23
N ALA B 213 74.20 49.68 -6.29
CA ALA B 213 73.66 48.74 -7.30
C ALA B 213 74.79 48.03 -8.08
N PHE B 214 76.05 48.41 -7.89
CA PHE B 214 77.21 47.73 -8.51
C PHE B 214 77.60 46.47 -7.70
N ALA B 215 77.12 46.35 -6.46
CA ALA B 215 77.47 45.25 -5.54
C ALA B 215 76.79 43.95 -6.02
N SER B 216 77.55 42.86 -6.06
CA SER B 216 77.16 41.52 -6.60
C SER B 216 75.87 41.02 -5.92
N TRP B 217 75.71 41.29 -4.62
CA TRP B 217 74.59 40.77 -3.78
C TRP B 217 73.28 41.55 -4.01
N THR B 218 73.33 42.65 -4.77
CA THR B 218 72.15 43.48 -5.12
C THR B 218 71.67 43.14 -6.54
N HIS B 219 72.32 42.21 -7.21
CA HIS B 219 72.11 41.95 -8.66
C HIS B 219 72.25 40.45 -8.95
N ALA B 220 71.22 39.87 -9.56
CA ALA B 220 71.17 38.45 -10.00
C ALA B 220 71.49 38.40 -11.50
N VAL B 221 72.47 37.59 -11.89
CA VAL B 221 72.87 37.41 -13.32
C VAL B 221 72.24 36.14 -13.89
N LYS B 222 71.77 35.21 -13.04
CA LYS B 222 71.15 33.93 -13.49
C LYS B 222 69.80 33.77 -12.80
N PRO B 223 68.83 34.65 -13.08
CA PRO B 223 67.56 34.66 -12.36
C PRO B 223 66.69 33.43 -12.67
N LEU B 224 66.85 32.85 -13.88
CA LEU B 224 66.05 31.69 -14.35
C LEU B 224 66.48 30.44 -13.60
N GLN B 225 67.77 30.32 -13.30
CA GLN B 225 68.36 29.20 -12.53
C GLN B 225 67.79 29.21 -11.10
N ASN B 226 67.62 30.42 -10.55
CA ASN B 226 67.09 30.64 -9.18
C ASN B 226 65.60 30.29 -9.17
N ALA B 227 64.82 30.84 -10.10
CA ALA B 227 63.38 30.58 -10.29
C ALA B 227 63.13 29.07 -10.45
N ARG B 228 63.90 28.39 -11.28
CA ARG B 228 63.75 26.93 -11.55
C ARG B 228 64.04 26.14 -10.27
N SER B 229 65.09 26.53 -9.55
CA SER B 229 65.55 25.90 -8.29
C SER B 229 64.44 25.99 -7.23
N LEU B 230 63.81 27.16 -7.10
CA LEU B 230 62.70 27.44 -6.16
C LEU B 230 61.48 26.62 -6.57
N ALA B 231 61.16 26.60 -7.87
CA ALA B 231 60.02 25.84 -8.43
C ALA B 231 60.21 24.37 -8.06
N ALA B 232 61.43 23.84 -8.20
CA ALA B 232 61.74 22.43 -7.90
C ALA B 232 61.54 22.14 -6.40
N ILE B 233 62.04 23.02 -5.51
CA ILE B 233 61.98 22.81 -4.03
C ILE B 233 60.52 22.75 -3.57
N VAL B 234 59.65 23.47 -4.27
CA VAL B 234 58.20 23.63 -3.95
C VAL B 234 57.39 22.52 -4.65
N GLY B 235 58.03 21.72 -5.50
CA GLY B 235 57.46 20.53 -6.16
C GLY B 235 56.77 20.88 -7.47
N CYS B 236 56.95 22.12 -7.95
CA CYS B 236 56.37 22.64 -9.22
C CYS B 236 57.04 21.96 -10.41
N PRO B 237 56.29 21.67 -11.50
CA PRO B 237 56.91 21.17 -12.72
C PRO B 237 57.74 22.31 -13.34
N THR B 238 58.89 21.94 -13.89
CA THR B 238 59.65 22.78 -14.85
C THR B 238 59.37 22.21 -16.24
N GLY B 239 59.52 23.08 -17.23
CA GLY B 239 58.88 23.02 -18.54
C GLY B 239 58.90 24.42 -19.09
N THR B 240 57.76 24.98 -19.47
CA THR B 240 57.68 26.41 -19.87
C THR B 240 57.88 27.27 -18.63
N ASN B 241 58.36 28.50 -18.81
CA ASN B 241 58.52 29.51 -17.73
C ASN B 241 57.12 29.97 -17.28
N ARG B 242 56.14 29.90 -18.20
CA ARG B 242 54.71 30.23 -17.97
C ARG B 242 54.12 29.25 -16.95
N GLU B 243 54.40 27.95 -17.13
CA GLU B 243 54.00 26.86 -16.20
C GLU B 243 54.68 27.06 -14.84
N LEU B 244 55.98 27.38 -14.85
CA LEU B 244 56.81 27.64 -13.64
C LEU B 244 56.16 28.75 -12.82
N VAL B 245 55.89 29.91 -13.44
CA VAL B 245 55.30 31.10 -12.76
C VAL B 245 53.87 30.76 -12.32
N ASP B 246 53.03 30.22 -13.21
CA ASP B 246 51.63 29.83 -12.88
C ASP B 246 51.62 28.95 -11.63
N CYS B 247 52.53 27.99 -11.53
CA CYS B 247 52.56 27.01 -10.40
C CYS B 247 52.93 27.74 -9.11
N LEU B 248 53.96 28.60 -9.12
CA LEU B 248 54.42 29.42 -7.96
C LEU B 248 53.32 30.39 -7.52
N LYS B 249 52.45 30.85 -8.44
CA LYS B 249 51.34 31.78 -8.15
C LYS B 249 50.29 31.07 -7.27
N TYR B 250 49.95 29.83 -7.60
CA TYR B 250 48.86 29.07 -6.93
C TYR B 250 49.40 28.28 -5.72
N ARG B 251 50.70 28.32 -5.46
CA ARG B 251 51.28 27.76 -4.21
C ARG B 251 51.03 28.76 -3.09
N PRO B 252 50.99 28.32 -1.80
CA PRO B 252 50.85 29.24 -0.68
C PRO B 252 52.09 30.15 -0.65
N ALA B 253 51.87 31.45 -0.41
CA ALA B 253 52.92 32.49 -0.34
C ALA B 253 54.01 32.08 0.66
N GLU B 254 53.62 31.51 1.79
CA GLU B 254 54.51 31.11 2.92
C GLU B 254 55.46 30.00 2.46
N VAL B 255 55.00 29.06 1.64
CA VAL B 255 55.82 27.92 1.12
C VAL B 255 56.87 28.47 0.13
N VAL B 256 56.47 29.40 -0.74
CA VAL B 256 57.34 30.05 -1.77
C VAL B 256 58.43 30.85 -1.05
N VAL B 257 58.07 31.65 -0.03
CA VAL B 257 59.04 32.52 0.70
C VAL B 257 59.97 31.63 1.52
N GLY B 258 59.45 30.59 2.17
CA GLY B 258 60.25 29.67 3.01
C GLY B 258 61.16 28.76 2.19
N ALA B 259 60.81 28.50 0.93
CA ALA B 259 61.53 27.53 0.06
C ALA B 259 62.91 28.05 -0.34
N GLN B 260 63.13 29.37 -0.33
CA GLN B 260 64.37 29.98 -0.88
C GLN B 260 65.59 29.45 -0.10
N ILE B 261 65.46 29.22 1.21
CA ILE B 261 66.61 28.91 2.11
C ILE B 261 67.18 27.51 1.80
N GLU B 262 66.48 26.68 1.01
CA GLU B 262 66.91 25.28 0.72
C GLU B 262 67.57 25.20 -0.66
N MET B 263 67.80 26.33 -1.33
CA MET B 263 68.49 26.36 -2.65
C MET B 263 69.96 25.96 -2.47
N LEU B 264 70.55 25.31 -3.48
CA LEU B 264 71.95 24.84 -3.46
C LEU B 264 72.86 26.07 -3.29
N GLU B 265 73.75 26.02 -2.30
CA GLU B 265 74.71 27.10 -1.93
C GLU B 265 73.94 28.39 -1.62
N PHE B 266 72.75 28.29 -1.01
CA PHE B 266 72.03 29.48 -0.48
C PHE B 266 73.03 30.25 0.37
N PRO B 267 73.02 31.60 0.33
CA PRO B 267 73.93 32.39 1.15
C PRO B 267 74.12 31.80 2.55
N TYR B 268 75.38 31.72 2.99
CA TYR B 268 75.80 31.14 4.28
C TYR B 268 75.32 32.07 5.41
N GLN B 269 74.63 31.49 6.40
CA GLN B 269 73.99 32.18 7.55
C GLN B 269 72.80 33.03 7.11
N GLN B 270 72.35 32.90 5.84
CA GLN B 270 71.07 33.47 5.35
C GLN B 270 71.06 35.01 5.52
N MET B 271 72.15 35.69 5.18
CA MET B 271 72.29 37.16 5.36
C MET B 271 72.08 37.88 4.02
N PHE B 272 71.97 37.12 2.93
CA PHE B 272 71.69 37.63 1.56
C PHE B 272 70.66 36.69 0.90
N THR B 273 70.15 37.06 -0.27
CA THR B 273 69.24 36.20 -1.08
C THR B 273 69.61 36.25 -2.56
N PRO B 274 69.45 35.13 -3.30
CA PRO B 274 69.57 35.16 -4.76
C PRO B 274 68.39 35.84 -5.49
N PHE B 275 67.32 36.18 -4.76
CA PHE B 275 66.13 36.88 -5.32
C PHE B 275 66.33 38.39 -5.14
N THR B 276 67.02 39.01 -6.10
CA THR B 276 67.49 40.42 -6.07
C THR B 276 67.11 41.12 -7.37
N PRO B 277 67.29 42.45 -7.45
CA PRO B 277 67.16 43.16 -8.72
C PRO B 277 67.92 42.43 -9.83
N THR B 278 67.36 42.43 -11.03
CA THR B 278 67.96 41.81 -12.23
C THR B 278 67.81 42.79 -13.40
N VAL B 279 68.34 42.43 -14.56
CA VAL B 279 68.12 43.14 -15.85
C VAL B 279 66.89 42.53 -16.50
N GLU B 280 65.84 43.32 -16.71
CA GLU B 280 64.60 42.85 -17.36
C GLU B 280 64.87 42.62 -18.84
N PRO B 281 64.02 41.82 -19.52
CA PRO B 281 64.17 41.62 -20.96
C PRO B 281 63.97 42.91 -21.76
N GLN B 282 64.66 43.02 -22.89
CA GLN B 282 64.47 44.11 -23.88
C GLN B 282 62.99 44.11 -24.33
N GLY B 283 62.35 45.27 -24.33
CA GLY B 283 60.96 45.45 -24.79
C GLY B 283 59.94 45.06 -23.73
N THR B 284 60.35 45.05 -22.45
CA THR B 284 59.46 44.90 -21.28
C THR B 284 58.75 46.24 -21.04
N ARG B 285 57.42 46.26 -21.13
CA ARG B 285 56.58 47.48 -20.97
C ARG B 285 56.84 48.11 -19.60
N ASP B 286 57.14 49.42 -19.57
CA ASP B 286 57.38 50.20 -18.33
C ASP B 286 58.33 49.43 -17.40
N ALA B 287 59.44 48.94 -17.93
CA ALA B 287 60.50 48.22 -17.17
C ALA B 287 61.18 49.18 -16.20
N PHE B 288 61.71 48.66 -15.09
CA PHE B 288 62.50 49.44 -14.10
C PHE B 288 63.93 49.60 -14.64
N LEU B 289 64.48 48.52 -15.19
CA LEU B 289 65.91 48.46 -15.62
C LEU B 289 66.09 47.32 -16.64
N THR B 290 66.35 47.66 -17.91
CA THR B 290 66.59 46.72 -19.03
C THR B 290 68.07 46.74 -19.42
N GLN B 291 68.95 47.19 -18.51
CA GLN B 291 70.42 47.25 -18.74
C GLN B 291 71.18 47.11 -17.42
N TYR B 292 72.33 46.43 -17.46
CA TYR B 292 73.24 46.18 -16.31
C TYR B 292 73.65 47.52 -15.72
N PRO B 293 73.49 47.74 -14.38
CA PRO B 293 73.71 49.04 -13.76
C PRO B 293 74.98 49.79 -14.21
N PHE B 294 76.12 49.09 -14.22
CA PHE B 294 77.46 49.68 -14.51
C PHE B 294 77.46 50.30 -15.91
N LEU B 295 76.85 49.64 -16.90
CA LEU B 295 76.81 50.09 -18.31
C LEU B 295 75.99 51.38 -18.41
N VAL B 296 74.85 51.44 -17.73
CA VAL B 296 74.00 52.66 -17.69
C VAL B 296 74.83 53.80 -17.08
N ALA B 297 75.40 53.57 -15.90
CA ALA B 297 76.25 54.52 -15.15
C ALA B 297 77.42 55.00 -16.03
N GLN B 298 78.11 54.06 -16.70
CA GLN B 298 79.32 54.33 -17.53
C GLN B 298 78.95 55.21 -18.73
N ALA B 299 77.70 55.15 -19.21
CA ALA B 299 77.17 55.95 -20.34
C ALA B 299 76.57 57.29 -19.86
N GLY B 300 76.77 57.64 -18.57
CA GLY B 300 76.31 58.89 -17.95
C GLY B 300 74.81 58.91 -17.72
N GLY B 301 74.20 57.72 -17.50
CA GLY B 301 72.75 57.50 -17.47
C GLY B 301 72.10 57.95 -16.16
N MET B 302 72.84 57.96 -15.06
CA MET B 302 72.31 58.29 -13.70
C MET B 302 71.69 59.69 -13.72
N HIS B 303 70.58 59.90 -13.00
CA HIS B 303 69.81 61.17 -12.98
C HIS B 303 70.69 62.26 -12.37
N LYS B 304 70.71 63.44 -13.00
CA LYS B 304 71.62 64.56 -12.65
C LYS B 304 71.05 65.32 -11.44
N VAL B 305 71.18 64.70 -10.26
CA VAL B 305 70.82 65.30 -8.94
C VAL B 305 71.96 65.02 -7.97
N PRO B 306 72.13 65.82 -6.89
CA PRO B 306 73.20 65.57 -5.90
C PRO B 306 73.11 64.19 -5.22
N LEU B 307 74.21 63.77 -4.59
CA LEU B 307 74.36 62.44 -3.94
C LEU B 307 75.32 62.53 -2.75
N ILE B 308 74.96 61.91 -1.64
CA ILE B 308 75.92 61.43 -0.61
C ILE B 308 75.90 59.89 -0.66
N THR B 309 77.05 59.27 -0.47
CA THR B 309 77.18 57.80 -0.27
C THR B 309 78.26 57.61 0.81
N SER B 310 78.26 56.47 1.50
CA SER B 310 79.05 56.30 2.75
C SER B 310 79.30 54.83 3.07
N VAL B 311 80.32 54.58 3.89
CA VAL B 311 80.58 53.25 4.52
C VAL B 311 80.95 53.48 5.98
N THR B 312 80.95 52.40 6.78
CA THR B 312 81.50 52.36 8.15
C THR B 312 82.89 51.72 8.11
N SER B 313 83.66 51.83 9.20
CA SER B 313 85.05 51.31 9.31
C SER B 313 85.01 49.77 9.30
N GLU B 314 84.00 49.15 9.91
CA GLU B 314 83.84 47.67 10.01
C GLU B 314 82.49 47.25 9.39
N GLU B 315 82.32 47.52 8.09
CA GLU B 315 81.14 47.16 7.26
C GLU B 315 80.86 45.65 7.36
N GLY B 316 81.89 44.82 7.24
CA GLY B 316 81.79 43.35 7.12
C GLY B 316 81.25 42.66 8.37
N LEU B 317 81.05 43.40 9.47
CA LEU B 317 80.30 42.90 10.65
C LEU B 317 78.87 42.53 10.24
N TYR B 318 78.38 43.09 9.14
CA TYR B 318 77.35 42.44 8.28
C TYR B 318 78.11 41.76 7.13
N PRO B 319 78.18 40.41 7.07
CA PRO B 319 77.47 39.51 7.97
C PRO B 319 78.25 38.90 9.15
N ALA B 320 79.54 39.22 9.28
CA ALA B 320 80.51 38.46 10.10
C ALA B 320 80.10 38.41 11.59
N ALA B 321 79.33 39.38 12.09
CA ALA B 321 78.90 39.42 13.51
C ALA B 321 78.20 38.10 13.88
N VAL B 322 77.44 37.53 12.93
CA VAL B 322 76.64 36.28 13.15
C VAL B 322 77.59 35.07 13.26
N TYR B 323 78.85 35.19 12.84
CA TYR B 323 79.87 34.12 13.00
C TYR B 323 80.27 34.00 14.48
N GLN B 324 80.00 35.03 15.30
CA GLN B 324 80.37 35.06 16.74
C GLN B 324 79.24 34.49 17.60
N LYS B 325 78.03 34.40 17.06
CA LYS B 325 76.83 33.81 17.73
C LYS B 325 77.23 32.46 18.35
N SER B 326 77.62 31.50 17.51
CA SER B 326 78.04 30.13 17.89
C SER B 326 79.57 30.06 17.92
N PRO B 327 80.19 29.40 18.94
CA PRO B 327 81.64 29.46 19.12
C PRO B 327 82.49 28.58 18.20
N ASP B 328 81.87 27.70 17.39
CA ASP B 328 82.57 26.74 16.50
C ASP B 328 82.41 27.17 15.03
N THR B 329 81.82 28.34 14.76
CA THR B 329 81.49 28.83 13.40
C THR B 329 82.75 29.32 12.68
N LEU B 330 83.71 29.92 13.41
CA LEU B 330 84.99 30.39 12.83
C LEU B 330 85.87 29.18 12.46
N ALA B 331 85.89 28.15 13.31
CA ALA B 331 86.58 26.86 13.05
C ALA B 331 86.01 26.23 11.79
N TYR B 332 84.69 26.29 11.61
CA TYR B 332 83.93 25.67 10.49
C TYR B 332 84.29 26.37 9.17
N LEU B 333 84.40 27.70 9.20
CA LEU B 333 84.80 28.56 8.06
C LEU B 333 86.25 28.23 7.62
N GLU B 334 87.16 28.01 8.58
CA GLU B 334 88.58 27.64 8.34
C GLU B 334 88.64 26.27 7.67
N ALA B 335 87.84 25.32 8.15
CA ALA B 335 87.81 23.91 7.68
C ALA B 335 87.26 23.84 6.25
N ASN B 336 86.37 24.76 5.88
CA ASN B 336 85.58 24.69 4.61
C ASN B 336 85.81 25.96 3.78
N TRP B 337 86.93 26.64 4.00
CA TRP B 337 87.24 27.97 3.39
C TRP B 337 87.10 27.91 1.86
N ASP B 338 87.70 26.91 1.22
CA ASP B 338 87.75 26.78 -0.26
C ASP B 338 86.32 26.66 -0.81
N GLN B 339 85.41 26.02 -0.04
CA GLN B 339 84.00 25.76 -0.44
C GLN B 339 83.12 26.97 -0.11
N LEU B 340 83.51 27.81 0.87
CA LEU B 340 82.63 28.85 1.47
C LEU B 340 83.01 30.27 1.01
N ALA B 341 84.24 30.49 0.54
CA ALA B 341 84.74 31.82 0.11
C ALA B 341 83.78 32.43 -0.93
N SER B 342 83.38 31.66 -1.94
CA SER B 342 82.48 32.12 -3.05
C SER B 342 81.06 32.41 -2.53
N ASN B 343 80.67 31.79 -1.41
CA ASN B 343 79.36 32.04 -0.74
C ASN B 343 79.41 33.39 -0.01
N ILE B 344 80.32 33.55 0.96
CA ILE B 344 80.32 34.71 1.91
C ILE B 344 80.72 36.00 1.19
N PHE B 345 81.60 35.92 0.18
CA PHE B 345 82.06 37.09 -0.61
C PHE B 345 81.13 37.32 -1.81
N GLU B 346 80.07 36.52 -1.93
CA GLU B 346 78.92 36.73 -2.84
C GLU B 346 79.41 36.87 -4.28
N TYR B 347 80.14 35.88 -4.78
CA TYR B 347 80.53 35.74 -6.21
C TYR B 347 80.14 34.35 -6.72
N ASN B 348 79.00 33.81 -6.25
CA ASN B 348 78.56 32.44 -6.57
C ASN B 348 78.31 32.31 -8.08
N ASP B 349 77.83 33.39 -8.73
CA ASP B 349 77.34 33.37 -10.13
C ASP B 349 78.35 33.99 -11.09
N THR B 350 79.29 34.80 -10.60
CA THR B 350 80.06 35.77 -11.40
C THR B 350 81.52 35.34 -11.55
N LEU B 351 81.84 34.11 -11.13
CA LEU B 351 83.17 33.46 -11.33
C LEU B 351 82.93 32.00 -11.66
N PRO B 352 83.52 31.44 -12.75
CA PRO B 352 83.44 30.01 -13.00
C PRO B 352 83.87 29.17 -11.78
N VAL B 353 83.31 27.96 -11.64
CA VAL B 353 83.59 27.03 -10.49
C VAL B 353 85.08 26.70 -10.48
N ASN B 354 85.70 26.45 -11.64
CA ASN B 354 87.16 26.20 -11.84
C ASN B 354 88.04 27.03 -10.91
N GLN B 355 87.74 28.33 -10.77
CA GLN B 355 88.68 29.38 -10.31
C GLN B 355 88.48 29.65 -8.82
N ARG B 356 87.46 29.04 -8.19
CA ARG B 356 87.06 29.27 -6.78
C ARG B 356 88.26 28.97 -5.85
N ALA B 357 88.89 27.81 -6.02
CA ALA B 357 90.08 27.36 -5.25
C ALA B 357 91.20 28.41 -5.34
N GLY B 358 91.42 28.97 -6.53
CA GLY B 358 92.45 29.99 -6.81
C GLY B 358 92.12 31.33 -6.16
N VAL B 359 90.88 31.80 -6.32
CA VAL B 359 90.43 33.13 -5.81
C VAL B 359 90.30 33.05 -4.28
N ALA B 360 89.85 31.92 -3.74
CA ALA B 360 89.76 31.67 -2.29
C ALA B 360 91.16 31.80 -1.66
N ALA B 361 92.18 31.25 -2.31
CA ALA B 361 93.60 31.32 -1.87
C ALA B 361 94.06 32.78 -1.85
N LYS B 362 93.85 33.52 -2.95
CA LYS B 362 94.25 34.94 -3.11
C LYS B 362 93.64 35.81 -2.00
N ILE B 363 92.35 35.63 -1.71
CA ILE B 363 91.60 36.43 -0.70
C ILE B 363 92.23 36.18 0.68
N LYS B 364 92.36 34.91 1.07
CA LYS B 364 92.93 34.47 2.37
C LYS B 364 94.36 35.02 2.54
N GLN B 365 95.16 34.96 1.46
CA GLN B 365 96.56 35.47 1.41
C GLN B 365 96.58 36.98 1.73
N ARG B 366 95.75 37.75 1.02
CA ARG B 366 95.79 39.24 1.02
C ARG B 366 95.44 39.80 2.40
N TYR B 367 94.37 39.29 3.03
CA TYR B 367 93.75 39.90 4.24
C TYR B 367 94.19 39.16 5.51
N LEU B 368 94.45 37.86 5.45
CA LEU B 368 94.72 37.01 6.65
C LEU B 368 96.18 36.52 6.64
N GLY B 369 96.95 36.80 5.59
CA GLY B 369 98.35 36.34 5.45
C GLY B 369 98.44 34.83 5.44
N ASN B 370 97.40 34.17 4.92
CA ASN B 370 97.24 32.70 4.89
C ASN B 370 97.41 32.09 6.29
N LYS B 371 97.05 32.84 7.35
CA LYS B 371 96.86 32.30 8.71
C LYS B 371 95.47 31.65 8.76
N PRO B 372 95.17 30.81 9.79
CA PRO B 372 93.85 30.21 9.89
C PRO B 372 92.79 31.24 10.30
N VAL B 373 91.53 31.00 9.92
CA VAL B 373 90.34 31.79 10.37
C VAL B 373 90.11 31.44 11.85
N SER B 374 90.12 32.45 12.71
CA SER B 374 90.10 32.33 14.19
C SER B 374 89.75 33.69 14.79
N GLN B 375 89.60 33.75 16.13
CA GLN B 375 89.35 35.01 16.89
C GLN B 375 90.48 35.99 16.59
N GLU B 376 91.72 35.50 16.47
CA GLU B 376 92.94 36.31 16.23
C GLU B 376 92.83 37.01 14.87
N THR B 377 92.20 36.35 13.88
CA THR B 377 92.14 36.80 12.46
C THR B 377 90.81 37.50 12.14
N TYR B 378 89.87 37.49 13.08
CA TYR B 378 88.47 37.96 12.89
C TYR B 378 88.44 39.40 12.37
N PRO B 379 89.25 40.35 12.91
CA PRO B 379 89.28 41.72 12.40
C PRO B 379 89.57 41.83 10.89
N GLN B 380 90.39 40.93 10.34
CA GLN B 380 90.82 40.95 8.91
C GLN B 380 89.72 40.32 8.03
N LEU B 381 89.07 39.26 8.50
CA LEU B 381 87.90 38.63 7.84
C LEU B 381 86.81 39.70 7.66
N VAL B 382 86.63 40.56 8.67
CA VAL B 382 85.62 41.66 8.70
C VAL B 382 85.97 42.70 7.63
N GLN B 383 87.23 43.14 7.60
CA GLN B 383 87.71 44.15 6.62
C GLN B 383 87.50 43.57 5.22
N ALA B 384 87.90 42.31 5.02
CA ALA B 384 87.75 41.57 3.75
C ALA B 384 86.29 41.63 3.29
N LEU B 385 85.36 41.12 4.10
CA LEU B 385 83.91 41.09 3.78
C LEU B 385 83.42 42.53 3.53
N GLY B 386 83.77 43.46 4.43
CA GLY B 386 83.39 44.88 4.35
C GLY B 386 83.81 45.51 3.03
N ASP B 387 85.04 45.26 2.61
CA ASP B 387 85.62 45.86 1.38
C ASP B 387 84.85 45.32 0.16
N ARG B 388 84.73 43.99 0.06
CA ARG B 388 84.09 43.27 -1.09
C ARG B 388 82.62 43.68 -1.24
N LEU B 389 81.83 43.57 -0.16
CA LEU B 389 80.35 43.67 -0.21
C LEU B 389 79.89 45.13 -0.28
N PHE B 390 80.63 46.08 0.29
CA PHE B 390 80.17 47.48 0.52
C PHE B 390 81.17 48.51 -0.02
N ALA B 391 82.41 48.52 0.50
CA ALA B 391 83.38 49.64 0.36
C ALA B 391 83.76 49.89 -1.11
N VAL B 392 84.20 48.87 -1.85
CA VAL B 392 84.68 49.02 -3.25
C VAL B 392 83.59 49.71 -4.08
N ASP B 393 82.38 49.16 -4.04
CA ASP B 393 81.27 49.49 -4.98
C ASP B 393 80.70 50.88 -4.64
N VAL B 394 80.69 51.26 -3.36
CA VAL B 394 80.34 52.64 -2.89
C VAL B 394 81.35 53.63 -3.50
N GLY B 395 82.64 53.28 -3.47
CA GLY B 395 83.70 54.05 -4.14
C GLY B 395 83.37 54.27 -5.60
N LYS B 396 83.08 53.19 -6.33
CA LYS B 396 82.77 53.21 -7.78
C LYS B 396 81.53 54.07 -8.03
N LEU B 397 80.52 53.99 -7.15
CA LEU B 397 79.29 54.82 -7.23
C LEU B 397 79.69 56.30 -7.11
N ALA B 398 80.48 56.65 -6.10
CA ALA B 398 80.96 58.02 -5.83
C ALA B 398 81.68 58.58 -7.07
N GLN B 399 82.67 57.84 -7.56
CA GLN B 399 83.56 58.24 -8.68
C GLN B 399 82.72 58.47 -9.94
N ILE B 400 81.83 57.54 -10.28
CA ILE B 400 81.14 57.54 -11.61
C ILE B 400 80.08 58.65 -11.65
N HIS B 401 79.38 58.90 -10.53
CA HIS B 401 78.36 59.98 -10.43
C HIS B 401 79.05 61.35 -10.36
N ALA B 402 80.14 61.47 -9.60
CA ALA B 402 81.03 62.66 -9.56
C ALA B 402 81.42 63.04 -11.00
N ARG B 403 81.69 62.05 -11.84
CA ARG B 403 82.19 62.21 -13.22
C ARG B 403 81.09 62.76 -14.15
N HIS B 404 79.88 62.18 -14.11
CA HIS B 404 78.86 62.31 -15.19
C HIS B 404 77.68 63.22 -14.80
N SER B 405 77.48 63.47 -13.50
CA SER B 405 76.21 64.06 -12.98
C SER B 405 76.16 65.57 -13.25
N GLY B 406 77.33 66.22 -13.27
CA GLY B 406 77.47 67.68 -13.20
C GLY B 406 76.93 68.21 -11.89
N GLN B 407 76.85 67.36 -10.85
CA GLN B 407 76.18 67.65 -9.55
C GLN B 407 77.11 67.34 -8.39
N PRO B 408 77.02 68.12 -7.28
CA PRO B 408 77.79 67.83 -6.06
C PRO B 408 77.62 66.36 -5.62
N THR B 409 78.74 65.64 -5.47
CA THR B 409 78.80 64.21 -5.10
C THR B 409 79.72 64.05 -3.89
N TYR B 410 79.19 63.65 -2.73
CA TYR B 410 79.92 63.56 -1.44
C TYR B 410 80.09 62.10 -1.03
N LEU B 411 81.11 61.83 -0.21
CA LEU B 411 81.48 60.49 0.30
C LEU B 411 81.96 60.66 1.74
N TYR B 412 81.52 59.80 2.68
CA TYR B 412 82.00 59.83 4.08
C TYR B 412 82.32 58.40 4.53
N ARG B 413 83.36 58.28 5.37
CA ARG B 413 83.69 57.04 6.10
C ARG B 413 83.38 57.30 7.58
N TYR B 414 82.49 56.50 8.16
CA TYR B 414 81.98 56.60 9.55
C TYR B 414 82.74 55.58 10.40
N SER B 415 83.54 56.05 11.35
CA SER B 415 84.44 55.23 12.21
C SER B 415 84.19 55.51 13.69
N PHE B 416 83.05 56.12 14.02
CA PHE B 416 82.63 56.43 15.41
C PHE B 416 81.91 55.20 16.00
N ARG B 417 82.41 54.71 17.14
CA ARG B 417 81.85 53.56 17.88
C ARG B 417 81.18 54.09 19.16
N GLY B 418 79.85 54.22 19.15
CA GLY B 418 79.04 54.63 20.31
C GLY B 418 78.76 53.46 21.25
N GLU B 419 77.81 53.64 22.17
CA GLU B 419 77.38 52.63 23.18
C GLU B 419 77.03 51.32 22.47
N LYS B 420 76.15 51.38 21.46
CA LYS B 420 75.49 50.20 20.84
C LYS B 420 75.95 50.02 19.39
N SER B 421 75.83 48.79 18.89
CA SER B 421 76.21 48.35 17.52
C SER B 421 75.27 47.22 17.06
N LEU B 422 75.01 47.14 15.76
CA LEU B 422 74.23 46.05 15.13
C LEU B 422 74.88 44.69 15.48
N SER B 423 76.21 44.65 15.58
CA SER B 423 76.97 43.44 15.99
C SER B 423 76.39 42.87 17.28
N ASN B 424 75.90 43.71 18.19
CA ASN B 424 75.34 43.32 19.51
C ASN B 424 74.15 42.37 19.33
N MET B 425 73.19 42.73 18.48
CA MET B 425 71.98 41.90 18.26
C MET B 425 72.34 40.73 17.31
N MET B 426 73.26 40.93 16.36
CA MET B 426 73.62 39.92 15.33
C MET B 426 74.50 38.81 15.95
N ALA B 427 75.35 39.16 16.92
CA ALA B 427 76.27 38.23 17.62
C ALA B 427 75.64 37.75 18.94
N SER B 428 74.62 38.45 19.45
CA SER B 428 73.95 38.18 20.76
C SER B 428 74.96 38.31 21.90
N ASN B 429 75.69 39.43 21.95
CA ASN B 429 76.67 39.76 23.03
C ASN B 429 76.87 41.29 23.06
N ASP B 430 77.84 41.75 23.86
CA ASP B 430 78.15 43.19 24.09
C ASP B 430 79.61 43.50 23.66
N LYS B 431 80.30 42.55 23.03
CA LYS B 431 81.73 42.70 22.62
C LYS B 431 81.84 43.79 21.55
N ASN B 432 82.95 44.55 21.56
CA ASN B 432 83.21 45.68 20.63
C ASN B 432 84.12 45.20 19.49
N TYR B 433 83.53 44.79 18.36
CA TYR B 433 84.24 44.40 17.11
C TYR B 433 84.36 45.62 16.18
N GLY B 434 83.99 46.80 16.68
CA GLY B 434 84.11 48.08 15.96
C GLY B 434 82.77 48.61 15.45
N VAL B 435 82.80 49.39 14.36
CA VAL B 435 81.64 50.15 13.83
C VAL B 435 80.97 49.34 12.72
N SER B 436 79.85 48.69 13.05
CA SER B 436 79.07 47.83 12.14
C SER B 436 78.44 48.65 11.01
N HIS B 437 78.23 47.99 9.87
CA HIS B 437 77.08 48.22 8.95
C HIS B 437 75.89 48.77 9.75
N ALA B 438 75.39 49.96 9.38
CA ALA B 438 74.10 50.55 9.83
C ALA B 438 74.23 51.27 11.18
N ASP B 439 75.40 51.27 11.83
CA ASP B 439 75.58 51.92 13.17
C ASP B 439 75.40 53.44 13.06
N ASP B 440 75.63 54.03 11.88
CA ASP B 440 75.32 55.46 11.58
C ASP B 440 73.80 55.64 11.46
N ILE B 441 73.11 54.74 10.73
CA ILE B 441 71.64 54.79 10.47
C ILE B 441 70.87 54.72 11.79
N PHE B 442 71.32 53.89 12.73
CA PHE B 442 70.63 53.64 14.02
C PHE B 442 70.79 54.84 14.96
N HIS B 443 71.56 55.86 14.56
CA HIS B 443 71.61 57.17 15.26
C HIS B 443 70.55 58.11 14.65
N ILE B 444 70.21 57.93 13.37
CA ILE B 444 69.21 58.78 12.66
C ILE B 444 67.80 58.30 13.07
N PHE B 445 67.52 57.02 12.86
CA PHE B 445 66.24 56.35 13.22
C PHE B 445 66.43 55.58 14.53
N LYS B 446 65.34 55.38 15.26
CA LYS B 446 65.27 54.45 16.41
C LYS B 446 64.84 53.07 15.89
N PHE B 447 65.77 52.11 15.89
CA PHE B 447 65.55 50.66 15.63
C PHE B 447 65.39 49.97 16.98
N PRO B 448 64.52 48.93 17.10
CA PRO B 448 64.29 48.28 18.39
C PRO B 448 65.59 47.88 19.11
N SER B 449 65.80 48.44 20.31
CA SER B 449 66.88 48.13 21.29
C SER B 449 68.28 48.50 20.77
N LEU B 450 68.36 49.38 19.76
CA LEU B 450 69.63 49.93 19.19
C LEU B 450 69.57 51.46 19.17
N SER B 451 68.82 52.07 20.08
CA SER B 451 68.85 53.53 20.37
C SER B 451 69.74 53.76 21.59
N SER B 452 70.53 54.84 21.59
CA SER B 452 71.41 55.24 22.72
C SER B 452 71.13 56.69 23.11
N THR B 453 71.22 57.00 24.40
CA THR B 453 70.95 58.33 25.00
C THR B 453 72.07 58.71 25.97
N SER B 454 73.31 58.29 25.68
CA SER B 454 74.56 58.86 26.28
C SER B 454 75.01 60.01 25.38
N SER B 455 75.52 61.08 25.98
CA SER B 455 75.64 62.43 25.36
C SER B 455 76.30 62.32 23.98
N GLU B 456 77.40 61.56 23.87
CA GLU B 456 78.21 61.43 22.63
C GLU B 456 77.34 60.88 21.49
N ASP B 457 76.56 59.83 21.76
CA ASP B 457 75.63 59.19 20.78
C ASP B 457 74.57 60.22 20.34
N VAL B 458 74.00 60.96 21.29
CA VAL B 458 72.95 61.99 21.00
C VAL B 458 73.54 63.05 20.06
N ARG B 459 74.79 63.45 20.28
CA ARG B 459 75.48 64.49 19.46
C ARG B 459 75.66 63.97 18.03
N MET B 460 75.97 62.68 17.87
CA MET B 460 76.09 62.02 16.55
C MET B 460 74.75 62.09 15.81
N THR B 461 73.64 61.78 16.51
CA THR B 461 72.26 61.88 16.00
C THR B 461 72.00 63.31 15.49
N GLU B 462 72.30 64.32 16.32
CA GLU B 462 72.14 65.74 15.94
C GLU B 462 72.96 65.99 14.66
N ALA B 463 74.21 65.52 14.63
CA ALA B 463 75.16 65.75 13.52
C ALA B 463 74.64 65.09 12.23
N LEU B 464 74.27 63.81 12.29
CA LEU B 464 73.86 63.04 11.08
C LEU B 464 72.53 63.59 10.51
N ILE B 465 71.63 64.05 11.37
CA ILE B 465 70.33 64.68 10.97
C ILE B 465 70.61 66.08 10.40
N ASP B 466 71.58 66.81 10.97
CA ASP B 466 72.05 68.13 10.46
C ASP B 466 72.61 67.96 9.05
N MET B 467 73.32 66.85 8.80
CA MET B 467 73.84 66.46 7.45
C MET B 467 72.65 66.35 6.49
N ILE B 468 71.62 65.60 6.89
CA ILE B 468 70.39 65.36 6.08
C ILE B 468 69.66 66.69 5.85
N TYR B 469 69.49 67.50 6.90
CA TYR B 469 68.77 68.80 6.83
C TYR B 469 69.54 69.78 5.91
N SER B 470 70.85 69.95 6.14
CA SER B 470 71.73 70.87 5.38
C SER B 470 71.73 70.46 3.90
N PHE B 471 71.89 69.17 3.61
CA PHE B 471 71.96 68.59 2.25
C PHE B 471 70.63 68.80 1.50
N SER B 472 69.50 68.89 2.23
CA SER B 472 68.11 68.99 1.68
C SER B 472 67.65 70.46 1.56
N THR B 473 68.42 71.43 2.10
CA THR B 473 68.05 72.87 2.14
C THR B 473 69.09 73.70 1.38
N THR B 474 70.33 73.80 1.90
CA THR B 474 71.44 74.60 1.27
C THR B 474 72.09 73.80 0.14
N GLY B 475 72.02 72.47 0.19
CA GLY B 475 72.73 71.58 -0.76
C GLY B 475 74.17 71.33 -0.34
N ASN B 476 74.69 72.12 0.61
CA ASN B 476 76.06 71.93 1.19
C ASN B 476 75.90 71.18 2.51
N PRO B 477 76.26 69.88 2.54
CA PRO B 477 76.10 69.06 3.74
C PRO B 477 77.08 69.48 4.83
N LYS B 478 76.59 69.60 6.06
CA LYS B 478 77.36 70.08 7.24
C LYS B 478 76.81 69.42 8.50
N LEU B 479 77.64 68.61 9.17
CA LEU B 479 77.29 67.83 10.39
C LEU B 479 77.38 68.74 11.63
N THR B 480 78.39 69.62 11.69
CA THR B 480 78.61 70.60 12.79
C THR B 480 79.17 71.90 12.22
N ASN B 481 79.14 72.98 13.00
CA ASN B 481 79.69 74.31 12.63
C ASN B 481 81.23 74.27 12.75
N GLU B 482 81.77 73.44 13.65
CA GLU B 482 83.21 73.39 14.02
C GLU B 482 83.99 72.57 12.98
N ALA B 483 83.33 71.62 12.31
CA ALA B 483 83.93 70.68 11.34
C ALA B 483 84.49 71.44 10.14
N PRO B 484 85.55 70.92 9.48
CA PRO B 484 86.03 71.50 8.23
C PRO B 484 84.96 71.36 7.13
N VAL B 485 85.02 72.23 6.12
CA VAL B 485 84.10 72.24 4.95
C VAL B 485 84.20 70.87 4.26
N TRP B 486 83.06 70.20 4.09
CA TRP B 486 82.95 68.89 3.39
C TRP B 486 83.08 69.13 1.88
N THR B 487 84.21 68.70 1.30
CA THR B 487 84.58 68.90 -0.13
C THR B 487 83.91 67.82 -0.98
N PRO B 488 83.23 68.18 -2.09
CA PRO B 488 82.66 67.18 -3.00
C PRO B 488 83.78 66.39 -3.68
N VAL B 489 83.44 65.22 -4.25
CA VAL B 489 84.37 64.38 -5.04
C VAL B 489 84.61 65.07 -6.39
N THR B 490 85.89 65.17 -6.81
CA THR B 490 86.35 65.87 -8.03
C THR B 490 85.96 65.07 -9.27
N PRO B 491 85.22 65.67 -10.24
CA PRO B 491 84.96 65.04 -11.52
C PRO B 491 86.22 64.50 -12.23
N GLY B 492 86.25 63.20 -12.54
CA GLY B 492 87.28 62.55 -13.37
C GLY B 492 88.56 62.25 -12.61
N SER B 493 88.60 62.51 -11.30
CA SER B 493 89.79 62.28 -10.44
C SER B 493 89.85 60.81 -10.01
N ALA B 494 91.05 60.22 -10.04
CA ALA B 494 91.34 58.85 -9.55
C ALA B 494 91.29 58.85 -8.01
N GLU B 495 91.62 60.01 -7.40
CA GLU B 495 91.53 60.24 -5.92
C GLU B 495 90.10 60.62 -5.57
N LEU B 496 89.56 60.04 -4.49
CA LEU B 496 88.20 60.32 -3.95
C LEU B 496 88.32 61.00 -2.58
N SER B 497 88.11 62.31 -2.55
CA SER B 497 87.95 63.11 -1.31
C SER B 497 86.71 62.61 -0.55
N TYR B 498 86.90 62.20 0.71
CA TYR B 498 85.82 61.73 1.63
C TYR B 498 86.02 62.35 3.01
N LEU B 499 84.94 62.55 3.75
CA LEU B 499 84.96 63.02 5.16
C LEU B 499 85.10 61.80 6.09
N GLU B 500 86.20 61.72 6.83
CA GLU B 500 86.41 60.72 7.92
C GLU B 500 85.69 61.25 9.18
N ILE B 501 84.62 60.59 9.60
CA ILE B 501 83.86 60.92 10.84
C ILE B 501 84.33 59.97 11.95
N ALA B 502 85.26 60.43 12.79
CA ALA B 502 85.83 59.68 13.93
C ALA B 502 84.89 59.81 15.14
N SER B 503 84.24 60.98 15.27
CA SER B 503 83.33 61.32 16.39
C SER B 503 82.48 62.53 16.00
N PRO B 504 81.48 62.92 16.83
CA PRO B 504 80.78 64.19 16.65
C PRO B 504 81.70 65.43 16.60
N SER B 505 82.80 65.43 17.37
CA SER B 505 83.70 66.60 17.57
C SER B 505 84.94 66.49 16.66
N ARG B 506 85.30 65.28 16.23
CA ARG B 506 86.53 65.00 15.45
C ARG B 506 86.16 64.39 14.10
N MET B 507 86.19 65.20 13.03
CA MET B 507 86.07 64.75 11.62
C MET B 507 86.95 65.65 10.73
N GLU B 508 87.54 65.08 9.68
CA GLU B 508 88.47 65.79 8.75
C GLU B 508 88.43 65.15 7.36
N MET B 509 88.74 65.95 6.32
CA MET B 509 88.76 65.51 4.90
C MET B 509 90.00 64.64 4.66
N LYS B 510 89.81 63.54 3.92
CA LYS B 510 90.88 62.57 3.53
C LYS B 510 90.71 62.22 2.05
N SER B 511 91.52 61.30 1.55
CA SER B 511 91.54 60.89 0.13
C SER B 511 92.05 59.44 0.01
N SER B 512 91.65 58.76 -1.06
CA SER B 512 92.05 57.37 -1.40
C SER B 512 92.04 57.20 -2.92
N SER B 513 93.09 56.59 -3.48
CA SER B 513 93.19 56.22 -4.91
C SER B 513 92.71 54.78 -5.09
N ASP B 514 92.50 54.06 -3.98
CA ASP B 514 92.19 52.62 -3.97
C ASP B 514 91.19 52.32 -2.85
N PHE B 515 89.98 52.90 -2.93
CA PHE B 515 88.95 52.92 -1.86
C PHE B 515 88.30 51.53 -1.71
N GLY B 516 88.38 50.97 -0.50
CA GLY B 516 87.93 49.60 -0.19
C GLY B 516 88.85 48.55 -0.79
N HIS B 517 90.09 48.94 -1.09
CA HIS B 517 91.14 48.09 -1.71
C HIS B 517 90.61 47.54 -3.04
N ARG B 518 90.07 48.44 -3.87
CA ARG B 518 89.44 48.21 -5.20
C ARG B 518 90.33 47.35 -6.10
N SER B 519 91.57 47.79 -6.32
CA SER B 519 92.52 47.21 -7.31
C SER B 519 92.72 45.71 -7.05
N PHE B 520 92.60 45.26 -5.80
CA PHE B 520 92.71 43.82 -5.44
C PHE B 520 91.47 43.06 -5.91
N TRP B 521 90.27 43.53 -5.53
CA TRP B 521 88.97 42.84 -5.81
C TRP B 521 88.67 42.87 -7.32
N ASP B 522 89.14 43.89 -8.04
CA ASP B 522 89.03 44.01 -9.52
C ASP B 522 89.96 42.98 -10.22
N SER B 523 91.00 42.51 -9.54
CA SER B 523 92.07 41.67 -10.15
C SER B 523 91.68 40.19 -10.11
N LEU B 524 90.68 39.81 -9.32
CA LEU B 524 90.34 38.40 -9.05
C LEU B 524 89.60 37.79 -10.26
N GLY B 525 89.09 38.65 -11.15
CA GLY B 525 88.49 38.25 -12.44
C GLY B 525 87.03 37.86 -12.30
N PHE B 526 86.28 38.54 -11.42
CA PHE B 526 84.80 38.42 -11.35
C PHE B 526 84.23 39.03 -12.63
N VAL B 527 83.18 38.43 -13.19
CA VAL B 527 82.45 38.92 -14.40
C VAL B 527 81.41 39.94 -13.91
N GLU B 528 81.88 41.09 -13.42
CA GLU B 528 81.06 42.17 -12.79
C GLU B 528 81.64 43.53 -13.20
N ASN B 529 80.77 44.51 -13.46
CA ASN B 529 81.13 45.95 -13.62
C ASN B 529 82.10 46.10 -14.79
N GLU B 530 83.40 46.33 -14.54
CA GLU B 530 84.43 46.54 -15.59
C GLU B 530 84.50 45.30 -16.49
N ASN B 531 84.37 44.09 -15.92
CA ASN B 531 84.58 42.79 -16.60
C ASN B 531 83.24 42.13 -16.96
N TYR B 532 82.14 42.88 -17.03
CA TYR B 532 80.78 42.33 -17.31
C TYR B 532 80.70 41.91 -18.78
N ARG B 533 80.08 40.76 -19.03
CA ARG B 533 79.91 40.15 -20.37
C ARG B 533 78.58 39.37 -20.34
N HIS B 534 77.53 39.85 -21.04
CA HIS B 534 76.12 39.42 -20.87
C HIS B 534 75.95 37.94 -21.26
N SER C 1 38.21 -8.29 -2.93
CA SER C 1 38.38 -6.84 -2.73
C SER C 1 39.31 -6.25 -3.81
N LYS C 2 38.73 -5.69 -4.86
CA LYS C 2 39.43 -5.30 -6.12
C LYS C 2 40.34 -4.10 -5.88
N PRO C 3 41.47 -4.02 -6.61
CA PRO C 3 42.49 -2.98 -6.38
C PRO C 3 42.04 -1.60 -6.89
N VAL C 4 42.44 -0.54 -6.20
CA VAL C 4 41.95 0.84 -6.45
C VAL C 4 43.14 1.80 -6.55
N VAL C 5 43.11 2.65 -7.58
CA VAL C 5 44.15 3.69 -7.84
C VAL C 5 43.44 4.98 -8.20
N ARG C 6 43.97 6.11 -7.74
CA ARG C 6 43.59 7.44 -8.28
C ARG C 6 44.67 7.83 -9.31
N VAL C 7 44.22 8.30 -10.46
CA VAL C 7 45.07 8.98 -11.47
C VAL C 7 44.57 10.43 -11.59
N THR C 8 45.21 11.24 -12.43
CA THR C 8 44.89 12.68 -12.62
C THR C 8 43.38 12.85 -12.86
N GLN C 9 42.77 11.96 -13.65
CA GLN C 9 41.38 12.08 -14.16
C GLN C 9 40.37 11.35 -13.26
N GLY C 10 40.84 10.63 -12.23
CA GLY C 10 39.96 10.13 -11.15
C GLY C 10 40.33 8.73 -10.70
N VAL C 11 39.34 8.03 -10.14
CA VAL C 11 39.51 6.72 -9.43
C VAL C 11 39.27 5.57 -10.42
N LEU C 12 40.24 4.67 -10.53
CA LEU C 12 40.12 3.38 -11.26
C LEU C 12 39.90 2.25 -10.27
N GLN C 13 39.07 1.28 -10.67
CA GLN C 13 38.97 -0.05 -10.00
C GLN C 13 39.43 -1.13 -10.98
N GLY C 14 40.49 -1.85 -10.64
CA GLY C 14 41.10 -2.86 -11.51
C GLY C 14 40.66 -4.25 -11.14
N SER C 15 41.46 -5.25 -11.50
CA SER C 15 41.30 -6.67 -11.10
C SER C 15 42.66 -7.20 -10.62
N TRP C 16 42.63 -8.09 -9.63
CA TRP C 16 43.77 -8.95 -9.25
C TRP C 16 43.88 -10.08 -10.28
N LYS C 17 45.09 -10.28 -10.80
CA LYS C 17 45.43 -11.33 -11.78
C LYS C 17 46.66 -12.07 -11.28
N VAL C 18 47.09 -13.09 -12.02
CA VAL C 18 48.17 -14.04 -11.65
C VAL C 18 49.20 -14.08 -12.78
N SER C 19 50.48 -13.96 -12.44
CA SER C 19 51.64 -14.13 -13.36
C SER C 19 51.76 -15.61 -13.72
N THR C 20 52.59 -15.93 -14.72
CA THR C 20 52.83 -17.31 -15.20
C THR C 20 53.28 -18.22 -14.03
N HIS C 21 54.20 -17.74 -13.18
CA HIS C 21 54.75 -18.50 -12.01
C HIS C 21 53.98 -18.17 -10.69
N GLY C 22 52.75 -17.63 -10.79
CA GLY C 22 51.75 -17.65 -9.70
C GLY C 22 51.74 -16.41 -8.81
N ARG C 23 52.35 -15.29 -9.24
CA ARG C 23 52.43 -14.03 -8.47
C ARG C 23 51.20 -13.15 -8.74
N THR C 24 50.55 -12.66 -7.67
CA THR C 24 49.47 -11.64 -7.76
C THR C 24 50.05 -10.33 -8.32
N TYR C 25 49.36 -9.75 -9.31
CA TYR C 25 49.60 -8.37 -9.79
C TYR C 25 48.26 -7.64 -9.98
N ALA C 26 48.28 -6.31 -9.87
CA ALA C 26 47.11 -5.44 -10.12
C ALA C 26 47.08 -5.07 -11.61
N SER C 27 45.91 -5.18 -12.22
CA SER C 27 45.67 -4.93 -13.67
C SER C 27 44.59 -3.86 -13.82
N PHE C 28 44.95 -2.75 -14.48
CA PHE C 28 44.04 -1.61 -14.82
C PHE C 28 43.97 -1.53 -16.34
N GLU C 29 42.89 -2.06 -16.90
CA GLU C 29 42.64 -2.16 -18.36
C GLU C 29 41.56 -1.16 -18.75
N GLY C 30 41.59 -0.67 -19.99
CA GLY C 30 40.61 0.30 -20.53
C GLY C 30 40.63 1.63 -19.80
N VAL C 31 41.81 2.09 -19.37
CA VAL C 31 42.03 3.43 -18.74
C VAL C 31 42.09 4.47 -19.86
N PRO C 32 41.20 5.48 -19.87
CA PRO C 32 41.25 6.51 -20.90
C PRO C 32 42.34 7.54 -20.59
N TYR C 33 43.19 7.86 -21.56
CA TYR C 33 44.39 8.71 -21.40
C TYR C 33 44.23 10.03 -22.18
N ALA C 34 43.14 10.15 -22.93
CA ALA C 34 42.80 11.33 -23.74
C ALA C 34 41.30 11.35 -24.00
N ARG C 35 40.78 12.52 -24.37
CA ARG C 35 39.40 12.72 -24.88
C ARG C 35 39.15 11.80 -26.07
N PRO C 36 37.96 11.18 -26.20
CA PRO C 36 37.61 10.41 -27.39
C PRO C 36 37.77 11.24 -28.66
N PRO C 37 38.65 10.84 -29.61
CA PRO C 37 38.86 11.61 -30.83
C PRO C 37 37.68 11.42 -31.80
N VAL C 38 36.57 12.14 -31.56
CA VAL C 38 35.24 11.92 -32.19
C VAL C 38 34.66 13.25 -32.66
N GLY C 39 33.84 13.25 -33.72
CA GLY C 39 33.25 14.46 -34.31
C GLY C 39 34.31 15.40 -34.85
N LYS C 40 34.39 16.62 -34.30
CA LYS C 40 35.32 17.68 -34.76
C LYS C 40 36.77 17.34 -34.37
N TYR C 41 36.98 16.46 -33.39
CA TYR C 41 38.31 16.03 -32.88
C TYR C 41 38.79 14.78 -33.62
N ARG C 42 38.06 14.30 -34.64
CA ARG C 42 38.59 13.33 -35.61
C ARG C 42 39.73 14.01 -36.39
N PHE C 43 40.82 13.27 -36.61
CA PHE C 43 42.02 13.70 -37.39
C PHE C 43 42.87 14.69 -36.58
N ARG C 44 42.33 15.29 -35.53
CA ARG C 44 43.04 16.35 -34.77
C ARG C 44 43.88 15.73 -33.66
N GLU C 45 44.90 16.46 -33.21
CA GLU C 45 45.81 16.02 -32.11
C GLU C 45 44.93 15.60 -30.94
N PRO C 46 45.41 14.69 -30.05
CA PRO C 46 44.61 14.27 -28.89
C PRO C 46 44.35 15.44 -27.93
N GLN C 47 43.19 15.46 -27.30
CA GLN C 47 42.76 16.52 -26.34
C GLN C 47 42.86 15.98 -24.90
N HIS C 48 43.20 16.86 -23.96
CA HIS C 48 43.22 16.55 -22.50
C HIS C 48 41.89 15.91 -22.13
N LEU C 49 41.93 14.85 -21.31
CA LEU C 49 40.73 14.11 -20.84
C LEU C 49 40.12 14.85 -19.65
N LYS C 50 38.82 15.12 -19.73
CA LYS C 50 38.04 15.73 -18.63
C LYS C 50 37.89 14.69 -17.50
N PRO C 51 38.15 15.07 -16.22
CA PRO C 51 37.96 14.15 -15.10
C PRO C 51 36.57 13.50 -15.11
N TRP C 52 36.51 12.20 -14.83
CA TRP C 52 35.25 11.42 -14.80
C TRP C 52 34.69 11.39 -13.38
N ALA C 53 33.37 11.23 -13.26
CA ALA C 53 32.64 11.10 -11.98
C ALA C 53 32.74 9.65 -11.48
N GLY C 54 32.76 9.46 -10.16
CA GLY C 54 32.73 8.14 -9.50
C GLY C 54 33.93 7.31 -9.88
N VAL C 55 33.77 5.98 -9.84
CA VAL C 55 34.85 4.97 -10.00
C VAL C 55 34.76 4.37 -11.40
N TRP C 56 35.82 4.55 -12.22
CA TRP C 56 35.90 4.00 -13.59
C TRP C 56 36.31 2.53 -13.50
N ASP C 57 35.48 1.63 -14.04
CA ASP C 57 35.74 0.16 -14.13
C ASP C 57 36.92 -0.12 -15.06
N ALA C 58 38.04 -0.61 -14.52
CA ALA C 58 39.26 -0.96 -15.28
C ALA C 58 39.58 -2.45 -15.13
N SER C 59 38.56 -3.31 -15.04
CA SER C 59 38.70 -4.79 -14.84
C SER C 59 38.79 -5.53 -16.19
N LYS C 60 38.47 -4.85 -17.30
CA LYS C 60 38.44 -5.42 -18.69
C LYS C 60 39.17 -4.47 -19.65
N THR C 61 39.61 -5.00 -20.79
CA THR C 61 40.13 -4.20 -21.93
C THR C 61 38.94 -3.65 -22.70
N LEU C 62 39.03 -2.41 -23.19
CA LEU C 62 37.94 -1.73 -23.92
C LEU C 62 38.28 -1.73 -25.41
N PRO C 63 37.39 -1.23 -26.30
CA PRO C 63 37.60 -1.36 -27.74
C PRO C 63 38.94 -0.85 -28.29
N GLN C 64 39.48 -1.60 -29.24
CA GLN C 64 40.60 -1.24 -30.14
C GLN C 64 40.18 -0.06 -31.02
N CYS C 65 41.16 0.66 -31.56
CA CYS C 65 40.95 1.80 -32.49
C CYS C 65 40.36 1.29 -33.80
N LEU C 66 39.38 2.03 -34.36
CA LEU C 66 38.68 1.65 -35.61
C LEU C 66 39.72 1.47 -36.71
N GLN C 67 39.73 0.28 -37.31
CA GLN C 67 40.83 -0.23 -38.14
C GLN C 67 40.30 -1.16 -39.21
N TRP C 68 40.98 -1.21 -40.35
CA TRP C 68 40.88 -2.34 -41.32
C TRP C 68 41.70 -3.51 -40.76
N ASP C 69 41.02 -4.58 -40.34
CA ASP C 69 41.70 -5.83 -39.91
C ASP C 69 41.81 -6.74 -41.13
N PRO C 70 43.00 -6.82 -41.78
CA PRO C 70 43.13 -7.56 -43.03
C PRO C 70 42.94 -9.08 -42.85
N PHE C 71 43.15 -9.58 -41.63
CA PHE C 71 43.04 -11.02 -41.26
C PHE C 71 41.58 -11.42 -41.13
N GLN C 72 40.74 -10.56 -40.56
CA GLN C 72 39.28 -10.81 -40.39
C GLN C 72 38.49 -10.24 -41.57
N GLN C 73 39.13 -9.42 -42.40
CA GLN C 73 38.53 -8.79 -43.61
C GLN C 73 37.28 -7.98 -43.22
N GLU C 74 37.45 -7.04 -42.30
CA GLU C 74 36.33 -6.22 -41.76
C GLU C 74 36.88 -4.98 -41.06
N VAL C 75 36.08 -3.94 -40.95
CA VAL C 75 36.32 -2.80 -40.00
C VAL C 75 35.88 -3.27 -38.62
N SER C 76 36.71 -3.02 -37.61
CA SER C 76 36.42 -3.37 -36.20
C SER C 76 37.02 -2.31 -35.28
N GLY C 77 36.56 -2.26 -34.03
CA GLY C 77 36.98 -1.27 -33.03
C GLY C 77 36.04 -0.08 -32.99
N SER C 78 36.51 1.02 -32.41
CA SER C 78 35.71 2.26 -32.17
C SER C 78 36.62 3.47 -32.33
N GLU C 79 36.06 4.61 -32.73
CA GLU C 79 36.74 5.92 -32.64
C GLU C 79 37.18 6.15 -31.19
N ASN C 80 36.31 5.80 -30.23
CA ASN C 80 36.57 5.93 -28.77
C ASN C 80 37.43 4.72 -28.37
N CYS C 81 38.76 4.90 -28.36
CA CYS C 81 39.74 3.79 -28.27
C CYS C 81 41.04 4.19 -27.58
N LEU C 82 41.21 5.44 -27.16
CA LEU C 82 42.51 5.89 -26.57
C LEU C 82 42.57 5.41 -25.11
N TYR C 83 42.90 4.13 -24.96
CA TYR C 83 42.88 3.38 -23.69
C TYR C 83 44.29 2.87 -23.40
N ILE C 84 44.66 2.88 -22.12
CA ILE C 84 46.00 2.47 -21.62
C ILE C 84 45.77 1.35 -20.59
N ASN C 85 46.57 0.30 -20.65
CA ASN C 85 46.51 -0.85 -19.71
C ASN C 85 47.78 -0.80 -18.87
N VAL C 86 47.63 -0.65 -17.56
CA VAL C 86 48.76 -0.57 -16.59
C VAL C 86 48.70 -1.82 -15.69
N HIS C 87 49.81 -2.54 -15.59
CA HIS C 87 49.94 -3.80 -14.82
C HIS C 87 51.13 -3.67 -13.85
N THR C 88 50.93 -3.93 -12.56
CA THR C 88 51.98 -3.76 -11.51
C THR C 88 51.90 -4.88 -10.49
N PRO C 89 53.05 -5.47 -10.09
CA PRO C 89 53.12 -6.41 -8.97
C PRO C 89 53.36 -5.73 -7.60
N LYS C 90 53.52 -4.41 -7.59
CA LYS C 90 53.68 -3.60 -6.35
C LYS C 90 52.81 -2.35 -6.50
N LEU C 91 51.54 -2.48 -6.16
CA LEU C 91 50.57 -1.35 -6.13
C LEU C 91 50.89 -0.48 -4.92
N SER C 92 51.94 0.34 -5.03
CA SER C 92 52.54 1.14 -3.93
C SER C 92 53.35 2.29 -4.53
N ALA C 93 53.02 3.54 -4.17
CA ALA C 93 53.62 4.78 -4.72
C ALA C 93 55.14 4.76 -4.57
N GLY C 94 55.66 4.11 -3.52
CA GLY C 94 57.09 4.08 -3.19
C GLY C 94 57.86 2.93 -3.85
N ALA C 95 57.22 2.01 -4.57
CA ALA C 95 57.89 0.83 -5.16
C ALA C 95 59.03 1.27 -6.08
N SER C 96 58.78 2.22 -7.00
CA SER C 96 59.77 2.86 -7.90
C SER C 96 60.39 1.81 -8.85
N LEU C 97 59.56 1.08 -9.57
CA LEU C 97 59.98 -0.02 -10.48
C LEU C 97 60.25 0.55 -11.86
N PRO C 98 61.15 -0.07 -12.65
CA PRO C 98 61.26 0.24 -14.07
C PRO C 98 59.89 0.02 -14.74
N VAL C 99 59.55 0.88 -15.69
CA VAL C 99 58.27 0.81 -16.45
C VAL C 99 58.60 0.33 -17.87
N VAL C 100 58.06 -0.82 -18.29
CA VAL C 100 58.16 -1.32 -19.68
C VAL C 100 56.90 -0.89 -20.45
N VAL C 101 57.04 0.08 -21.35
CA VAL C 101 55.94 0.54 -22.24
C VAL C 101 56.09 -0.23 -23.55
N PHE C 102 55.00 -0.80 -24.07
CA PHE C 102 54.98 -1.52 -25.36
C PHE C 102 54.03 -0.83 -26.34
N ILE C 103 54.54 -0.53 -27.54
CA ILE C 103 53.76 0.01 -28.67
C ILE C 103 53.53 -1.14 -29.64
N HIS C 104 52.27 -1.50 -29.91
CA HIS C 104 51.93 -2.66 -30.76
C HIS C 104 52.26 -2.33 -32.23
N GLY C 105 52.48 -3.37 -33.04
CA GLY C 105 52.55 -3.25 -34.50
C GLY C 105 51.22 -3.55 -35.17
N GLY C 106 51.24 -3.63 -36.50
CA GLY C 106 50.05 -3.68 -37.37
C GLY C 106 50.15 -2.67 -38.48
N ALA C 107 51.37 -2.25 -38.83
CA ALA C 107 51.72 -1.45 -40.03
C ALA C 107 51.11 -0.05 -39.93
N PHE C 108 50.78 0.40 -38.73
CA PHE C 108 50.01 1.64 -38.46
C PHE C 108 48.56 1.51 -38.98
N MET C 109 48.12 0.30 -39.37
CA MET C 109 46.78 0.09 -39.97
C MET C 109 45.84 -0.60 -38.96
N TYR C 110 46.36 -1.57 -38.20
CA TYR C 110 45.54 -2.46 -37.32
C TYR C 110 46.31 -2.76 -36.02
N GLY C 111 45.69 -3.56 -35.15
CA GLY C 111 46.27 -4.00 -33.86
C GLY C 111 45.71 -3.25 -32.68
N ALA C 112 46.24 -3.52 -31.49
CA ALA C 112 45.74 -3.02 -30.20
C ALA C 112 46.72 -3.43 -29.09
N GLY C 113 46.91 -2.57 -28.08
CA GLY C 113 47.74 -2.87 -26.89
C GLY C 113 47.16 -4.03 -26.10
N SER C 114 45.83 -4.14 -26.10
CA SER C 114 45.02 -5.10 -25.32
C SER C 114 45.24 -6.54 -25.78
N LEU C 115 45.92 -6.76 -26.92
CA LEU C 115 46.22 -8.11 -27.48
C LEU C 115 47.48 -8.70 -26.85
N TYR C 116 48.27 -7.91 -26.12
CA TYR C 116 49.56 -8.34 -25.54
C TYR C 116 49.40 -8.49 -24.03
N ASP C 117 49.18 -9.74 -23.62
CA ASP C 117 49.05 -10.19 -22.21
C ASP C 117 50.43 -10.17 -21.55
N VAL C 118 50.55 -9.49 -20.41
CA VAL C 118 51.83 -9.21 -19.69
C VAL C 118 52.13 -10.29 -18.65
N SER C 119 51.46 -11.46 -18.69
CA SER C 119 51.51 -12.52 -17.66
C SER C 119 52.97 -12.90 -17.34
N HIS C 120 53.83 -13.02 -18.37
CA HIS C 120 55.26 -13.41 -18.21
C HIS C 120 56.01 -12.27 -17.51
N LEU C 121 55.77 -11.02 -17.94
CA LEU C 121 56.51 -9.82 -17.45
C LEU C 121 56.29 -9.63 -15.96
N MET C 122 55.12 -10.04 -15.46
CA MET C 122 54.69 -9.73 -14.08
C MET C 122 55.46 -10.61 -13.08
N ASP C 123 56.29 -11.53 -13.57
CA ASP C 123 57.25 -12.32 -12.75
C ASP C 123 58.55 -11.53 -12.54
N ARG C 124 58.64 -10.30 -13.06
CA ARG C 124 59.78 -9.38 -12.79
C ARG C 124 59.24 -8.14 -12.10
N ASP C 125 60.10 -7.44 -11.36
CA ASP C 125 59.71 -6.22 -10.62
C ASP C 125 59.73 -5.05 -11.60
N VAL C 126 58.70 -4.97 -12.44
CA VAL C 126 58.48 -3.87 -13.43
C VAL C 126 56.99 -3.54 -13.47
N VAL C 127 56.66 -2.34 -13.92
CA VAL C 127 55.29 -1.96 -14.35
C VAL C 127 55.23 -2.19 -15.86
N ALA C 128 54.18 -2.83 -16.36
CA ALA C 128 54.00 -3.07 -17.80
C ALA C 128 52.86 -2.17 -18.28
N VAL C 129 53.03 -1.56 -19.45
CA VAL C 129 52.04 -0.64 -20.06
C VAL C 129 51.88 -1.00 -21.52
N THR C 130 50.67 -1.36 -21.94
CA THR C 130 50.23 -1.36 -23.37
C THR C 130 49.17 -0.27 -23.53
N PHE C 131 48.84 0.09 -24.77
CA PHE C 131 47.84 1.13 -25.08
C PHE C 131 47.54 1.16 -26.58
N ASN C 132 46.40 1.77 -26.91
CA ASN C 132 45.94 1.99 -28.30
C ASN C 132 46.32 3.42 -28.71
N TYR C 133 46.58 3.59 -30.00
CA TYR C 133 46.80 4.87 -30.70
C TYR C 133 46.06 4.77 -32.04
N ARG C 134 45.60 5.90 -32.57
CA ARG C 134 44.80 5.91 -33.82
C ARG C 134 45.62 5.36 -34.99
N LEU C 135 44.91 4.75 -35.92
CA LEU C 135 45.42 3.87 -36.99
C LEU C 135 44.90 4.39 -38.33
N GLY C 136 45.58 3.99 -39.41
CA GLY C 136 45.12 4.23 -40.78
C GLY C 136 44.78 5.69 -41.02
N PRO C 137 43.70 5.99 -41.76
CA PRO C 137 43.34 7.38 -42.03
C PRO C 137 43.06 8.18 -40.76
N LEU C 138 42.51 7.55 -39.72
CA LEU C 138 42.05 8.24 -38.49
C LEU C 138 43.28 8.73 -37.69
N GLY C 139 44.39 8.00 -37.76
CA GLY C 139 45.64 8.37 -37.07
C GLY C 139 46.61 9.18 -37.91
N PHE C 140 46.53 9.13 -39.25
CA PHE C 140 47.67 9.55 -40.13
C PHE C 140 47.28 10.33 -41.39
N LEU C 141 46.01 10.63 -41.61
CA LEU C 141 45.60 11.60 -42.66
C LEU C 141 46.48 12.85 -42.54
N SER C 142 47.05 13.30 -43.66
CA SER C 142 47.71 14.62 -43.80
C SER C 142 47.37 15.18 -45.17
N THR C 143 47.05 16.48 -45.23
CA THR C 143 46.85 17.25 -46.48
C THR C 143 48.12 18.01 -46.83
N GLY C 144 49.20 17.81 -46.05
CA GLY C 144 50.45 18.58 -46.13
C GLY C 144 50.25 20.06 -45.85
N ASP C 145 49.24 20.41 -45.04
CA ASP C 145 48.97 21.81 -44.60
C ASP C 145 48.24 21.80 -43.23
N GLU C 146 47.77 22.97 -42.79
CA GLU C 146 47.14 23.22 -41.47
C GLU C 146 45.80 22.46 -41.34
N SER C 147 45.14 22.10 -42.46
CA SER C 147 43.83 21.38 -42.47
C SER C 147 43.99 19.96 -41.92
N ALA C 148 45.19 19.39 -42.03
CA ALA C 148 45.56 18.07 -41.47
C ALA C 148 47.08 17.89 -41.57
N PRO C 149 47.86 18.32 -40.54
CA PRO C 149 49.31 18.32 -40.64
C PRO C 149 49.93 16.91 -40.57
N GLY C 150 49.26 15.98 -39.90
CA GLY C 150 49.63 14.55 -39.87
C GLY C 150 50.15 14.12 -38.50
N ASN C 151 50.37 12.82 -38.33
CA ASN C 151 50.99 12.19 -37.13
C ASN C 151 50.05 12.24 -35.91
N ALA C 152 48.74 12.31 -36.13
CA ALA C 152 47.75 12.21 -35.02
C ALA C 152 48.07 10.99 -34.16
N GLY C 153 48.38 9.84 -34.80
CA GLY C 153 48.55 8.55 -34.09
C GLY C 153 49.81 8.54 -33.24
N LEU C 154 50.86 9.23 -33.68
CA LEU C 154 52.14 9.35 -32.95
C LEU C 154 51.95 10.33 -31.79
N LYS C 155 51.16 11.38 -32.01
CA LYS C 155 50.79 12.36 -30.97
C LYS C 155 49.97 11.62 -29.89
N ASP C 156 49.14 10.65 -30.30
CA ASP C 156 48.44 9.72 -29.37
C ASP C 156 49.48 9.02 -28.50
N GLN C 157 50.50 8.42 -29.12
CA GLN C 157 51.58 7.68 -28.40
C GLN C 157 52.34 8.65 -27.48
N ALA C 158 52.68 9.84 -27.97
CA ALA C 158 53.37 10.90 -27.18
C ALA C 158 52.49 11.27 -25.96
N PHE C 159 51.18 11.37 -26.17
CA PHE C 159 50.21 11.74 -25.10
C PHE C 159 50.22 10.66 -24.01
N ALA C 160 50.23 9.39 -24.42
CA ALA C 160 50.22 8.21 -23.52
C ALA C 160 51.52 8.16 -22.72
N LEU C 161 52.65 8.49 -23.35
CA LEU C 161 53.97 8.59 -22.66
C LEU C 161 53.92 9.71 -21.62
N GLN C 162 53.32 10.84 -21.95
CA GLN C 162 53.18 12.00 -21.03
C GLN C 162 52.28 11.57 -19.85
N TRP C 163 51.17 10.90 -20.14
CA TRP C 163 50.24 10.29 -19.16
C TRP C 163 51.05 9.36 -18.23
N VAL C 164 51.89 8.49 -18.77
CA VAL C 164 52.74 7.54 -17.99
C VAL C 164 53.66 8.36 -17.07
N LYS C 165 54.22 9.48 -17.54
CA LYS C 165 55.14 10.31 -16.70
C LYS C 165 54.36 10.87 -15.50
N ASN C 166 53.15 11.37 -15.73
CA ASN C 166 52.32 12.05 -14.70
C ASN C 166 51.62 11.07 -13.75
N ASN C 167 51.46 9.80 -14.13
CA ASN C 167 50.50 8.90 -13.45
C ASN C 167 51.11 7.58 -12.98
N VAL C 168 52.14 7.05 -13.66
CA VAL C 168 52.65 5.66 -13.41
C VAL C 168 53.16 5.53 -11.96
N MET C 169 53.54 6.62 -11.30
CA MET C 169 54.09 6.56 -9.92
C MET C 169 53.07 5.90 -8.98
N MET C 170 51.77 6.16 -9.18
CA MET C 170 50.66 5.66 -8.34
C MET C 170 50.53 4.14 -8.49
N PHE C 171 51.01 3.57 -9.61
CA PHE C 171 50.99 2.11 -9.87
C PHE C 171 52.30 1.46 -9.40
N GLY C 172 53.19 2.23 -8.80
CA GLY C 172 54.50 1.74 -8.30
C GLY C 172 55.61 1.86 -9.33
N GLY C 173 55.38 2.55 -10.44
CA GLY C 173 56.40 2.81 -11.49
C GLY C 173 57.27 4.00 -11.16
N ASN C 174 58.53 3.96 -11.59
CA ASN C 174 59.46 5.12 -11.62
C ASN C 174 59.31 5.80 -12.98
N PRO C 175 58.76 7.03 -13.04
CA PRO C 175 58.57 7.74 -14.32
C PRO C 175 59.90 8.06 -15.04
N ASP C 176 61.01 8.09 -14.28
CA ASP C 176 62.37 8.42 -14.80
C ASP C 176 63.10 7.18 -15.32
N SER C 177 62.50 5.99 -15.21
CA SER C 177 63.10 4.73 -15.73
C SER C 177 62.09 3.98 -16.59
N VAL C 178 61.53 4.62 -17.63
CA VAL C 178 60.63 3.89 -18.59
C VAL C 178 61.47 3.38 -19.76
N THR C 179 61.33 2.08 -20.02
CA THR C 179 61.88 1.34 -21.18
C THR C 179 60.81 1.36 -22.28
N LEU C 180 61.00 2.21 -23.29
CA LEU C 180 60.07 2.36 -24.43
C LEU C 180 60.36 1.25 -25.46
N THR C 181 59.40 0.34 -25.67
CA THR C 181 59.53 -0.84 -26.57
C THR C 181 58.37 -0.85 -27.57
N GLY C 182 58.57 -1.52 -28.69
CA GLY C 182 57.58 -1.69 -29.77
C GLY C 182 58.07 -2.68 -30.82
N CYS C 183 57.14 -3.24 -31.61
CA CYS C 183 57.40 -4.26 -32.65
C CYS C 183 56.73 -3.86 -33.98
N SER C 184 57.40 -4.07 -35.13
CA SER C 184 56.92 -3.68 -36.49
C SER C 184 56.71 -2.16 -36.49
N ALA C 185 55.49 -1.67 -36.71
CA ALA C 185 55.14 -0.23 -36.63
C ALA C 185 55.47 0.30 -35.23
N GLY C 186 55.37 -0.57 -34.22
CA GLY C 186 55.76 -0.29 -32.82
C GLY C 186 57.23 0.09 -32.71
N GLY C 187 58.12 -0.74 -33.28
CA GLY C 187 59.57 -0.49 -33.31
C GLY C 187 59.90 0.82 -34.00
N ALA C 188 59.34 1.01 -35.20
CA ALA C 188 59.42 2.26 -35.99
C ALA C 188 58.96 3.44 -35.12
N SER C 189 57.87 3.24 -34.39
CA SER C 189 57.27 4.24 -33.47
C SER C 189 58.30 4.61 -32.40
N VAL C 190 58.92 3.63 -31.73
CA VAL C 190 60.01 3.87 -30.73
C VAL C 190 61.05 4.80 -31.36
N HIS C 191 61.47 4.50 -32.59
CA HIS C 191 62.43 5.34 -33.34
C HIS C 191 61.88 6.77 -33.43
N TYR C 192 60.61 6.90 -33.82
CA TYR C 192 59.93 8.21 -34.03
C TYR C 192 59.99 9.03 -32.73
N HIS C 193 59.88 8.35 -31.58
CA HIS C 193 59.92 9.00 -30.24
C HIS C 193 61.33 9.51 -29.96
N TYR C 194 62.38 8.87 -30.49
CA TYR C 194 63.78 9.36 -30.39
C TYR C 194 63.91 10.69 -31.14
N LEU C 195 63.09 10.89 -32.18
CA LEU C 195 63.24 12.00 -33.18
C LEU C 195 62.36 13.21 -32.84
N SER C 196 61.42 13.10 -31.89
CA SER C 196 60.36 14.12 -31.67
C SER C 196 60.63 14.95 -30.42
N PRO C 197 60.52 16.29 -30.51
CA PRO C 197 60.57 17.14 -29.32
C PRO C 197 59.49 16.76 -28.28
N LEU C 198 58.34 16.23 -28.74
CA LEU C 198 57.15 15.94 -27.90
C LEU C 198 57.45 14.83 -26.89
N SER C 199 58.40 13.95 -27.18
CA SER C 199 58.70 12.74 -26.37
C SER C 199 60.08 12.83 -25.70
N LYS C 200 60.80 13.93 -25.88
CA LYS C 200 62.12 14.15 -25.24
C LYS C 200 61.94 14.16 -23.71
N GLY C 201 62.74 13.36 -23.00
CA GLY C 201 62.78 13.27 -21.53
C GLY C 201 61.73 12.34 -20.96
N ASN C 202 60.91 11.69 -21.80
CA ASN C 202 59.75 10.85 -21.39
C ASN C 202 60.06 9.36 -21.53
N PHE C 203 61.32 9.00 -21.76
CA PHE C 203 61.82 7.61 -21.61
C PHE C 203 63.34 7.63 -21.41
N ALA C 204 63.83 6.69 -20.60
CA ALA C 204 65.26 6.55 -20.21
C ALA C 204 66.00 5.62 -21.18
N ARG C 205 65.29 4.80 -21.96
CA ARG C 205 65.89 3.83 -22.92
C ARG C 205 64.82 3.26 -23.85
N GLY C 206 65.24 2.65 -24.98
CA GLY C 206 64.33 2.15 -26.03
C GLY C 206 64.70 0.76 -26.52
N ILE C 207 63.71 -0.04 -26.91
CA ILE C 207 63.89 -1.32 -27.66
C ILE C 207 62.99 -1.29 -28.90
N ALA C 208 63.60 -1.24 -30.08
CA ALA C 208 62.91 -1.21 -31.40
C ALA C 208 63.05 -2.58 -32.04
N PHE C 209 62.09 -3.46 -31.74
CA PHE C 209 62.00 -4.84 -32.28
C PHE C 209 61.53 -4.79 -33.73
N SER C 210 62.43 -5.11 -34.69
CA SER C 210 62.09 -5.44 -36.10
C SER C 210 61.36 -4.26 -36.75
N GLY C 211 61.84 -3.04 -36.54
CA GLY C 211 61.19 -1.81 -37.04
C GLY C 211 62.05 -0.58 -36.83
N ALA C 212 62.09 0.30 -37.84
CA ALA C 212 62.83 1.58 -37.82
C ALA C 212 62.07 2.60 -38.70
N ALA C 213 62.06 3.87 -38.26
CA ALA C 213 61.43 5.03 -38.94
C ALA C 213 62.07 5.29 -40.31
N PHE C 214 63.22 4.68 -40.59
CA PHE C 214 63.93 4.82 -41.90
C PHE C 214 63.25 3.95 -42.97
N ALA C 215 62.48 2.93 -42.58
CA ALA C 215 61.80 2.01 -43.51
C ALA C 215 60.66 2.77 -44.20
N SER C 216 60.46 2.51 -45.49
CA SER C 216 59.62 3.29 -46.45
C SER C 216 58.14 3.12 -46.11
N TRP C 217 57.76 1.94 -45.60
CA TRP C 217 56.36 1.60 -45.22
C TRP C 217 55.94 2.35 -43.95
N THR C 218 56.87 2.96 -43.22
CA THR C 218 56.60 3.75 -41.98
C THR C 218 56.41 5.23 -42.31
N HIS C 219 56.53 5.64 -43.57
CA HIS C 219 56.58 7.08 -43.94
C HIS C 219 55.83 7.31 -45.26
N ALA C 220 55.01 8.36 -45.29
CA ALA C 220 54.30 8.84 -46.49
C ALA C 220 55.03 10.07 -47.03
N VAL C 221 55.44 10.03 -48.30
CA VAL C 221 56.11 11.19 -48.97
C VAL C 221 55.11 11.96 -49.81
N LYS C 222 53.94 11.39 -50.12
CA LYS C 222 52.85 12.03 -50.90
C LYS C 222 51.53 11.94 -50.16
N PRO C 223 51.44 12.48 -48.92
CA PRO C 223 50.22 12.33 -48.12
C PRO C 223 48.98 12.97 -48.76
N LEU C 224 49.13 14.11 -49.44
CA LEU C 224 47.98 14.86 -50.03
C LEU C 224 47.36 14.04 -51.17
N GLN C 225 48.19 13.35 -51.97
CA GLN C 225 47.72 12.42 -53.02
C GLN C 225 46.78 11.38 -52.39
N ASN C 226 47.15 10.86 -51.21
CA ASN C 226 46.44 9.79 -50.46
C ASN C 226 45.12 10.34 -49.87
N ALA C 227 45.18 11.52 -49.26
CA ALA C 227 44.03 12.28 -48.72
C ALA C 227 42.99 12.54 -49.83
N ARG C 228 43.44 12.96 -51.00
CA ARG C 228 42.58 13.30 -52.18
C ARG C 228 41.94 12.02 -52.73
N SER C 229 42.72 10.93 -52.80
CA SER C 229 42.27 9.61 -53.29
C SER C 229 41.16 9.07 -52.39
N LEU C 230 41.38 9.10 -51.07
CA LEU C 230 40.44 8.58 -50.03
C LEU C 230 39.11 9.34 -50.12
N ALA C 231 39.17 10.66 -50.25
CA ALA C 231 38.01 11.56 -50.34
C ALA C 231 37.20 11.22 -51.60
N ALA C 232 37.87 11.02 -52.75
CA ALA C 232 37.22 10.69 -54.04
C ALA C 232 36.44 9.37 -53.92
N ILE C 233 37.08 8.33 -53.39
CA ILE C 233 36.47 6.97 -53.19
C ILE C 233 35.16 7.14 -52.41
N VAL C 234 35.20 7.97 -51.36
CA VAL C 234 34.10 8.20 -50.40
C VAL C 234 33.14 9.28 -50.94
N GLY C 235 33.35 9.73 -52.19
CA GLY C 235 32.44 10.63 -52.92
C GLY C 235 32.51 12.08 -52.43
N CYS C 236 33.57 12.46 -51.70
CA CYS C 236 33.80 13.85 -51.22
C CYS C 236 34.28 14.71 -52.37
N PRO C 237 33.85 15.99 -52.44
CA PRO C 237 34.40 16.92 -53.41
C PRO C 237 35.79 17.34 -52.93
N THR C 238 36.80 17.12 -53.78
CA THR C 238 38.15 17.75 -53.65
C THR C 238 38.02 19.13 -54.31
N GLY C 239 38.95 20.02 -53.98
CA GLY C 239 38.83 21.47 -54.25
C GLY C 239 39.79 22.21 -53.35
N THR C 240 39.38 22.49 -52.11
CA THR C 240 40.27 23.00 -51.04
C THR C 240 40.53 21.84 -50.08
N ASN C 241 41.67 21.84 -49.40
CA ASN C 241 42.09 20.76 -48.47
C ASN C 241 41.24 20.85 -47.20
N ARG C 242 40.70 22.04 -46.91
CA ARG C 242 39.76 22.28 -45.78
C ARG C 242 38.44 21.54 -46.05
N GLU C 243 37.83 21.75 -47.21
CA GLU C 243 36.58 21.08 -47.67
C GLU C 243 36.76 19.56 -47.64
N LEU C 244 37.95 19.07 -47.99
CA LEU C 244 38.30 17.63 -48.08
C LEU C 244 38.24 17.04 -46.66
N VAL C 245 39.02 17.60 -45.74
CA VAL C 245 39.10 17.12 -44.32
C VAL C 245 37.70 17.23 -43.71
N ASP C 246 36.98 18.30 -44.03
CA ASP C 246 35.63 18.56 -43.47
C ASP C 246 34.68 17.44 -43.89
N CYS C 247 34.67 17.10 -45.17
CA CYS C 247 33.77 16.05 -45.73
C CYS C 247 34.13 14.72 -45.07
N LEU C 248 35.43 14.44 -44.89
CA LEU C 248 35.95 13.21 -44.24
C LEU C 248 35.53 13.17 -42.76
N LYS C 249 35.50 14.31 -42.07
CA LYS C 249 35.09 14.43 -40.64
C LYS C 249 33.61 14.00 -40.48
N TYR C 250 32.79 14.23 -41.50
CA TYR C 250 31.30 14.10 -41.45
C TYR C 250 30.83 12.80 -42.13
N ARG C 251 31.69 12.12 -42.88
CA ARG C 251 31.40 10.74 -43.35
C ARG C 251 31.53 9.82 -42.15
N PRO C 252 30.85 8.66 -42.13
CA PRO C 252 30.95 7.72 -41.00
C PRO C 252 32.36 7.15 -40.89
N ALA C 253 32.87 7.01 -39.66
CA ALA C 253 34.24 6.52 -39.38
C ALA C 253 34.49 5.20 -40.13
N GLU C 254 33.48 4.32 -40.20
CA GLU C 254 33.59 2.95 -40.76
C GLU C 254 33.76 3.05 -42.29
N VAL C 255 33.16 4.05 -42.93
CA VAL C 255 33.26 4.27 -44.39
C VAL C 255 34.66 4.80 -44.70
N VAL C 256 35.16 5.73 -43.88
CA VAL C 256 36.51 6.38 -44.07
C VAL C 256 37.60 5.32 -43.88
N VAL C 257 37.48 4.47 -42.85
CA VAL C 257 38.49 3.40 -42.54
C VAL C 257 38.38 2.29 -43.59
N GLY C 258 37.17 1.94 -44.05
CA GLY C 258 36.97 0.83 -44.98
C GLY C 258 37.44 1.16 -46.39
N ALA C 259 37.43 2.45 -46.74
CA ALA C 259 37.63 2.98 -48.12
C ALA C 259 39.12 2.93 -48.51
N GLN C 260 40.03 2.87 -47.55
CA GLN C 260 41.48 2.96 -47.82
C GLN C 260 41.89 1.80 -48.76
N ILE C 261 41.25 0.62 -48.64
CA ILE C 261 41.66 -0.63 -49.37
C ILE C 261 41.43 -0.47 -50.89
N GLU C 262 40.61 0.50 -51.31
CA GLU C 262 40.16 0.69 -52.71
C GLU C 262 41.07 1.67 -53.46
N MET C 263 42.06 2.23 -52.77
CA MET C 263 43.02 3.21 -53.38
C MET C 263 43.83 2.52 -54.48
N LEU C 264 44.20 3.27 -55.53
CA LEU C 264 45.00 2.73 -56.67
C LEU C 264 46.34 2.21 -56.12
N GLU C 265 46.64 0.94 -56.41
CA GLU C 265 47.88 0.22 -56.00
C GLU C 265 48.00 0.13 -54.48
N PHE C 266 46.89 -0.11 -53.77
CA PHE C 266 46.89 -0.38 -52.32
C PHE C 266 47.80 -1.59 -52.06
N PRO C 267 48.63 -1.57 -51.00
CA PRO C 267 49.49 -2.71 -50.65
C PRO C 267 48.84 -4.08 -50.89
N TYR C 268 49.52 -4.95 -51.64
CA TYR C 268 49.06 -6.31 -52.06
C TYR C 268 48.91 -7.19 -50.81
N GLN C 269 47.74 -7.81 -50.65
CA GLN C 269 47.31 -8.63 -49.48
C GLN C 269 47.12 -7.74 -48.23
N GLN C 270 47.11 -6.42 -48.39
CA GLN C 270 46.65 -5.43 -47.38
C GLN C 270 47.44 -5.63 -46.08
N MET C 271 48.77 -5.76 -46.17
CA MET C 271 49.66 -6.02 -45.00
C MET C 271 50.36 -4.71 -44.60
N PHE C 272 50.20 -3.64 -45.38
CA PHE C 272 50.68 -2.27 -45.05
C PHE C 272 49.56 -1.29 -45.37
N THR C 273 49.80 0.00 -45.14
CA THR C 273 48.85 1.10 -45.44
C THR C 273 49.63 2.34 -45.87
N PRO C 274 49.10 3.14 -46.82
CA PRO C 274 49.68 4.44 -47.15
C PRO C 274 49.40 5.51 -46.09
N PHE C 275 48.52 5.24 -45.11
CA PHE C 275 48.23 6.19 -44.01
C PHE C 275 49.22 5.91 -42.86
N THR C 276 50.36 6.58 -42.93
CA THR C 276 51.54 6.38 -42.04
C THR C 276 52.02 7.74 -41.56
N PRO C 277 52.95 7.76 -40.58
CA PRO C 277 53.67 8.99 -40.23
C PRO C 277 54.21 9.72 -41.46
N THR C 278 54.32 11.04 -41.36
CA THR C 278 54.77 11.93 -42.47
C THR C 278 55.60 13.06 -41.86
N VAL C 279 56.02 14.00 -42.70
CA VAL C 279 56.66 15.29 -42.28
C VAL C 279 55.54 16.32 -42.19
N GLU C 280 55.29 16.85 -41.00
CA GLU C 280 54.28 17.92 -40.80
C GLU C 280 54.84 19.22 -41.36
N PRO C 281 53.98 20.15 -41.83
CA PRO C 281 54.46 21.43 -42.35
C PRO C 281 55.17 22.28 -41.29
N GLN C 282 56.20 23.02 -41.73
CA GLN C 282 56.92 24.07 -40.95
C GLN C 282 55.88 25.04 -40.36
N GLY C 283 56.02 25.35 -39.06
CA GLY C 283 55.13 26.27 -38.33
C GLY C 283 53.87 25.57 -37.81
N THR C 284 53.81 24.25 -37.92
CA THR C 284 52.80 23.41 -37.21
C THR C 284 53.10 23.52 -35.71
N ARG C 285 52.11 23.90 -34.90
CA ARG C 285 52.24 24.06 -33.44
C ARG C 285 52.27 22.68 -32.77
N ASP C 286 53.17 22.49 -31.81
CA ASP C 286 53.39 21.22 -31.08
C ASP C 286 53.42 20.07 -32.09
N ALA C 287 54.22 20.20 -33.15
CA ALA C 287 54.41 19.16 -34.19
C ALA C 287 55.17 17.99 -33.58
N PHE C 288 54.88 16.77 -34.03
CA PHE C 288 55.64 15.56 -33.66
C PHE C 288 56.98 15.59 -34.40
N LEU C 289 56.92 15.85 -35.71
CA LEU C 289 58.09 15.73 -36.64
C LEU C 289 57.87 16.64 -37.85
N THR C 290 58.73 17.65 -38.01
CA THR C 290 58.67 18.69 -39.07
C THR C 290 59.76 18.44 -40.12
N GLN C 291 60.56 17.37 -39.96
CA GLN C 291 61.74 17.08 -40.81
C GLN C 291 61.90 15.57 -41.01
N TYR C 292 62.33 15.16 -42.20
CA TYR C 292 62.43 13.75 -42.66
C TYR C 292 63.33 12.97 -41.69
N PRO C 293 62.95 11.75 -41.24
CA PRO C 293 63.65 11.07 -40.14
C PRO C 293 65.17 10.95 -40.32
N PHE C 294 65.63 10.60 -41.53
CA PHE C 294 67.07 10.33 -41.78
C PHE C 294 67.88 11.61 -41.52
N LEU C 295 67.38 12.75 -42.02
CA LEU C 295 68.03 14.09 -41.88
C LEU C 295 68.22 14.39 -40.39
N VAL C 296 67.24 14.07 -39.55
CA VAL C 296 67.30 14.37 -38.08
C VAL C 296 68.35 13.44 -37.45
N ALA C 297 68.25 12.13 -37.71
CA ALA C 297 69.15 11.10 -37.15
C ALA C 297 70.60 11.34 -37.59
N GLN C 298 70.82 11.65 -38.87
CA GLN C 298 72.14 11.93 -39.48
C GLN C 298 72.82 13.11 -38.75
N ALA C 299 72.05 14.17 -38.45
CA ALA C 299 72.51 15.41 -37.77
C ALA C 299 72.61 15.19 -36.24
N GLY C 300 72.42 13.95 -35.76
CA GLY C 300 72.56 13.58 -34.34
C GLY C 300 71.39 14.04 -33.50
N GLY C 301 70.18 14.07 -34.06
CA GLY C 301 68.97 14.62 -33.42
C GLY C 301 68.35 13.66 -32.42
N MET C 302 68.55 12.35 -32.59
CA MET C 302 67.91 11.31 -31.75
C MET C 302 68.31 11.54 -30.29
N HIS C 303 67.39 11.32 -29.36
CA HIS C 303 67.58 11.57 -27.91
C HIS C 303 68.68 10.62 -27.39
N LYS C 304 69.55 11.13 -26.53
CA LYS C 304 70.81 10.45 -26.11
C LYS C 304 70.49 9.49 -24.96
N VAL C 305 69.77 8.41 -25.26
CA VAL C 305 69.45 7.32 -24.30
C VAL C 305 69.81 5.99 -24.97
N PRO C 306 70.15 4.96 -24.18
CA PRO C 306 70.48 3.64 -24.72
C PRO C 306 69.37 3.06 -25.62
N LEU C 307 69.77 2.15 -26.51
CA LEU C 307 68.89 1.49 -27.50
C LEU C 307 69.28 0.00 -27.64
N ILE C 308 68.28 -0.86 -27.69
CA ILE C 308 68.34 -2.19 -28.38
C ILE C 308 67.46 -2.08 -29.62
N THR C 309 67.94 -2.57 -30.77
CA THR C 309 67.11 -2.88 -31.97
C THR C 309 67.51 -4.26 -32.46
N SER C 310 66.68 -4.89 -33.31
CA SER C 310 66.77 -6.34 -33.61
C SER C 310 65.99 -6.70 -34.86
N VAL C 311 66.32 -7.87 -35.43
CA VAL C 311 65.55 -8.54 -36.52
C VAL C 311 65.52 -10.03 -36.23
N THR C 312 64.54 -10.75 -36.80
CA THR C 312 64.49 -12.22 -36.87
C THR C 312 65.15 -12.65 -38.19
N SER C 313 65.56 -13.92 -38.31
CA SER C 313 66.26 -14.50 -39.49
C SER C 313 65.33 -14.55 -40.72
N GLU C 314 64.01 -14.58 -40.52
CA GLU C 314 62.98 -14.68 -41.62
C GLU C 314 61.90 -13.62 -41.42
N GLU C 315 62.31 -12.36 -41.18
CA GLU C 315 61.43 -11.16 -41.12
C GLU C 315 60.39 -11.20 -42.25
N GLY C 316 60.83 -11.51 -43.47
CA GLY C 316 60.04 -11.43 -44.72
C GLY C 316 58.76 -12.24 -44.69
N LEU C 317 58.62 -13.19 -43.75
CA LEU C 317 57.37 -13.96 -43.55
C LEU C 317 56.22 -12.98 -43.25
N TYR C 318 56.55 -11.78 -42.78
CA TYR C 318 55.70 -10.57 -42.94
C TYR C 318 56.25 -9.74 -44.09
N PRO C 319 55.56 -9.63 -45.24
CA PRO C 319 54.22 -10.20 -45.46
C PRO C 319 54.11 -11.61 -46.07
N ALA C 320 55.23 -12.21 -46.46
CA ALA C 320 55.28 -13.33 -47.45
C ALA C 320 54.51 -14.57 -46.97
N ALA C 321 54.33 -14.78 -45.66
CA ALA C 321 53.63 -15.96 -45.09
C ALA C 321 52.19 -16.00 -45.59
N VAL C 322 51.60 -14.84 -45.88
CA VAL C 322 50.19 -14.72 -46.38
C VAL C 322 50.11 -15.30 -47.80
N TYR C 323 51.20 -15.24 -48.59
CA TYR C 323 51.27 -15.79 -49.98
C TYR C 323 51.04 -17.31 -50.00
N GLN C 324 51.08 -17.98 -48.84
CA GLN C 324 50.87 -19.46 -48.70
C GLN C 324 49.41 -19.76 -48.33
N LYS C 325 48.61 -18.74 -47.98
CA LYS C 325 47.19 -18.90 -47.55
C LYS C 325 46.39 -19.58 -48.67
N SER C 326 46.59 -19.13 -49.92
CA SER C 326 46.04 -19.75 -51.16
C SER C 326 47.18 -20.34 -51.98
N PRO C 327 46.99 -21.51 -52.61
CA PRO C 327 48.05 -22.14 -53.42
C PRO C 327 48.37 -21.38 -54.72
N ASP C 328 47.40 -20.61 -55.21
CA ASP C 328 47.47 -19.87 -56.50
C ASP C 328 48.37 -18.65 -56.38
N THR C 329 48.49 -18.09 -55.16
CA THR C 329 49.07 -16.73 -54.93
C THR C 329 50.49 -16.65 -55.49
N LEU C 330 51.36 -17.63 -55.20
CA LEU C 330 52.77 -17.64 -55.69
C LEU C 330 52.79 -17.59 -57.21
N ALA C 331 51.87 -18.30 -57.88
CA ALA C 331 51.74 -18.33 -59.37
C ALA C 331 51.38 -16.92 -59.89
N TYR C 332 50.44 -16.24 -59.22
CA TYR C 332 49.92 -14.89 -59.56
C TYR C 332 51.05 -13.85 -59.44
N LEU C 333 51.93 -14.04 -58.45
CA LEU C 333 53.08 -13.14 -58.16
C LEU C 333 54.11 -13.29 -59.29
N GLU C 334 54.36 -14.53 -59.72
CA GLU C 334 55.22 -14.86 -60.86
C GLU C 334 54.72 -14.12 -62.10
N ALA C 335 53.41 -14.19 -62.37
CA ALA C 335 52.76 -13.65 -63.58
C ALA C 335 52.85 -12.12 -63.63
N ASN C 336 52.79 -11.43 -62.49
CA ASN C 336 52.63 -9.96 -62.42
C ASN C 336 53.79 -9.31 -61.67
N TRP C 337 54.96 -9.96 -61.67
CA TRP C 337 56.16 -9.51 -60.91
C TRP C 337 56.49 -8.04 -61.19
N ASP C 338 56.45 -7.62 -62.46
CA ASP C 338 56.88 -6.27 -62.89
C ASP C 338 55.95 -5.22 -62.27
N GLN C 339 54.65 -5.50 -62.22
CA GLN C 339 53.61 -4.55 -61.71
C GLN C 339 53.62 -4.52 -60.17
N LEU C 340 54.07 -5.59 -59.50
CA LEU C 340 53.84 -5.79 -58.04
C LEU C 340 55.11 -5.49 -57.22
N ALA C 341 56.30 -5.67 -57.78
CA ALA C 341 57.60 -5.45 -57.09
C ALA C 341 57.54 -4.16 -56.26
N SER C 342 57.10 -3.03 -56.84
CA SER C 342 57.08 -1.70 -56.18
C SER C 342 56.03 -1.66 -55.07
N ASN C 343 55.02 -2.52 -55.15
CA ASN C 343 53.94 -2.67 -54.14
C ASN C 343 54.49 -3.44 -52.94
N ILE C 344 54.84 -4.72 -53.11
CA ILE C 344 55.26 -5.65 -52.02
C ILE C 344 56.57 -5.18 -51.37
N PHE C 345 57.50 -4.57 -52.12
CA PHE C 345 58.78 -4.06 -51.59
C PHE C 345 58.62 -2.59 -51.14
N GLU C 346 57.38 -2.06 -51.22
CA GLU C 346 56.98 -0.75 -50.65
C GLU C 346 57.93 0.35 -51.14
N TYR C 347 58.07 0.51 -52.47
CA TYR C 347 58.72 1.70 -53.09
C TYR C 347 57.74 2.32 -54.11
N ASN C 348 56.44 2.29 -53.78
CA ASN C 348 55.36 2.78 -54.67
C ASN C 348 55.54 4.29 -54.93
N ASP C 349 56.01 5.06 -53.95
CA ASP C 349 56.07 6.56 -54.02
C ASP C 349 57.51 7.09 -54.02
N THR C 350 58.52 6.24 -53.83
CA THR C 350 59.93 6.68 -53.61
C THR C 350 60.82 6.29 -54.81
N LEU C 351 60.22 5.82 -55.91
CA LEU C 351 60.87 5.58 -57.21
C LEU C 351 59.99 6.21 -58.29
N PRO C 352 60.55 6.89 -59.32
CA PRO C 352 59.75 7.29 -60.47
C PRO C 352 59.16 6.05 -61.16
N VAL C 353 57.94 6.17 -61.69
CA VAL C 353 57.22 5.07 -62.40
C VAL C 353 58.10 4.53 -63.53
N ASN C 354 58.87 5.42 -64.20
CA ASN C 354 59.88 5.12 -65.25
C ASN C 354 60.76 3.92 -64.91
N GLN C 355 61.17 3.78 -63.64
CA GLN C 355 62.35 2.99 -63.23
C GLN C 355 61.92 1.68 -62.56
N ARG C 356 60.63 1.34 -62.63
CA ARG C 356 60.05 0.15 -61.94
C ARG C 356 60.58 -1.12 -62.60
N ALA C 357 60.28 -1.32 -63.90
CA ALA C 357 60.70 -2.52 -64.66
C ALA C 357 62.17 -2.83 -64.34
N GLY C 358 63.02 -1.80 -64.31
CA GLY C 358 64.48 -1.91 -64.11
C GLY C 358 64.83 -2.37 -62.70
N VAL C 359 64.17 -1.79 -61.70
CA VAL C 359 64.40 -2.11 -60.26
C VAL C 359 63.79 -3.50 -59.96
N ALA C 360 62.63 -3.81 -60.56
CA ALA C 360 62.00 -5.15 -60.48
C ALA C 360 63.01 -6.23 -60.89
N ALA C 361 63.53 -6.14 -62.12
CA ALA C 361 64.52 -7.10 -62.67
C ALA C 361 65.69 -7.27 -61.68
N LYS C 362 66.34 -6.17 -61.28
CA LYS C 362 67.53 -6.19 -60.39
C LYS C 362 67.24 -6.99 -59.12
N ILE C 363 66.07 -6.77 -58.50
CA ILE C 363 65.65 -7.45 -57.24
C ILE C 363 65.50 -8.95 -57.53
N LYS C 364 64.73 -9.31 -58.56
CA LYS C 364 64.47 -10.73 -58.93
C LYS C 364 65.80 -11.41 -59.23
N GLN C 365 66.72 -10.71 -59.90
CA GLN C 365 68.04 -11.22 -60.33
C GLN C 365 68.91 -11.48 -59.09
N ARG C 366 68.81 -10.64 -58.08
CA ARG C 366 69.73 -10.63 -56.90
C ARG C 366 69.39 -11.80 -55.96
N TYR C 367 68.10 -12.09 -55.75
CA TYR C 367 67.63 -13.01 -54.69
C TYR C 367 67.19 -14.36 -55.29
N LEU C 368 66.60 -14.34 -56.49
CA LEU C 368 65.99 -15.54 -57.12
C LEU C 368 66.83 -16.03 -58.31
N GLY C 369 67.89 -15.31 -58.68
CA GLY C 369 68.75 -15.63 -59.84
C GLY C 369 67.93 -15.69 -61.12
N ASN C 370 66.90 -14.85 -61.22
CA ASN C 370 65.96 -14.78 -62.37
C ASN C 370 65.41 -16.19 -62.67
N LYS C 371 65.04 -16.94 -61.62
CA LYS C 371 64.15 -18.13 -61.69
C LYS C 371 62.72 -17.65 -61.44
N PRO C 372 61.68 -18.46 -61.74
CA PRO C 372 60.31 -18.08 -61.42
C PRO C 372 59.99 -18.13 -59.91
N VAL C 373 59.17 -17.19 -59.42
CA VAL C 373 58.59 -17.18 -58.05
C VAL C 373 57.71 -18.44 -57.93
N SER C 374 57.95 -19.25 -56.89
CA SER C 374 57.34 -20.60 -56.70
C SER C 374 57.76 -21.15 -55.34
N GLN C 375 57.24 -22.32 -54.97
CA GLN C 375 57.55 -23.02 -53.69
C GLN C 375 59.07 -23.17 -53.53
N GLU C 376 59.79 -23.53 -54.60
CA GLU C 376 61.27 -23.75 -54.58
C GLU C 376 61.98 -22.45 -54.17
N THR C 377 61.51 -21.31 -54.69
CA THR C 377 62.17 -19.98 -54.59
C THR C 377 61.61 -19.17 -53.40
N TYR C 378 60.69 -19.74 -52.62
CA TYR C 378 59.99 -19.05 -51.50
C TYR C 378 61.01 -18.56 -50.47
N PRO C 379 61.95 -19.40 -49.98
CA PRO C 379 62.93 -18.94 -48.99
C PRO C 379 63.76 -17.72 -49.42
N GLN C 380 64.06 -17.58 -50.71
CA GLN C 380 64.81 -16.43 -51.27
C GLN C 380 63.90 -15.19 -51.34
N LEU C 381 62.61 -15.36 -51.64
CA LEU C 381 61.58 -14.27 -51.68
C LEU C 381 61.40 -13.69 -50.27
N VAL C 382 61.33 -14.57 -49.26
CA VAL C 382 61.22 -14.20 -47.82
C VAL C 382 62.43 -13.34 -47.44
N GLN C 383 63.63 -13.72 -47.88
CA GLN C 383 64.91 -13.02 -47.55
C GLN C 383 64.91 -11.62 -48.16
N ALA C 384 64.46 -11.47 -49.41
CA ALA C 384 64.42 -10.18 -50.13
C ALA C 384 63.48 -9.20 -49.41
N LEU C 385 62.27 -9.66 -49.06
CA LEU C 385 61.24 -8.84 -48.35
C LEU C 385 61.71 -8.49 -46.93
N GLY C 386 62.26 -9.47 -46.19
CA GLY C 386 62.84 -9.25 -44.85
C GLY C 386 63.95 -8.22 -44.86
N ASP C 387 64.81 -8.25 -45.88
CA ASP C 387 66.01 -7.37 -46.03
C ASP C 387 65.53 -5.94 -46.29
N ARG C 388 64.68 -5.77 -47.29
CA ARG C 388 64.12 -4.48 -47.75
C ARG C 388 63.29 -3.84 -46.63
N LEU C 389 62.36 -4.59 -46.04
CA LEU C 389 61.31 -4.04 -45.14
C LEU C 389 61.86 -3.80 -43.72
N PHE C 390 62.73 -4.66 -43.21
CA PHE C 390 63.08 -4.68 -41.76
C PHE C 390 64.59 -4.60 -41.52
N ALA C 391 65.38 -5.53 -42.09
CA ALA C 391 66.80 -5.75 -41.71
C ALA C 391 67.64 -4.52 -42.02
N VAL C 392 67.64 -4.03 -43.26
CA VAL C 392 68.54 -2.93 -43.70
C VAL C 392 68.38 -1.75 -42.72
N ASP C 393 67.14 -1.30 -42.50
CA ASP C 393 66.83 -0.03 -41.80
C ASP C 393 67.04 -0.18 -40.29
N VAL C 394 66.89 -1.39 -39.73
CA VAL C 394 67.30 -1.70 -38.32
C VAL C 394 68.83 -1.57 -38.20
N GLY C 395 69.57 -2.06 -39.20
CA GLY C 395 71.02 -1.87 -39.28
C GLY C 395 71.41 -0.40 -39.24
N LYS C 396 70.71 0.44 -40.02
CA LYS C 396 71.02 1.89 -40.15
C LYS C 396 70.75 2.58 -38.80
N LEU C 397 69.62 2.26 -38.18
CA LEU C 397 69.23 2.72 -36.81
C LEU C 397 70.36 2.42 -35.84
N ALA C 398 70.80 1.16 -35.79
CA ALA C 398 71.83 0.66 -34.85
C ALA C 398 73.16 1.38 -35.11
N GLN C 399 73.54 1.56 -36.39
CA GLN C 399 74.82 2.22 -36.78
C GLN C 399 74.74 3.72 -36.45
N ILE C 400 73.69 4.41 -36.90
CA ILE C 400 73.59 5.89 -36.81
C ILE C 400 73.45 6.32 -35.34
N HIS C 401 72.72 5.57 -34.52
CA HIS C 401 72.52 5.89 -33.08
C HIS C 401 73.82 5.64 -32.31
N ALA C 402 74.53 4.55 -32.62
CA ALA C 402 75.86 4.21 -32.07
C ALA C 402 76.82 5.39 -32.26
N ARG C 403 76.77 6.03 -33.43
CA ARG C 403 77.72 7.11 -33.83
C ARG C 403 77.46 8.37 -32.99
N HIS C 404 76.20 8.83 -32.92
CA HIS C 404 75.83 10.22 -32.47
C HIS C 404 75.32 10.29 -31.02
N SER C 405 74.92 9.16 -30.40
CA SER C 405 74.19 9.14 -29.11
C SER C 405 75.15 9.32 -27.93
N GLY C 406 76.37 8.78 -28.02
CA GLY C 406 77.28 8.60 -26.87
C GLY C 406 76.67 7.66 -25.83
N GLN C 407 75.77 6.76 -26.24
CA GLN C 407 75.02 5.84 -25.35
C GLN C 407 75.21 4.41 -25.85
N PRO C 408 75.24 3.41 -24.93
CA PRO C 408 75.30 2.00 -25.33
C PRO C 408 74.18 1.65 -26.32
N THR C 409 74.57 1.14 -27.50
CA THR C 409 73.66 0.77 -28.61
C THR C 409 73.88 -0.71 -28.94
N TYR C 410 72.84 -1.53 -28.78
CA TYR C 410 72.90 -3.00 -28.95
C TYR C 410 72.05 -3.39 -30.17
N LEU C 411 72.44 -4.51 -30.79
CA LEU C 411 71.80 -5.10 -32.00
C LEU C 411 71.75 -6.63 -31.80
N TYR C 412 70.63 -7.27 -32.13
CA TYR C 412 70.54 -8.75 -32.05
C TYR C 412 69.81 -9.26 -33.29
N ARG C 413 70.13 -10.50 -33.67
CA ARG C 413 69.46 -11.28 -34.73
C ARG C 413 68.98 -12.58 -34.09
N TYR C 414 67.66 -12.81 -34.16
CA TYR C 414 66.94 -13.91 -33.48
C TYR C 414 66.62 -14.97 -34.53
N SER C 415 67.11 -16.20 -34.34
CA SER C 415 66.96 -17.32 -35.29
C SER C 415 66.55 -18.59 -34.53
N PHE C 416 65.86 -18.43 -33.40
CA PHE C 416 65.22 -19.56 -32.66
C PHE C 416 63.82 -19.79 -33.23
N ARG C 417 63.60 -20.99 -33.77
CA ARG C 417 62.26 -21.49 -34.20
C ARG C 417 61.70 -22.34 -33.06
N GLY C 418 60.72 -21.80 -32.34
CA GLY C 418 59.98 -22.48 -31.26
C GLY C 418 58.80 -23.27 -31.81
N GLU C 419 57.95 -23.77 -30.91
CA GLU C 419 56.74 -24.59 -31.25
C GLU C 419 55.88 -23.82 -32.25
N LYS C 420 55.74 -22.50 -32.07
CA LYS C 420 54.75 -21.64 -32.78
C LYS C 420 55.45 -20.43 -33.42
N SER C 421 54.89 -19.98 -34.55
CA SER C 421 55.33 -18.80 -35.34
C SER C 421 54.10 -18.01 -35.80
N LEU C 422 54.27 -16.71 -36.03
CA LEU C 422 53.23 -15.81 -36.63
C LEU C 422 52.77 -16.40 -37.98
N SER C 423 53.68 -17.04 -38.71
CA SER C 423 53.43 -17.64 -40.05
C SER C 423 52.33 -18.70 -39.98
N ASN C 424 52.12 -19.33 -38.81
CA ASN C 424 50.99 -20.28 -38.56
C ASN C 424 49.65 -19.58 -38.82
N MET C 425 49.47 -18.41 -38.20
CA MET C 425 48.22 -17.60 -38.31
C MET C 425 48.13 -17.02 -39.73
N MET C 426 49.19 -16.37 -40.20
CA MET C 426 49.17 -15.60 -41.47
C MET C 426 48.93 -16.54 -42.67
N ALA C 427 49.40 -17.79 -42.59
CA ALA C 427 49.32 -18.80 -43.68
C ALA C 427 48.18 -19.80 -43.46
N SER C 428 47.61 -19.87 -42.25
CA SER C 428 46.57 -20.85 -41.82
C SER C 428 47.07 -22.29 -42.05
N ASN C 429 48.32 -22.57 -41.68
CA ASN C 429 48.92 -23.94 -41.69
C ASN C 429 49.86 -24.06 -40.48
N ASP C 430 50.58 -25.19 -40.37
CA ASP C 430 51.56 -25.43 -39.27
C ASP C 430 52.95 -25.70 -39.86
N LYS C 431 53.21 -25.25 -41.10
CA LYS C 431 54.51 -25.43 -41.81
C LYS C 431 55.56 -24.53 -41.16
N ASN C 432 56.82 -24.97 -41.21
CA ASN C 432 58.00 -24.22 -40.71
C ASN C 432 58.69 -23.55 -41.89
N TYR C 433 58.45 -22.25 -42.11
CA TYR C 433 59.18 -21.42 -43.09
C TYR C 433 60.29 -20.64 -42.38
N GLY C 434 60.61 -21.02 -41.15
CA GLY C 434 61.65 -20.37 -40.31
C GLY C 434 61.05 -19.41 -39.28
N VAL C 435 61.90 -18.52 -38.76
CA VAL C 435 61.62 -17.58 -37.63
C VAL C 435 61.03 -16.27 -38.16
N SER C 436 59.71 -16.18 -38.19
CA SER C 436 58.93 -14.99 -38.66
C SER C 436 59.18 -13.77 -37.78
N HIS C 437 59.09 -12.60 -38.40
CA HIS C 437 58.72 -11.30 -37.80
C HIS C 437 57.90 -11.51 -36.51
N ALA C 438 58.39 -10.97 -35.39
CA ALA C 438 57.67 -10.86 -34.09
C ALA C 438 57.67 -12.18 -33.30
N ASP C 439 58.26 -13.25 -33.81
CA ASP C 439 58.27 -14.57 -33.15
C ASP C 439 59.02 -14.46 -31.80
N ASP C 440 59.96 -13.51 -31.70
CA ASP C 440 60.66 -13.16 -30.44
C ASP C 440 59.65 -12.49 -29.48
N ILE C 441 58.83 -11.57 -30.00
CA ILE C 441 57.85 -10.78 -29.21
C ILE C 441 56.82 -11.73 -28.58
N PHE C 442 56.44 -12.79 -29.29
CA PHE C 442 55.36 -13.71 -28.84
C PHE C 442 55.89 -14.66 -27.76
N HIS C 443 57.17 -14.54 -27.37
CA HIS C 443 57.75 -15.21 -26.17
C HIS C 443 57.73 -14.27 -24.95
N ILE C 444 57.73 -12.95 -25.18
CA ILE C 444 57.73 -11.89 -24.13
C ILE C 444 56.28 -11.67 -23.66
N PHE C 445 55.37 -11.47 -24.61
CA PHE C 445 53.90 -11.33 -24.39
C PHE C 445 53.19 -12.63 -24.79
N LYS C 446 51.97 -12.83 -24.29
CA LYS C 446 51.01 -13.84 -24.80
C LYS C 446 50.03 -13.12 -25.75
N PHE C 447 50.16 -13.43 -27.05
CA PHE C 447 49.25 -13.01 -28.15
C PHE C 447 48.31 -14.17 -28.41
N PRO C 448 47.02 -13.94 -28.76
CA PRO C 448 46.06 -15.03 -28.90
C PRO C 448 46.55 -16.19 -29.80
N SER C 449 46.62 -17.39 -29.20
CA SER C 449 46.98 -18.71 -29.82
C SER C 449 48.38 -18.71 -30.46
N LEU C 450 49.31 -17.88 -29.95
CA LEU C 450 50.74 -17.91 -30.33
C LEU C 450 51.59 -17.99 -29.05
N SER C 451 51.05 -18.65 -28.02
CA SER C 451 51.72 -18.91 -26.73
C SER C 451 52.11 -20.38 -26.63
N SER C 452 53.35 -20.66 -26.25
CA SER C 452 53.89 -22.04 -26.10
C SER C 452 54.35 -22.24 -24.66
N THR C 453 54.15 -23.46 -24.15
CA THR C 453 54.60 -23.92 -22.82
C THR C 453 55.59 -25.09 -22.99
N SER C 454 56.06 -25.38 -24.21
CA SER C 454 57.19 -26.31 -24.46
C SER C 454 58.40 -25.79 -23.67
N SER C 455 59.24 -26.69 -23.17
CA SER C 455 60.41 -26.38 -22.31
C SER C 455 61.26 -25.28 -22.95
N GLU C 456 61.62 -25.41 -24.22
CA GLU C 456 62.60 -24.53 -24.92
C GLU C 456 61.98 -23.14 -25.14
N ASP C 457 60.69 -23.07 -25.50
CA ASP C 457 59.97 -21.78 -25.65
C ASP C 457 59.94 -21.02 -24.30
N VAL C 458 59.70 -21.72 -23.19
CA VAL C 458 59.62 -21.10 -21.82
C VAL C 458 60.99 -20.56 -21.45
N ARG C 459 62.07 -21.27 -21.78
CA ARG C 459 63.46 -20.81 -21.54
C ARG C 459 63.71 -19.51 -22.31
N MET C 460 63.17 -19.38 -23.52
CA MET C 460 63.32 -18.16 -24.37
C MET C 460 62.56 -16.98 -23.74
N THR C 461 61.34 -17.24 -23.26
CA THR C 461 60.54 -16.27 -22.49
C THR C 461 61.41 -15.71 -21.35
N GLU C 462 61.99 -16.58 -20.54
CA GLU C 462 62.82 -16.17 -19.37
C GLU C 462 63.99 -15.31 -19.88
N ALA C 463 64.62 -15.69 -20.99
CA ALA C 463 65.83 -15.04 -21.52
C ALA C 463 65.52 -13.63 -22.00
N LEU C 464 64.45 -13.45 -22.78
CA LEU C 464 64.08 -12.14 -23.38
C LEU C 464 63.53 -11.21 -22.29
N ILE C 465 62.78 -11.75 -21.33
CA ILE C 465 62.35 -10.98 -20.12
C ILE C 465 63.63 -10.49 -19.41
N ASP C 466 64.60 -11.39 -19.21
CA ASP C 466 65.89 -11.08 -18.54
C ASP C 466 66.64 -10.01 -19.34
N MET C 467 66.65 -10.09 -20.67
CA MET C 467 67.20 -9.03 -21.55
C MET C 467 66.58 -7.69 -21.15
N ILE C 468 65.24 -7.62 -21.08
CA ILE C 468 64.49 -6.36 -20.81
C ILE C 468 64.80 -5.90 -19.38
N TYR C 469 64.71 -6.79 -18.40
CA TYR C 469 64.88 -6.45 -16.97
C TYR C 469 66.29 -5.91 -16.73
N SER C 470 67.32 -6.56 -17.29
CA SER C 470 68.76 -6.23 -17.09
C SER C 470 69.08 -4.90 -17.78
N PHE C 471 68.53 -4.67 -18.97
CA PHE C 471 68.65 -3.40 -19.74
C PHE C 471 68.02 -2.26 -18.95
N SER C 472 66.96 -2.54 -18.17
CA SER C 472 66.14 -1.53 -17.44
C SER C 472 66.74 -1.22 -16.06
N THR C 473 67.72 -2.01 -15.60
CA THR C 473 68.32 -1.93 -14.24
C THR C 473 69.81 -1.55 -14.34
N THR C 474 70.69 -2.53 -14.61
CA THR C 474 72.17 -2.34 -14.74
C THR C 474 72.48 -1.51 -16.00
N GLY C 475 71.72 -1.70 -17.08
CA GLY C 475 71.98 -1.10 -18.40
C GLY C 475 72.74 -2.06 -19.32
N ASN C 476 73.33 -3.12 -18.74
CA ASN C 476 74.08 -4.18 -19.48
C ASN C 476 73.15 -5.34 -19.79
N PRO C 477 72.68 -5.47 -21.05
CA PRO C 477 71.67 -6.46 -21.40
C PRO C 477 72.25 -7.89 -21.38
N LYS C 478 71.51 -8.82 -20.79
CA LYS C 478 71.98 -10.19 -20.47
C LYS C 478 70.79 -11.14 -20.49
N LEU C 479 70.80 -12.13 -21.38
CA LEU C 479 69.72 -13.12 -21.60
C LEU C 479 69.89 -14.31 -20.64
N THR C 480 71.13 -14.75 -20.42
CA THR C 480 71.51 -15.82 -19.46
C THR C 480 72.86 -15.47 -18.82
N ASN C 481 73.21 -16.17 -17.74
CA ASN C 481 74.55 -16.08 -17.12
C ASN C 481 75.58 -16.83 -17.96
N GLU C 482 75.15 -17.83 -18.74
CA GLU C 482 76.06 -18.70 -19.53
C GLU C 482 76.52 -17.97 -20.80
N ALA C 483 75.66 -17.14 -21.40
CA ALA C 483 75.91 -16.48 -22.71
C ALA C 483 77.17 -15.63 -22.64
N PRO C 484 77.92 -15.46 -23.75
CA PRO C 484 79.05 -14.54 -23.79
C PRO C 484 78.56 -13.11 -23.65
N VAL C 485 79.38 -12.23 -23.05
CA VAL C 485 79.11 -10.76 -22.90
C VAL C 485 78.52 -10.24 -24.21
N TRP C 486 77.41 -9.51 -24.14
CA TRP C 486 76.79 -8.81 -25.30
C TRP C 486 77.46 -7.44 -25.47
N THR C 487 78.33 -7.32 -26.46
CA THR C 487 79.12 -6.11 -26.83
C THR C 487 78.19 -5.09 -27.49
N PRO C 488 78.26 -3.79 -27.11
CA PRO C 488 77.57 -2.74 -27.85
C PRO C 488 78.22 -2.53 -29.23
N VAL C 489 77.44 -2.03 -30.18
CA VAL C 489 77.92 -1.62 -31.54
C VAL C 489 78.99 -0.56 -31.32
N THR C 490 80.12 -0.66 -32.03
CA THR C 490 81.26 0.29 -31.95
C THR C 490 80.87 1.59 -32.66
N PRO C 491 80.90 2.75 -31.96
CA PRO C 491 80.64 4.04 -32.61
C PRO C 491 81.58 4.29 -33.80
N GLY C 492 81.02 4.71 -34.94
CA GLY C 492 81.76 5.13 -36.15
C GLY C 492 82.21 3.97 -37.01
N SER C 493 82.00 2.72 -36.58
CA SER C 493 82.45 1.49 -37.30
C SER C 493 81.42 1.05 -38.35
N ALA C 494 81.89 0.60 -39.51
CA ALA C 494 81.09 0.01 -40.62
C ALA C 494 80.62 -1.38 -40.20
N GLU C 495 81.45 -2.11 -39.46
CA GLU C 495 81.12 -3.43 -38.86
C GLU C 495 80.16 -3.24 -37.69
N LEU C 496 78.97 -3.87 -37.77
CA LEU C 496 77.95 -3.87 -36.69
C LEU C 496 78.03 -5.19 -35.93
N SER C 497 78.62 -5.19 -34.74
CA SER C 497 78.57 -6.32 -33.77
C SER C 497 77.11 -6.55 -33.42
N TYR C 498 76.66 -7.81 -33.38
CA TYR C 498 75.27 -8.19 -33.01
C TYR C 498 75.28 -9.58 -32.34
N LEU C 499 74.47 -9.75 -31.30
CA LEU C 499 74.24 -11.08 -30.66
C LEU C 499 73.36 -11.91 -31.60
N GLU C 500 73.92 -12.94 -32.22
CA GLU C 500 73.16 -14.01 -32.91
C GLU C 500 72.52 -14.89 -31.83
N ILE C 501 71.20 -14.83 -31.67
CA ILE C 501 70.44 -15.69 -30.72
C ILE C 501 69.83 -16.84 -31.51
N ALA C 502 70.51 -18.00 -31.50
CA ALA C 502 70.09 -19.25 -32.16
C ALA C 502 69.07 -19.95 -31.27
N SER C 503 69.26 -19.88 -29.95
CA SER C 503 68.42 -20.55 -28.92
C SER C 503 68.69 -19.94 -27.55
N PRO C 504 67.92 -20.31 -26.51
CA PRO C 504 68.20 -19.85 -25.14
C PRO C 504 69.59 -20.24 -24.65
N SER C 505 70.16 -21.35 -25.13
CA SER C 505 71.45 -21.93 -24.70
C SER C 505 72.55 -21.70 -25.74
N ARG C 506 72.21 -21.15 -26.90
CA ARG C 506 73.17 -20.96 -28.02
C ARG C 506 73.05 -19.55 -28.59
N MET C 507 73.88 -18.63 -28.11
CA MET C 507 74.01 -17.25 -28.67
C MET C 507 75.49 -16.82 -28.58
N GLU C 508 75.96 -16.09 -29.58
CA GLU C 508 77.38 -15.65 -29.71
C GLU C 508 77.45 -14.32 -30.46
N MET C 509 78.47 -13.52 -30.18
CA MET C 509 78.73 -12.24 -30.89
C MET C 509 79.15 -12.57 -32.32
N LYS C 510 78.61 -11.80 -33.26
CA LYS C 510 78.94 -11.84 -34.70
C LYS C 510 78.97 -10.39 -35.19
N SER C 511 79.32 -10.18 -36.46
CA SER C 511 79.62 -8.86 -37.06
C SER C 511 79.14 -8.87 -38.51
N SER C 512 78.75 -7.72 -39.05
CA SER C 512 78.42 -7.52 -40.49
C SER C 512 78.76 -6.09 -40.92
N SER C 513 79.50 -5.97 -42.03
CA SER C 513 79.82 -4.69 -42.70
C SER C 513 78.72 -4.35 -43.73
N ASP C 514 77.75 -5.24 -43.91
CA ASP C 514 76.65 -5.09 -44.91
C ASP C 514 75.37 -5.75 -44.36
N PHE C 515 74.93 -5.35 -43.16
CA PHE C 515 73.76 -5.91 -42.43
C PHE C 515 72.47 -5.74 -43.26
N GLY C 516 71.79 -6.85 -43.57
CA GLY C 516 70.55 -6.89 -44.35
C GLY C 516 70.79 -6.69 -45.85
N HIS C 517 72.04 -6.85 -46.30
CA HIS C 517 72.47 -6.69 -47.71
C HIS C 517 72.15 -5.26 -48.16
N ARG C 518 72.54 -4.28 -47.34
CA ARG C 518 72.31 -2.81 -47.50
C ARG C 518 72.82 -2.33 -48.86
N SER C 519 74.10 -2.57 -49.17
CA SER C 519 74.80 -2.02 -50.36
C SER C 519 73.94 -2.24 -51.61
N PHE C 520 73.24 -3.37 -51.69
CA PHE C 520 72.30 -3.71 -52.80
C PHE C 520 71.14 -2.70 -52.84
N TRP C 521 70.35 -2.64 -51.77
CA TRP C 521 69.08 -1.88 -51.72
C TRP C 521 69.36 -0.37 -51.82
N ASP C 522 70.51 0.11 -51.31
CA ASP C 522 70.96 1.53 -51.42
C ASP C 522 71.29 1.90 -52.87
N SER C 523 71.52 0.93 -53.75
CA SER C 523 72.07 1.14 -55.11
C SER C 523 70.95 1.25 -56.15
N LEU C 524 69.69 1.06 -55.77
CA LEU C 524 68.55 0.93 -56.71
C LEU C 524 67.91 2.29 -57.01
N GLY C 525 68.36 3.36 -56.36
CA GLY C 525 67.89 4.75 -56.59
C GLY C 525 66.59 5.09 -55.89
N PHE C 526 66.15 4.33 -54.88
CA PHE C 526 64.99 4.75 -54.05
C PHE C 526 65.29 6.15 -53.50
N VAL C 527 64.37 7.10 -53.64
CA VAL C 527 64.51 8.48 -53.09
C VAL C 527 64.18 8.39 -51.59
N GLU C 528 65.02 7.65 -50.84
CA GLU C 528 64.86 7.35 -49.40
C GLU C 528 66.20 7.61 -48.69
N ASN C 529 66.13 8.01 -47.42
CA ASN C 529 67.26 8.10 -46.47
C ASN C 529 68.41 8.88 -47.11
N GLU C 530 69.53 8.23 -47.45
CA GLU C 530 70.74 8.89 -47.98
C GLU C 530 70.38 9.69 -49.25
N ASN C 531 69.62 9.08 -50.17
CA ASN C 531 69.27 9.66 -51.49
C ASN C 531 67.95 10.44 -51.42
N TYR C 532 67.59 10.98 -50.24
CA TYR C 532 66.32 11.74 -50.03
C TYR C 532 66.53 13.21 -50.39
N ARG C 533 65.60 13.75 -51.20
CA ARG C 533 65.39 15.20 -51.44
C ARG C 533 63.88 15.43 -51.52
N HIS C 534 63.41 16.61 -51.10
CA HIS C 534 61.99 16.88 -50.78
C HIS C 534 61.23 17.35 -52.04
N SER D 1 25.95 1.53 -64.83
CA SER D 1 25.84 2.93 -64.33
C SER D 1 24.96 2.96 -63.08
N LYS D 2 25.56 3.12 -61.89
CA LYS D 2 24.89 2.89 -60.59
C LYS D 2 23.75 3.88 -60.41
N PRO D 3 22.63 3.48 -59.75
CA PRO D 3 21.47 4.36 -59.61
C PRO D 3 21.79 5.57 -58.72
N VAL D 4 21.24 6.73 -59.07
CA VAL D 4 21.48 8.04 -58.41
C VAL D 4 20.14 8.65 -58.04
N VAL D 5 20.00 9.09 -56.78
CA VAL D 5 18.81 9.81 -56.27
C VAL D 5 19.29 11.04 -55.50
N ARG D 6 18.51 12.12 -55.56
CA ARG D 6 18.67 13.28 -54.65
C ARG D 6 17.58 13.22 -53.60
N VAL D 7 17.95 13.23 -52.33
CA VAL D 7 17.05 13.41 -51.16
C VAL D 7 17.31 14.80 -50.57
N THR D 8 16.62 15.15 -49.49
CA THR D 8 16.71 16.49 -48.86
C THR D 8 18.18 16.85 -48.57
N GLN D 9 18.95 15.88 -48.05
CA GLN D 9 20.30 16.10 -47.46
C GLN D 9 21.41 15.95 -48.52
N GLY D 10 21.05 15.65 -49.77
CA GLY D 10 21.99 15.63 -50.91
C GLY D 10 21.85 14.38 -51.74
N VAL D 11 22.92 14.02 -52.46
CA VAL D 11 22.90 12.99 -53.55
C VAL D 11 23.33 11.63 -53.00
N LEU D 12 22.56 10.59 -53.32
CA LEU D 12 22.83 9.16 -52.99
C LEU D 12 23.20 8.41 -54.27
N GLN D 13 24.16 7.49 -54.15
CA GLN D 13 24.50 6.50 -55.20
C GLN D 13 24.31 5.10 -54.60
N GLY D 14 23.27 4.40 -55.03
CA GLY D 14 22.98 3.02 -54.61
C GLY D 14 23.58 2.02 -55.58
N SER D 15 23.09 0.78 -55.52
CA SER D 15 23.46 -0.35 -56.42
C SER D 15 22.19 -0.90 -57.07
N TRP D 16 22.35 -1.49 -58.26
CA TRP D 16 21.35 -2.35 -58.93
C TRP D 16 21.42 -3.73 -58.29
N LYS D 17 20.27 -4.32 -57.99
CA LYS D 17 20.18 -5.69 -57.43
C LYS D 17 19.09 -6.42 -58.21
N VAL D 18 18.92 -7.71 -57.91
CA VAL D 18 18.00 -8.62 -58.64
C VAL D 18 17.03 -9.22 -57.63
N SER D 19 15.74 -9.21 -57.93
CA SER D 19 14.66 -9.83 -57.11
C SER D 19 14.77 -11.36 -57.19
N THR D 20 14.03 -12.07 -56.33
CA THR D 20 13.98 -13.55 -56.29
C THR D 20 13.65 -14.10 -57.69
N HIS D 21 12.71 -13.47 -58.42
CA HIS D 21 12.26 -13.90 -59.78
C HIS D 21 12.96 -13.09 -60.87
N GLY D 22 14.09 -12.44 -60.57
CA GLY D 22 15.04 -11.93 -61.59
C GLY D 22 14.69 -10.56 -62.15
N ARG D 23 13.94 -9.73 -61.41
CA ARG D 23 13.64 -8.33 -61.83
C ARG D 23 14.73 -7.42 -61.24
N THR D 24 15.19 -6.43 -62.02
CA THR D 24 16.18 -5.40 -61.59
C THR D 24 15.47 -4.39 -60.67
N TYR D 25 16.12 -3.99 -59.58
CA TYR D 25 15.62 -2.95 -58.66
C TYR D 25 16.80 -2.13 -58.10
N ALA D 26 16.53 -0.86 -57.78
CA ALA D 26 17.52 0.07 -57.18
C ALA D 26 17.48 -0.11 -55.67
N SER D 27 18.65 -0.21 -55.05
CA SER D 27 18.85 -0.43 -53.59
C SER D 27 19.76 0.67 -53.09
N PHE D 28 19.26 1.45 -52.14
CA PHE D 28 19.98 2.55 -51.45
C PHE D 28 20.05 2.18 -49.97
N GLU D 29 21.23 1.75 -49.52
CA GLU D 29 21.46 1.22 -48.16
C GLU D 29 22.41 2.17 -47.43
N GLY D 30 22.29 2.24 -46.10
CA GLY D 30 23.13 3.08 -45.26
C GLY D 30 22.83 4.55 -45.47
N VAL D 31 21.58 4.89 -45.77
CA VAL D 31 21.19 6.32 -45.96
C VAL D 31 20.97 6.93 -44.57
N PRO D 32 21.70 8.00 -44.20
CA PRO D 32 21.49 8.67 -42.90
C PRO D 32 20.19 9.50 -42.93
N TYR D 33 19.39 9.42 -41.85
CA TYR D 33 18.06 10.09 -41.76
C TYR D 33 18.03 11.07 -40.57
N ALA D 34 19.12 11.13 -39.82
CA ALA D 34 19.26 11.94 -38.60
C ALA D 34 20.76 12.13 -38.31
N ARG D 35 21.07 13.12 -37.47
CA ARG D 35 22.42 13.39 -36.96
C ARG D 35 22.88 12.20 -36.12
N PRO D 36 24.16 11.78 -36.19
CA PRO D 36 24.66 10.70 -35.34
C PRO D 36 24.43 10.98 -33.85
N PRO D 37 23.69 10.10 -33.12
CA PRO D 37 23.34 10.37 -31.73
C PRO D 37 24.53 10.12 -30.77
N VAL D 38 25.53 11.01 -30.85
CA VAL D 38 26.91 10.86 -30.29
C VAL D 38 27.21 12.02 -29.33
N GLY D 39 28.04 11.76 -28.31
CA GLY D 39 28.48 12.78 -27.33
C GLY D 39 27.30 13.35 -26.55
N LYS D 40 27.08 14.67 -26.63
CA LYS D 40 26.00 15.39 -25.91
C LYS D 40 24.62 14.94 -26.41
N TYR D 41 24.56 14.28 -27.58
CA TYR D 41 23.29 13.85 -28.24
C TYR D 41 22.99 12.38 -27.96
N ARG D 42 23.84 11.68 -27.19
CA ARG D 42 23.48 10.36 -26.61
C ARG D 42 22.32 10.57 -25.63
N PHE D 43 21.33 9.69 -25.68
CA PHE D 43 20.13 9.65 -24.80
C PHE D 43 19.12 10.73 -25.22
N ARG D 44 19.40 11.54 -26.23
CA ARG D 44 18.54 12.70 -26.56
C ARG D 44 17.72 12.42 -27.82
N GLU D 45 16.66 13.18 -28.06
CA GLU D 45 15.77 13.00 -29.24
C GLU D 45 16.65 13.10 -30.49
N PRO D 46 16.27 12.47 -31.62
CA PRO D 46 17.02 12.60 -32.87
C PRO D 46 17.06 14.06 -33.33
N GLN D 47 18.18 14.48 -33.91
CA GLN D 47 18.47 15.85 -34.38
C GLN D 47 18.50 15.87 -35.91
N HIS D 48 18.10 16.97 -36.53
CA HIS D 48 18.06 17.12 -38.01
C HIS D 48 19.47 16.92 -38.58
N LEU D 49 19.57 16.22 -39.71
CA LEU D 49 20.85 15.88 -40.38
C LEU D 49 21.27 17.06 -41.25
N LYS D 50 22.51 17.51 -41.10
CA LYS D 50 23.14 18.56 -41.95
C LYS D 50 23.38 17.96 -43.33
N PRO D 51 23.07 18.67 -44.43
CA PRO D 51 23.34 18.16 -45.77
C PRO D 51 24.83 17.82 -45.96
N TRP D 52 25.11 16.62 -46.49
CA TRP D 52 26.49 16.14 -46.77
C TRP D 52 26.99 16.74 -48.10
N ALA D 53 28.27 17.04 -48.19
CA ALA D 53 28.94 17.45 -49.46
C ALA D 53 29.08 16.22 -50.38
N GLY D 54 29.01 16.45 -51.69
CA GLY D 54 29.34 15.45 -52.73
C GLY D 54 28.34 14.31 -52.75
N VAL D 55 28.79 13.10 -53.09
CA VAL D 55 27.92 11.91 -53.35
C VAL D 55 28.11 10.89 -52.22
N TRP D 56 27.03 10.59 -51.50
CA TRP D 56 26.98 9.59 -50.41
C TRP D 56 26.84 8.19 -51.01
N ASP D 57 27.77 7.29 -50.70
CA ASP D 57 27.76 5.86 -51.10
C ASP D 57 26.63 5.13 -50.35
N ALA D 58 25.61 4.69 -51.10
CA ALA D 58 24.47 3.89 -50.59
C ALA D 58 24.46 2.48 -51.21
N SER D 59 25.63 1.92 -51.49
CA SER D 59 25.82 0.58 -52.12
C SER D 59 25.82 -0.53 -51.06
N LYS D 60 26.08 -0.20 -49.80
CA LYS D 60 26.25 -1.15 -48.67
C LYS D 60 25.36 -0.75 -47.50
N THR D 61 24.93 -1.71 -46.69
CA THR D 61 24.38 -1.44 -45.35
C THR D 61 25.53 -0.98 -44.45
N LEU D 62 25.22 -0.12 -43.49
CA LEU D 62 26.20 0.50 -42.56
C LEU D 62 25.89 0.00 -41.15
N PRO D 63 26.72 0.33 -40.14
CA PRO D 63 26.60 -0.32 -38.84
C PRO D 63 25.20 -0.31 -38.23
N GLN D 64 24.88 -1.40 -37.53
CA GLN D 64 23.68 -1.55 -36.68
C GLN D 64 23.89 -0.71 -35.40
N CYS D 65 22.82 -0.37 -34.70
CA CYS D 65 22.88 0.46 -33.46
C CYS D 65 23.59 -0.32 -32.35
N LEU D 66 24.48 0.33 -31.61
CA LEU D 66 25.28 -0.34 -30.56
C LEU D 66 24.31 -1.05 -29.63
N GLN D 67 24.53 -2.33 -29.39
CA GLN D 67 23.53 -3.25 -28.80
C GLN D 67 24.24 -4.41 -28.11
N TRP D 68 23.56 -5.03 -27.15
CA TRP D 68 23.92 -6.36 -26.60
C TRP D 68 23.23 -7.42 -27.47
N ASP D 69 24.00 -8.13 -28.29
CA ASP D 69 23.53 -9.28 -29.10
C ASP D 69 23.63 -10.53 -28.23
N PRO D 70 22.50 -11.09 -27.76
CA PRO D 70 22.53 -12.18 -26.78
C PRO D 70 22.92 -13.53 -27.42
N PHE D 71 22.75 -13.64 -28.74
CA PHE D 71 23.08 -14.85 -29.53
C PHE D 71 24.60 -14.90 -29.68
N GLN D 72 25.24 -13.77 -29.99
CA GLN D 72 26.72 -13.67 -30.18
C GLN D 72 27.41 -13.40 -28.83
N GLN D 73 26.66 -13.16 -27.76
CA GLN D 73 27.19 -12.84 -26.41
C GLN D 73 28.27 -11.75 -26.52
N GLU D 74 27.95 -10.64 -27.16
CA GLU D 74 28.88 -9.48 -27.28
C GLU D 74 28.11 -8.19 -27.50
N VAL D 75 28.77 -7.07 -27.20
CA VAL D 75 28.43 -5.70 -27.69
C VAL D 75 28.94 -5.56 -29.12
N SER D 76 28.06 -5.25 -30.07
CA SER D 76 28.38 -5.00 -31.51
C SER D 76 27.63 -3.76 -32.00
N GLY D 77 28.05 -3.21 -33.14
CA GLY D 77 27.42 -2.05 -33.80
C GLY D 77 28.19 -0.77 -33.54
N SER D 78 27.53 0.38 -33.76
CA SER D 78 28.08 1.75 -33.59
C SER D 78 27.00 2.69 -33.05
N GLU D 79 27.38 3.70 -32.26
CA GLU D 79 26.46 4.80 -31.87
C GLU D 79 25.96 5.47 -33.16
N ASN D 80 26.82 5.64 -34.15
CA ASN D 80 26.47 6.19 -35.49
C ASN D 80 25.78 5.10 -36.28
N CYS D 81 24.44 5.04 -36.23
CA CYS D 81 23.64 3.89 -36.75
C CYS D 81 22.26 4.30 -37.29
N LEU D 82 21.90 5.59 -37.30
CA LEU D 82 20.55 6.03 -37.72
C LEU D 82 20.51 6.04 -39.25
N TYR D 83 20.45 4.83 -39.82
CA TYR D 83 20.53 4.53 -41.26
C TYR D 83 19.21 3.93 -41.73
N ILE D 84 18.72 4.38 -42.89
CA ILE D 84 17.50 3.86 -43.57
C ILE D 84 17.97 3.19 -44.87
N ASN D 85 17.27 2.15 -45.29
CA ASN D 85 17.55 1.42 -46.56
C ASN D 85 16.27 1.42 -47.38
N VAL D 86 16.33 2.01 -48.58
CA VAL D 86 15.16 2.22 -49.50
C VAL D 86 15.41 1.41 -50.77
N HIS D 87 14.46 0.54 -51.14
CA HIS D 87 14.56 -0.40 -52.29
C HIS D 87 13.35 -0.17 -53.21
N THR D 88 13.57 0.03 -54.51
CA THR D 88 12.49 0.40 -55.46
C THR D 88 12.70 -0.27 -56.83
N PRO D 89 11.66 -0.91 -57.39
CA PRO D 89 11.70 -1.43 -58.75
C PRO D 89 11.30 -0.41 -59.84
N LYS D 90 10.98 0.83 -59.45
CA LYS D 90 10.65 1.96 -60.37
C LYS D 90 11.30 3.23 -59.82
N LEU D 91 12.53 3.50 -60.23
CA LEU D 91 13.28 4.71 -59.82
C LEU D 91 12.75 5.89 -60.66
N SER D 92 11.56 6.39 -60.31
CA SER D 92 10.85 7.49 -61.02
C SER D 92 9.88 8.18 -60.07
N ALA D 93 9.97 9.51 -59.92
CA ALA D 93 9.20 10.32 -58.94
C ALA D 93 7.68 10.24 -59.21
N GLY D 94 7.26 9.80 -60.39
CA GLY D 94 5.84 9.65 -60.76
C GLY D 94 5.33 8.21 -60.64
N ALA D 95 6.15 7.26 -60.15
CA ALA D 95 5.76 5.83 -60.04
C ALA D 95 4.64 5.71 -59.00
N SER D 96 4.75 6.45 -57.90
CA SER D 96 3.69 6.58 -56.85
C SER D 96 3.27 5.18 -56.35
N LEU D 97 4.24 4.37 -55.94
CA LEU D 97 4.01 2.97 -55.46
C LEU D 97 3.61 2.97 -53.99
N PRO D 98 2.87 1.94 -53.52
CA PRO D 98 2.72 1.71 -52.10
C PRO D 98 4.11 1.57 -51.45
N VAL D 99 4.26 2.03 -50.21
CA VAL D 99 5.53 1.97 -49.44
C VAL D 99 5.34 1.00 -48.27
N VAL D 100 6.03 -0.14 -48.29
CA VAL D 100 6.13 -1.08 -47.13
C VAL D 100 7.35 -0.66 -46.29
N VAL D 101 7.11 -0.15 -45.09
CA VAL D 101 8.15 0.16 -44.07
C VAL D 101 8.14 -0.97 -43.04
N PHE D 102 9.31 -1.51 -42.70
CA PHE D 102 9.45 -2.59 -41.69
C PHE D 102 10.28 -2.09 -40.50
N ILE D 103 9.73 -2.26 -39.30
CA ILE D 103 10.43 -1.99 -38.00
C ILE D 103 10.86 -3.34 -37.43
N HIS D 104 12.17 -3.61 -37.32
CA HIS D 104 12.69 -4.92 -36.86
C HIS D 104 12.34 -5.16 -35.38
N GLY D 105 12.32 -6.45 -35.01
CA GLY D 105 12.22 -6.94 -33.62
C GLY D 105 13.58 -7.11 -32.98
N GLY D 106 13.61 -7.73 -31.80
CA GLY D 106 14.80 -7.86 -30.95
C GLY D 106 14.58 -7.27 -29.57
N ALA D 107 13.32 -7.22 -29.12
CA ALA D 107 12.94 -6.90 -27.71
C ALA D 107 13.36 -5.46 -27.34
N PHE D 108 13.72 -4.62 -28.30
CA PHE D 108 14.22 -3.23 -28.09
C PHE D 108 15.67 -3.25 -27.58
N MET D 109 16.33 -4.41 -27.63
CA MET D 109 17.72 -4.60 -27.14
C MET D 109 18.68 -4.75 -28.31
N TYR D 110 18.31 -5.53 -29.33
CA TYR D 110 19.20 -5.95 -30.44
C TYR D 110 18.43 -5.93 -31.76
N GLY D 111 19.10 -6.16 -32.88
CA GLY D 111 18.49 -6.23 -34.22
C GLY D 111 18.98 -5.11 -35.13
N ALA D 112 18.56 -5.15 -36.40
CA ALA D 112 18.91 -4.13 -37.42
C ALA D 112 17.92 -4.23 -38.58
N GLY D 113 17.63 -3.10 -39.23
CA GLY D 113 16.88 -3.07 -40.50
C GLY D 113 17.59 -3.90 -41.57
N SER D 114 18.92 -3.82 -41.60
CA SER D 114 19.79 -4.39 -42.65
C SER D 114 19.83 -5.93 -42.63
N LEU D 115 19.25 -6.58 -41.61
CA LEU D 115 19.17 -8.06 -41.52
C LEU D 115 18.01 -8.59 -42.37
N TYR D 116 17.15 -7.70 -42.87
CA TYR D 116 15.87 -8.05 -43.56
C TYR D 116 16.00 -7.71 -45.04
N ASP D 117 16.28 -8.74 -45.84
CA ASP D 117 16.54 -8.66 -47.29
C ASP D 117 15.20 -8.59 -48.04
N VAL D 118 15.01 -7.59 -48.90
CA VAL D 118 13.70 -7.30 -49.54
C VAL D 118 13.59 -8.02 -50.90
N SER D 119 14.45 -9.01 -51.18
CA SER D 119 14.53 -9.72 -52.49
C SER D 119 13.15 -10.21 -52.94
N HIS D 120 12.32 -10.72 -52.03
CA HIS D 120 10.97 -11.25 -52.35
C HIS D 120 10.03 -10.08 -52.68
N LEU D 121 10.06 -9.02 -51.87
CA LEU D 121 9.12 -7.86 -51.99
C LEU D 121 9.32 -7.16 -53.34
N MET D 122 10.53 -7.16 -53.87
CA MET D 122 10.87 -6.42 -55.11
C MET D 122 10.29 -7.12 -56.35
N ASP D 123 9.57 -8.25 -56.21
CA ASP D 123 8.77 -8.87 -57.29
C ASP D 123 7.38 -8.23 -57.37
N ARG D 124 7.04 -7.37 -56.40
CA ARG D 124 5.79 -6.57 -56.39
C ARG D 124 6.12 -5.09 -56.57
N ASP D 125 5.19 -4.31 -57.13
CA ASP D 125 5.38 -2.86 -57.39
C ASP D 125 5.15 -2.10 -56.09
N VAL D 126 6.13 -2.17 -55.17
CA VAL D 126 6.16 -1.41 -53.89
C VAL D 126 7.56 -0.86 -53.67
N VAL D 127 7.69 0.18 -52.86
CA VAL D 127 8.99 0.60 -52.28
C VAL D 127 9.09 -0.05 -50.89
N ALA D 128 10.17 -0.78 -50.65
CA ALA D 128 10.47 -1.42 -49.35
C ALA D 128 11.46 -0.55 -48.58
N VAL D 129 11.18 -0.35 -47.29
CA VAL D 129 12.03 0.47 -46.38
C VAL D 129 12.29 -0.37 -45.13
N THR D 130 13.57 -0.49 -44.76
CA THR D 130 14.06 -0.95 -43.44
C THR D 130 14.87 0.19 -42.84
N PHE D 131 15.20 0.13 -41.55
CA PHE D 131 15.95 1.19 -40.85
C PHE D 131 16.30 0.74 -39.42
N ASN D 132 17.31 1.41 -38.85
CA ASN D 132 17.78 1.17 -37.47
C ASN D 132 17.22 2.28 -36.57
N TYR D 133 16.94 1.93 -35.32
CA TYR D 133 16.54 2.84 -34.22
C TYR D 133 17.43 2.50 -33.02
N ARG D 134 17.68 3.47 -32.13
CA ARG D 134 18.55 3.22 -30.94
C ARG D 134 17.90 2.15 -30.07
N LEU D 135 18.70 1.47 -29.28
CA LEU D 135 18.33 0.20 -28.60
C LEU D 135 18.80 0.22 -27.15
N GLY D 136 18.17 -0.60 -26.32
CA GLY D 136 18.53 -0.74 -24.89
C GLY D 136 18.70 0.62 -24.23
N PRO D 137 19.78 0.80 -23.42
CA PRO D 137 19.96 2.03 -22.67
C PRO D 137 20.06 3.26 -23.58
N LEU D 138 20.71 3.12 -24.74
CA LEU D 138 20.95 4.24 -25.68
C LEU D 138 19.61 4.69 -26.25
N GLY D 139 18.71 3.75 -26.53
CA GLY D 139 17.38 4.05 -27.10
C GLY D 139 16.34 4.49 -26.06
N PHE D 140 16.39 3.95 -24.83
CA PHE D 140 15.21 3.92 -23.93
C PHE D 140 15.54 4.25 -22.47
N LEU D 141 16.73 4.76 -22.18
CA LEU D 141 17.04 5.31 -20.84
C LEU D 141 15.96 6.33 -20.50
N SER D 142 15.38 6.24 -19.31
CA SER D 142 14.51 7.29 -18.72
C SER D 142 14.83 7.43 -17.23
N THR D 143 14.80 8.66 -16.74
CA THR D 143 14.81 9.00 -15.29
C THR D 143 13.43 9.51 -14.87
N GLY D 144 12.44 9.40 -15.77
CA GLY D 144 11.07 9.93 -15.54
C GLY D 144 11.06 11.41 -15.26
N ASP D 145 12.01 12.16 -15.84
CA ASP D 145 12.08 13.64 -15.71
C ASP D 145 12.78 14.22 -16.94
N GLU D 146 13.00 15.54 -16.95
CA GLU D 146 13.55 16.30 -18.11
C GLU D 146 14.96 15.81 -18.47
N SER D 147 15.72 15.26 -17.51
CA SER D 147 17.14 14.86 -17.68
C SER D 147 17.27 13.67 -18.64
N ALA D 148 16.24 12.83 -18.74
CA ALA D 148 16.09 11.71 -19.70
C ALA D 148 14.63 11.29 -19.75
N PRO D 149 13.76 11.98 -20.52
CA PRO D 149 12.31 11.74 -20.48
C PRO D 149 11.89 10.36 -20.96
N GLY D 150 12.61 9.79 -21.94
CA GLY D 150 12.41 8.42 -22.44
C GLY D 150 12.14 8.38 -23.94
N ASN D 151 12.11 7.18 -24.52
CA ASN D 151 11.50 6.85 -25.84
C ASN D 151 12.34 7.39 -27.00
N ALA D 152 13.61 7.69 -26.79
CA ALA D 152 14.52 8.20 -27.85
C ALA D 152 14.40 7.31 -29.09
N GLY D 153 14.43 5.98 -28.89
CA GLY D 153 14.35 4.97 -29.96
C GLY D 153 13.07 5.06 -30.76
N LEU D 154 11.92 5.24 -30.11
CA LEU D 154 10.64 5.46 -30.83
C LEU D 154 10.65 6.82 -31.52
N LYS D 155 11.31 7.83 -30.93
CA LYS D 155 11.47 9.15 -31.59
C LYS D 155 12.34 8.94 -32.83
N ASP D 156 13.33 8.05 -32.78
CA ASP D 156 14.13 7.65 -33.97
C ASP D 156 13.16 7.13 -35.03
N GLN D 157 12.30 6.18 -34.67
CA GLN D 157 11.34 5.53 -35.60
C GLN D 157 10.44 6.60 -36.23
N ALA D 158 9.91 7.51 -35.42
CA ALA D 158 8.98 8.59 -35.83
C ALA D 158 9.72 9.52 -36.79
N PHE D 159 10.99 9.78 -36.51
CA PHE D 159 11.91 10.60 -37.34
C PHE D 159 12.14 9.93 -38.71
N ALA D 160 12.31 8.62 -38.75
CA ALA D 160 12.50 7.85 -40.01
C ALA D 160 11.21 7.89 -40.84
N LEU D 161 10.05 7.77 -40.18
CA LEU D 161 8.73 7.86 -40.86
C LEU D 161 8.56 9.26 -41.45
N GLN D 162 8.96 10.29 -40.70
CA GLN D 162 8.96 11.71 -41.16
C GLN D 162 9.84 11.82 -42.41
N TRP D 163 11.01 11.17 -42.41
CA TRP D 163 11.98 11.19 -43.54
C TRP D 163 11.36 10.52 -44.77
N VAL D 164 10.71 9.36 -44.58
CA VAL D 164 9.97 8.63 -45.64
C VAL D 164 8.91 9.57 -46.26
N LYS D 165 8.19 10.32 -45.43
CA LYS D 165 7.12 11.24 -45.91
C LYS D 165 7.70 12.29 -46.86
N ASN D 166 8.89 12.81 -46.55
CA ASN D 166 9.53 13.97 -47.23
C ASN D 166 10.35 13.55 -48.46
N ASN D 167 10.83 12.30 -48.53
CA ASN D 167 11.85 11.88 -49.53
C ASN D 167 11.43 10.66 -50.36
N VAL D 168 10.46 9.86 -49.90
CA VAL D 168 10.16 8.53 -50.53
C VAL D 168 9.71 8.75 -51.98
N MET D 169 9.08 9.88 -52.31
CA MET D 169 8.61 10.21 -53.68
C MET D 169 9.77 10.09 -54.68
N MET D 170 10.98 10.50 -54.29
CA MET D 170 12.19 10.48 -55.14
C MET D 170 12.61 9.03 -55.45
N PHE D 171 12.08 8.03 -54.74
CA PHE D 171 12.38 6.60 -54.98
C PHE D 171 11.19 5.93 -55.68
N GLY D 172 10.15 6.70 -56.02
CA GLY D 172 8.92 6.22 -56.69
C GLY D 172 7.84 5.73 -55.73
N GLY D 173 7.98 6.05 -54.44
CA GLY D 173 6.97 5.74 -53.41
C GLY D 173 5.92 6.83 -53.30
N ASN D 174 4.72 6.44 -52.87
CA ASN D 174 3.60 7.35 -52.51
C ASN D 174 3.67 7.62 -51.02
N PRO D 175 3.96 8.88 -50.58
CA PRO D 175 4.08 9.19 -49.16
C PRO D 175 2.72 9.01 -48.47
N ASP D 176 1.63 9.03 -49.23
CA ASP D 176 0.24 8.93 -48.73
C ASP D 176 -0.27 7.48 -48.74
N SER D 177 0.59 6.52 -49.10
CA SER D 177 0.28 5.07 -49.04
C SER D 177 1.46 4.35 -48.38
N VAL D 178 1.78 4.70 -47.13
CA VAL D 178 2.81 4.03 -46.29
C VAL D 178 2.11 2.95 -45.44
N THR D 179 2.44 1.68 -45.72
CA THR D 179 2.04 0.50 -44.91
C THR D 179 3.10 0.27 -43.84
N LEU D 180 2.83 0.72 -42.61
CA LEU D 180 3.77 0.60 -41.48
C LEU D 180 3.67 -0.82 -40.88
N THR D 181 4.75 -1.60 -40.99
CA THR D 181 4.81 -3.02 -40.55
C THR D 181 5.96 -3.21 -39.57
N GLY D 182 5.93 -4.30 -38.79
CA GLY D 182 6.98 -4.65 -37.82
C GLY D 182 6.62 -5.92 -37.08
N CYS D 183 7.62 -6.57 -36.47
CA CYS D 183 7.53 -7.89 -35.81
C CYS D 183 8.16 -7.81 -34.41
N SER D 184 7.58 -8.51 -33.41
CA SER D 184 8.12 -8.59 -32.01
C SER D 184 8.08 -7.15 -31.45
N ALA D 185 9.24 -6.59 -31.07
CA ALA D 185 9.39 -5.18 -30.63
C ALA D 185 8.99 -4.24 -31.78
N GLY D 186 9.05 -4.72 -33.02
CA GLY D 186 8.63 -3.98 -34.23
C GLY D 186 7.11 -3.89 -34.37
N GLY D 187 6.39 -4.94 -34.00
CA GLY D 187 4.91 -4.98 -33.95
C GLY D 187 4.37 -4.07 -32.85
N ALA D 188 4.95 -4.14 -31.66
CA ALA D 188 4.66 -3.21 -30.53
C ALA D 188 4.96 -1.78 -30.98
N SER D 189 6.09 -1.58 -31.69
CA SER D 189 6.52 -0.28 -32.23
C SER D 189 5.41 0.29 -33.13
N VAL D 190 4.88 -0.52 -34.04
CA VAL D 190 3.75 -0.14 -34.94
C VAL D 190 2.60 0.37 -34.08
N HIS D 191 2.22 -0.40 -33.06
CA HIS D 191 1.12 -0.03 -32.13
C HIS D 191 1.43 1.33 -31.50
N TYR D 192 2.66 1.51 -30.98
CA TYR D 192 3.15 2.77 -30.34
C TYR D 192 2.94 3.96 -31.30
N HIS D 193 3.16 3.77 -32.61
CA HIS D 193 3.03 4.83 -33.63
C HIS D 193 1.56 5.23 -33.79
N TYR D 194 0.63 4.28 -33.65
CA TYR D 194 -0.83 4.58 -33.63
C TYR D 194 -1.14 5.50 -32.43
N LEU D 195 -0.39 5.34 -31.32
CA LEU D 195 -0.68 6.03 -30.03
C LEU D 195 -0.02 7.41 -29.96
N SER D 196 0.96 7.73 -30.81
CA SER D 196 1.83 8.92 -30.66
C SER D 196 1.36 10.06 -31.55
N PRO D 197 1.25 11.30 -31.02
CA PRO D 197 1.04 12.49 -31.85
C PRO D 197 2.12 12.64 -32.93
N LEU D 198 3.37 12.23 -32.65
CA LEU D 198 4.54 12.44 -33.53
C LEU D 198 4.37 11.71 -34.87
N SER D 199 3.55 10.65 -34.94
CA SER D 199 3.40 9.76 -36.14
C SER D 199 2.01 9.91 -36.79
N LYS D 200 1.13 10.73 -36.25
CA LYS D 200 -0.22 11.00 -36.82
C LYS D 200 -0.07 11.49 -38.27
N GLY D 201 -0.76 10.85 -39.22
CA GLY D 201 -0.75 11.22 -40.66
C GLY D 201 0.51 10.80 -41.40
N ASN D 202 1.37 9.96 -40.82
CA ASN D 202 2.64 9.49 -41.44
C ASN D 202 2.57 7.98 -41.74
N PHE D 203 1.38 7.39 -41.79
CA PHE D 203 1.13 6.05 -42.36
C PHE D 203 -0.37 5.89 -42.62
N ALA D 204 -0.72 5.25 -43.74
CA ALA D 204 -2.12 5.03 -44.22
C ALA D 204 -2.71 3.76 -43.61
N ARG D 205 -1.88 2.84 -43.12
CA ARG D 205 -2.30 1.52 -42.56
C ARG D 205 -1.11 0.88 -41.84
N GLY D 206 -1.39 -0.16 -41.03
CA GLY D 206 -0.36 -0.83 -40.20
C GLY D 206 -0.53 -2.34 -40.21
N ILE D 207 0.57 -3.04 -39.96
CA ILE D 207 0.60 -4.50 -39.69
C ILE D 207 1.50 -4.71 -38.47
N ALA D 208 0.95 -5.23 -37.37
CA ALA D 208 1.69 -5.50 -36.11
C ALA D 208 1.81 -7.02 -35.96
N PHE D 209 2.85 -7.60 -36.57
CA PHE D 209 3.16 -9.05 -36.51
C PHE D 209 3.65 -9.39 -35.09
N SER D 210 2.91 -10.24 -34.38
CA SER D 210 3.34 -10.91 -33.11
C SER D 210 3.90 -9.86 -32.14
N GLY D 211 3.19 -8.74 -31.96
CA GLY D 211 3.61 -7.68 -31.03
C GLY D 211 2.56 -6.60 -30.84
N ALA D 212 2.42 -6.13 -29.61
CA ALA D 212 1.49 -5.05 -29.19
C ALA D 212 2.13 -4.26 -28.04
N ALA D 213 1.89 -2.95 -27.99
CA ALA D 213 2.37 -2.03 -26.93
C ALA D 213 1.69 -2.33 -25.58
N PHE D 214 0.63 -3.14 -25.55
CA PHE D 214 -0.06 -3.59 -24.31
C PHE D 214 0.79 -4.61 -23.54
N ALA D 215 1.78 -5.25 -24.18
CA ALA D 215 2.55 -6.36 -23.57
C ALA D 215 3.56 -5.80 -22.55
N SER D 216 3.78 -6.53 -21.45
CA SER D 216 4.63 -6.15 -20.28
C SER D 216 6.06 -5.82 -20.72
N TRP D 217 6.66 -6.70 -21.54
CA TRP D 217 8.09 -6.65 -21.92
C TRP D 217 8.37 -5.43 -22.80
N THR D 218 7.35 -4.75 -23.31
CA THR D 218 7.49 -3.57 -24.22
C THR D 218 7.38 -2.24 -23.45
N HIS D 219 7.24 -2.28 -22.13
CA HIS D 219 6.92 -1.07 -21.35
C HIS D 219 7.59 -1.15 -19.98
N ALA D 220 8.32 -0.09 -19.62
CA ALA D 220 9.00 0.08 -18.31
C ALA D 220 8.10 0.93 -17.40
N VAL D 221 7.66 0.36 -16.26
CA VAL D 221 6.84 1.07 -15.25
C VAL D 221 7.76 1.73 -14.21
N LYS D 222 9.03 1.32 -14.12
CA LYS D 222 10.02 1.78 -13.12
C LYS D 222 11.34 2.14 -13.78
N PRO D 223 11.37 3.08 -14.76
CA PRO D 223 12.59 3.37 -15.51
C PRO D 223 13.74 3.87 -14.63
N LEU D 224 13.43 4.68 -13.60
CA LEU D 224 14.45 5.33 -12.73
C LEU D 224 15.19 4.27 -11.91
N GLN D 225 14.49 3.21 -11.48
CA GLN D 225 15.12 2.05 -10.78
C GLN D 225 16.18 1.43 -11.71
N ASN D 226 15.87 1.31 -12.99
CA ASN D 226 16.78 0.72 -14.01
C ASN D 226 17.97 1.66 -14.25
N ALA D 227 17.72 2.96 -14.46
CA ALA D 227 18.72 4.00 -14.75
C ALA D 227 19.78 4.04 -13.64
N ARG D 228 19.32 4.04 -12.38
CA ARG D 228 20.18 4.06 -11.17
C ARG D 228 20.96 2.75 -11.07
N SER D 229 20.35 1.63 -11.42
CA SER D 229 21.00 0.30 -11.42
C SER D 229 22.16 0.30 -12.44
N LEU D 230 21.85 0.62 -13.69
CA LEU D 230 22.84 0.74 -14.79
C LEU D 230 23.98 1.69 -14.37
N ALA D 231 23.64 2.84 -13.77
CA ALA D 231 24.60 3.90 -13.38
C ALA D 231 25.50 3.36 -12.27
N ALA D 232 24.91 2.68 -11.29
CA ALA D 232 25.65 2.09 -10.15
C ALA D 232 26.64 1.06 -10.69
N ILE D 233 26.19 0.19 -11.60
CA ILE D 233 26.99 -0.93 -12.17
C ILE D 233 28.26 -0.36 -12.83
N VAL D 234 28.18 0.81 -13.50
CA VAL D 234 29.33 1.38 -14.27
C VAL D 234 30.14 2.32 -13.36
N GLY D 235 29.73 2.48 -12.11
CA GLY D 235 30.45 3.25 -11.08
C GLY D 235 30.10 4.73 -11.06
N CYS D 236 28.95 5.10 -11.66
CA CYS D 236 28.45 6.50 -11.69
C CYS D 236 27.81 6.81 -10.35
N PRO D 237 28.07 8.00 -9.76
CA PRO D 237 27.37 8.40 -8.55
C PRO D 237 25.92 8.61 -9.02
N THR D 238 24.99 7.92 -8.36
CA THR D 238 23.56 8.32 -8.30
C THR D 238 23.48 9.31 -7.13
N GLY D 239 22.46 10.17 -7.15
CA GLY D 239 22.43 11.38 -6.32
C GLY D 239 21.40 12.34 -6.88
N THR D 240 21.75 13.02 -7.97
CA THR D 240 20.79 13.73 -8.85
C THR D 240 20.69 12.95 -10.17
N ASN D 241 19.52 13.01 -10.80
CA ASN D 241 19.21 12.37 -12.10
C ASN D 241 20.00 13.08 -13.21
N ARG D 242 20.34 14.36 -13.03
CA ARG D 242 21.16 15.13 -14.01
C ARG D 242 22.62 14.62 -13.97
N GLU D 243 23.16 14.36 -12.78
CA GLU D 243 24.51 13.77 -12.56
C GLU D 243 24.56 12.36 -13.17
N LEU D 244 23.53 11.55 -12.90
CA LEU D 244 23.36 10.16 -13.38
C LEU D 244 23.47 10.14 -14.91
N VAL D 245 22.68 10.96 -15.61
CA VAL D 245 22.65 11.00 -17.09
C VAL D 245 23.96 11.60 -17.61
N ASP D 246 24.50 12.62 -16.93
CA ASP D 246 25.76 13.26 -17.38
C ASP D 246 26.89 12.22 -17.34
N CYS D 247 26.95 11.39 -16.30
CA CYS D 247 28.04 10.40 -16.07
C CYS D 247 27.92 9.29 -17.13
N LEU D 248 26.68 8.86 -17.44
CA LEU D 248 26.39 7.85 -18.49
C LEU D 248 26.77 8.40 -19.88
N LYS D 249 26.56 9.70 -20.11
CA LYS D 249 26.88 10.36 -21.41
C LYS D 249 28.39 10.29 -21.70
N TYR D 250 29.23 10.31 -20.66
CA TYR D 250 30.71 10.43 -20.77
C TYR D 250 31.38 9.07 -20.57
N ARG D 251 30.67 8.07 -20.06
CA ARG D 251 31.17 6.67 -20.03
C ARG D 251 31.21 6.15 -21.46
N PRO D 252 32.05 5.13 -21.77
CA PRO D 252 32.11 4.56 -23.11
C PRO D 252 30.78 3.84 -23.42
N ALA D 253 30.21 4.11 -24.61
CA ALA D 253 28.91 3.57 -25.06
C ALA D 253 28.91 2.04 -24.86
N GLU D 254 30.01 1.38 -25.23
CA GLU D 254 30.19 -0.09 -25.15
C GLU D 254 30.01 -0.54 -23.69
N VAL D 255 30.49 0.26 -22.73
CA VAL D 255 30.41 -0.07 -21.28
C VAL D 255 28.95 0.03 -20.83
N VAL D 256 28.26 1.09 -21.26
CA VAL D 256 26.84 1.37 -20.88
C VAL D 256 25.98 0.22 -21.42
N VAL D 257 26.05 -0.03 -22.71
CA VAL D 257 25.26 -1.07 -23.41
C VAL D 257 25.54 -2.43 -22.75
N GLY D 258 26.81 -2.76 -22.51
CA GLY D 258 27.24 -4.07 -22.02
C GLY D 258 26.83 -4.31 -20.58
N ALA D 259 26.59 -3.24 -19.82
CA ALA D 259 26.38 -3.26 -18.35
C ALA D 259 24.94 -3.68 -18.00
N GLN D 260 24.01 -3.62 -18.96
CA GLN D 260 22.57 -3.87 -18.67
C GLN D 260 22.38 -5.30 -18.13
N ILE D 261 23.12 -6.27 -18.67
CA ILE D 261 22.95 -7.73 -18.38
C ILE D 261 23.26 -8.04 -16.90
N GLU D 262 23.91 -7.15 -16.17
CA GLU D 262 24.34 -7.40 -14.76
C GLU D 262 23.33 -6.86 -13.76
N MET D 263 22.23 -6.27 -14.24
CA MET D 263 21.16 -5.77 -13.36
C MET D 263 20.53 -6.96 -12.65
N LEU D 264 20.00 -6.75 -11.45
CA LEU D 264 19.44 -7.81 -10.58
C LEU D 264 18.18 -8.36 -11.27
N GLU D 265 18.06 -9.69 -11.35
CA GLU D 265 16.96 -10.41 -12.05
C GLU D 265 16.83 -9.92 -13.51
N PHE D 266 17.93 -9.66 -14.21
CA PHE D 266 17.92 -9.33 -15.66
C PHE D 266 17.20 -10.46 -16.40
N PRO D 267 16.40 -10.19 -17.46
CA PRO D 267 15.66 -11.24 -18.15
C PRO D 267 16.52 -12.50 -18.38
N TYR D 268 15.94 -13.68 -18.11
CA TYR D 268 16.65 -14.99 -18.12
C TYR D 268 16.94 -15.36 -19.57
N GLN D 269 18.21 -15.70 -19.86
CA GLN D 269 18.77 -16.00 -21.21
C GLN D 269 18.75 -14.74 -22.09
N GLN D 270 18.54 -13.57 -21.49
CA GLN D 270 18.81 -12.25 -22.12
C GLN D 270 18.02 -12.13 -23.43
N MET D 271 16.73 -12.48 -23.41
CA MET D 271 15.84 -12.42 -24.61
C MET D 271 14.93 -11.18 -24.56
N PHE D 272 14.97 -10.42 -23.46
CA PHE D 272 14.24 -9.14 -23.25
C PHE D 272 15.17 -8.17 -22.51
N THR D 273 14.80 -6.90 -22.48
CA THR D 273 15.59 -5.85 -21.77
C THR D 273 14.63 -5.02 -20.94
N PRO D 274 15.07 -4.51 -19.75
CA PRO D 274 14.28 -3.55 -18.99
C PRO D 274 14.29 -2.16 -19.63
N PHE D 275 15.18 -1.91 -20.60
CA PHE D 275 15.34 -0.61 -21.31
C PHE D 275 14.41 -0.60 -22.53
N THR D 276 13.14 -0.28 -22.27
CA THR D 276 12.01 -0.34 -23.21
C THR D 276 11.29 1.01 -23.22
N PRO D 277 10.35 1.24 -24.18
CA PRO D 277 9.49 2.42 -24.15
C PRO D 277 8.82 2.58 -22.79
N THR D 278 8.44 3.82 -22.45
CA THR D 278 7.93 4.23 -21.13
C THR D 278 6.94 5.40 -21.33
N VAL D 279 6.27 5.82 -20.26
CA VAL D 279 5.42 7.05 -20.23
C VAL D 279 6.35 8.22 -19.93
N GLU D 280 6.47 9.18 -20.85
CA GLU D 280 7.34 10.37 -20.69
C GLU D 280 6.69 11.33 -19.69
N PRO D 281 7.47 12.14 -18.96
CA PRO D 281 6.90 13.11 -18.02
C PRO D 281 5.91 14.08 -18.68
N GLN D 282 4.88 14.48 -17.92
CA GLN D 282 3.89 15.51 -18.29
C GLN D 282 4.63 16.80 -18.64
N GLY D 283 4.34 17.37 -19.82
CA GLY D 283 4.91 18.66 -20.27
C GLY D 283 6.29 18.48 -20.89
N THR D 284 6.68 17.25 -21.22
CA THR D 284 7.86 16.96 -22.08
C THR D 284 7.55 17.55 -23.46
N ARG D 285 8.43 18.42 -23.96
CA ARG D 285 8.28 19.06 -25.29
C ARG D 285 8.46 18.00 -26.38
N ASP D 286 7.54 17.95 -27.37
CA ASP D 286 7.48 16.98 -28.49
C ASP D 286 7.67 15.55 -27.98
N ALA D 287 6.92 15.16 -26.94
CA ALA D 287 6.94 13.79 -26.38
C ALA D 287 6.41 12.80 -27.42
N PHE D 288 6.91 11.56 -27.41
CA PHE D 288 6.34 10.45 -28.19
C PHE D 288 5.05 9.97 -27.49
N LEU D 289 5.11 9.74 -26.18
CA LEU D 289 3.99 9.19 -25.39
C LEU D 289 4.06 9.74 -23.95
N THR D 290 3.01 10.41 -23.50
CA THR D 290 2.92 11.01 -22.13
C THR D 290 1.81 10.32 -21.33
N GLN D 291 1.36 9.14 -21.75
CA GLN D 291 0.26 8.40 -21.08
C GLN D 291 0.38 6.90 -21.38
N TYR D 292 -0.12 6.06 -20.47
CA TYR D 292 -0.05 4.58 -20.54
C TYR D 292 -0.81 4.09 -21.78
N PRO D 293 -0.21 3.21 -22.61
CA PRO D 293 -0.81 2.82 -23.89
C PRO D 293 -2.27 2.36 -23.83
N PHE D 294 -2.63 1.55 -22.84
CA PHE D 294 -3.98 0.98 -22.71
C PHE D 294 -5.00 2.10 -22.42
N LEU D 295 -4.60 3.12 -21.67
CA LEU D 295 -5.48 4.28 -21.34
C LEU D 295 -5.78 5.04 -22.63
N VAL D 296 -4.76 5.24 -23.49
CA VAL D 296 -4.90 6.01 -24.75
C VAL D 296 -5.84 5.23 -25.70
N ALA D 297 -5.62 3.93 -25.84
CA ALA D 297 -6.41 3.03 -26.72
C ALA D 297 -7.86 2.94 -26.22
N GLN D 298 -8.06 2.74 -24.91
CA GLN D 298 -9.40 2.72 -24.26
C GLN D 298 -10.21 3.97 -24.61
N ALA D 299 -9.55 5.13 -24.68
CA ALA D 299 -10.13 6.46 -24.99
C ALA D 299 -10.30 6.64 -26.49
N GLY D 300 -10.03 5.58 -27.27
CA GLY D 300 -10.14 5.57 -28.74
C GLY D 300 -9.16 6.53 -29.41
N GLY D 301 -7.96 6.69 -28.83
CA GLY D 301 -6.96 7.71 -29.23
C GLY D 301 -6.01 7.23 -30.33
N MET D 302 -6.04 5.94 -30.69
CA MET D 302 -5.22 5.35 -31.78
C MET D 302 -5.65 5.94 -33.11
N HIS D 303 -4.70 6.23 -34.00
CA HIS D 303 -4.95 6.87 -35.32
C HIS D 303 -5.93 5.99 -36.12
N LYS D 304 -6.90 6.61 -36.79
CA LYS D 304 -8.01 5.88 -37.45
C LYS D 304 -7.56 5.46 -38.86
N VAL D 305 -6.75 4.40 -38.95
CA VAL D 305 -6.30 3.77 -40.22
C VAL D 305 -6.43 2.25 -40.08
N PRO D 306 -6.61 1.50 -41.19
CA PRO D 306 -6.68 0.04 -41.15
C PRO D 306 -5.50 -0.65 -40.44
N LEU D 307 -5.73 -1.85 -39.92
CA LEU D 307 -4.74 -2.63 -39.13
C LEU D 307 -4.86 -4.13 -39.42
N ILE D 308 -3.73 -4.80 -39.63
CA ILE D 308 -3.60 -6.27 -39.47
C ILE D 308 -2.71 -6.52 -38.26
N THR D 309 -3.07 -7.48 -37.41
CA THR D 309 -2.17 -8.01 -36.36
C THR D 309 -2.35 -9.53 -36.30
N SER D 310 -1.41 -10.25 -35.71
CA SER D 310 -1.22 -11.69 -35.98
C SER D 310 -0.37 -12.35 -34.90
N VAL D 311 -0.49 -13.67 -34.80
CA VAL D 311 0.41 -14.54 -33.97
C VAL D 311 0.63 -15.86 -34.72
N THR D 312 1.66 -16.59 -34.29
CA THR D 312 1.95 -17.98 -34.72
C THR D 312 1.41 -18.94 -33.66
N SER D 313 1.22 -20.20 -34.04
CA SER D 313 0.68 -21.28 -33.16
C SER D 313 1.62 -21.49 -31.97
N GLU D 314 2.95 -21.45 -32.17
CA GLU D 314 3.98 -21.67 -31.12
C GLU D 314 4.86 -20.41 -30.95
N GLU D 315 4.21 -19.24 -30.80
CA GLU D 315 4.86 -17.95 -30.44
C GLU D 315 5.96 -18.16 -29.38
N GLY D 316 5.61 -18.85 -28.30
CA GLY D 316 6.42 -18.94 -27.07
C GLY D 316 7.79 -19.57 -27.29
N LEU D 317 8.08 -20.09 -28.49
CA LEU D 317 9.44 -20.57 -28.84
C LEU D 317 10.43 -19.40 -28.76
N TYR D 318 9.97 -18.16 -28.92
CA TYR D 318 10.64 -16.97 -28.32
C TYR D 318 10.03 -16.75 -26.94
N PRO D 319 10.73 -17.01 -25.81
CA PRO D 319 12.15 -17.39 -25.79
C PRO D 319 12.49 -18.87 -25.59
N ALA D 320 11.48 -19.74 -25.44
CA ALA D 320 11.61 -21.13 -24.92
C ALA D 320 12.63 -21.95 -25.75
N ALA D 321 12.78 -21.64 -27.04
CA ALA D 321 13.70 -22.32 -27.98
C ALA D 321 15.13 -22.37 -27.42
N VAL D 322 15.60 -21.32 -26.74
CA VAL D 322 17.00 -21.27 -26.22
C VAL D 322 17.13 -22.22 -25.02
N TYR D 323 16.00 -22.65 -24.42
CA TYR D 323 16.03 -23.62 -23.28
C TYR D 323 16.51 -25.00 -23.77
N GLN D 324 16.47 -25.24 -25.08
CA GLN D 324 16.86 -26.54 -25.69
C GLN D 324 18.37 -26.55 -26.03
N LYS D 325 19.00 -25.37 -26.10
CA LYS D 325 20.43 -25.18 -26.46
C LYS D 325 21.28 -26.12 -25.58
N SER D 326 21.15 -25.98 -24.26
CA SER D 326 21.84 -26.82 -23.24
C SER D 326 20.85 -27.83 -22.65
N PRO D 327 21.23 -29.12 -22.48
CA PRO D 327 20.26 -30.15 -22.13
C PRO D 327 19.87 -30.18 -20.65
N ASP D 328 20.33 -29.18 -19.86
CA ASP D 328 20.12 -29.09 -18.39
C ASP D 328 19.19 -27.92 -18.05
N THR D 329 18.83 -27.06 -19.03
CA THR D 329 18.11 -25.78 -18.78
C THR D 329 16.68 -26.05 -18.31
N LEU D 330 15.97 -27.04 -18.87
CA LEU D 330 14.59 -27.38 -18.44
C LEU D 330 14.60 -27.92 -17.00
N ALA D 331 15.66 -28.61 -16.58
CA ALA D 331 15.84 -29.13 -15.20
C ALA D 331 16.09 -27.95 -14.24
N TYR D 332 16.84 -26.94 -14.70
CA TYR D 332 17.15 -25.70 -13.93
C TYR D 332 15.87 -24.89 -13.67
N LEU D 333 14.99 -24.85 -14.66
CA LEU D 333 13.68 -24.12 -14.60
C LEU D 333 12.74 -24.80 -13.60
N GLU D 334 12.66 -26.13 -13.63
CA GLU D 334 11.86 -26.97 -12.70
C GLU D 334 12.26 -26.65 -11.25
N ALA D 335 13.56 -26.70 -10.97
CA ALA D 335 14.18 -26.51 -9.63
C ALA D 335 13.92 -25.09 -9.11
N ASN D 336 14.07 -24.07 -9.95
CA ASN D 336 14.08 -22.62 -9.55
C ASN D 336 12.78 -21.93 -10.02
N TRP D 337 11.75 -22.70 -10.33
CA TRP D 337 10.50 -22.24 -10.99
C TRP D 337 9.91 -21.02 -10.27
N ASP D 338 9.80 -21.10 -8.94
CA ASP D 338 9.19 -20.06 -8.06
C ASP D 338 9.92 -18.73 -8.24
N GLN D 339 11.25 -18.75 -8.32
CA GLN D 339 12.12 -17.54 -8.48
C GLN D 339 12.08 -17.03 -9.92
N LEU D 340 11.85 -17.90 -10.91
CA LEU D 340 12.10 -17.59 -12.34
C LEU D 340 10.81 -17.23 -13.08
N ALA D 341 9.65 -17.66 -12.61
CA ALA D 341 8.36 -17.45 -13.31
C ALA D 341 8.17 -15.95 -13.60
N SER D 342 8.43 -15.07 -12.62
CA SER D 342 8.25 -13.60 -12.73
C SER D 342 9.23 -13.01 -13.75
N ASN D 343 10.34 -13.70 -14.00
CA ASN D 343 11.37 -13.30 -15.00
C ASN D 343 10.91 -13.77 -16.39
N ILE D 344 10.75 -15.09 -16.53
CA ILE D 344 10.37 -15.83 -17.77
C ILE D 344 9.10 -15.21 -18.37
N PHE D 345 8.10 -14.92 -17.53
CA PHE D 345 6.75 -14.45 -17.94
C PHE D 345 6.67 -12.92 -17.85
N GLU D 346 7.80 -12.25 -17.61
CA GLU D 346 7.94 -10.77 -17.74
C GLU D 346 6.85 -10.06 -16.92
N TYR D 347 6.80 -10.29 -15.61
CA TYR D 347 5.94 -9.55 -14.65
C TYR D 347 6.80 -9.15 -13.44
N ASN D 348 8.09 -8.90 -13.70
CA ASN D 348 9.08 -8.55 -12.65
C ASN D 348 8.66 -7.26 -11.92
N ASP D 349 8.05 -6.30 -12.60
CA ASP D 349 7.80 -4.93 -12.08
C ASP D 349 6.30 -4.67 -11.86
N THR D 350 5.41 -5.58 -12.28
CA THR D 350 3.95 -5.33 -12.41
C THR D 350 3.16 -6.30 -11.52
N LEU D 351 3.82 -6.92 -10.56
CA LEU D 351 3.21 -7.72 -9.48
C LEU D 351 4.08 -7.57 -8.23
N PRO D 352 3.49 -7.36 -7.03
CA PRO D 352 4.28 -7.30 -5.80
C PRO D 352 5.07 -8.58 -5.59
N VAL D 353 6.20 -8.49 -4.88
CA VAL D 353 7.16 -9.61 -4.71
C VAL D 353 6.49 -10.73 -3.92
N ASN D 354 5.70 -10.39 -2.88
CA ASN D 354 5.12 -11.36 -1.92
C ASN D 354 4.12 -12.31 -2.62
N GLN D 355 3.69 -11.99 -3.84
CA GLN D 355 2.64 -12.74 -4.59
C GLN D 355 3.25 -13.72 -5.60
N ARG D 356 4.58 -13.73 -5.77
CA ARG D 356 5.28 -14.45 -6.86
C ARG D 356 5.03 -15.96 -6.78
N ALA D 357 5.22 -16.55 -5.59
CA ALA D 357 5.00 -17.99 -5.30
C ALA D 357 3.59 -18.40 -5.71
N GLY D 358 2.58 -17.62 -5.28
CA GLY D 358 1.15 -17.86 -5.59
C GLY D 358 0.91 -17.90 -7.08
N VAL D 359 1.45 -16.94 -7.83
CA VAL D 359 1.20 -16.78 -9.30
C VAL D 359 1.98 -17.88 -10.05
N ALA D 360 3.21 -18.17 -9.63
CA ALA D 360 4.07 -19.24 -10.19
C ALA D 360 3.30 -20.56 -10.17
N ALA D 361 2.73 -20.90 -9.01
CA ALA D 361 1.92 -22.11 -8.77
C ALA D 361 0.70 -22.11 -9.70
N LYS D 362 -0.01 -20.99 -9.79
CA LYS D 362 -1.24 -20.88 -10.64
C LYS D 362 -0.88 -21.13 -12.12
N ILE D 363 0.21 -20.54 -12.59
CA ILE D 363 0.65 -20.69 -14.01
C ILE D 363 1.00 -22.17 -14.25
N LYS D 364 1.80 -22.76 -13.36
CA LYS D 364 2.25 -24.18 -13.46
C LYS D 364 1.02 -25.11 -13.39
N GLN D 365 0.04 -24.78 -12.54
CA GLN D 365 -1.23 -25.53 -12.36
C GLN D 365 -2.00 -25.53 -13.69
N ARG D 366 -2.17 -24.35 -14.29
CA ARG D 366 -3.11 -24.12 -15.42
C ARG D 366 -2.56 -24.73 -16.71
N TYR D 367 -1.24 -24.71 -16.95
CA TYR D 367 -0.62 -25.10 -18.25
C TYR D 367 0.05 -26.48 -18.16
N LEU D 368 0.68 -26.82 -17.02
CA LEU D 368 1.50 -28.06 -16.87
C LEU D 368 0.80 -29.07 -15.95
N GLY D 369 -0.34 -28.71 -15.34
CA GLY D 369 -1.10 -29.58 -14.43
C GLY D 369 -0.26 -30.00 -13.23
N ASN D 370 0.67 -29.12 -12.80
CA ASN D 370 1.55 -29.34 -11.63
C ASN D 370 2.63 -30.39 -11.93
N LYS D 371 2.61 -31.04 -13.10
CA LYS D 371 3.72 -31.93 -13.56
C LYS D 371 4.99 -31.09 -13.67
N PRO D 372 6.19 -31.70 -13.51
CA PRO D 372 7.43 -30.93 -13.58
C PRO D 372 7.72 -30.40 -15.00
N VAL D 373 8.42 -29.27 -15.08
CA VAL D 373 9.01 -28.73 -16.35
C VAL D 373 10.04 -29.76 -16.82
N SER D 374 9.83 -30.32 -18.02
CA SER D 374 10.67 -31.40 -18.62
C SER D 374 10.47 -31.39 -20.14
N GLN D 375 10.98 -32.42 -20.83
CA GLN D 375 10.86 -32.55 -22.31
C GLN D 375 9.39 -32.79 -22.69
N GLU D 376 8.61 -33.48 -21.84
CA GLU D 376 7.21 -33.87 -22.21
C GLU D 376 6.23 -32.74 -21.84
N THR D 377 6.66 -31.77 -21.03
CA THR D 377 5.85 -30.57 -20.65
C THR D 377 6.28 -29.35 -21.46
N TYR D 378 7.34 -29.47 -22.29
CA TYR D 378 7.94 -28.37 -23.08
C TYR D 378 6.85 -27.71 -23.95
N PRO D 379 6.00 -28.47 -24.68
CA PRO D 379 4.96 -27.87 -25.53
C PRO D 379 3.98 -26.98 -24.75
N GLN D 380 3.65 -27.38 -23.53
CA GLN D 380 2.75 -26.63 -22.61
C GLN D 380 3.47 -25.37 -22.11
N LEU D 381 4.76 -25.47 -21.78
CA LEU D 381 5.61 -24.32 -21.37
C LEU D 381 5.65 -23.29 -22.51
N VAL D 382 5.76 -23.77 -23.75
CA VAL D 382 5.80 -22.92 -24.98
C VAL D 382 4.47 -22.16 -25.10
N GLN D 383 3.34 -22.88 -24.98
CA GLN D 383 1.98 -22.29 -25.10
C GLN D 383 1.80 -21.22 -24.01
N ALA D 384 2.22 -21.51 -22.78
CA ALA D 384 2.15 -20.58 -21.63
C ALA D 384 2.87 -19.29 -22.01
N LEU D 385 4.14 -19.40 -22.42
CA LEU D 385 5.00 -18.21 -22.72
C LEU D 385 4.37 -17.43 -23.88
N GLY D 386 3.94 -18.11 -24.94
CA GLY D 386 3.35 -17.49 -26.15
C GLY D 386 2.09 -16.70 -25.84
N ASP D 387 1.20 -17.28 -25.04
CA ASP D 387 -0.07 -16.65 -24.61
C ASP D 387 0.24 -15.33 -23.89
N ARG D 388 1.10 -15.40 -22.88
CA ARG D 388 1.43 -14.28 -21.95
C ARG D 388 2.18 -13.15 -22.67
N LEU D 389 3.21 -13.49 -23.44
CA LEU D 389 4.13 -12.49 -24.04
C LEU D 389 3.51 -11.90 -25.32
N PHE D 390 2.76 -12.67 -26.10
CA PHE D 390 2.41 -12.27 -27.49
C PHE D 390 0.90 -12.30 -27.74
N ALA D 391 0.23 -13.42 -27.47
CA ALA D 391 -1.11 -13.74 -28.02
C ALA D 391 -2.19 -12.92 -27.30
N VAL D 392 -2.22 -12.94 -25.96
CA VAL D 392 -3.23 -12.19 -25.16
C VAL D 392 -3.27 -10.75 -25.69
N ASP D 393 -2.11 -10.10 -25.78
CA ASP D 393 -1.99 -8.64 -26.02
C ASP D 393 -2.29 -8.30 -27.50
N VAL D 394 -1.92 -9.19 -28.45
CA VAL D 394 -2.29 -9.05 -29.89
C VAL D 394 -3.81 -9.12 -30.00
N GLY D 395 -4.44 -9.99 -29.20
CA GLY D 395 -5.90 -10.12 -29.07
C GLY D 395 -6.53 -8.79 -28.70
N LYS D 396 -6.08 -8.18 -27.61
CA LYS D 396 -6.64 -6.92 -27.07
C LYS D 396 -6.45 -5.78 -28.09
N LEU D 397 -5.29 -5.69 -28.73
CA LEU D 397 -5.01 -4.68 -29.79
C LEU D 397 -6.06 -4.80 -30.88
N ALA D 398 -6.28 -6.01 -31.40
CA ALA D 398 -7.29 -6.31 -32.45
C ALA D 398 -8.68 -5.86 -31.96
N GLN D 399 -9.08 -6.30 -30.78
CA GLN D 399 -10.44 -6.05 -30.22
C GLN D 399 -10.66 -4.54 -30.04
N ILE D 400 -9.68 -3.83 -29.47
CA ILE D 400 -9.83 -2.43 -29.01
C ILE D 400 -9.83 -1.49 -30.22
N HIS D 401 -9.00 -1.78 -31.24
CA HIS D 401 -8.87 -0.94 -32.46
C HIS D 401 -10.09 -1.19 -33.33
N ALA D 402 -10.56 -2.44 -33.40
CA ALA D 402 -11.81 -2.80 -34.10
C ALA D 402 -12.98 -1.97 -33.55
N ARG D 403 -13.01 -1.76 -32.23
CA ARG D 403 -14.11 -1.02 -31.53
C ARG D 403 -14.06 0.47 -31.91
N HIS D 404 -12.91 1.14 -31.72
CA HIS D 404 -12.79 2.62 -31.73
C HIS D 404 -12.40 3.17 -33.12
N SER D 405 -11.71 2.42 -33.96
CA SER D 405 -11.02 2.96 -35.17
C SER D 405 -12.02 3.44 -36.24
N GLY D 406 -13.15 2.74 -36.39
CA GLY D 406 -14.04 2.85 -37.56
C GLY D 406 -13.38 2.36 -38.84
N GLN D 407 -12.34 1.52 -38.73
CA GLN D 407 -11.47 1.08 -39.85
C GLN D 407 -11.38 -0.45 -39.85
N PRO D 408 -11.35 -1.09 -41.04
CA PRO D 408 -11.12 -2.53 -41.13
C PRO D 408 -9.94 -2.94 -40.25
N THR D 409 -10.19 -3.85 -39.30
CA THR D 409 -9.21 -4.42 -38.36
C THR D 409 -9.21 -5.94 -38.52
N TYR D 410 -8.07 -6.52 -38.92
CA TYR D 410 -7.92 -7.96 -39.23
C TYR D 410 -6.92 -8.61 -38.26
N LEU D 411 -7.19 -9.89 -37.96
CA LEU D 411 -6.38 -10.77 -37.08
C LEU D 411 -6.12 -12.07 -37.85
N TYR D 412 -4.90 -12.61 -37.78
CA TYR D 412 -4.60 -13.98 -38.30
C TYR D 412 -3.81 -14.76 -37.25
N ARG D 413 -3.95 -16.08 -37.33
CA ARG D 413 -3.17 -17.08 -36.56
C ARG D 413 -2.45 -17.94 -37.58
N TYR D 414 -1.12 -17.95 -37.54
CA TYR D 414 -0.22 -18.60 -38.53
C TYR D 414 0.32 -19.89 -37.89
N SER D 415 0.01 -21.05 -38.49
CA SER D 415 0.33 -22.39 -37.94
C SER D 415 0.97 -23.29 -39.00
N PHE D 416 1.50 -22.70 -40.08
CA PHE D 416 2.19 -23.42 -41.19
C PHE D 416 3.67 -23.62 -40.83
N ARG D 417 4.10 -24.87 -40.73
CA ARG D 417 5.51 -25.26 -40.41
C ARG D 417 6.24 -25.61 -41.71
N GLY D 418 7.08 -24.69 -42.20
CA GLY D 418 7.87 -24.89 -43.42
C GLY D 418 9.15 -25.66 -43.14
N GLU D 419 10.12 -25.61 -44.06
CA GLU D 419 11.44 -26.28 -43.94
C GLU D 419 12.15 -25.78 -42.67
N LYS D 420 12.11 -24.47 -42.39
CA LYS D 420 12.97 -23.79 -41.38
C LYS D 420 12.11 -23.00 -40.36
N SER D 421 12.64 -22.83 -39.15
CA SER D 421 12.01 -22.07 -38.02
C SER D 421 13.09 -21.28 -37.27
N LEU D 422 12.72 -20.14 -36.68
CA LEU D 422 13.61 -19.35 -35.80
C LEU D 422 14.20 -20.26 -34.72
N SER D 423 13.45 -21.29 -34.28
CA SER D 423 13.86 -22.25 -33.22
C SER D 423 15.17 -22.97 -33.62
N ASN D 424 15.40 -23.17 -34.91
CA ASN D 424 16.67 -23.77 -35.45
C ASN D 424 17.89 -23.00 -34.95
N MET D 425 17.94 -21.67 -35.19
CA MET D 425 19.02 -20.75 -34.73
C MET D 425 19.05 -20.71 -33.20
N MET D 426 17.88 -20.61 -32.55
CA MET D 426 17.78 -20.32 -31.10
C MET D 426 18.11 -21.57 -30.28
N ALA D 427 17.84 -22.77 -30.82
CA ALA D 427 18.08 -24.06 -30.15
C ALA D 427 19.37 -24.73 -30.65
N SER D 428 19.95 -24.22 -31.75
CA SER D 428 21.12 -24.83 -32.43
C SER D 428 20.83 -26.30 -32.72
N ASN D 429 19.73 -26.59 -33.42
CA ASN D 429 19.30 -27.97 -33.77
C ASN D 429 18.31 -27.90 -34.93
N ASP D 430 17.79 -29.08 -35.34
CA ASP D 430 16.85 -29.28 -36.47
C ASP D 430 15.50 -29.78 -35.95
N LYS D 431 15.28 -29.74 -34.64
CA LYS D 431 14.05 -30.27 -34.01
C LYS D 431 12.84 -29.44 -34.47
N ASN D 432 11.68 -30.07 -34.59
CA ASN D 432 10.40 -29.40 -34.95
C ASN D 432 9.56 -29.24 -33.68
N TYR D 433 9.55 -28.02 -33.13
CA TYR D 433 8.74 -27.63 -31.93
C TYR D 433 7.48 -26.88 -32.37
N GLY D 434 7.20 -26.81 -33.68
CA GLY D 434 6.05 -26.09 -34.26
C GLY D 434 6.47 -24.75 -34.87
N VAL D 435 5.55 -23.79 -34.92
CA VAL D 435 5.69 -22.53 -35.70
C VAL D 435 6.09 -21.40 -34.74
N SER D 436 7.39 -21.10 -34.70
CA SER D 436 8.00 -20.07 -33.83
C SER D 436 7.45 -18.68 -34.18
N HIS D 437 7.38 -17.81 -33.19
CA HIS D 437 7.50 -16.35 -33.34
C HIS D 437 8.36 -16.04 -34.58
N ALA D 438 7.84 -15.25 -35.52
CA ALA D 438 8.55 -14.64 -36.67
C ALA D 438 8.68 -15.61 -37.86
N ASP D 439 8.19 -16.83 -37.76
CA ASP D 439 8.31 -17.84 -38.85
C ASP D 439 7.52 -17.37 -40.08
N ASP D 440 6.51 -16.52 -39.88
CA ASP D 440 5.78 -15.86 -41.00
C ASP D 440 6.70 -14.80 -41.64
N ILE D 441 7.33 -13.98 -40.81
CA ILE D 441 8.19 -12.82 -41.23
C ILE D 441 9.36 -13.34 -42.07
N PHE D 442 9.87 -14.53 -41.78
CA PHE D 442 11.07 -15.09 -42.44
C PHE D 442 10.68 -15.69 -43.81
N HIS D 443 9.40 -15.71 -44.15
CA HIS D 443 8.89 -16.00 -45.52
C HIS D 443 8.82 -14.70 -46.35
N ILE D 444 8.53 -13.56 -45.72
CA ILE D 444 8.35 -12.24 -46.41
C ILE D 444 9.73 -11.64 -46.73
N PHE D 445 10.63 -11.67 -45.75
CA PHE D 445 12.05 -11.22 -45.84
C PHE D 445 12.99 -12.42 -45.83
N LYS D 446 14.15 -12.29 -46.46
CA LYS D 446 15.30 -13.23 -46.29
C LYS D 446 16.15 -12.74 -45.12
N PHE D 447 16.31 -13.58 -44.12
CA PHE D 447 17.10 -13.34 -42.88
C PHE D 447 18.22 -14.37 -42.88
N PRO D 448 19.45 -14.01 -42.45
CA PRO D 448 20.60 -14.92 -42.58
C PRO D 448 20.30 -16.35 -42.13
N SER D 449 20.37 -17.30 -43.08
CA SER D 449 20.24 -18.79 -42.96
C SER D 449 18.85 -19.23 -42.46
N LEU D 450 17.80 -18.42 -42.66
CA LEU D 450 16.38 -18.80 -42.42
C LEU D 450 15.53 -18.53 -43.67
N SER D 451 16.15 -18.55 -44.86
CA SER D 451 15.50 -18.57 -46.20
C SER D 451 15.24 -20.02 -46.62
N SER D 452 14.13 -20.28 -47.29
CA SER D 452 13.75 -21.62 -47.83
C SER D 452 13.24 -21.46 -49.26
N THR D 453 13.53 -22.45 -50.12
CA THR D 453 13.11 -22.47 -51.54
C THR D 453 12.48 -23.83 -51.87
N SER D 454 11.94 -24.55 -50.88
CA SER D 454 11.07 -25.74 -51.13
C SER D 454 9.71 -25.20 -51.55
N SER D 455 8.96 -25.96 -52.35
CA SER D 455 7.77 -25.47 -53.11
C SER D 455 6.76 -24.80 -52.16
N GLU D 456 6.40 -25.49 -51.07
CA GLU D 456 5.35 -25.07 -50.10
C GLU D 456 5.74 -23.75 -49.42
N ASP D 457 7.03 -23.56 -49.13
CA ASP D 457 7.58 -22.31 -48.50
C ASP D 457 7.51 -21.16 -49.50
N VAL D 458 7.97 -21.37 -50.74
CA VAL D 458 7.99 -20.34 -51.81
C VAL D 458 6.57 -19.82 -52.02
N ARG D 459 5.56 -20.71 -51.99
CA ARG D 459 4.13 -20.35 -52.15
C ARG D 459 3.68 -19.50 -50.95
N MET D 460 4.07 -19.87 -49.73
CA MET D 460 3.76 -19.06 -48.51
C MET D 460 4.36 -17.66 -48.66
N THR D 461 5.53 -17.53 -49.29
CA THR D 461 6.18 -16.22 -49.57
C THR D 461 5.26 -15.40 -50.51
N GLU D 462 4.81 -15.98 -51.62
CA GLU D 462 3.87 -15.29 -52.55
C GLU D 462 2.65 -14.84 -51.76
N ALA D 463 2.11 -15.72 -50.90
CA ALA D 463 0.82 -15.54 -50.20
C ALA D 463 0.91 -14.39 -49.20
N LEU D 464 1.93 -14.38 -48.34
CA LEU D 464 2.13 -13.32 -47.32
C LEU D 464 2.42 -12.00 -48.00
N ILE D 465 3.16 -12.00 -49.11
CA ILE D 465 3.47 -10.75 -49.85
C ILE D 465 2.21 -10.27 -50.59
N ASP D 466 1.37 -11.20 -51.10
CA ASP D 466 0.03 -10.88 -51.66
C ASP D 466 -0.82 -10.17 -50.59
N MET D 467 -0.82 -10.67 -49.35
CA MET D 467 -1.59 -10.07 -48.22
C MET D 467 -1.18 -8.60 -48.07
N ILE D 468 0.12 -8.34 -47.97
CA ILE D 468 0.71 -6.97 -47.80
C ILE D 468 0.30 -6.10 -49.00
N TYR D 469 0.35 -6.65 -50.22
CA TYR D 469 0.11 -5.88 -51.46
C TYR D 469 -1.38 -5.52 -51.59
N SER D 470 -2.27 -6.51 -51.48
CA SER D 470 -3.75 -6.33 -51.53
C SER D 470 -4.20 -5.32 -50.46
N PHE D 471 -3.70 -5.48 -49.23
CA PHE D 471 -3.97 -4.58 -48.08
C PHE D 471 -3.52 -3.15 -48.40
N SER D 472 -2.41 -3.00 -49.13
CA SER D 472 -1.79 -1.69 -49.47
C SER D 472 -2.46 -1.06 -50.70
N THR D 473 -3.35 -1.76 -51.41
CA THR D 473 -3.94 -1.29 -52.69
C THR D 473 -5.48 -1.25 -52.61
N THR D 474 -6.15 -2.40 -52.50
CA THR D 474 -7.63 -2.53 -52.46
C THR D 474 -8.14 -2.31 -51.04
N GLY D 475 -7.32 -2.57 -50.02
CA GLY D 475 -7.70 -2.48 -48.60
C GLY D 475 -8.22 -3.81 -48.05
N ASN D 476 -8.53 -4.78 -48.91
CA ASN D 476 -9.08 -6.11 -48.52
C ASN D 476 -7.96 -7.15 -48.60
N PRO D 477 -7.37 -7.54 -47.45
CA PRO D 477 -6.26 -8.49 -47.45
C PRO D 477 -6.67 -9.88 -47.98
N LYS D 478 -5.89 -10.36 -48.95
CA LYS D 478 -6.12 -11.65 -49.67
C LYS D 478 -4.77 -12.35 -49.83
N LEU D 479 -4.57 -13.50 -49.19
CA LEU D 479 -3.33 -14.30 -49.37
C LEU D 479 -3.37 -14.95 -50.75
N THR D 480 -4.52 -15.51 -51.14
CA THR D 480 -4.75 -16.16 -52.45
C THR D 480 -6.09 -15.71 -53.01
N ASN D 481 -6.37 -16.08 -54.27
CA ASN D 481 -7.68 -15.85 -54.93
C ASN D 481 -8.66 -16.95 -54.53
N GLU D 482 -8.16 -18.11 -54.08
CA GLU D 482 -8.99 -19.30 -53.72
C GLU D 482 -9.41 -19.23 -52.25
N ALA D 483 -8.64 -18.54 -51.41
CA ALA D 483 -8.90 -18.46 -49.95
C ALA D 483 -10.34 -18.01 -49.74
N PRO D 484 -11.04 -18.52 -48.69
CA PRO D 484 -12.31 -17.93 -48.28
C PRO D 484 -12.07 -16.49 -47.82
N VAL D 485 -13.07 -15.63 -47.98
CA VAL D 485 -12.97 -14.17 -47.71
C VAL D 485 -12.52 -13.97 -46.26
N TRP D 486 -11.56 -13.07 -46.06
CA TRP D 486 -11.00 -12.71 -44.72
C TRP D 486 -11.89 -11.64 -44.09
N THR D 487 -12.67 -12.02 -43.09
CA THR D 487 -13.63 -11.16 -42.36
C THR D 487 -12.83 -10.27 -41.41
N PRO D 488 -13.11 -8.94 -41.35
CA PRO D 488 -12.52 -8.09 -40.32
C PRO D 488 -13.10 -8.46 -38.96
N VAL D 489 -12.35 -8.26 -37.87
CA VAL D 489 -12.86 -8.36 -36.48
C VAL D 489 -14.11 -7.46 -36.37
N THR D 490 -15.18 -7.93 -35.72
CA THR D 490 -16.46 -7.18 -35.58
C THR D 490 -16.29 -6.12 -34.49
N PRO D 491 -16.52 -4.82 -34.81
CA PRO D 491 -16.49 -3.77 -33.79
C PRO D 491 -17.36 -4.10 -32.58
N GLY D 492 -16.78 -4.10 -31.38
CA GLY D 492 -17.50 -4.20 -30.09
C GLY D 492 -17.85 -5.62 -29.69
N SER D 493 -17.50 -6.62 -30.52
CA SER D 493 -17.76 -8.06 -30.25
C SER D 493 -16.77 -8.60 -29.23
N ALA D 494 -17.20 -9.55 -28.39
CA ALA D 494 -16.37 -10.23 -27.36
C ALA D 494 -15.65 -11.44 -27.99
N GLU D 495 -16.09 -11.90 -29.17
CA GLU D 495 -15.39 -12.93 -29.97
C GLU D 495 -14.49 -12.23 -31.01
N LEU D 496 -13.31 -12.81 -31.25
CA LEU D 496 -12.32 -12.31 -32.25
C LEU D 496 -12.34 -13.24 -33.46
N SER D 497 -12.86 -12.76 -34.59
CA SER D 497 -12.78 -13.45 -35.92
C SER D 497 -11.36 -13.29 -36.45
N TYR D 498 -10.73 -14.41 -36.81
CA TYR D 498 -9.35 -14.43 -37.36
C TYR D 498 -9.25 -15.49 -38.46
N LEU D 499 -8.37 -15.24 -39.44
CA LEU D 499 -8.00 -16.22 -40.50
C LEU D 499 -6.98 -17.19 -39.92
N GLU D 500 -7.30 -18.49 -39.91
CA GLU D 500 -6.38 -19.59 -39.53
C GLU D 500 -5.61 -20.02 -40.79
N ILE D 501 -4.32 -19.70 -40.87
CA ILE D 501 -3.44 -20.03 -42.01
C ILE D 501 -2.64 -21.29 -41.65
N ALA D 502 -3.10 -22.46 -42.06
CA ALA D 502 -2.44 -23.77 -41.85
C ALA D 502 -1.36 -23.97 -42.92
N SER D 503 -1.59 -23.46 -44.13
CA SER D 503 -0.70 -23.55 -45.32
C SER D 503 -1.19 -22.60 -46.41
N PRO D 504 -0.44 -22.40 -47.52
CA PRO D 504 -0.89 -21.56 -48.62
C PRO D 504 -2.20 -21.99 -49.29
N SER D 505 -2.52 -23.29 -49.25
CA SER D 505 -3.74 -23.90 -49.85
C SER D 505 -4.84 -24.07 -48.81
N ARG D 506 -4.48 -24.21 -47.53
CA ARG D 506 -5.46 -24.50 -46.43
C ARG D 506 -5.48 -23.32 -45.45
N MET D 507 -6.51 -22.46 -45.56
CA MET D 507 -6.80 -21.40 -44.55
C MET D 507 -8.32 -21.13 -44.52
N GLU D 508 -8.85 -20.91 -43.31
CA GLU D 508 -10.29 -20.65 -43.06
C GLU D 508 -10.44 -19.69 -41.89
N MET D 509 -11.57 -18.98 -41.86
CA MET D 509 -11.99 -18.08 -40.74
C MET D 509 -12.37 -18.95 -39.54
N LYS D 510 -11.90 -18.56 -38.36
CA LYS D 510 -12.27 -19.18 -37.06
C LYS D 510 -12.66 -18.06 -36.10
N SER D 511 -12.97 -18.41 -34.85
CA SER D 511 -13.38 -17.46 -33.79
C SER D 511 -12.82 -17.95 -32.45
N SER D 512 -12.32 -17.02 -31.64
CA SER D 512 -11.91 -17.26 -30.24
C SER D 512 -12.74 -16.35 -29.31
N SER D 513 -13.29 -16.95 -28.26
CA SER D 513 -14.07 -16.26 -27.19
C SER D 513 -13.11 -15.85 -26.07
N ASP D 514 -11.85 -16.27 -26.17
CA ASP D 514 -10.83 -16.11 -25.11
C ASP D 514 -9.44 -16.24 -25.74
N PHE D 515 -9.08 -15.31 -26.63
CA PHE D 515 -7.86 -15.36 -27.48
C PHE D 515 -6.59 -15.32 -26.61
N GLY D 516 -5.76 -16.36 -26.72
CA GLY D 516 -4.51 -16.53 -25.94
C GLY D 516 -4.79 -16.83 -24.48
N HIS D 517 -5.98 -17.36 -24.20
CA HIS D 517 -6.48 -17.66 -22.81
C HIS D 517 -6.33 -16.40 -21.96
N ARG D 518 -6.86 -15.26 -22.46
CA ARG D 518 -6.87 -13.93 -21.80
C ARG D 518 -7.42 -14.03 -20.37
N SER D 519 -8.58 -14.66 -20.20
CA SER D 519 -9.33 -14.72 -18.91
C SER D 519 -8.45 -15.32 -17.80
N PHE D 520 -7.53 -16.23 -18.13
CA PHE D 520 -6.54 -16.76 -17.15
C PHE D 520 -5.48 -15.70 -16.80
N TRP D 521 -4.95 -14.99 -17.80
CA TRP D 521 -3.81 -14.05 -17.61
C TRP D 521 -4.29 -12.74 -16.95
N ASP D 522 -5.56 -12.37 -17.11
CA ASP D 522 -6.15 -11.16 -16.47
C ASP D 522 -6.51 -11.45 -15.01
N SER D 523 -6.47 -12.71 -14.57
CA SER D 523 -6.97 -13.15 -13.24
C SER D 523 -5.85 -13.21 -12.19
N LEU D 524 -4.60 -13.00 -12.58
CA LEU D 524 -3.41 -13.17 -11.70
C LEU D 524 -3.11 -11.89 -10.93
N GLY D 525 -3.80 -10.79 -11.25
CA GLY D 525 -3.62 -9.48 -10.58
C GLY D 525 -2.31 -8.81 -10.97
N PHE D 526 -1.89 -8.91 -12.23
CA PHE D 526 -0.78 -8.07 -12.76
C PHE D 526 -1.29 -6.62 -12.82
N VAL D 527 -0.44 -5.65 -12.49
CA VAL D 527 -0.77 -4.20 -12.53
C VAL D 527 -0.46 -3.70 -13.95
N GLU D 528 -1.19 -4.26 -14.92
CA GLU D 528 -1.04 -4.04 -16.38
C GLU D 528 -2.42 -3.75 -16.97
N ASN D 529 -2.49 -2.90 -18.01
CA ASN D 529 -3.68 -2.67 -18.86
C ASN D 529 -4.92 -2.39 -17.97
N GLU D 530 -5.99 -3.19 -18.14
CA GLU D 530 -7.28 -3.07 -17.40
C GLU D 530 -7.02 -2.70 -15.94
N ASN D 531 -6.08 -3.40 -15.27
CA ASN D 531 -5.81 -3.28 -13.81
C ASN D 531 -4.59 -2.40 -13.56
N TYR D 532 -4.24 -1.48 -14.47
CA TYR D 532 -3.07 -0.57 -14.33
C TYR D 532 -3.41 0.56 -13.35
N ARG D 533 -2.51 0.78 -12.37
CA ARG D 533 -2.51 1.92 -11.42
C ARG D 533 -1.08 2.44 -11.24
N HIS D 534 -0.96 3.68 -10.75
CA HIS D 534 0.30 4.32 -10.30
C HIS D 534 0.05 5.81 -10.06
N SER E 1 -56.07 6.25 12.85
CA SER E 1 -55.98 4.76 12.86
C SER E 1 -54.53 4.32 12.64
N LYS E 2 -53.82 3.96 13.71
CA LYS E 2 -52.33 3.80 13.73
C LYS E 2 -51.86 2.79 12.68
N PRO E 3 -50.67 3.00 12.06
CA PRO E 3 -50.17 2.11 11.02
C PRO E 3 -49.75 0.72 11.56
N VAL E 4 -49.98 -0.33 10.76
CA VAL E 4 -49.77 -1.75 11.14
C VAL E 4 -48.96 -2.45 10.03
N VAL E 5 -47.84 -3.06 10.38
CA VAL E 5 -47.05 -3.96 9.47
C VAL E 5 -46.73 -5.24 10.22
N ARG E 6 -46.75 -6.35 9.49
CA ARG E 6 -46.16 -7.63 9.95
C ARG E 6 -44.73 -7.69 9.41
N VAL E 7 -43.76 -7.95 10.30
CA VAL E 7 -42.36 -8.33 9.92
C VAL E 7 -42.22 -9.82 10.23
N THR E 8 -41.02 -10.38 10.03
CA THR E 8 -40.73 -11.83 10.19
C THR E 8 -41.17 -12.30 11.59
N GLN E 9 -40.90 -11.50 12.62
CA GLN E 9 -41.11 -11.89 14.04
C GLN E 9 -42.53 -11.53 14.51
N GLY E 10 -43.32 -10.82 13.70
CA GLY E 10 -44.75 -10.60 13.98
C GLY E 10 -45.23 -9.19 13.67
N VAL E 11 -46.35 -8.80 14.28
CA VAL E 11 -47.12 -7.59 13.91
C VAL E 11 -46.61 -6.40 14.74
N LEU E 12 -46.36 -5.28 14.06
CA LEU E 12 -45.96 -3.99 14.67
C LEU E 12 -47.10 -3.00 14.50
N GLN E 13 -47.38 -2.22 15.54
CA GLN E 13 -48.26 -1.03 15.43
C GLN E 13 -47.39 0.22 15.65
N GLY E 14 -47.33 1.09 14.63
CA GLY E 14 -46.48 2.29 14.64
C GLY E 14 -47.28 3.54 14.95
N SER E 15 -46.73 4.70 14.62
CA SER E 15 -47.38 6.03 14.74
C SER E 15 -47.33 6.74 13.38
N TRP E 16 -48.35 7.56 13.10
CA TRP E 16 -48.35 8.52 11.98
C TRP E 16 -47.61 9.78 12.44
N LYS E 17 -46.59 10.19 11.69
CA LYS E 17 -45.74 11.37 11.97
C LYS E 17 -45.83 12.32 10.78
N VAL E 18 -45.24 13.50 10.92
CA VAL E 18 -45.22 14.56 9.88
C VAL E 18 -43.76 14.92 9.58
N SER E 19 -43.42 15.00 8.30
CA SER E 19 -42.09 15.49 7.80
C SER E 19 -42.01 17.00 8.00
N THR E 20 -40.83 17.57 7.79
CA THR E 20 -40.57 19.02 7.99
C THR E 20 -41.52 19.85 7.12
N HIS E 21 -41.72 19.46 5.84
CA HIS E 21 -42.64 20.15 4.90
C HIS E 21 -44.07 19.53 4.96
N GLY E 22 -44.42 18.88 6.08
CA GLY E 22 -45.82 18.65 6.48
C GLY E 22 -46.46 17.40 5.89
N ARG E 23 -45.66 16.49 5.31
CA ARG E 23 -46.14 15.26 4.64
C ARG E 23 -46.17 14.08 5.63
N THR E 24 -47.25 13.29 5.59
CA THR E 24 -47.47 12.07 6.42
C THR E 24 -46.39 11.02 6.16
N TYR E 25 -45.86 10.42 7.21
CA TYR E 25 -45.02 9.21 7.10
C TYR E 25 -45.31 8.26 8.27
N ALA E 26 -45.17 6.96 8.02
CA ALA E 26 -45.35 5.88 9.02
C ALA E 26 -44.01 5.64 9.72
N SER E 27 -44.05 5.65 11.07
CA SER E 27 -42.89 5.52 11.99
C SER E 27 -43.09 4.28 12.86
N PHE E 28 -42.17 3.31 12.78
CA PHE E 28 -42.08 2.10 13.63
C PHE E 28 -40.76 2.17 14.40
N GLU E 29 -40.83 2.43 15.70
CA GLU E 29 -39.66 2.64 16.59
C GLU E 29 -39.65 1.56 17.68
N GLY E 30 -38.47 1.26 18.21
CA GLY E 30 -38.30 0.22 19.24
C GLY E 30 -38.59 -1.18 18.72
N VAL E 31 -38.40 -1.41 17.42
CA VAL E 31 -38.60 -2.74 16.78
C VAL E 31 -37.39 -3.61 17.11
N PRO E 32 -37.57 -4.74 17.83
CA PRO E 32 -36.44 -5.60 18.16
C PRO E 32 -35.98 -6.37 16.91
N TYR E 33 -34.68 -6.39 16.63
CA TYR E 33 -34.13 -7.05 15.41
C TYR E 33 -33.30 -8.29 15.80
N ALA E 34 -33.22 -8.62 17.09
CA ALA E 34 -32.39 -9.72 17.62
C ALA E 34 -32.78 -9.99 19.08
N ARG E 35 -32.42 -11.16 19.58
CA ARG E 35 -32.64 -11.58 20.99
C ARG E 35 -31.89 -10.63 21.90
N PRO E 36 -32.48 -10.19 23.03
CA PRO E 36 -31.74 -9.41 24.02
C PRO E 36 -30.40 -10.05 24.39
N PRO E 37 -29.26 -9.35 24.22
CA PRO E 37 -27.94 -9.93 24.52
C PRO E 37 -27.64 -9.92 26.03
N VAL E 38 -28.37 -10.75 26.77
CA VAL E 38 -28.49 -10.73 28.27
C VAL E 38 -27.98 -12.07 28.81
N GLY E 39 -27.43 -12.08 30.03
CA GLY E 39 -26.89 -13.28 30.70
C GLY E 39 -25.77 -13.93 29.90
N LYS E 40 -25.97 -15.18 29.48
CA LYS E 40 -24.93 -15.99 28.78
C LYS E 40 -24.73 -15.51 27.33
N TYR E 41 -25.62 -14.64 26.84
CA TYR E 41 -25.58 -14.06 25.47
C TYR E 41 -24.98 -12.66 25.50
N ARG E 42 -24.56 -12.19 26.69
CA ARG E 42 -23.67 -11.01 26.82
C ARG E 42 -22.33 -11.35 26.16
N PHE E 43 -21.76 -10.37 25.45
CA PHE E 43 -20.44 -10.41 24.75
C PHE E 43 -20.54 -11.26 23.49
N ARG E 44 -21.59 -12.06 23.32
CA ARG E 44 -21.70 -13.05 22.22
C ARG E 44 -22.36 -12.41 21.00
N GLU E 45 -22.20 -13.05 19.83
CA GLU E 45 -22.79 -12.60 18.55
C GLU E 45 -24.29 -12.49 18.75
N PRO E 46 -24.99 -11.58 18.02
CA PRO E 46 -26.44 -11.45 18.16
C PRO E 46 -27.14 -12.77 17.83
N GLN E 47 -28.18 -13.13 18.56
CA GLN E 47 -28.97 -14.37 18.34
C GLN E 47 -30.28 -14.02 17.61
N HIS E 48 -30.85 -14.99 16.90
CA HIS E 48 -32.15 -14.85 16.21
C HIS E 48 -33.23 -14.50 17.25
N LEU E 49 -34.11 -13.57 16.90
CA LEU E 49 -35.26 -13.16 17.72
C LEU E 49 -36.39 -14.17 17.51
N LYS E 50 -36.83 -14.82 18.59
CA LYS E 50 -38.04 -15.68 18.63
C LYS E 50 -39.26 -14.80 18.35
N PRO E 51 -40.20 -15.19 17.46
CA PRO E 51 -41.39 -14.38 17.18
C PRO E 51 -42.21 -14.06 18.44
N TRP E 52 -42.81 -12.87 18.49
CA TRP E 52 -43.53 -12.32 19.66
C TRP E 52 -45.05 -12.48 19.44
N ALA E 53 -45.78 -12.77 20.52
CA ALA E 53 -47.25 -12.94 20.53
C ALA E 53 -47.93 -11.57 20.40
N GLY E 54 -49.12 -11.52 19.79
CA GLY E 54 -49.98 -10.32 19.69
C GLY E 54 -49.32 -9.19 18.94
N VAL E 55 -49.58 -7.95 19.34
CA VAL E 55 -49.16 -6.72 18.58
C VAL E 55 -48.12 -5.95 19.39
N TRP E 56 -46.90 -5.79 18.84
CA TRP E 56 -45.77 -5.08 19.49
C TRP E 56 -45.90 -3.58 19.23
N ASP E 57 -45.94 -2.78 20.30
CA ASP E 57 -46.08 -1.31 20.24
C ASP E 57 -44.77 -0.69 19.71
N ALA E 58 -44.84 -0.02 18.56
CA ALA E 58 -43.70 0.65 17.90
C ALA E 58 -44.00 2.14 17.70
N SER E 59 -44.67 2.79 18.66
CA SER E 59 -45.04 4.25 18.61
C SER E 59 -44.00 5.13 19.31
N LYS E 60 -43.09 4.52 20.08
CA LYS E 60 -42.02 5.20 20.86
C LYS E 60 -40.67 4.51 20.61
N THR E 61 -39.57 5.25 20.72
CA THR E 61 -38.20 4.68 20.80
C THR E 61 -38.05 4.00 22.17
N LEU E 62 -37.32 2.90 22.23
CA LEU E 62 -37.05 2.12 23.47
C LEU E 62 -35.60 2.34 23.87
N PRO E 63 -35.10 1.75 24.97
CA PRO E 63 -33.76 2.09 25.46
C PRO E 63 -32.58 1.93 24.49
N GLN E 64 -31.67 2.90 24.60
CA GLN E 64 -30.27 2.85 24.09
C GLN E 64 -29.51 1.68 24.73
N CYS E 65 -28.45 1.24 24.08
CA CYS E 65 -27.54 0.21 24.65
C CYS E 65 -26.81 0.79 25.86
N LEU E 66 -26.66 -0.02 26.91
CA LEU E 66 -25.93 0.33 28.15
C LEU E 66 -24.54 0.85 27.75
N GLN E 67 -24.23 2.05 28.23
CA GLN E 67 -23.13 2.88 27.70
C GLN E 67 -22.65 3.81 28.81
N TRP E 68 -21.36 4.12 28.79
CA TRP E 68 -20.82 5.32 29.49
C TRP E 68 -21.09 6.54 28.60
N ASP E 69 -21.96 7.44 29.07
CA ASP E 69 -22.28 8.72 28.40
C ASP E 69 -21.38 9.77 29.04
N PRO E 70 -20.29 10.18 28.37
CA PRO E 70 -19.34 11.10 28.98
C PRO E 70 -19.91 12.50 29.18
N PHE E 71 -20.97 12.88 28.45
CA PHE E 71 -21.61 14.23 28.53
C PHE E 71 -22.47 14.31 29.79
N GLN E 72 -23.22 13.25 30.10
CA GLN E 72 -24.05 13.15 31.33
C GLN E 72 -23.23 12.58 32.50
N GLN E 73 -22.02 12.09 32.25
CA GLN E 73 -21.15 11.47 33.28
C GLN E 73 -21.94 10.41 34.07
N GLU E 74 -22.54 9.44 33.38
CA GLU E 74 -23.32 8.34 34.01
C GLU E 74 -23.40 7.14 33.05
N VAL E 75 -23.62 5.94 33.61
CA VAL E 75 -24.06 4.75 32.86
C VAL E 75 -25.57 4.88 32.63
N SER E 76 -26.03 4.76 31.38
CA SER E 76 -27.47 4.81 31.02
C SER E 76 -27.77 3.79 29.91
N GLY E 77 -29.05 3.57 29.63
CA GLY E 77 -29.56 2.62 28.64
C GLY E 77 -29.84 1.26 29.27
N SER E 78 -29.84 0.21 28.46
CA SER E 78 -30.14 -1.18 28.90
C SER E 78 -29.34 -2.17 28.05
N GLU E 79 -29.04 -3.34 28.61
CA GLU E 79 -28.53 -4.49 27.81
C GLU E 79 -29.56 -4.82 26.73
N ASN E 80 -30.85 -4.79 27.08
CA ASN E 80 -31.97 -5.04 26.13
C ASN E 80 -32.16 -3.78 25.29
N CYS E 81 -31.45 -3.67 24.16
CA CYS E 81 -31.30 -2.40 23.40
C CYS E 81 -31.23 -2.62 21.89
N LEU E 82 -31.29 -3.85 21.41
CA LEU E 82 -31.12 -4.15 19.96
C LEU E 82 -32.44 -3.84 19.26
N TYR E 83 -32.69 -2.55 19.08
CA TYR E 83 -33.94 -1.99 18.50
C TYR E 83 -33.57 -1.30 17.19
N ILE E 84 -34.47 -1.41 16.22
CA ILE E 84 -34.36 -0.72 14.90
C ILE E 84 -35.58 0.20 14.78
N ASN E 85 -35.43 1.30 14.05
CA ASN E 85 -36.49 2.31 13.83
C ASN E 85 -36.64 2.48 12.31
N VAL E 86 -37.84 2.21 11.79
CA VAL E 86 -38.14 2.21 10.33
C VAL E 86 -39.17 3.29 10.03
N HIS E 87 -38.85 4.19 9.10
CA HIS E 87 -39.69 5.36 8.72
C HIS E 87 -39.90 5.35 7.20
N THR E 88 -41.17 5.36 6.75
CA THR E 88 -41.53 5.30 5.31
C THR E 88 -42.66 6.28 5.00
N PRO E 89 -42.55 7.08 3.92
CA PRO E 89 -43.66 7.92 3.45
C PRO E 89 -44.65 7.19 2.54
N LYS E 90 -44.38 5.93 2.21
CA LYS E 90 -45.28 5.03 1.42
C LYS E 90 -45.29 3.64 2.07
N LEU E 91 -46.22 3.41 3.00
CA LEU E 91 -46.40 2.10 3.69
C LEU E 91 -47.17 1.16 2.75
N SER E 92 -46.44 0.46 1.89
CA SER E 92 -46.98 -0.34 0.77
C SER E 92 -45.87 -1.23 0.20
N ALA E 93 -46.02 -2.56 0.27
CA ALA E 93 -45.04 -3.56 -0.23
C ALA E 93 -44.57 -3.20 -1.63
N GLY E 94 -45.43 -2.56 -2.43
CA GLY E 94 -45.16 -2.21 -3.85
C GLY E 94 -44.14 -1.09 -4.05
N ALA E 95 -44.06 -0.12 -3.13
CA ALA E 95 -43.40 1.19 -3.32
C ALA E 95 -41.98 1.05 -3.85
N SER E 96 -41.19 0.13 -3.30
CA SER E 96 -39.77 -0.16 -3.70
C SER E 96 -38.91 1.11 -3.69
N LEU E 97 -38.91 1.85 -2.57
CA LEU E 97 -38.11 3.09 -2.41
C LEU E 97 -36.69 2.74 -2.01
N PRO E 98 -35.69 3.61 -2.31
CA PRO E 98 -34.35 3.45 -1.75
C PRO E 98 -34.41 3.48 -0.22
N VAL E 99 -33.51 2.74 0.44
CA VAL E 99 -33.43 2.63 1.93
C VAL E 99 -32.15 3.33 2.41
N VAL E 100 -32.31 4.41 3.18
CA VAL E 100 -31.19 5.15 3.85
C VAL E 100 -31.04 4.60 5.27
N VAL E 101 -29.98 3.82 5.50
CA VAL E 101 -29.63 3.25 6.84
C VAL E 101 -28.59 4.15 7.46
N PHE E 102 -28.81 4.65 8.68
CA PHE E 102 -27.84 5.49 9.42
C PHE E 102 -27.25 4.72 10.60
N ILE E 103 -25.93 4.60 10.64
CA ILE E 103 -25.17 4.06 11.80
C ILE E 103 -24.70 5.26 12.62
N HIS E 104 -25.20 5.43 13.83
CA HIS E 104 -24.88 6.61 14.70
C HIS E 104 -23.41 6.53 15.13
N GLY E 105 -22.85 7.67 15.53
CA GLY E 105 -21.51 7.79 16.13
C GLY E 105 -21.58 7.91 17.64
N GLY E 106 -20.44 8.21 18.26
CA GLY E 106 -20.22 8.12 19.71
C GLY E 106 -19.02 7.26 20.03
N ALA E 107 -18.03 7.18 19.14
CA ALA E 107 -16.67 6.65 19.41
C ALA E 107 -16.70 5.14 19.73
N PHE E 108 -17.78 4.45 19.39
CA PHE E 108 -18.10 3.04 19.78
C PHE E 108 -18.38 2.92 21.29
N MET E 109 -18.55 4.03 22.03
CA MET E 109 -18.76 4.03 23.50
C MET E 109 -20.21 4.41 23.85
N TYR E 110 -20.81 5.34 23.10
CA TYR E 110 -22.08 5.97 23.46
C TYR E 110 -22.91 6.28 22.21
N GLY E 111 -24.14 6.76 22.41
CA GLY E 111 -25.07 7.21 21.35
C GLY E 111 -26.21 6.24 21.15
N ALA E 112 -27.05 6.49 20.15
CA ALA E 112 -28.21 5.62 19.82
C ALA E 112 -28.82 6.07 18.48
N GLY E 113 -29.44 5.13 17.77
CA GLY E 113 -30.19 5.41 16.53
C GLY E 113 -31.33 6.38 16.78
N SER E 114 -31.96 6.27 17.96
CA SER E 114 -33.20 6.98 18.35
C SER E 114 -32.96 8.48 18.52
N LEU E 115 -31.69 8.92 18.61
CA LEU E 115 -31.29 10.34 18.77
C LEU E 115 -31.38 11.10 17.43
N TYR E 116 -31.56 10.39 16.30
CA TYR E 116 -31.48 10.98 14.93
C TYR E 116 -32.88 10.96 14.29
N ASP E 117 -33.50 12.14 14.27
CA ASP E 117 -34.90 12.34 13.80
C ASP E 117 -34.85 12.51 12.27
N VAL E 118 -35.68 11.76 11.56
CA VAL E 118 -35.63 11.64 10.07
C VAL E 118 -36.68 12.55 9.41
N SER E 119 -37.22 13.53 10.13
CA SER E 119 -38.27 14.47 9.64
C SER E 119 -37.87 15.08 8.28
N HIS E 120 -36.62 15.54 8.13
CA HIS E 120 -36.12 16.14 6.86
C HIS E 120 -36.14 15.06 5.77
N LEU E 121 -35.63 13.86 6.06
CA LEU E 121 -35.46 12.76 5.07
C LEU E 121 -36.82 12.31 4.51
N MET E 122 -37.89 12.43 5.28
CA MET E 122 -39.23 11.91 4.91
C MET E 122 -39.90 12.83 3.89
N ASP E 123 -39.26 13.94 3.51
CA ASP E 123 -39.68 14.79 2.36
C ASP E 123 -39.06 14.28 1.06
N ARG E 124 -38.34 13.17 1.07
CA ARG E 124 -37.90 12.44 -0.15
C ARG E 124 -38.54 11.06 -0.16
N ASP E 125 -38.64 10.43 -1.34
CA ASP E 125 -39.23 9.09 -1.49
C ASP E 125 -38.16 8.06 -1.15
N VAL E 126 -37.83 7.96 0.14
CA VAL E 126 -36.86 6.98 0.73
C VAL E 126 -37.47 6.41 2.01
N VAL E 127 -37.08 5.18 2.35
CA VAL E 127 -37.23 4.60 3.71
C VAL E 127 -35.96 4.95 4.50
N ALA E 128 -36.13 5.45 5.72
CA ALA E 128 -35.02 5.81 6.64
C ALA E 128 -35.02 4.80 7.78
N VAL E 129 -33.83 4.33 8.16
CA VAL E 129 -33.62 3.32 9.22
C VAL E 129 -32.47 3.80 10.10
N THR E 130 -32.73 3.92 11.40
CA THR E 130 -31.71 4.07 12.47
C THR E 130 -31.82 2.85 13.37
N PHE E 131 -30.80 2.57 14.16
CA PHE E 131 -30.82 1.41 15.08
C PHE E 131 -29.68 1.53 16.10
N ASN E 132 -29.76 0.67 17.11
CA ASN E 132 -28.74 0.55 18.19
C ASN E 132 -27.93 -0.73 17.94
N TYR E 133 -26.65 -0.66 18.28
CA TYR E 133 -25.66 -1.76 18.28
C TYR E 133 -24.95 -1.69 19.62
N ARG E 134 -24.42 -2.82 20.11
CA ARG E 134 -23.78 -2.86 21.44
C ARG E 134 -22.49 -2.02 21.43
N LEU E 135 -22.21 -1.40 22.58
CA LEU E 135 -21.22 -0.32 22.74
C LEU E 135 -20.19 -0.72 23.80
N GLY E 136 -19.02 -0.10 23.74
CA GLY E 136 -17.99 -0.25 24.78
C GLY E 136 -17.62 -1.72 24.97
N PRO E 137 -17.37 -2.17 26.21
CA PRO E 137 -16.99 -3.56 26.44
C PRO E 137 -18.12 -4.55 26.09
N LEU E 138 -19.41 -4.17 26.22
CA LEU E 138 -20.53 -5.09 25.90
C LEU E 138 -20.52 -5.40 24.40
N GLY E 139 -20.08 -4.46 23.56
CA GLY E 139 -20.06 -4.64 22.10
C GLY E 139 -18.71 -5.10 21.55
N PHE E 140 -17.61 -4.85 22.26
CA PHE E 140 -16.24 -4.91 21.67
C PHE E 140 -15.19 -5.54 22.61
N LEU E 141 -15.59 -6.14 23.74
CA LEU E 141 -14.69 -7.02 24.52
C LEU E 141 -14.07 -8.04 23.57
N SER E 142 -12.76 -8.26 23.69
CA SER E 142 -12.05 -9.34 22.97
C SER E 142 -10.88 -9.81 23.83
N THR E 143 -10.76 -11.13 24.00
CA THR E 143 -9.61 -11.79 24.65
C THR E 143 -8.60 -12.21 23.59
N GLY E 144 -8.92 -11.97 22.31
CA GLY E 144 -8.09 -12.37 21.15
C GLY E 144 -8.01 -13.88 21.00
N ASP E 145 -9.07 -14.60 21.39
CA ASP E 145 -9.25 -16.07 21.28
C ASP E 145 -10.76 -16.38 21.31
N GLU E 146 -11.14 -17.65 21.42
CA GLU E 146 -12.54 -18.11 21.21
C GLU E 146 -13.43 -17.76 22.41
N SER E 147 -12.86 -17.38 23.56
CA SER E 147 -13.63 -16.97 24.77
C SER E 147 -14.38 -15.65 24.50
N ALA E 148 -13.80 -14.76 23.70
CA ALA E 148 -14.45 -13.52 23.21
C ALA E 148 -13.70 -13.02 21.98
N PRO E 149 -14.06 -13.47 20.77
CA PRO E 149 -13.27 -13.15 19.56
C PRO E 149 -13.34 -11.68 19.14
N GLY E 150 -14.42 -10.96 19.45
CA GLY E 150 -14.53 -9.49 19.25
C GLY E 150 -15.61 -9.12 18.24
N ASN E 151 -15.85 -7.82 18.08
CA ASN E 151 -16.68 -7.24 16.98
C ASN E 151 -18.18 -7.57 17.16
N ALA E 152 -18.62 -7.92 18.37
CA ALA E 152 -20.04 -8.26 18.66
C ALA E 152 -20.94 -7.10 18.19
N GLY E 153 -20.50 -5.85 18.40
CA GLY E 153 -21.23 -4.63 18.01
C GLY E 153 -21.32 -4.47 16.50
N LEU E 154 -20.24 -4.77 15.76
CA LEU E 154 -20.28 -4.76 14.28
C LEU E 154 -21.15 -5.92 13.79
N LYS E 155 -21.18 -7.03 14.54
CA LYS E 155 -22.06 -8.18 14.25
C LYS E 155 -23.51 -7.75 14.45
N ASP E 156 -23.80 -6.96 15.48
CA ASP E 156 -25.14 -6.35 15.71
C ASP E 156 -25.57 -5.57 14.45
N GLN E 157 -24.70 -4.69 13.97
CA GLN E 157 -24.93 -3.84 12.77
C GLN E 157 -25.19 -4.72 11.54
N ALA E 158 -24.37 -5.76 11.32
CA ALA E 158 -24.53 -6.71 10.21
C ALA E 158 -25.89 -7.40 10.32
N PHE E 159 -26.25 -7.83 11.53
CA PHE E 159 -27.54 -8.51 11.82
C PHE E 159 -28.70 -7.56 11.45
N ALA E 160 -28.58 -6.28 11.78
CA ALA E 160 -29.59 -5.23 11.49
C ALA E 160 -29.73 -5.07 9.98
N LEU E 161 -28.60 -5.05 9.26
CA LEU E 161 -28.57 -5.00 7.77
C LEU E 161 -29.25 -6.24 7.20
N GLN E 162 -29.01 -7.41 7.78
CA GLN E 162 -29.66 -8.69 7.37
C GLN E 162 -31.18 -8.55 7.59
N TRP E 163 -31.58 -7.95 8.70
CA TRP E 163 -33.01 -7.68 9.06
C TRP E 163 -33.63 -6.76 8.02
N VAL E 164 -32.92 -5.68 7.65
CA VAL E 164 -33.40 -4.72 6.61
C VAL E 164 -33.64 -5.51 5.32
N LYS E 165 -32.67 -6.30 4.88
CA LYS E 165 -32.80 -7.11 3.62
C LYS E 165 -34.07 -7.97 3.65
N ASN E 166 -34.35 -8.64 4.78
CA ASN E 166 -35.46 -9.60 4.92
C ASN E 166 -36.81 -8.90 5.13
N ASN E 167 -36.82 -7.68 5.69
CA ASN E 167 -38.07 -7.06 6.23
C ASN E 167 -38.41 -5.72 5.59
N VAL E 168 -37.45 -4.98 5.00
CA VAL E 168 -37.70 -3.56 4.62
C VAL E 168 -38.77 -3.48 3.52
N MET E 169 -38.98 -4.55 2.73
CA MET E 169 -39.99 -4.52 1.65
C MET E 169 -41.38 -4.21 2.23
N MET E 170 -41.71 -4.73 3.41
CA MET E 170 -43.05 -4.55 4.06
C MET E 170 -43.30 -3.07 4.40
N PHE E 171 -42.24 -2.25 4.50
CA PHE E 171 -42.33 -0.79 4.75
C PHE E 171 -42.20 0.01 3.45
N GLY E 172 -42.24 -0.63 2.27
CA GLY E 172 -42.10 0.03 0.96
C GLY E 172 -40.64 0.30 0.59
N GLY E 173 -39.68 -0.32 1.27
CA GLY E 173 -38.25 -0.23 0.96
C GLY E 173 -37.84 -1.21 -0.14
N ASN E 174 -36.80 -0.86 -0.89
CA ASN E 174 -36.11 -1.77 -1.85
C ASN E 174 -34.89 -2.35 -1.15
N PRO E 175 -34.87 -3.66 -0.82
CA PRO E 175 -33.72 -4.25 -0.13
C PRO E 175 -32.45 -4.26 -0.98
N ASP E 176 -32.58 -4.04 -2.30
CA ASP E 176 -31.46 -4.02 -3.28
C ASP E 176 -31.02 -2.58 -3.60
N SER E 177 -31.54 -1.58 -2.88
CA SER E 177 -31.10 -0.16 -3.01
C SER E 177 -30.94 0.44 -1.60
N VAL E 178 -30.14 -0.22 -0.76
CA VAL E 178 -29.76 0.27 0.59
C VAL E 178 -28.54 1.19 0.46
N THR E 179 -28.72 2.46 0.78
CA THR E 179 -27.65 3.47 0.96
C THR E 179 -27.19 3.39 2.41
N LEU E 180 -26.04 2.77 2.66
CA LEU E 180 -25.49 2.58 4.03
C LEU E 180 -24.69 3.82 4.40
N THR E 181 -25.20 4.61 5.35
CA THR E 181 -24.60 5.88 5.81
C THR E 181 -24.25 5.75 7.29
N GLY E 182 -23.26 6.51 7.75
CA GLY E 182 -22.86 6.60 9.17
C GLY E 182 -21.95 7.79 9.40
N CYS E 183 -21.90 8.30 10.63
CA CYS E 183 -21.03 9.45 11.04
C CYS E 183 -20.09 9.02 12.17
N SER E 184 -18.82 9.42 12.13
CA SER E 184 -17.82 9.23 13.22
C SER E 184 -17.53 7.73 13.34
N ALA E 185 -17.81 7.12 14.50
CA ALA E 185 -17.75 5.65 14.67
C ALA E 185 -18.71 5.01 13.66
N GLY E 186 -19.79 5.71 13.31
CA GLY E 186 -20.77 5.29 12.30
C GLY E 186 -20.18 5.29 10.90
N GLY E 187 -19.31 6.25 10.59
CA GLY E 187 -18.58 6.36 9.30
C GLY E 187 -17.58 5.23 9.15
N ALA E 188 -16.72 5.07 10.16
CA ALA E 188 -15.78 3.94 10.30
C ALA E 188 -16.55 2.63 10.13
N SER E 189 -17.72 2.54 10.76
CA SER E 189 -18.61 1.35 10.73
C SER E 189 -18.99 1.04 9.28
N VAL E 190 -19.41 2.05 8.51
CA VAL E 190 -19.72 1.92 7.06
C VAL E 190 -18.52 1.28 6.36
N HIS E 191 -17.32 1.82 6.59
CA HIS E 191 -16.05 1.26 6.06
C HIS E 191 -15.91 -0.20 6.48
N TYR E 192 -16.11 -0.51 7.76
CA TYR E 192 -15.97 -1.88 8.31
C TYR E 192 -16.90 -2.83 7.55
N HIS E 193 -18.09 -2.36 7.18
CA HIS E 193 -19.08 -3.16 6.42
C HIS E 193 -18.57 -3.44 5.00
N TYR E 194 -17.80 -2.53 4.40
CA TYR E 194 -17.13 -2.75 3.09
C TYR E 194 -16.14 -3.92 3.19
N LEU E 195 -15.61 -4.22 4.38
CA LEU E 195 -14.47 -5.16 4.58
C LEU E 195 -14.96 -6.54 5.01
N SER E 196 -16.21 -6.70 5.45
CA SER E 196 -16.72 -7.94 6.09
C SER E 196 -17.47 -8.82 5.10
N PRO E 197 -17.25 -10.15 5.13
CA PRO E 197 -18.09 -11.09 4.38
C PRO E 197 -19.56 -11.03 4.81
N LEU E 198 -19.81 -10.76 6.10
CA LEU E 198 -21.16 -10.79 6.74
C LEU E 198 -22.06 -9.74 6.09
N SER E 199 -21.49 -8.68 5.52
CA SER E 199 -22.28 -7.52 5.02
C SER E 199 -22.23 -7.44 3.48
N LYS E 200 -21.53 -8.37 2.84
CA LYS E 200 -21.39 -8.40 1.37
C LYS E 200 -22.77 -8.59 0.72
N GLY E 201 -23.15 -7.72 -0.22
CA GLY E 201 -24.42 -7.79 -0.98
C GLY E 201 -25.60 -7.18 -0.23
N ASN E 202 -25.38 -6.63 0.97
CA ASN E 202 -26.45 -6.09 1.84
C ASN E 202 -26.47 -4.55 1.80
N PHE E 203 -25.75 -3.92 0.88
CA PHE E 203 -25.91 -2.48 0.56
C PHE E 203 -25.42 -2.20 -0.85
N ALA E 204 -26.13 -1.33 -1.56
CA ALA E 204 -25.88 -0.98 -2.98
C ALA E 204 -24.81 0.11 -3.07
N ARG E 205 -24.63 0.89 -2.00
CA ARG E 205 -23.73 2.07 -1.96
C ARG E 205 -23.54 2.54 -0.51
N GLY E 206 -22.56 3.40 -0.24
CA GLY E 206 -22.24 3.86 1.13
C GLY E 206 -21.83 5.32 1.23
N ILE E 207 -22.16 5.97 2.34
CA ILE E 207 -21.67 7.31 2.75
C ILE E 207 -21.03 7.20 4.14
N ALA E 208 -19.71 7.47 4.24
CA ALA E 208 -18.93 7.49 5.49
C ALA E 208 -18.63 8.94 5.82
N PHE E 209 -19.51 9.56 6.61
CA PHE E 209 -19.37 10.95 7.10
C PHE E 209 -18.30 10.97 8.22
N SER E 210 -17.14 11.57 7.96
CA SER E 210 -16.12 11.95 8.97
C SER E 210 -15.69 10.72 9.78
N GLY E 211 -15.28 9.66 9.11
CA GLY E 211 -14.79 8.43 9.77
C GLY E 211 -14.34 7.36 8.80
N ALA E 212 -13.35 6.58 9.20
CA ALA E 212 -12.77 5.45 8.42
C ALA E 212 -12.22 4.38 9.38
N ALA E 213 -12.27 3.11 8.98
CA ALA E 213 -11.74 1.95 9.74
C ALA E 213 -10.20 1.97 9.75
N PHE E 214 -9.56 2.91 9.06
CA PHE E 214 -8.09 3.12 9.07
C PHE E 214 -7.67 3.96 10.29
N ALA E 215 -8.60 4.66 10.94
CA ALA E 215 -8.30 5.58 12.06
C ALA E 215 -8.08 4.77 13.33
N SER E 216 -7.04 5.14 14.10
CA SER E 216 -6.48 4.42 15.29
C SER E 216 -7.56 4.17 16.34
N TRP E 217 -8.44 5.16 16.54
CA TRP E 217 -9.46 5.17 17.62
C TRP E 217 -10.57 4.17 17.29
N THR E 218 -10.62 3.64 16.07
CA THR E 218 -11.66 2.67 15.62
C THR E 218 -11.15 1.23 15.75
N HIS E 219 -9.91 1.01 16.20
CA HIS E 219 -9.26 -0.32 16.16
C HIS E 219 -8.45 -0.58 17.43
N ALA E 220 -8.65 -1.74 18.05
CA ALA E 220 -7.89 -2.22 19.23
C ALA E 220 -6.81 -3.19 18.72
N VAL E 221 -5.55 -2.83 18.93
CA VAL E 221 -4.38 -3.69 18.56
C VAL E 221 -4.08 -4.66 19.71
N LYS E 222 -4.43 -4.30 20.95
CA LYS E 222 -4.12 -5.09 22.17
C LYS E 222 -5.38 -5.31 23.00
N PRO E 223 -6.42 -5.98 22.42
CA PRO E 223 -7.70 -6.15 23.11
C PRO E 223 -7.62 -6.91 24.44
N LEU E 224 -6.66 -7.84 24.57
CA LEU E 224 -6.51 -8.72 25.76
C LEU E 224 -5.93 -7.89 26.91
N GLN E 225 -5.03 -6.95 26.64
CA GLN E 225 -4.55 -6.00 27.66
C GLN E 225 -5.77 -5.26 28.26
N ASN E 226 -6.68 -4.82 27.39
CA ASN E 226 -7.89 -4.04 27.76
C ASN E 226 -8.86 -4.92 28.55
N ALA E 227 -9.10 -6.17 28.11
CA ALA E 227 -10.01 -7.13 28.77
C ALA E 227 -9.50 -7.44 30.18
N ARG E 228 -8.20 -7.66 30.32
CA ARG E 228 -7.55 -8.02 31.60
C ARG E 228 -7.61 -6.83 32.57
N SER E 229 -7.41 -5.61 32.05
CA SER E 229 -7.46 -4.36 32.83
C SER E 229 -8.85 -4.18 33.44
N LEU E 230 -9.89 -4.29 32.59
CA LEU E 230 -11.34 -4.14 32.96
C LEU E 230 -11.71 -5.17 34.04
N ALA E 231 -11.41 -6.44 33.80
CA ALA E 231 -11.66 -7.56 34.72
C ALA E 231 -11.00 -7.27 36.08
N ALA E 232 -9.77 -6.76 36.10
CA ALA E 232 -9.02 -6.48 37.33
C ALA E 232 -9.68 -5.32 38.10
N ILE E 233 -10.06 -4.25 37.40
CA ILE E 233 -10.77 -3.07 37.99
C ILE E 233 -11.99 -3.57 38.75
N VAL E 234 -12.66 -4.60 38.22
CA VAL E 234 -13.97 -5.14 38.71
C VAL E 234 -13.74 -6.30 39.69
N GLY E 235 -12.49 -6.55 40.10
CA GLY E 235 -12.11 -7.57 41.10
C GLY E 235 -12.16 -8.99 40.57
N CYS E 236 -12.32 -9.18 39.26
CA CYS E 236 -12.32 -10.52 38.60
C CYS E 236 -10.93 -11.13 38.66
N PRO E 237 -10.82 -12.46 38.92
CA PRO E 237 -9.53 -13.13 38.83
C PRO E 237 -9.20 -13.25 37.34
N THR E 238 -8.00 -12.82 36.96
CA THR E 238 -7.36 -13.19 35.68
C THR E 238 -6.56 -14.46 36.01
N GLY E 239 -6.35 -15.28 34.99
CA GLY E 239 -5.81 -16.64 35.08
C GLY E 239 -5.92 -17.29 33.73
N THR E 240 -7.17 -17.55 33.30
CA THR E 240 -7.52 -17.97 31.93
C THR E 240 -8.46 -16.93 31.34
N ASN E 241 -8.56 -16.87 30.02
CA ASN E 241 -9.47 -15.95 29.30
C ASN E 241 -10.92 -16.45 29.44
N ARG E 242 -11.11 -17.77 29.56
CA ARG E 242 -12.46 -18.34 29.81
C ARG E 242 -12.98 -17.82 31.16
N GLU E 243 -12.17 -17.89 32.22
CA GLU E 243 -12.53 -17.40 33.58
C GLU E 243 -12.80 -15.90 33.55
N LEU E 244 -11.99 -15.15 32.78
CA LEU E 244 -12.08 -13.67 32.65
C LEU E 244 -13.46 -13.30 32.09
N VAL E 245 -13.82 -13.82 30.92
CA VAL E 245 -15.12 -13.51 30.23
C VAL E 245 -16.27 -13.99 31.13
N ASP E 246 -16.09 -15.12 31.80
CA ASP E 246 -17.13 -15.72 32.69
C ASP E 246 -17.41 -14.79 33.89
N CYS E 247 -16.39 -14.31 34.57
CA CYS E 247 -16.55 -13.36 35.71
C CYS E 247 -17.25 -12.07 35.22
N LEU E 248 -16.81 -11.51 34.09
CA LEU E 248 -17.41 -10.31 33.45
C LEU E 248 -18.88 -10.56 33.07
N LYS E 249 -19.23 -11.78 32.66
CA LYS E 249 -20.60 -12.17 32.27
C LYS E 249 -21.56 -12.08 33.47
N TYR E 250 -21.06 -12.35 34.68
CA TYR E 250 -21.86 -12.52 35.93
C TYR E 250 -21.76 -11.28 36.84
N ARG E 251 -20.85 -10.35 36.54
CA ARG E 251 -20.83 -9.02 37.17
C ARG E 251 -21.98 -8.22 36.59
N PRO E 252 -22.55 -7.24 37.32
CA PRO E 252 -23.61 -6.38 36.80
C PRO E 252 -23.11 -5.61 35.57
N ALA E 253 -23.95 -5.53 34.53
CA ALA E 253 -23.66 -4.86 33.25
C ALA E 253 -23.17 -3.43 33.52
N GLU E 254 -23.87 -2.72 34.43
CA GLU E 254 -23.62 -1.30 34.81
C GLU E 254 -22.19 -1.16 35.37
N VAL E 255 -21.75 -2.13 36.17
CA VAL E 255 -20.41 -2.11 36.83
C VAL E 255 -19.34 -2.27 35.74
N VAL E 256 -19.56 -3.18 34.79
CA VAL E 256 -18.64 -3.47 33.65
C VAL E 256 -18.55 -2.25 32.73
N VAL E 257 -19.67 -1.64 32.37
CA VAL E 257 -19.66 -0.45 31.48
C VAL E 257 -19.04 0.74 32.22
N GLY E 258 -19.25 0.87 33.53
CA GLY E 258 -18.72 2.01 34.31
C GLY E 258 -17.23 1.86 34.58
N ALA E 259 -16.73 0.64 34.65
CA ALA E 259 -15.35 0.30 35.05
C ALA E 259 -14.35 0.74 33.97
N GLN E 260 -14.79 0.93 32.74
CA GLN E 260 -13.86 1.21 31.61
C GLN E 260 -13.12 2.53 31.86
N ILE E 261 -13.78 3.54 32.42
CA ILE E 261 -13.22 4.93 32.58
C ILE E 261 -12.04 4.95 33.56
N GLU E 262 -11.82 3.87 34.33
CA GLU E 262 -10.75 3.77 35.36
C GLU E 262 -9.52 3.05 34.82
N MET E 263 -9.51 2.70 33.54
CA MET E 263 -8.35 2.03 32.89
C MET E 263 -7.18 3.02 32.81
N LEU E 264 -5.96 2.53 32.98
CA LEU E 264 -4.71 3.36 32.92
C LEU E 264 -4.69 4.06 31.55
N GLU E 265 -4.50 5.38 31.55
CA GLU E 265 -4.46 6.23 30.33
C GLU E 265 -5.75 6.07 29.53
N PHE E 266 -6.90 6.00 30.19
CA PHE E 266 -8.21 6.09 29.51
C PHE E 266 -8.25 7.40 28.72
N PRO E 267 -8.80 7.42 27.48
CA PRO E 267 -8.90 8.65 26.70
C PRO E 267 -9.29 9.89 27.52
N TYR E 268 -8.47 10.95 27.44
CA TYR E 268 -8.59 12.21 28.23
C TYR E 268 -9.90 12.90 27.87
N GLN E 269 -10.75 13.17 28.87
CA GLN E 269 -12.11 13.78 28.72
C GLN E 269 -13.10 12.75 28.16
N GLN E 270 -12.68 11.48 27.97
CA GLN E 270 -13.57 10.30 27.79
C GLN E 270 -14.37 10.46 26.49
N MET E 271 -13.72 10.95 25.43
CA MET E 271 -14.37 11.17 24.12
C MET E 271 -14.12 9.96 23.19
N PHE E 272 -13.34 8.97 23.65
CA PHE E 272 -13.06 7.70 22.94
C PHE E 272 -13.05 6.56 23.95
N THR E 273 -12.93 5.33 23.45
CA THR E 273 -12.91 4.11 24.29
C THR E 273 -11.91 3.12 23.69
N PRO E 274 -11.19 2.36 24.55
CA PRO E 274 -10.37 1.26 24.06
C PRO E 274 -11.17 0.02 23.61
N PHE E 275 -12.45 -0.05 23.96
CA PHE E 275 -13.33 -1.19 23.56
C PHE E 275 -13.90 -0.86 22.18
N THR E 276 -13.13 -1.21 21.16
CA THR E 276 -13.40 -0.87 19.74
C THR E 276 -13.35 -2.14 18.90
N PRO E 277 -13.74 -2.08 17.61
CA PRO E 277 -13.49 -3.18 16.69
C PRO E 277 -12.03 -3.63 16.71
N THR E 278 -11.80 -4.90 16.36
CA THR E 278 -10.48 -5.56 16.43
C THR E 278 -10.38 -6.59 15.30
N VAL E 279 -9.27 -7.31 15.27
CA VAL E 279 -9.05 -8.46 14.34
C VAL E 279 -9.41 -9.69 15.13
N GLU E 280 -10.46 -10.40 14.71
CA GLU E 280 -10.87 -11.66 15.36
C GLU E 280 -9.83 -12.73 15.04
N PRO E 281 -9.62 -13.71 15.93
CA PRO E 281 -8.67 -14.80 15.66
C PRO E 281 -9.04 -15.57 14.38
N GLN E 282 -8.03 -16.10 13.70
CA GLN E 282 -8.15 -16.93 12.47
C GLN E 282 -9.08 -18.12 12.76
N GLY E 283 -10.05 -18.38 11.88
CA GLY E 283 -10.93 -19.56 11.95
C GLY E 283 -12.01 -19.43 13.01
N THR E 284 -12.25 -18.22 13.52
CA THR E 284 -13.51 -17.85 14.21
C THR E 284 -14.64 -18.07 13.21
N ARG E 285 -15.73 -18.73 13.61
CA ARG E 285 -16.88 -19.04 12.72
C ARG E 285 -17.72 -17.76 12.52
N ASP E 286 -18.02 -17.43 11.27
CA ASP E 286 -18.84 -16.26 10.88
C ASP E 286 -18.25 -15.01 11.53
N ALA E 287 -16.92 -14.86 11.49
CA ALA E 287 -16.21 -13.65 11.93
C ALA E 287 -16.73 -12.46 11.10
N PHE E 288 -16.76 -11.27 11.69
CA PHE E 288 -16.99 -9.99 10.96
C PHE E 288 -15.70 -9.61 10.22
N LEU E 289 -14.56 -9.77 10.89
CA LEU E 289 -13.22 -9.38 10.36
C LEU E 289 -12.11 -10.18 11.04
N THR E 290 -11.30 -10.91 10.25
CA THR E 290 -10.12 -11.71 10.71
C THR E 290 -8.80 -11.12 10.18
N GLN E 291 -8.84 -9.96 9.51
CA GLN E 291 -7.65 -9.32 8.88
C GLN E 291 -7.65 -7.81 9.17
N TYR E 292 -6.46 -7.24 9.35
CA TYR E 292 -6.29 -5.79 9.62
C TYR E 292 -6.91 -5.00 8.47
N PRO E 293 -7.76 -3.99 8.75
CA PRO E 293 -8.52 -3.27 7.72
C PRO E 293 -7.76 -2.78 6.48
N PHE E 294 -6.56 -2.23 6.68
CA PHE E 294 -5.70 -1.69 5.59
C PHE E 294 -5.25 -2.83 4.67
N LEU E 295 -4.84 -3.97 5.23
CA LEU E 295 -4.35 -5.13 4.45
C LEU E 295 -5.50 -5.66 3.57
N VAL E 296 -6.74 -5.67 4.07
CA VAL E 296 -7.94 -6.06 3.28
C VAL E 296 -8.13 -5.03 2.15
N ALA E 297 -8.16 -3.74 2.51
CA ALA E 297 -8.38 -2.61 1.57
C ALA E 297 -7.28 -2.65 0.51
N GLN E 298 -6.02 -2.81 0.93
CA GLN E 298 -4.83 -2.75 0.04
C GLN E 298 -4.86 -3.92 -0.96
N ALA E 299 -5.48 -5.04 -0.58
CA ALA E 299 -5.63 -6.26 -1.41
C ALA E 299 -6.90 -6.20 -2.28
N GLY E 300 -7.58 -5.04 -2.35
CA GLY E 300 -8.78 -4.81 -3.18
C GLY E 300 -10.03 -5.50 -2.64
N GLY E 301 -10.06 -5.83 -1.35
CA GLY E 301 -11.09 -6.69 -0.74
C GLY E 301 -12.34 -5.94 -0.27
N MET E 302 -12.44 -4.63 -0.49
CA MET E 302 -13.65 -3.82 -0.11
C MET E 302 -14.76 -4.10 -1.13
N HIS E 303 -16.03 -4.19 -0.71
CA HIS E 303 -17.17 -4.50 -1.61
C HIS E 303 -17.24 -3.42 -2.70
N LYS E 304 -17.50 -3.85 -3.93
CA LYS E 304 -17.43 -2.99 -5.14
C LYS E 304 -18.78 -2.29 -5.34
N VAL E 305 -19.04 -1.28 -4.50
CA VAL E 305 -20.24 -0.39 -4.56
C VAL E 305 -19.75 1.04 -4.42
N PRO E 306 -20.48 2.03 -5.00
CA PRO E 306 -20.11 3.43 -4.87
C PRO E 306 -19.95 3.87 -3.40
N LEU E 307 -19.11 4.88 -3.18
CA LEU E 307 -18.84 5.47 -1.85
C LEU E 307 -18.79 6.99 -1.96
N ILE E 308 -19.46 7.72 -1.06
CA ILE E 308 -19.13 9.12 -0.68
C ILE E 308 -18.48 9.04 0.71
N THR E 309 -17.36 9.74 0.91
CA THR E 309 -16.80 10.03 2.25
C THR E 309 -16.49 11.53 2.34
N SER E 310 -16.17 12.04 3.53
CA SER E 310 -16.15 13.51 3.78
C SER E 310 -15.57 13.83 5.17
N VAL E 311 -15.18 15.10 5.33
CA VAL E 311 -14.74 15.72 6.61
C VAL E 311 -15.27 17.17 6.65
N THR E 312 -15.25 17.77 7.83
CA THR E 312 -15.52 19.21 8.06
C THR E 312 -14.17 19.93 8.17
N SER E 313 -14.18 21.26 8.12
CA SER E 313 -12.95 22.09 8.19
C SER E 313 -12.37 22.07 9.62
N GLU E 314 -13.21 21.90 10.65
CA GLU E 314 -12.77 21.92 12.08
C GLU E 314 -13.19 20.62 12.78
N GLU E 315 -12.99 19.48 12.12
CA GLU E 315 -13.18 18.10 12.65
C GLU E 315 -12.70 18.01 14.11
N GLY E 316 -11.51 18.53 14.39
CA GLY E 316 -10.83 18.39 15.70
C GLY E 316 -11.62 18.94 16.88
N LEU E 317 -12.69 19.70 16.65
CA LEU E 317 -13.60 20.17 17.74
C LEU E 317 -14.23 18.96 18.44
N TYR E 318 -14.26 17.80 17.79
CA TYR E 318 -14.28 16.48 18.45
C TYR E 318 -12.84 15.98 18.49
N PRO E 319 -12.15 15.97 19.66
CA PRO E 319 -12.74 16.30 20.96
C PRO E 319 -12.46 17.70 21.54
N ALA E 320 -11.73 18.55 20.83
CA ALA E 320 -11.09 19.78 21.35
C ALA E 320 -12.12 20.73 21.98
N ALA E 321 -13.37 20.69 21.52
CA ALA E 321 -14.48 21.55 22.01
C ALA E 321 -14.68 21.36 23.52
N VAL E 322 -14.52 20.15 24.07
CA VAL E 322 -14.68 19.92 25.54
C VAL E 322 -13.52 20.58 26.32
N TYR E 323 -12.40 20.94 25.68
CA TYR E 323 -11.27 21.65 26.36
C TYR E 323 -11.70 23.09 26.71
N GLN E 324 -12.80 23.59 26.12
CA GLN E 324 -13.34 24.96 26.37
C GLN E 324 -14.37 24.97 27.51
N LYS E 325 -14.94 23.81 27.89
CA LYS E 325 -15.92 23.66 29.01
C LYS E 325 -15.41 24.46 30.23
N SER E 326 -14.22 24.11 30.73
CA SER E 326 -13.52 24.74 31.88
C SER E 326 -12.37 25.60 31.36
N PRO E 327 -12.13 26.81 31.93
CA PRO E 327 -11.10 27.71 31.41
C PRO E 327 -9.65 27.35 31.79
N ASP E 328 -9.46 26.28 32.57
CA ASP E 328 -8.14 25.78 33.03
C ASP E 328 -7.54 24.77 32.05
N THR E 329 -8.39 24.05 31.32
CA THR E 329 -8.07 22.79 30.60
C THR E 329 -6.90 23.01 29.62
N LEU E 330 -6.83 24.16 28.94
CA LEU E 330 -5.75 24.44 27.95
C LEU E 330 -4.41 24.60 28.68
N ALA E 331 -4.40 25.19 29.87
CA ALA E 331 -3.20 25.34 30.72
C ALA E 331 -2.68 23.95 31.12
N TYR E 332 -3.60 23.02 31.43
CA TYR E 332 -3.30 21.63 31.87
C TYR E 332 -2.68 20.85 30.71
N LEU E 333 -3.24 21.02 29.51
CA LEU E 333 -2.74 20.40 28.25
C LEU E 333 -1.32 20.87 27.95
N GLU E 334 -1.07 22.18 28.07
CA GLU E 334 0.28 22.78 27.87
C GLU E 334 1.27 22.21 28.89
N ALA E 335 0.83 22.03 30.14
CA ALA E 335 1.70 21.66 31.28
C ALA E 335 2.06 20.17 31.24
N ASN E 336 1.15 19.32 30.75
CA ASN E 336 1.29 17.84 30.74
C ASN E 336 1.29 17.32 29.29
N TRP E 337 1.70 18.16 28.32
CA TRP E 337 1.62 17.84 26.87
C TRP E 337 2.29 16.49 26.57
N ASP E 338 3.44 16.21 27.18
CA ASP E 338 4.28 15.02 26.87
C ASP E 338 3.52 13.75 27.26
N GLN E 339 2.82 13.77 28.40
CA GLN E 339 2.04 12.61 28.90
C GLN E 339 0.77 12.45 28.05
N LEU E 340 0.14 13.54 27.62
CA LEU E 340 -1.24 13.53 27.08
C LEU E 340 -1.26 13.36 25.55
N ALA E 341 -0.17 13.71 24.85
CA ALA E 341 -0.12 13.70 23.36
C ALA E 341 -0.56 12.33 22.84
N SER E 342 -0.01 11.23 23.37
CA SER E 342 -0.30 9.85 22.90
C SER E 342 -1.76 9.50 23.20
N ASN E 343 -2.37 10.17 24.18
CA ASN E 343 -3.79 9.98 24.59
C ASN E 343 -4.73 10.77 23.67
N ILE E 344 -4.55 12.09 23.62
CA ILE E 344 -5.38 13.06 22.83
C ILE E 344 -5.37 12.66 21.34
N PHE E 345 -4.21 12.28 20.79
CA PHE E 345 -4.03 11.95 19.35
C PHE E 345 -4.21 10.43 19.13
N GLU E 346 -4.48 9.66 20.18
CA GLU E 346 -4.93 8.24 20.10
C GLU E 346 -3.86 7.38 19.43
N TYR E 347 -2.64 7.37 19.97
CA TYR E 347 -1.54 6.44 19.57
C TYR E 347 -1.00 5.77 20.84
N ASN E 348 -1.90 5.37 21.72
CA ASN E 348 -1.53 4.77 23.02
C ASN E 348 -0.92 3.37 22.82
N ASP E 349 -1.40 2.60 21.83
CA ASP E 349 -1.01 1.17 21.64
C ASP E 349 -0.22 0.95 20.34
N THR E 350 -0.12 1.97 19.47
CA THR E 350 0.47 1.85 18.11
C THR E 350 1.78 2.65 17.98
N LEU E 351 2.33 3.12 19.09
CA LEU E 351 3.72 3.65 19.14
C LEU E 351 4.39 3.08 20.37
N PRO E 352 5.64 2.58 20.30
CA PRO E 352 6.39 2.25 21.51
C PRO E 352 6.43 3.44 22.48
N VAL E 353 6.47 3.15 23.79
CA VAL E 353 6.45 4.19 24.87
C VAL E 353 7.71 5.05 24.75
N ASN E 354 8.88 4.42 24.53
CA ASN E 354 10.17 5.07 24.13
C ASN E 354 10.00 6.33 23.27
N GLN E 355 9.14 6.23 22.25
CA GLN E 355 9.08 7.18 21.12
C GLN E 355 8.03 8.27 21.39
N ARG E 356 7.34 8.21 22.54
CA ARG E 356 6.23 9.17 22.86
C ARG E 356 6.78 10.60 22.91
N ALA E 357 7.88 10.83 23.65
CA ALA E 357 8.45 12.17 23.90
C ALA E 357 8.71 12.88 22.57
N GLY E 358 9.28 12.16 21.61
CA GLY E 358 9.66 12.68 20.27
C GLY E 358 8.45 13.05 19.45
N VAL E 359 7.45 12.16 19.37
CA VAL E 359 6.22 12.36 18.55
C VAL E 359 5.44 13.55 19.14
N ALA E 360 5.31 13.60 20.47
CA ALA E 360 4.74 14.73 21.23
C ALA E 360 5.39 16.03 20.76
N ALA E 361 6.73 16.12 20.81
CA ALA E 361 7.51 17.29 20.37
C ALA E 361 7.22 17.58 18.89
N LYS E 362 7.29 16.57 18.01
CA LYS E 362 7.12 16.75 16.54
C LYS E 362 5.76 17.38 16.23
N ILE E 363 4.67 16.82 16.78
CA ILE E 363 3.26 17.27 16.52
C ILE E 363 3.13 18.73 16.96
N LYS E 364 3.58 19.04 18.17
CA LYS E 364 3.49 20.40 18.77
C LYS E 364 4.27 21.37 17.86
N GLN E 365 5.48 21.00 17.48
CA GLN E 365 6.33 21.86 16.59
C GLN E 365 5.63 22.08 15.25
N ARG E 366 5.05 21.04 14.66
CA ARG E 366 4.46 21.14 13.30
C ARG E 366 3.24 22.07 13.28
N TYR E 367 2.41 22.06 14.31
CA TYR E 367 1.09 22.77 14.29
C TYR E 367 1.16 24.10 15.06
N LEU E 368 1.86 24.15 16.19
CA LEU E 368 1.90 25.32 17.11
C LEU E 368 3.27 26.02 17.04
N GLY E 369 4.23 25.47 16.29
CA GLY E 369 5.62 25.94 16.35
C GLY E 369 6.17 25.77 17.75
N ASN E 370 6.89 26.75 18.28
CA ASN E 370 7.45 26.70 19.66
C ASN E 370 6.50 27.37 20.66
N LYS E 371 5.25 27.65 20.28
CA LYS E 371 4.28 28.39 21.12
C LYS E 371 3.55 27.42 22.03
N PRO E 372 3.22 27.83 23.28
CA PRO E 372 2.47 26.97 24.20
C PRO E 372 1.00 26.76 23.77
N VAL E 373 0.37 25.70 24.29
CA VAL E 373 -1.10 25.45 24.15
C VAL E 373 -1.81 26.54 24.94
N SER E 374 -2.77 27.22 24.31
CA SER E 374 -3.46 28.41 24.85
C SER E 374 -4.65 28.75 23.95
N GLN E 375 -5.41 29.80 24.31
CA GLN E 375 -6.50 30.34 23.46
C GLN E 375 -5.92 30.78 22.10
N GLU E 376 -4.72 31.35 22.11
CA GLU E 376 -4.01 31.87 20.90
C GLU E 376 -3.81 30.71 19.91
N THR E 377 -3.41 29.54 20.41
CA THR E 377 -3.01 28.38 19.57
C THR E 377 -4.14 27.34 19.49
N TYR E 378 -5.35 27.67 19.95
CA TYR E 378 -6.51 26.73 19.93
C TYR E 378 -6.82 26.31 18.49
N PRO E 379 -6.93 27.24 17.51
CA PRO E 379 -7.27 26.84 16.14
C PRO E 379 -6.29 25.83 15.54
N GLN E 380 -5.01 25.92 15.90
CA GLN E 380 -3.92 25.00 15.46
C GLN E 380 -4.15 23.64 16.11
N LEU E 381 -4.37 23.61 17.42
CA LEU E 381 -4.62 22.35 18.19
C LEU E 381 -5.77 21.59 17.54
N VAL E 382 -6.84 22.31 17.18
CA VAL E 382 -8.06 21.77 16.51
C VAL E 382 -7.68 21.18 15.15
N GLN E 383 -6.84 21.88 14.38
CA GLN E 383 -6.40 21.38 13.06
C GLN E 383 -5.65 20.07 13.29
N ALA E 384 -4.76 20.00 14.29
CA ALA E 384 -3.90 18.83 14.54
C ALA E 384 -4.79 17.62 14.85
N LEU E 385 -5.69 17.75 15.82
CA LEU E 385 -6.66 16.67 16.17
C LEU E 385 -7.48 16.27 14.93
N GLY E 386 -8.11 17.24 14.25
CA GLY E 386 -8.93 16.97 13.05
C GLY E 386 -8.18 16.15 12.01
N ASP E 387 -6.93 16.51 11.74
CA ASP E 387 -6.08 15.84 10.71
C ASP E 387 -5.84 14.39 11.14
N ARG E 388 -5.30 14.21 12.35
CA ARG E 388 -4.90 12.89 12.91
C ARG E 388 -6.11 11.96 13.05
N LEU E 389 -7.22 12.45 13.61
CA LEU E 389 -8.37 11.59 13.99
C LEU E 389 -9.30 11.33 12.80
N PHE E 390 -9.46 12.28 11.87
CA PHE E 390 -10.53 12.21 10.84
C PHE E 390 -10.01 12.39 9.41
N ALA E 391 -9.30 13.49 9.11
CA ALA E 391 -9.02 13.95 7.73
C ALA E 391 -8.10 12.95 6.99
N VAL E 392 -6.91 12.66 7.53
CA VAL E 392 -5.90 11.76 6.89
C VAL E 392 -6.60 10.47 6.44
N ASP E 393 -7.24 9.77 7.38
CA ASP E 393 -7.77 8.39 7.17
C ASP E 393 -8.99 8.43 6.25
N VAL E 394 -9.77 9.52 6.25
CA VAL E 394 -10.85 9.72 5.24
C VAL E 394 -10.23 9.83 3.83
N GLY E 395 -9.09 10.53 3.69
CA GLY E 395 -8.39 10.66 2.40
C GLY E 395 -7.92 9.30 1.88
N LYS E 396 -7.36 8.48 2.76
CA LYS E 396 -6.87 7.12 2.42
C LYS E 396 -8.06 6.26 1.99
N LEU E 397 -9.22 6.39 2.65
CA LEU E 397 -10.44 5.62 2.28
C LEU E 397 -10.82 5.96 0.84
N ALA E 398 -10.90 7.25 0.51
CA ALA E 398 -11.31 7.77 -0.82
C ALA E 398 -10.33 7.26 -1.88
N GLN E 399 -9.02 7.41 -1.61
CA GLN E 399 -7.95 7.04 -2.57
C GLN E 399 -7.98 5.53 -2.84
N ILE E 400 -7.99 4.71 -1.78
CA ILE E 400 -7.83 3.23 -1.88
C ILE E 400 -9.08 2.63 -2.51
N HIS E 401 -10.26 3.17 -2.22
CA HIS E 401 -11.53 2.67 -2.82
C HIS E 401 -11.62 3.13 -4.28
N ALA E 402 -11.20 4.36 -4.58
CA ALA E 402 -11.11 4.89 -5.96
C ALA E 402 -10.22 3.97 -6.80
N ARG E 403 -9.15 3.46 -6.18
CA ARG E 403 -8.13 2.62 -6.86
C ARG E 403 -8.73 1.25 -7.20
N HIS E 404 -9.30 0.52 -6.23
CA HIS E 404 -9.55 -0.94 -6.34
C HIS E 404 -11.01 -1.26 -6.73
N SER E 405 -11.96 -0.36 -6.48
CA SER E 405 -13.42 -0.68 -6.49
C SER E 405 -13.98 -0.80 -7.93
N GLY E 406 -13.43 -0.04 -8.88
CA GLY E 406 -14.03 0.21 -10.22
C GLY E 406 -15.40 0.88 -10.13
N GLN E 407 -15.68 1.59 -9.03
CA GLN E 407 -16.98 2.26 -8.75
C GLN E 407 -16.75 3.74 -8.49
N PRO E 408 -17.70 4.63 -8.84
CA PRO E 408 -17.59 6.05 -8.51
C PRO E 408 -17.34 6.28 -7.01
N THR E 409 -16.24 6.96 -6.71
CA THR E 409 -15.81 7.32 -5.34
C THR E 409 -15.70 8.84 -5.24
N TYR E 410 -16.50 9.44 -4.35
CA TYR E 410 -16.63 10.90 -4.17
C TYR E 410 -16.11 11.28 -2.78
N LEU E 411 -15.52 12.47 -2.69
CA LEU E 411 -14.98 13.06 -1.44
C LEU E 411 -15.50 14.50 -1.37
N TYR E 412 -15.91 14.97 -0.19
CA TYR E 412 -16.25 16.41 0.02
C TYR E 412 -15.59 16.91 1.29
N ARG E 413 -15.43 18.25 1.36
CA ARG E 413 -14.95 19.01 2.55
C ARG E 413 -16.01 20.07 2.86
N TYR E 414 -16.57 20.03 4.07
CA TYR E 414 -17.73 20.86 4.48
C TYR E 414 -17.21 21.94 5.43
N SER E 415 -17.35 23.22 5.03
CA SER E 415 -16.86 24.40 5.77
C SER E 415 -17.95 25.46 5.90
N PHE E 416 -19.22 25.06 5.72
CA PHE E 416 -20.39 25.92 6.01
C PHE E 416 -20.60 25.95 7.52
N ARG E 417 -20.46 27.14 8.11
CA ARG E 417 -20.78 27.40 9.54
C ARG E 417 -22.20 27.97 9.63
N GLY E 418 -23.16 27.14 10.03
CA GLY E 418 -24.57 27.51 10.24
C GLY E 418 -24.77 28.16 11.60
N GLU E 419 -26.03 28.35 11.99
CA GLU E 419 -26.42 28.95 13.30
C GLU E 419 -25.77 28.15 14.42
N LYS E 420 -25.88 26.83 14.36
CA LYS E 420 -25.57 25.89 15.47
C LYS E 420 -24.44 24.92 15.07
N SER E 421 -23.62 24.55 16.05
CA SER E 421 -22.48 23.61 15.97
C SER E 421 -22.50 22.68 17.18
N LEU E 422 -22.16 21.40 16.98
CA LEU E 422 -21.89 20.41 18.05
C LEU E 422 -21.02 21.04 19.14
N SER E 423 -20.12 21.96 18.78
CA SER E 423 -19.18 22.64 19.70
C SER E 423 -19.96 23.41 20.76
N ASN E 424 -21.20 23.80 20.45
CA ASN E 424 -22.13 24.46 21.41
C ASN E 424 -22.40 23.53 22.59
N MET E 425 -22.71 22.25 22.33
CA MET E 425 -23.08 21.30 23.41
C MET E 425 -21.80 20.81 24.10
N MET E 426 -20.72 20.60 23.34
CA MET E 426 -19.45 20.01 23.86
C MET E 426 -18.67 21.05 24.68
N ALA E 427 -18.72 22.33 24.31
CA ALA E 427 -18.02 23.44 25.00
C ALA E 427 -18.90 24.11 26.06
N SER E 428 -20.22 23.88 26.03
CA SER E 428 -21.23 24.56 26.90
C SER E 428 -21.14 26.08 26.73
N ASN E 429 -20.98 26.55 25.48
CA ASN E 429 -20.99 28.00 25.12
C ASN E 429 -21.64 28.15 23.75
N ASP E 430 -21.65 29.39 23.22
CA ASP E 430 -22.25 29.75 21.91
C ASP E 430 -21.15 30.33 21.01
N LYS E 431 -19.89 30.07 21.36
CA LYS E 431 -18.69 30.57 20.65
C LYS E 431 -18.57 29.89 19.28
N ASN E 432 -18.06 30.63 18.29
CA ASN E 432 -17.80 30.12 16.91
C ASN E 432 -16.32 29.75 16.78
N TYR E 433 -16.02 28.45 16.84
CA TYR E 433 -14.66 27.89 16.64
C TYR E 433 -14.51 27.36 15.21
N GLY E 434 -15.56 27.50 14.39
CA GLY E 434 -15.61 26.97 13.01
C GLY E 434 -16.56 25.79 12.90
N VAL E 435 -16.33 24.92 11.92
CA VAL E 435 -17.27 23.86 11.46
C VAL E 435 -16.87 22.51 12.07
N SER E 436 -17.49 22.16 13.20
CA SER E 436 -17.19 20.94 13.99
C SER E 436 -17.49 19.67 13.20
N HIS E 437 -16.81 18.60 13.59
CA HIS E 437 -17.26 17.20 13.41
C HIS E 437 -18.78 17.13 13.58
N ALA E 438 -19.48 16.56 12.59
CA ALA E 438 -20.93 16.21 12.58
C ALA E 438 -21.84 17.41 12.29
N ASP E 439 -21.31 18.61 12.06
CA ASP E 439 -22.16 19.81 11.85
C ASP E 439 -22.96 19.67 10.54
N ASP E 440 -22.43 18.90 9.59
CA ASP E 440 -23.13 18.55 8.33
C ASP E 440 -24.26 17.56 8.63
N ILE E 441 -23.98 16.57 9.48
CA ILE E 441 -24.95 15.52 9.91
C ILE E 441 -26.16 16.19 10.58
N PHE E 442 -25.97 17.23 11.38
CA PHE E 442 -27.07 17.82 12.18
C PHE E 442 -27.98 18.68 11.29
N HIS E 443 -27.64 18.84 10.01
CA HIS E 443 -28.54 19.44 8.98
C HIS E 443 -29.38 18.34 8.30
N ILE E 444 -28.88 17.10 8.26
CA ILE E 444 -29.57 15.94 7.62
C ILE E 444 -30.59 15.37 8.61
N PHE E 445 -30.12 15.07 9.83
CA PHE E 445 -30.95 14.60 10.97
C PHE E 445 -31.19 15.76 11.93
N LYS E 446 -32.31 15.71 12.65
CA LYS E 446 -32.55 16.59 13.83
C LYS E 446 -32.06 15.84 15.06
N PHE E 447 -31.03 16.38 15.71
CA PHE E 447 -30.45 15.88 16.97
C PHE E 447 -30.95 16.81 18.08
N PRO E 448 -31.21 16.31 19.31
CA PRO E 448 -31.67 17.16 20.41
C PRO E 448 -30.93 18.51 20.50
N SER E 449 -31.66 19.58 20.15
CA SER E 449 -31.33 21.02 20.33
C SER E 449 -30.19 21.50 19.41
N LEU E 450 -29.85 20.74 18.36
CA LEU E 450 -28.86 21.14 17.33
C LEU E 450 -29.54 21.19 15.95
N SER E 451 -30.85 21.46 15.95
CA SER E 451 -31.66 21.79 14.74
C SER E 451 -31.69 23.31 14.57
N SER E 452 -31.71 23.78 13.32
CA SER E 452 -31.84 25.21 12.94
C SER E 452 -32.94 25.35 11.88
N THR E 453 -33.61 26.50 11.86
CA THR E 453 -34.63 26.83 10.83
C THR E 453 -34.33 28.22 10.25
N SER E 454 -33.14 28.78 10.48
CA SER E 454 -32.68 30.00 9.77
C SER E 454 -32.49 29.61 8.29
N SER E 455 -32.81 30.52 7.37
CA SER E 455 -33.04 30.20 5.93
C SER E 455 -31.83 29.47 5.32
N GLU E 456 -30.60 29.92 5.62
CA GLU E 456 -29.36 29.39 5.00
C GLU E 456 -29.11 27.96 5.47
N ASP E 457 -29.40 27.65 6.74
CA ASP E 457 -29.29 26.29 7.31
C ASP E 457 -30.32 25.35 6.65
N VAL E 458 -31.55 25.82 6.45
CA VAL E 458 -32.65 25.04 5.79
C VAL E 458 -32.22 24.70 4.35
N ARG E 459 -31.55 25.63 3.65
CA ARG E 459 -31.07 25.41 2.25
C ARG E 459 -30.00 24.31 2.25
N MET E 460 -29.16 24.27 3.30
CA MET E 460 -28.11 23.23 3.47
C MET E 460 -28.77 21.87 3.69
N THR E 461 -29.85 21.82 4.49
CA THR E 461 -30.67 20.60 4.70
C THR E 461 -31.11 20.06 3.33
N GLU E 462 -31.79 20.89 2.53
CA GLU E 462 -32.25 20.53 1.16
C GLU E 462 -31.05 19.97 0.38
N ALA E 463 -29.91 20.67 0.39
CA ALA E 463 -28.71 20.35 -0.43
C ALA E 463 -28.19 18.96 -0.05
N LEU E 464 -28.05 18.70 1.25
CA LEU E 464 -27.43 17.46 1.77
C LEU E 464 -28.41 16.29 1.63
N ILE E 465 -29.72 16.54 1.76
CA ILE E 465 -30.76 15.49 1.50
C ILE E 465 -30.76 15.19 -0.01
N ASP E 466 -30.66 16.22 -0.86
CA ASP E 466 -30.56 16.06 -2.34
C ASP E 466 -29.34 15.21 -2.71
N MET E 467 -28.20 15.47 -2.04
CA MET E 467 -26.98 14.65 -2.20
C MET E 467 -27.35 13.17 -2.02
N ILE E 468 -27.93 12.84 -0.86
CA ILE E 468 -28.27 11.44 -0.48
C ILE E 468 -29.26 10.87 -1.49
N TYR E 469 -30.24 11.65 -1.95
CA TYR E 469 -31.32 11.16 -2.84
C TYR E 469 -30.78 10.94 -4.27
N SER E 470 -30.03 11.91 -4.82
CA SER E 470 -29.42 11.80 -6.17
C SER E 470 -28.43 10.63 -6.21
N PHE E 471 -27.61 10.47 -5.17
CA PHE E 471 -26.63 9.36 -5.00
C PHE E 471 -27.36 8.01 -4.98
N SER E 472 -28.57 7.96 -4.41
CA SER E 472 -29.39 6.74 -4.19
C SER E 472 -30.21 6.35 -5.43
N THR E 473 -30.38 7.26 -6.39
CA THR E 473 -31.28 7.07 -7.57
C THR E 473 -30.48 7.02 -8.89
N THR E 474 -29.80 8.12 -9.24
CA THR E 474 -29.02 8.28 -10.49
C THR E 474 -27.57 7.80 -10.26
N GLY E 475 -27.04 7.94 -9.05
CA GLY E 475 -25.64 7.63 -8.72
C GLY E 475 -24.75 8.87 -8.82
N ASN E 476 -25.21 9.93 -9.50
CA ASN E 476 -24.47 11.21 -9.65
C ASN E 476 -24.87 12.13 -8.51
N PRO E 477 -24.05 12.26 -7.44
CA PRO E 477 -24.43 13.08 -6.29
C PRO E 477 -24.46 14.57 -6.68
N LYS E 478 -25.60 15.22 -6.48
CA LYS E 478 -25.83 16.65 -6.82
C LYS E 478 -26.59 17.30 -5.67
N LEU E 479 -26.02 18.36 -5.09
CA LEU E 479 -26.57 19.13 -3.95
C LEU E 479 -27.58 20.16 -4.46
N THR E 480 -27.22 20.93 -5.49
CA THR E 480 -28.05 21.98 -6.13
C THR E 480 -27.84 21.95 -7.65
N ASN E 481 -28.77 22.55 -8.40
CA ASN E 481 -28.71 22.66 -9.88
C ASN E 481 -27.68 23.72 -10.29
N GLU E 482 -27.41 24.72 -9.41
CA GLU E 482 -26.53 25.89 -9.72
C GLU E 482 -25.06 25.53 -9.47
N ALA E 483 -24.79 24.50 -8.67
CA ALA E 483 -23.43 24.06 -8.28
C ALA E 483 -22.76 23.33 -9.45
N PRO E 484 -21.44 23.50 -9.64
CA PRO E 484 -20.73 22.78 -10.71
C PRO E 484 -20.84 21.27 -10.50
N VAL E 485 -20.55 20.50 -11.55
CA VAL E 485 -20.63 19.00 -11.52
C VAL E 485 -19.62 18.50 -10.50
N TRP E 486 -20.03 17.54 -9.66
CA TRP E 486 -19.18 16.91 -8.62
C TRP E 486 -18.41 15.74 -9.25
N THR E 487 -17.13 15.96 -9.54
CA THR E 487 -16.19 14.98 -10.17
C THR E 487 -15.82 13.92 -9.14
N PRO E 488 -15.84 12.61 -9.50
CA PRO E 488 -15.31 11.57 -8.62
C PRO E 488 -13.78 11.62 -8.52
N VAL E 489 -13.24 11.00 -7.47
CA VAL E 489 -11.77 10.82 -7.28
C VAL E 489 -11.23 10.00 -8.46
N THR E 490 -10.18 10.47 -9.12
CA THR E 490 -9.53 9.76 -10.26
C THR E 490 -8.83 8.50 -9.76
N PRO E 491 -9.28 7.28 -10.16
CA PRO E 491 -8.59 6.05 -9.78
C PRO E 491 -7.06 6.11 -9.98
N GLY E 492 -6.29 5.75 -8.96
CA GLY E 492 -4.82 5.62 -9.00
C GLY E 492 -4.08 6.95 -8.91
N SER E 493 -4.80 8.08 -8.87
CA SER E 493 -4.20 9.44 -8.83
C SER E 493 -3.74 9.77 -7.41
N ALA E 494 -2.57 10.40 -7.28
CA ALA E 494 -2.02 10.94 -6.00
C ALA E 494 -2.79 12.21 -5.62
N GLU E 495 -3.31 12.94 -6.62
CA GLU E 495 -4.27 14.06 -6.46
C GLU E 495 -5.64 13.48 -6.07
N LEU E 496 -6.30 14.05 -5.05
CA LEU E 496 -7.67 13.69 -4.64
C LEU E 496 -8.60 14.86 -4.95
N SER E 497 -9.49 14.71 -5.94
CA SER E 497 -10.57 15.68 -6.26
C SER E 497 -11.64 15.60 -5.15
N TYR E 498 -12.15 16.75 -4.71
CA TYR E 498 -13.17 16.85 -3.65
C TYR E 498 -14.01 18.12 -3.83
N LEU E 499 -15.30 18.04 -3.54
CA LEU E 499 -16.23 19.19 -3.58
C LEU E 499 -16.04 19.99 -2.29
N GLU E 500 -15.50 21.20 -2.39
CA GLU E 500 -15.41 22.18 -1.28
C GLU E 500 -16.79 22.81 -1.12
N ILE E 501 -17.55 22.36 -0.13
CA ILE E 501 -18.92 22.90 0.17
C ILE E 501 -18.76 23.98 1.24
N ALA E 502 -18.70 25.24 0.82
CA ALA E 502 -18.52 26.43 1.69
C ALA E 502 -19.87 26.93 2.19
N SER E 503 -20.94 26.73 1.41
CA SER E 503 -22.33 27.17 1.70
C SER E 503 -23.28 26.53 0.69
N PRO E 504 -24.61 26.63 0.87
CA PRO E 504 -25.56 26.09 -0.13
C PRO E 504 -25.34 26.64 -1.55
N SER E 505 -24.89 27.90 -1.67
CA SER E 505 -24.79 28.63 -2.95
C SER E 505 -23.32 28.76 -3.42
N ARG E 506 -22.33 28.37 -2.59
CA ARG E 506 -20.89 28.47 -2.94
C ARG E 506 -20.18 27.13 -2.68
N MET E 507 -20.04 26.31 -3.72
CA MET E 507 -19.27 25.04 -3.66
C MET E 507 -18.58 24.81 -5.01
N GLU E 508 -17.31 24.42 -4.98
CA GLU E 508 -16.46 24.24 -6.19
C GLU E 508 -15.51 23.04 -5.98
N MET E 509 -15.09 22.41 -7.10
CA MET E 509 -14.12 21.29 -7.08
C MET E 509 -12.72 21.84 -6.75
N LYS E 510 -12.00 21.12 -5.90
CA LYS E 510 -10.62 21.41 -5.46
C LYS E 510 -9.86 20.08 -5.45
N SER E 511 -8.56 20.12 -5.19
CA SER E 511 -7.63 18.96 -5.28
C SER E 511 -6.56 19.10 -4.19
N SER E 512 -6.18 17.99 -3.56
CA SER E 512 -5.03 17.90 -2.62
C SER E 512 -4.26 16.61 -2.86
N SER E 513 -2.93 16.69 -2.88
CA SER E 513 -2.01 15.52 -2.96
C SER E 513 -1.44 15.23 -1.57
N ASP E 514 -1.86 16.00 -0.56
CA ASP E 514 -1.47 15.79 0.86
C ASP E 514 -2.69 16.07 1.76
N PHE E 515 -3.81 15.40 1.50
CA PHE E 515 -5.11 15.57 2.20
C PHE E 515 -4.99 15.18 3.69
N GLY E 516 -5.29 16.12 4.57
CA GLY E 516 -5.16 15.96 6.04
C GLY E 516 -3.73 16.14 6.52
N HIS E 517 -2.84 16.64 5.65
CA HIS E 517 -1.37 16.73 5.90
C HIS E 517 -0.87 15.31 6.19
N ARG E 518 -1.25 14.36 5.34
CA ARG E 518 -0.91 12.90 5.43
C ARG E 518 0.62 12.70 5.55
N SER E 519 1.42 13.41 4.74
CA SER E 519 2.90 13.23 4.73
C SER E 519 3.42 13.41 6.16
N PHE E 520 2.96 14.42 6.90
CA PHE E 520 3.41 14.63 8.30
C PHE E 520 3.05 13.40 9.15
N TRP E 521 1.78 13.01 9.19
CA TRP E 521 1.23 12.01 10.15
C TRP E 521 1.79 10.61 9.84
N ASP E 522 2.11 10.32 8.57
CA ASP E 522 2.74 9.04 8.12
C ASP E 522 4.23 8.99 8.48
N SER E 523 4.82 10.09 8.95
CA SER E 523 6.28 10.23 9.19
C SER E 523 6.61 10.02 10.66
N LEU E 524 5.64 9.75 11.54
CA LEU E 524 5.86 9.76 13.01
C LEU E 524 6.17 8.34 13.50
N GLY E 525 5.98 7.34 12.65
CA GLY E 525 6.33 5.93 12.93
C GLY E 525 5.23 5.17 13.64
N PHE E 526 3.96 5.57 13.51
CA PHE E 526 2.82 4.81 14.08
C PHE E 526 2.82 3.42 13.42
N VAL E 527 2.67 2.35 14.20
CA VAL E 527 2.53 0.97 13.66
C VAL E 527 1.06 0.83 13.23
N GLU E 528 0.71 1.56 12.17
CA GLU E 528 -0.66 1.73 11.64
C GLU E 528 -0.59 1.69 10.12
N ASN E 529 -1.63 1.15 9.47
CA ASN E 529 -1.88 1.25 8.01
C ASN E 529 -0.62 0.83 7.23
N GLU E 530 -0.01 1.73 6.45
CA GLU E 530 1.18 1.45 5.61
C GLU E 530 2.27 0.79 6.45
N ASN E 531 2.37 1.16 7.74
CA ASN E 531 3.46 0.75 8.67
C ASN E 531 3.00 -0.34 9.64
N TYR E 532 1.88 -1.03 9.38
CA TYR E 532 1.31 -2.06 10.30
C TYR E 532 2.14 -3.35 10.25
N ARG E 533 2.43 -3.94 11.42
CA ARG E 533 3.02 -5.29 11.62
C ARG E 533 2.24 -6.04 12.71
N HIS E 534 2.39 -7.37 12.75
CA HIS E 534 1.86 -8.27 13.82
C HIS E 534 2.51 -7.93 15.16
N SER F 1 -6.87 1.34 53.82
CA SER F 1 -7.03 -0.11 53.53
C SER F 1 -8.51 -0.52 53.64
N LYS F 2 -9.21 -0.63 52.51
CA LYS F 2 -10.69 -0.72 52.42
C LYS F 2 -11.19 -2.00 53.09
N PRO F 3 -12.36 -1.94 53.78
CA PRO F 3 -12.82 -3.05 54.61
C PRO F 3 -13.27 -4.28 53.79
N VAL F 4 -12.89 -5.47 54.26
CA VAL F 4 -13.05 -6.76 53.53
C VAL F 4 -13.81 -7.75 54.41
N VAL F 5 -14.94 -8.25 53.90
CA VAL F 5 -15.75 -9.33 54.52
C VAL F 5 -15.86 -10.48 53.53
N ARG F 6 -15.91 -11.71 54.04
CA ARG F 6 -16.40 -12.88 53.28
C ARG F 6 -17.84 -13.15 53.71
N VAL F 7 -18.74 -13.29 52.75
CA VAL F 7 -20.13 -13.80 52.94
C VAL F 7 -20.22 -15.16 52.24
N THR F 8 -21.39 -15.80 52.25
CA THR F 8 -21.61 -17.17 51.74
C THR F 8 -21.19 -17.25 50.27
N GLN F 9 -21.39 -16.18 49.49
CA GLN F 9 -21.22 -16.18 48.01
C GLN F 9 -19.87 -15.58 47.62
N GLY F 10 -19.00 -15.28 48.58
CA GLY F 10 -17.61 -14.87 48.30
C GLY F 10 -17.23 -13.57 48.98
N VAL F 11 -16.15 -12.94 48.50
CA VAL F 11 -15.42 -11.85 49.19
C VAL F 11 -16.01 -10.51 48.75
N LEU F 12 -16.33 -9.63 49.72
CA LEU F 12 -16.76 -8.22 49.47
C LEU F 12 -15.63 -7.26 49.87
N GLN F 13 -15.48 -6.17 49.10
CA GLN F 13 -14.67 -5.00 49.50
C GLN F 13 -15.59 -3.78 49.60
N GLY F 14 -15.72 -3.22 50.81
CA GLY F 14 -16.57 -2.04 51.08
C GLY F 14 -15.75 -0.77 51.14
N SER F 15 -16.33 0.28 51.73
CA SER F 15 -15.71 1.61 51.96
C SER F 15 -15.82 1.97 53.44
N TRP F 16 -14.86 2.75 53.95
CA TRP F 16 -14.95 3.41 55.28
C TRP F 16 -15.78 4.69 55.15
N LYS F 17 -16.72 4.92 56.06
CA LYS F 17 -17.53 6.15 56.09
C LYS F 17 -17.52 6.71 57.50
N VAL F 18 -18.03 7.94 57.66
CA VAL F 18 -18.08 8.67 58.95
C VAL F 18 -19.55 8.84 59.36
N SER F 19 -19.91 8.38 60.57
CA SER F 19 -21.21 8.62 61.24
C SER F 19 -21.43 10.14 61.38
N THR F 20 -22.69 10.56 61.56
CA THR F 20 -23.05 11.99 61.80
C THR F 20 -22.09 12.62 62.82
N HIS F 21 -21.77 11.91 63.92
CA HIS F 21 -20.95 12.43 65.05
C HIS F 21 -19.48 12.01 64.94
N GLY F 22 -18.99 11.67 63.75
CA GLY F 22 -17.55 11.58 63.43
C GLY F 22 -16.92 10.23 63.70
N ARG F 23 -17.70 9.18 63.99
CA ARG F 23 -17.19 7.79 64.24
C ARG F 23 -17.07 7.04 62.92
N THR F 24 -15.98 6.28 62.72
CA THR F 24 -15.72 5.46 61.50
C THR F 24 -16.64 4.23 61.52
N TYR F 25 -17.22 3.88 60.37
CA TYR F 25 -17.98 2.62 60.16
C TYR F 25 -17.65 2.05 58.77
N ALA F 26 -17.85 0.73 58.62
CA ALA F 26 -17.66 -0.01 57.36
C ALA F 26 -19.01 -0.09 56.64
N SER F 27 -19.02 0.27 55.36
CA SER F 27 -20.23 0.33 54.50
C SER F 27 -20.06 -0.68 53.35
N PHE F 28 -20.95 -1.66 53.25
CA PHE F 28 -20.98 -2.66 52.15
C PHE F 28 -22.25 -2.46 51.34
N GLU F 29 -22.13 -1.81 50.18
CA GLU F 29 -23.28 -1.42 49.33
C GLU F 29 -23.23 -2.22 48.03
N GLY F 30 -24.40 -2.48 47.43
CA GLY F 30 -24.55 -3.17 46.14
C GLY F 30 -24.23 -4.65 46.23
N VAL F 31 -24.40 -5.24 47.40
CA VAL F 31 -24.13 -6.69 47.68
C VAL F 31 -25.31 -7.48 47.12
N PRO F 32 -25.11 -8.43 46.19
CA PRO F 32 -26.22 -9.22 45.66
C PRO F 32 -26.62 -10.32 46.65
N TYR F 33 -27.93 -10.51 46.88
CA TYR F 33 -28.49 -11.48 47.86
C TYR F 33 -29.37 -12.54 47.15
N ALA F 34 -29.55 -12.39 45.84
CA ALA F 34 -30.34 -13.31 44.98
C ALA F 34 -29.82 -13.22 43.54
N ARG F 35 -30.16 -14.22 42.73
CA ARG F 35 -29.87 -14.24 41.28
C ARG F 35 -30.69 -13.14 40.61
N PRO F 36 -30.14 -12.40 39.62
CA PRO F 36 -30.90 -11.39 38.90
C PRO F 36 -32.21 -11.92 38.31
N PRO F 37 -33.39 -11.36 38.68
CA PRO F 37 -34.68 -11.91 38.24
C PRO F 37 -35.02 -11.47 36.82
N VAL F 38 -34.29 -12.03 35.85
CA VAL F 38 -34.22 -11.62 34.42
C VAL F 38 -34.69 -12.80 33.54
N GLY F 39 -35.19 -12.51 32.34
CA GLY F 39 -35.65 -13.52 31.37
C GLY F 39 -36.77 -14.38 31.94
N LYS F 40 -36.54 -15.70 31.99
CA LYS F 40 -37.52 -16.71 32.45
C LYS F 40 -37.74 -16.57 33.97
N TYR F 41 -36.87 -15.84 34.68
CA TYR F 41 -36.93 -15.66 36.16
C TYR F 41 -37.60 -14.32 36.50
N ARG F 42 -38.04 -13.58 35.48
CA ARG F 42 -38.98 -12.44 35.66
C ARG F 42 -40.32 -13.01 36.14
N PHE F 43 -40.93 -12.35 37.14
CA PHE F 43 -42.27 -12.66 37.71
C PHE F 43 -42.21 -13.90 38.60
N ARG F 44 -41.04 -14.48 38.85
CA ARG F 44 -40.94 -15.75 39.61
C ARG F 44 -40.29 -15.49 40.96
N GLU F 45 -40.38 -16.45 41.88
CA GLU F 45 -39.78 -16.35 43.23
C GLU F 45 -38.28 -16.09 43.05
N PRO F 46 -37.60 -15.44 44.01
CA PRO F 46 -36.15 -15.23 43.91
C PRO F 46 -35.44 -16.59 43.86
N GLN F 47 -34.40 -16.69 43.04
CA GLN F 47 -33.55 -17.91 42.90
C GLN F 47 -32.26 -17.69 43.69
N HIS F 48 -31.65 -18.76 44.18
CA HIS F 48 -30.37 -18.72 44.95
C HIS F 48 -29.28 -18.07 44.10
N LEU F 49 -28.39 -17.32 44.76
CA LEU F 49 -27.25 -16.63 44.11
C LEU F 49 -26.05 -17.58 44.10
N LYS F 50 -25.59 -17.93 42.90
CA LYS F 50 -24.34 -18.69 42.65
C LYS F 50 -23.18 -17.83 43.14
N PRO F 51 -22.14 -18.41 43.79
CA PRO F 51 -20.99 -17.64 44.25
C PRO F 51 -20.23 -16.94 43.11
N TRP F 52 -19.75 -15.71 43.34
CA TRP F 52 -18.96 -14.90 42.37
C TRP F 52 -17.46 -15.20 42.54
N ALA F 53 -16.70 -15.19 41.45
CA ALA F 53 -15.23 -15.27 41.47
C ALA F 53 -14.67 -13.93 41.98
N GLY F 54 -13.61 -13.99 42.78
CA GLY F 54 -12.79 -12.83 43.15
C GLY F 54 -13.46 -11.93 44.17
N VAL F 55 -13.13 -10.64 44.12
CA VAL F 55 -13.58 -9.60 45.08
C VAL F 55 -14.68 -8.79 44.40
N TRP F 56 -15.87 -8.75 45.01
CA TRP F 56 -17.04 -7.95 44.56
C TRP F 56 -16.90 -6.54 45.15
N ASP F 57 -16.98 -5.51 44.30
CA ASP F 57 -16.88 -4.10 44.71
C ASP F 57 -18.18 -3.72 45.44
N ALA F 58 -18.09 -3.42 46.74
CA ALA F 58 -19.23 -3.01 47.58
C ALA F 58 -19.01 -1.58 48.13
N SER F 59 -18.34 -0.73 47.35
CA SER F 59 -17.98 0.67 47.67
C SER F 59 -19.05 1.66 47.19
N LYS F 60 -20.08 1.20 46.50
CA LYS F 60 -21.13 2.05 45.87
C LYS F 60 -22.47 1.33 45.90
N THR F 61 -23.56 2.08 45.96
CA THR F 61 -24.92 1.53 45.77
C THR F 61 -25.07 1.22 44.28
N LEU F 62 -25.76 0.14 43.97
CA LEU F 62 -26.01 -0.32 42.58
C LEU F 62 -27.46 -0.04 42.21
N PRO F 63 -27.88 -0.28 40.95
CA PRO F 63 -29.21 0.11 40.51
C PRO F 63 -30.38 -0.30 41.42
N GLN F 64 -31.41 0.54 41.41
CA GLN F 64 -32.73 0.29 42.08
C GLN F 64 -33.56 -0.58 41.13
N CYS F 65 -34.58 -1.26 41.64
CA CYS F 65 -35.46 -2.14 40.83
C CYS F 65 -36.25 -1.29 39.83
N LEU F 66 -36.32 -1.76 38.58
CA LEU F 66 -37.05 -1.08 37.48
C LEU F 66 -38.44 -0.72 37.99
N GLN F 67 -38.79 0.56 37.90
CA GLN F 67 -39.96 1.15 38.58
C GLN F 67 -40.49 2.33 37.76
N TRP F 68 -41.79 2.59 37.85
CA TRP F 68 -42.37 3.90 37.53
C TRP F 68 -42.11 4.80 38.74
N ASP F 69 -41.24 5.81 38.57
CA ASP F 69 -41.01 6.88 39.57
C ASP F 69 -41.96 8.04 39.24
N PRO F 70 -43.00 8.28 40.07
CA PRO F 70 -44.03 9.26 39.75
C PRO F 70 -43.54 10.71 39.90
N PHE F 71 -42.55 10.94 40.76
CA PHE F 71 -41.96 12.28 41.02
C PHE F 71 -41.03 12.69 39.88
N GLN F 72 -40.44 11.73 39.16
CA GLN F 72 -39.53 11.99 38.02
C GLN F 72 -40.27 11.86 36.68
N GLN F 73 -41.46 11.24 36.70
CA GLN F 73 -42.33 10.96 35.52
C GLN F 73 -41.52 10.19 34.47
N GLU F 74 -40.94 9.05 34.86
CA GLU F 74 -40.08 8.21 34.00
C GLU F 74 -39.93 6.81 34.60
N VAL F 75 -39.63 5.82 33.75
CA VAL F 75 -39.14 4.48 34.17
C VAL F 75 -37.63 4.63 34.46
N SER F 76 -37.15 4.08 35.57
CA SER F 76 -35.71 4.10 35.95
C SER F 76 -35.35 2.81 36.70
N GLY F 77 -34.05 2.59 36.91
CA GLY F 77 -33.51 1.39 37.56
C GLY F 77 -33.20 0.27 36.57
N SER F 78 -33.02 -0.94 37.09
CA SER F 78 -32.67 -2.17 36.32
C SER F 78 -33.50 -3.35 36.84
N GLU F 79 -33.65 -4.42 36.03
CA GLU F 79 -34.20 -5.71 36.51
C GLU F 79 -33.22 -6.34 37.50
N ASN F 80 -31.93 -6.12 37.27
CA ASN F 80 -30.82 -6.60 38.14
C ASN F 80 -30.70 -5.58 39.29
N CYS F 81 -31.47 -5.79 40.36
CA CYS F 81 -31.61 -4.81 41.47
C CYS F 81 -31.64 -5.47 42.86
N LEU F 82 -31.54 -6.80 42.96
CA LEU F 82 -31.66 -7.49 44.26
C LEU F 82 -30.33 -7.34 45.01
N TYR F 83 -30.10 -6.13 45.51
CA TYR F 83 -28.89 -5.71 46.27
C TYR F 83 -29.28 -5.34 47.71
N ILE F 84 -28.42 -5.75 48.65
CA ILE F 84 -28.50 -5.40 50.10
C ILE F 84 -27.31 -4.50 50.44
N ASN F 85 -27.48 -3.58 51.38
CA ASN F 85 -26.44 -2.64 51.86
C ASN F 85 -26.30 -2.84 53.37
N VAL F 86 -25.12 -3.24 53.83
CA VAL F 86 -24.87 -3.60 55.27
C VAL F 86 -23.82 -2.64 55.82
N HIS F 87 -24.15 -1.98 56.93
CA HIS F 87 -23.35 -0.89 57.55
C HIS F 87 -23.09 -1.28 59.01
N THR F 88 -21.81 -1.32 59.41
CA THR F 88 -21.41 -1.77 60.77
C THR F 88 -20.29 -0.90 61.33
N PRO F 89 -20.41 -0.47 62.60
CA PRO F 89 -19.33 0.22 63.30
C PRO F 89 -18.34 -0.70 64.04
N LYS F 90 -18.57 -2.02 64.00
CA LYS F 90 -17.66 -3.06 64.53
C LYS F 90 -17.60 -4.19 63.52
N LEU F 91 -16.67 -4.10 62.58
CA LEU F 91 -16.38 -5.19 61.62
C LEU F 91 -15.61 -6.29 62.37
N SER F 92 -16.34 -7.18 63.06
CA SER F 92 -15.80 -8.28 63.89
C SER F 92 -16.92 -9.29 64.20
N ALA F 93 -16.78 -10.54 63.75
CA ALA F 93 -17.79 -11.62 63.84
C ALA F 93 -18.31 -11.79 65.29
N GLY F 94 -17.54 -11.37 66.30
CA GLY F 94 -17.87 -11.54 67.73
C GLY F 94 -18.69 -10.41 68.33
N ALA F 95 -18.84 -9.28 67.63
CA ALA F 95 -19.44 -8.04 68.18
C ALA F 95 -20.89 -8.29 68.59
N SER F 96 -21.59 -9.20 67.90
CA SER F 96 -22.98 -9.64 68.18
C SER F 96 -23.88 -8.44 68.46
N LEU F 97 -23.97 -7.47 67.53
CA LEU F 97 -24.77 -6.22 67.70
C LEU F 97 -26.21 -6.47 67.27
N PRO F 98 -27.19 -5.72 67.83
CA PRO F 98 -28.55 -5.74 67.30
C PRO F 98 -28.50 -5.35 65.81
N VAL F 99 -29.41 -5.90 65.01
CA VAL F 99 -29.48 -5.62 63.55
C VAL F 99 -30.77 -4.86 63.23
N VAL F 100 -30.65 -3.66 62.68
CA VAL F 100 -31.82 -2.87 62.20
C VAL F 100 -31.94 -3.09 60.70
N VAL F 101 -32.99 -3.79 60.26
CA VAL F 101 -33.33 -3.98 58.82
C VAL F 101 -34.45 -3.00 58.46
N PHE F 102 -34.26 -2.20 57.41
CA PHE F 102 -35.27 -1.23 56.92
C PHE F 102 -35.78 -1.65 55.55
N ILE F 103 -37.10 -1.87 55.46
CA ILE F 103 -37.86 -2.08 54.19
C ILE F 103 -38.43 -0.72 53.78
N HIS F 104 -38.04 -0.21 52.62
CA HIS F 104 -38.41 1.15 52.15
C HIS F 104 -39.87 1.17 51.69
N GLY F 105 -40.45 2.37 51.65
CA GLY F 105 -41.79 2.62 51.09
C GLY F 105 -41.71 3.09 49.65
N GLY F 106 -42.87 3.47 49.11
CA GLY F 106 -43.10 3.82 47.70
C GLY F 106 -44.25 3.03 47.11
N ALA F 107 -45.25 2.72 47.94
CA ALA F 107 -46.55 2.10 47.57
C ALA F 107 -46.35 0.77 46.85
N PHE F 108 -45.20 0.11 46.99
CA PHE F 108 -44.84 -1.14 46.27
C PHE F 108 -44.60 -0.84 44.78
N MET F 109 -44.52 0.44 44.40
CA MET F 109 -44.31 0.87 42.99
C MET F 109 -42.88 1.41 42.79
N TYR F 110 -42.36 2.22 43.72
CA TYR F 110 -41.07 2.96 43.57
C TYR F 110 -40.26 2.92 44.88
N GLY F 111 -39.07 3.52 44.86
CA GLY F 111 -38.17 3.61 46.03
C GLY F 111 -36.99 2.66 45.92
N ALA F 112 -36.15 2.61 46.95
CA ALA F 112 -34.88 1.86 46.99
C ALA F 112 -34.29 1.90 48.40
N GLY F 113 -33.65 0.80 48.81
CA GLY F 113 -32.85 0.75 50.05
C GLY F 113 -31.79 1.84 50.09
N SER F 114 -31.19 2.16 48.94
CA SER F 114 -30.00 3.04 48.82
C SER F 114 -30.37 4.51 49.04
N LEU F 115 -31.64 4.89 49.00
CA LEU F 115 -32.12 6.27 49.27
C LEU F 115 -32.05 6.60 50.77
N TYR F 116 -31.83 5.60 51.64
CA TYR F 116 -31.90 5.74 53.13
C TYR F 116 -30.50 5.59 53.72
N ASP F 117 -29.87 6.72 54.04
CA ASP F 117 -28.48 6.81 54.53
C ASP F 117 -28.48 6.63 56.05
N VAL F 118 -27.52 5.88 56.58
CA VAL F 118 -27.51 5.33 57.96
C VAL F 118 -26.52 6.11 58.83
N SER F 119 -26.11 7.31 58.39
CA SER F 119 -25.09 8.14 59.08
C SER F 119 -25.45 8.33 60.56
N HIS F 120 -26.74 8.54 60.85
CA HIS F 120 -27.27 8.78 62.23
C HIS F 120 -27.19 7.49 63.03
N LEU F 121 -27.62 6.36 62.44
CA LEU F 121 -27.74 5.04 63.12
C LEU F 121 -26.36 4.51 63.54
N MET F 122 -25.30 4.89 62.83
CA MET F 122 -23.93 4.33 63.01
C MET F 122 -23.25 4.95 64.25
N ASP F 123 -23.86 5.94 64.89
CA ASP F 123 -23.44 6.47 66.21
C ASP F 123 -23.88 5.54 67.34
N ARG F 124 -24.83 4.62 67.04
CA ARG F 124 -25.23 3.51 67.95
C ARG F 124 -24.53 2.23 67.51
N ASP F 125 -24.37 1.31 68.46
CA ASP F 125 -23.72 -0.01 68.26
C ASP F 125 -24.79 -0.97 67.76
N VAL F 126 -25.15 -0.81 66.49
CA VAL F 126 -26.06 -1.69 65.71
C VAL F 126 -25.49 -1.86 64.31
N VAL F 127 -25.94 -2.89 63.61
CA VAL F 127 -25.72 -3.07 62.15
C VAL F 127 -26.99 -2.61 61.44
N ALA F 128 -26.86 -1.65 60.52
CA ALA F 128 -27.97 -1.11 59.71
C ALA F 128 -27.99 -1.83 58.38
N VAL F 129 -29.15 -2.35 57.97
CA VAL F 129 -29.34 -3.07 56.68
C VAL F 129 -30.48 -2.41 55.91
N THR F 130 -30.21 -2.05 54.65
CA THR F 130 -31.22 -1.69 53.63
C THR F 130 -31.07 -2.62 52.42
N PHE F 131 -32.09 -2.69 51.57
CA PHE F 131 -32.11 -3.59 50.41
C PHE F 131 -33.23 -3.22 49.44
N ASN F 132 -33.15 -3.71 48.21
CA ASN F 132 -34.18 -3.54 47.17
C ASN F 132 -34.98 -4.83 47.01
N TYR F 133 -36.25 -4.69 46.65
CA TYR F 133 -37.18 -5.79 46.32
C TYR F 133 -37.94 -5.38 45.05
N ARG F 134 -38.31 -6.36 44.22
CA ARG F 134 -38.99 -6.07 42.93
C ARG F 134 -40.27 -5.29 43.20
N LEU F 135 -40.62 -4.43 42.26
CA LEU F 135 -41.66 -3.39 42.42
C LEU F 135 -42.71 -3.51 41.31
N GLY F 136 -43.87 -2.90 41.56
CA GLY F 136 -45.01 -2.87 40.63
C GLY F 136 -45.23 -4.23 39.98
N PRO F 137 -45.45 -4.27 38.64
CA PRO F 137 -45.77 -5.52 37.98
C PRO F 137 -44.65 -6.57 38.07
N LEU F 138 -43.38 -6.15 38.10
CA LEU F 138 -42.24 -7.10 38.13
C LEU F 138 -42.22 -7.83 39.48
N GLY F 139 -42.70 -7.16 40.54
CA GLY F 139 -42.69 -7.71 41.91
C GLY F 139 -43.97 -8.43 42.27
N PHE F 140 -45.10 -8.06 41.65
CA PHE F 140 -46.45 -8.36 42.22
C PHE F 140 -47.48 -8.75 41.15
N LEU F 141 -47.09 -8.97 39.89
CA LEU F 141 -48.04 -9.58 38.93
C LEU F 141 -48.62 -10.83 39.59
N SER F 142 -49.93 -11.04 39.46
CA SER F 142 -50.60 -12.34 39.74
C SER F 142 -51.75 -12.57 38.77
N THR F 143 -51.91 -13.83 38.33
CA THR F 143 -53.04 -14.32 37.50
C THR F 143 -53.98 -15.17 38.38
N GLY F 144 -53.72 -15.20 39.69
CA GLY F 144 -54.53 -15.96 40.67
C GLY F 144 -54.33 -17.45 40.49
N ASP F 145 -53.26 -17.88 39.81
CA ASP F 145 -52.96 -19.31 39.55
C ASP F 145 -51.44 -19.51 39.44
N GLU F 146 -51.00 -20.70 39.03
CA GLU F 146 -49.58 -21.16 39.11
C GLU F 146 -48.74 -20.51 38.01
N SER F 147 -49.36 -19.93 36.98
CA SER F 147 -48.69 -19.12 35.93
C SER F 147 -48.05 -17.88 36.54
N ALA F 148 -48.68 -17.28 37.57
CA ALA F 148 -48.11 -16.15 38.36
C ALA F 148 -48.84 -16.05 39.70
N PRO F 149 -48.42 -16.80 40.73
CA PRO F 149 -49.15 -16.85 42.00
C PRO F 149 -49.14 -15.54 42.82
N GLY F 150 -48.09 -14.74 42.73
CA GLY F 150 -48.04 -13.39 43.35
C GLY F 150 -46.98 -13.30 44.43
N ASN F 151 -46.74 -12.08 44.94
CA ASN F 151 -45.90 -11.80 46.13
C ASN F 151 -44.40 -12.02 45.85
N ALA F 152 -43.96 -11.96 44.59
CA ALA F 152 -42.54 -12.11 44.20
C ALA F 152 -41.68 -11.12 45.00
N GLY F 153 -42.10 -9.86 45.08
CA GLY F 153 -41.39 -8.79 45.81
C GLY F 153 -41.29 -9.06 47.31
N LEU F 154 -42.36 -9.56 47.93
CA LEU F 154 -42.34 -9.98 49.35
C LEU F 154 -41.41 -11.19 49.53
N LYS F 155 -41.43 -12.13 48.58
CA LYS F 155 -40.52 -13.31 48.57
C LYS F 155 -39.06 -12.82 48.47
N ASP F 156 -38.79 -11.77 47.68
CA ASP F 156 -37.48 -11.08 47.66
C ASP F 156 -37.14 -10.61 49.08
N GLN F 157 -38.06 -9.92 49.77
CA GLN F 157 -37.81 -9.36 51.13
C GLN F 157 -37.44 -10.51 52.07
N ALA F 158 -38.21 -11.59 52.04
CA ALA F 158 -38.03 -12.83 52.84
C ALA F 158 -36.66 -13.44 52.54
N PHE F 159 -36.23 -13.38 51.28
CA PHE F 159 -34.95 -13.94 50.81
C PHE F 159 -33.80 -13.11 51.38
N ALA F 160 -34.00 -11.79 51.48
CA ALA F 160 -33.03 -10.83 52.04
C ALA F 160 -32.89 -11.05 53.54
N LEU F 161 -34.00 -11.36 54.23
CA LEU F 161 -34.02 -11.71 55.68
C LEU F 161 -33.28 -13.03 55.89
N GLN F 162 -33.61 -14.05 55.08
CA GLN F 162 -32.90 -15.34 55.09
C GLN F 162 -31.39 -15.06 54.95
N TRP F 163 -31.02 -14.15 54.04
CA TRP F 163 -29.60 -13.77 53.79
C TRP F 163 -28.99 -13.13 55.04
N VAL F 164 -29.70 -12.19 55.65
CA VAL F 164 -29.27 -11.49 56.89
C VAL F 164 -29.04 -12.55 57.99
N LYS F 165 -29.94 -13.52 58.11
CA LYS F 165 -29.86 -14.60 59.12
C LYS F 165 -28.56 -15.41 58.91
N ASN F 166 -28.20 -15.68 57.66
CA ASN F 166 -27.08 -16.59 57.32
C ASN F 166 -25.74 -15.84 57.30
N ASN F 167 -25.75 -14.49 57.18
CA ASN F 167 -24.54 -13.71 56.81
C ASN F 167 -24.23 -12.54 57.76
N VAL F 168 -25.21 -12.00 58.50
CA VAL F 168 -25.00 -10.72 59.23
C VAL F 168 -23.95 -10.91 60.33
N MET F 169 -23.70 -12.11 60.84
CA MET F 169 -22.65 -12.33 61.86
C MET F 169 -21.30 -11.79 61.35
N MET F 170 -21.01 -12.00 60.07
CA MET F 170 -19.71 -11.62 59.43
C MET F 170 -19.52 -10.09 59.48
N PHE F 171 -20.60 -9.31 59.64
CA PHE F 171 -20.54 -7.83 59.72
C PHE F 171 -20.64 -7.38 61.19
N GLY F 172 -20.67 -8.34 62.12
CA GLY F 172 -20.74 -8.07 63.58
C GLY F 172 -22.17 -8.02 64.11
N GLY F 173 -23.16 -8.41 63.30
CA GLY F 173 -24.57 -8.45 63.70
C GLY F 173 -24.90 -9.74 64.43
N ASN F 174 -25.87 -9.66 65.34
CA ASN F 174 -26.47 -10.85 66.01
C ASN F 174 -27.62 -11.34 65.14
N PRO F 175 -27.55 -12.56 64.56
CA PRO F 175 -28.64 -13.04 63.70
C PRO F 175 -29.94 -13.28 64.47
N ASP F 176 -29.87 -13.51 65.79
CA ASP F 176 -31.02 -13.78 66.68
C ASP F 176 -31.55 -12.50 67.33
N SER F 177 -31.06 -11.31 66.93
CA SER F 177 -31.57 -10.00 67.39
C SER F 177 -31.74 -9.06 66.20
N VAL F 178 -32.54 -9.47 65.22
CA VAL F 178 -32.91 -8.67 64.02
C VAL F 178 -34.18 -7.87 64.34
N THR F 179 -34.09 -6.55 64.28
CA THR F 179 -35.22 -5.60 64.36
C THR F 179 -35.66 -5.30 62.91
N LEU F 180 -36.80 -5.88 62.50
CA LEU F 180 -37.37 -5.71 61.15
C LEU F 180 -38.25 -4.47 61.14
N THR F 181 -37.81 -3.41 60.47
CA THR F 181 -38.51 -2.09 60.39
C THR F 181 -38.85 -1.77 58.94
N GLY F 182 -39.72 -0.79 58.72
CA GLY F 182 -40.15 -0.34 57.38
C GLY F 182 -41.22 0.73 57.47
N CYS F 183 -41.35 1.56 56.42
CA CYS F 183 -42.26 2.73 56.36
C CYS F 183 -43.13 2.68 55.10
N SER F 184 -44.37 3.19 55.17
CA SER F 184 -45.37 3.20 54.07
C SER F 184 -45.60 1.74 53.64
N ALA F 185 -45.32 1.39 52.38
CA ALA F 185 -45.35 0.00 51.89
C ALA F 185 -44.38 -0.88 52.70
N GLY F 186 -43.33 -0.29 53.27
CA GLY F 186 -42.35 -0.99 54.15
C GLY F 186 -42.99 -1.45 55.45
N GLY F 187 -43.78 -0.60 56.10
CA GLY F 187 -44.53 -0.95 57.32
C GLY F 187 -45.51 -2.07 57.04
N ALA F 188 -46.24 -1.98 55.93
CA ALA F 188 -47.16 -3.04 55.45
C ALA F 188 -46.35 -4.32 55.24
N SER F 189 -45.16 -4.18 54.66
CA SER F 189 -44.25 -5.32 54.38
C SER F 189 -43.89 -6.03 55.70
N VAL F 190 -43.57 -5.25 56.75
CA VAL F 190 -43.20 -5.79 58.09
C VAL F 190 -44.35 -6.69 58.58
N HIS F 191 -45.57 -6.16 58.59
CA HIS F 191 -46.81 -6.89 58.93
C HIS F 191 -46.89 -8.19 58.10
N TYR F 192 -46.69 -8.09 56.78
CA TYR F 192 -46.77 -9.25 55.84
C TYR F 192 -45.79 -10.34 56.26
N HIS F 193 -44.61 -9.99 56.78
CA HIS F 193 -43.58 -10.93 57.29
C HIS F 193 -44.13 -11.64 58.53
N TYR F 194 -44.83 -10.92 59.41
CA TYR F 194 -45.53 -11.46 60.61
C TYR F 194 -46.50 -12.59 60.20
N LEU F 195 -47.06 -12.52 58.98
CA LEU F 195 -48.17 -13.38 58.50
C LEU F 195 -47.67 -14.58 57.68
N SER F 196 -46.38 -14.67 57.35
CA SER F 196 -45.86 -15.65 56.35
C SER F 196 -45.08 -16.74 57.05
N PRO F 197 -45.31 -18.04 56.70
CA PRO F 197 -44.37 -19.11 57.04
C PRO F 197 -42.91 -18.83 56.62
N LEU F 198 -42.68 -18.06 55.54
CA LEU F 198 -41.34 -17.87 54.92
C LEU F 198 -40.42 -17.05 55.82
N SER F 199 -40.96 -16.23 56.72
CA SER F 199 -40.18 -15.25 57.53
C SER F 199 -40.23 -15.59 59.02
N LYS F 200 -40.85 -16.71 59.38
CA LYS F 200 -40.93 -17.20 60.79
C LYS F 200 -39.52 -17.45 61.30
N GLY F 201 -39.18 -16.89 62.47
CA GLY F 201 -37.88 -17.10 63.15
C GLY F 201 -36.74 -16.32 62.54
N ASN F 202 -37.03 -15.36 61.64
CA ASN F 202 -36.00 -14.58 60.90
C ASN F 202 -36.01 -13.12 61.35
N PHE F 203 -36.77 -12.77 62.41
CA PHE F 203 -36.69 -11.45 63.10
C PHE F 203 -37.20 -11.60 64.54
N ALA F 204 -36.52 -10.94 65.48
CA ALA F 204 -36.78 -11.03 66.93
C ALA F 204 -37.94 -10.12 67.32
N ARG F 205 -38.19 -9.06 66.53
CA ARG F 205 -39.16 -7.97 66.84
C ARG F 205 -39.42 -7.16 65.56
N GLY F 206 -40.40 -6.26 65.59
CA GLY F 206 -40.79 -5.48 64.40
C GLY F 206 -41.20 -4.04 64.74
N ILE F 207 -41.00 -3.14 63.78
CA ILE F 207 -41.51 -1.74 63.78
C ILE F 207 -42.19 -1.48 62.42
N ALA F 208 -43.51 -1.28 62.41
CA ALA F 208 -44.32 -0.94 61.21
C ALA F 208 -44.71 0.53 61.29
N PHE F 209 -43.83 1.41 60.79
CA PHE F 209 -44.07 2.85 60.65
C PHE F 209 -45.12 3.10 59.57
N SER F 210 -46.26 3.66 59.95
CA SER F 210 -47.23 4.33 59.03
C SER F 210 -47.59 3.38 57.88
N GLY F 211 -48.01 2.15 58.19
CA GLY F 211 -48.54 1.19 57.21
C GLY F 211 -48.85 -0.16 57.83
N ALA F 212 -49.92 -0.80 57.37
CA ALA F 212 -50.41 -2.13 57.80
C ALA F 212 -50.90 -2.91 56.59
N ALA F 213 -50.64 -4.22 56.54
CA ALA F 213 -51.11 -5.18 55.51
C ALA F 213 -52.65 -5.25 55.47
N PHE F 214 -53.36 -4.71 56.47
CA PHE F 214 -54.84 -4.66 56.50
C PHE F 214 -55.33 -3.55 55.56
N ALA F 215 -54.46 -2.61 55.18
CA ALA F 215 -54.85 -1.41 54.39
C ALA F 215 -55.12 -1.82 52.94
N SER F 216 -56.11 -1.19 52.30
CA SER F 216 -56.65 -1.53 50.95
C SER F 216 -55.55 -1.44 49.88
N TRP F 217 -54.74 -0.38 49.94
CA TRP F 217 -53.74 -0.06 48.90
C TRP F 217 -52.56 -1.05 48.95
N THR F 218 -52.42 -1.84 50.02
CA THR F 218 -51.34 -2.85 50.15
C THR F 218 -51.78 -4.21 49.59
N HIS F 219 -53.03 -4.33 49.12
CA HIS F 219 -53.61 -5.66 48.80
C HIS F 219 -54.50 -5.56 47.55
N ALA F 220 -54.24 -6.44 46.59
CA ALA F 220 -55.02 -6.57 45.34
C ALA F 220 -56.02 -7.71 45.51
N VAL F 221 -57.30 -7.43 45.35
CA VAL F 221 -58.38 -8.46 45.50
C VAL F 221 -58.74 -9.00 44.12
N LYS F 222 -58.36 -8.30 43.05
CA LYS F 222 -58.68 -8.69 41.65
C LYS F 222 -57.40 -8.67 40.82
N PRO F 223 -56.35 -9.42 41.22
CA PRO F 223 -55.05 -9.39 40.53
C PRO F 223 -55.17 -9.71 39.02
N LEU F 224 -56.05 -10.64 38.64
CA LEU F 224 -56.18 -11.14 37.25
C LEU F 224 -56.74 -10.04 36.34
N GLN F 225 -57.67 -9.24 36.85
CA GLN F 225 -58.22 -8.05 36.14
C GLN F 225 -57.04 -7.12 35.82
N ASN F 226 -56.16 -6.91 36.78
CA ASN F 226 -54.93 -6.08 36.62
C ASN F 226 -53.98 -6.70 35.57
N ALA F 227 -53.71 -8.00 35.66
CA ALA F 227 -52.77 -8.72 34.77
C ALA F 227 -53.27 -8.66 33.32
N ARG F 228 -54.55 -8.95 33.09
CA ARG F 228 -55.20 -8.92 31.75
C ARG F 228 -55.12 -7.51 31.16
N SER F 229 -55.35 -6.48 32.00
CA SER F 229 -55.35 -5.05 31.59
C SER F 229 -53.96 -4.64 31.13
N LEU F 230 -52.95 -4.88 31.98
CA LEU F 230 -51.53 -4.61 31.66
C LEU F 230 -51.14 -5.30 30.35
N ALA F 231 -51.52 -6.58 30.19
CA ALA F 231 -51.21 -7.41 29.01
C ALA F 231 -51.87 -6.80 27.76
N ALA F 232 -53.13 -6.40 27.86
CA ALA F 232 -53.92 -5.81 26.75
C ALA F 232 -53.22 -4.54 26.29
N ILE F 233 -52.79 -3.69 27.23
CA ILE F 233 -52.14 -2.37 26.98
C ILE F 233 -50.86 -2.55 26.14
N VAL F 234 -50.02 -3.54 26.47
CA VAL F 234 -48.72 -3.78 25.77
C VAL F 234 -48.95 -4.68 24.53
N GLY F 235 -50.19 -5.06 24.24
CA GLY F 235 -50.58 -5.74 22.99
C GLY F 235 -50.46 -7.26 23.06
N CYS F 236 -50.31 -7.83 24.26
CA CYS F 236 -50.25 -9.29 24.49
C CYS F 236 -51.64 -9.89 24.31
N PRO F 237 -51.74 -11.12 23.77
CA PRO F 237 -53.02 -11.83 23.77
C PRO F 237 -53.28 -12.29 25.21
N THR F 238 -54.48 -12.02 25.72
CA THR F 238 -55.11 -12.80 26.80
C THR F 238 -55.92 -13.90 26.10
N GLY F 239 -56.31 -14.93 26.85
CA GLY F 239 -56.90 -16.16 26.31
C GLY F 239 -56.64 -17.30 27.28
N THR F 240 -55.35 -17.51 27.57
CA THR F 240 -54.85 -18.36 28.68
C THR F 240 -53.94 -17.50 29.54
N ASN F 241 -53.87 -17.79 30.83
CA ASN F 241 -53.03 -17.07 31.82
C ASN F 241 -51.56 -17.40 31.57
N ARG F 242 -51.26 -18.60 31.06
CA ARG F 242 -49.89 -19.02 30.69
C ARG F 242 -49.40 -18.19 29.50
N GLU F 243 -50.24 -17.98 28.49
CA GLU F 243 -49.94 -17.10 27.32
C GLU F 243 -49.68 -15.66 27.79
N LEU F 244 -50.50 -15.18 28.73
CA LEU F 244 -50.49 -13.79 29.25
C LEU F 244 -49.11 -13.52 29.89
N VAL F 245 -48.72 -14.32 30.88
CA VAL F 245 -47.42 -14.22 31.60
C VAL F 245 -46.29 -14.38 30.59
N ASP F 246 -46.35 -15.43 29.75
CA ASP F 246 -45.28 -15.74 28.75
C ASP F 246 -45.02 -14.50 27.89
N CYS F 247 -46.06 -13.85 27.39
CA CYS F 247 -45.95 -12.64 26.54
C CYS F 247 -45.39 -11.47 27.36
N LEU F 248 -45.80 -11.31 28.61
CA LEU F 248 -45.27 -10.25 29.50
C LEU F 248 -43.79 -10.53 29.83
N LYS F 249 -43.38 -11.80 29.85
CA LYS F 249 -41.97 -12.23 30.14
C LYS F 249 -41.03 -11.78 29.03
N TYR F 250 -41.50 -11.72 27.79
CA TYR F 250 -40.70 -11.50 26.56
C TYR F 250 -40.89 -10.07 26.03
N ARG F 251 -41.77 -9.29 26.66
CA ARG F 251 -41.86 -7.83 26.35
C ARG F 251 -40.71 -7.15 27.07
N PRO F 252 -40.19 -6.01 26.56
CA PRO F 252 -39.15 -5.27 27.25
C PRO F 252 -39.65 -4.87 28.64
N ALA F 253 -38.81 -5.01 29.67
CA ALA F 253 -39.14 -4.72 31.07
C ALA F 253 -39.63 -3.27 31.19
N GLU F 254 -39.00 -2.32 30.49
CA GLU F 254 -39.35 -0.88 30.56
C GLU F 254 -40.79 -0.66 30.09
N VAL F 255 -41.25 -1.43 29.08
CA VAL F 255 -42.59 -1.26 28.48
C VAL F 255 -43.66 -1.73 29.47
N VAL F 256 -43.40 -2.87 30.13
CA VAL F 256 -44.29 -3.54 31.12
C VAL F 256 -44.47 -2.62 32.35
N VAL F 257 -43.39 -2.01 32.84
CA VAL F 257 -43.41 -1.14 34.05
C VAL F 257 -44.12 0.16 33.70
N GLY F 258 -43.77 0.75 32.56
CA GLY F 258 -44.33 2.03 32.08
C GLY F 258 -45.81 1.90 31.76
N ALA F 259 -46.25 0.72 31.32
CA ALA F 259 -47.64 0.47 30.87
C ALA F 259 -48.63 0.58 32.04
N GLN F 260 -48.19 0.39 33.29
CA GLN F 260 -49.10 0.29 34.45
C GLN F 260 -49.93 1.59 34.58
N ILE F 261 -49.37 2.76 34.30
CA ILE F 261 -50.02 4.09 34.51
C ILE F 261 -51.21 4.30 33.55
N GLU F 262 -51.35 3.50 32.49
CA GLU F 262 -52.42 3.67 31.46
C GLU F 262 -53.65 2.81 31.78
N MET F 263 -53.67 2.12 32.93
CA MET F 263 -54.79 1.23 33.32
C MET F 263 -56.01 2.10 33.67
N LEU F 264 -57.22 1.61 33.40
CA LEU F 264 -58.48 2.33 33.67
C LEU F 264 -58.55 2.64 35.17
N GLU F 265 -58.74 3.93 35.51
CA GLU F 265 -58.76 4.47 36.89
C GLU F 265 -57.49 4.09 37.64
N PHE F 266 -56.31 4.23 37.02
CA PHE F 266 -55.01 4.14 37.74
C PHE F 266 -55.05 5.14 38.90
N PRO F 267 -54.46 4.83 40.08
CA PRO F 267 -54.36 5.79 41.16
C PRO F 267 -54.06 7.20 40.66
N TYR F 268 -54.79 8.18 41.21
CA TYR F 268 -54.79 9.61 40.78
C TYR F 268 -53.53 10.28 41.34
N GLN F 269 -52.73 10.89 40.45
CA GLN F 269 -51.36 11.43 40.71
C GLN F 269 -50.36 10.30 41.00
N GLN F 270 -50.71 9.06 40.66
CA GLN F 270 -49.76 7.92 40.58
C GLN F 270 -48.96 7.79 41.89
N MET F 271 -49.64 7.82 43.04
CA MET F 271 -49.02 7.70 44.39
C MET F 271 -49.25 6.29 44.96
N PHE F 272 -50.05 5.47 44.28
CA PHE F 272 -50.27 4.03 44.60
C PHE F 272 -50.26 3.23 43.29
N THR F 273 -50.31 1.90 43.39
CA THR F 273 -50.33 0.99 42.22
C THR F 273 -51.30 -0.14 42.49
N PRO F 274 -51.94 -0.71 41.45
CA PRO F 274 -52.72 -1.95 41.60
C PRO F 274 -51.87 -3.23 41.67
N PHE F 275 -50.56 -3.12 41.39
CA PHE F 275 -49.61 -4.27 41.46
C PHE F 275 -48.99 -4.32 42.86
N THR F 276 -49.72 -4.94 43.79
CA THR F 276 -49.43 -5.01 45.25
C THR F 276 -49.51 -6.47 45.69
N PRO F 277 -49.07 -6.82 46.92
CA PRO F 277 -49.25 -8.17 47.45
C PRO F 277 -50.71 -8.64 47.32
N THR F 278 -50.89 -9.96 47.17
CA THR F 278 -52.22 -10.61 46.97
C THR F 278 -52.27 -11.93 47.76
N VAL F 279 -53.38 -12.65 47.67
CA VAL F 279 -53.52 -14.03 48.22
C VAL F 279 -53.08 -15.00 47.12
N GLU F 280 -52.05 -15.81 47.39
CA GLU F 280 -51.55 -16.82 46.42
C GLU F 280 -52.47 -18.04 46.43
N PRO F 281 -52.63 -18.74 45.28
CA PRO F 281 -53.51 -19.90 45.19
C PRO F 281 -53.17 -21.00 46.21
N GLN F 282 -54.19 -21.72 46.68
CA GLN F 282 -54.04 -22.85 47.63
C GLN F 282 -52.98 -23.82 47.09
N GLY F 283 -52.04 -24.23 47.94
CA GLY F 283 -51.03 -25.26 47.62
C GLY F 283 -50.01 -24.78 46.60
N THR F 284 -49.82 -23.45 46.48
CA THR F 284 -48.64 -22.86 45.80
C THR F 284 -47.42 -23.25 46.65
N ARG F 285 -46.46 -23.95 46.05
CA ARG F 285 -45.25 -24.47 46.75
C ARG F 285 -44.46 -23.29 47.33
N ASP F 286 -44.12 -23.35 48.62
CA ASP F 286 -43.33 -22.31 49.33
C ASP F 286 -43.96 -20.93 49.09
N ALA F 287 -45.29 -20.83 49.21
CA ALA F 287 -46.05 -19.58 49.10
C ALA F 287 -45.60 -18.63 50.21
N PHE F 288 -45.72 -17.33 49.98
CA PHE F 288 -45.53 -16.27 51.02
C PHE F 288 -46.81 -16.18 51.86
N LEU F 289 -47.97 -16.11 51.19
CA LEU F 289 -49.29 -15.92 51.83
C LEU F 289 -50.37 -16.60 50.98
N THR F 290 -51.10 -17.54 51.57
CA THR F 290 -52.18 -18.32 50.90
C THR F 290 -53.54 -18.00 51.53
N GLN F 291 -53.64 -16.95 52.35
CA GLN F 291 -54.88 -16.57 53.08
C GLN F 291 -54.86 -15.07 53.34
N TYR F 292 -56.03 -14.43 53.32
CA TYR F 292 -56.24 -12.96 53.47
C TYR F 292 -55.63 -12.51 54.79
N PRO F 293 -54.84 -11.40 54.82
CA PRO F 293 -54.13 -11.00 56.03
C PRO F 293 -54.98 -10.95 57.32
N PHE F 294 -56.15 -10.33 57.26
CA PHE F 294 -57.06 -10.11 58.42
C PHE F 294 -57.52 -11.46 59.01
N LEU F 295 -57.82 -12.46 58.19
CA LEU F 295 -58.24 -13.82 58.64
C LEU F 295 -57.05 -14.51 59.34
N VAL F 296 -55.83 -14.35 58.84
CA VAL F 296 -54.61 -14.96 59.46
C VAL F 296 -54.39 -14.33 60.83
N ALA F 297 -54.49 -12.99 60.93
CA ALA F 297 -54.30 -12.22 62.18
C ALA F 297 -55.41 -12.56 63.19
N GLN F 298 -56.66 -12.65 62.71
CA GLN F 298 -57.89 -12.99 63.49
C GLN F 298 -57.74 -14.37 64.17
N ALA F 299 -57.03 -15.32 63.54
CA ALA F 299 -56.84 -16.72 64.01
C ALA F 299 -55.58 -16.81 64.88
N GLY F 300 -54.91 -15.69 65.15
CA GLY F 300 -53.70 -15.62 66.00
C GLY F 300 -52.45 -16.06 65.26
N GLY F 301 -52.46 -15.97 63.93
CA GLY F 301 -51.44 -16.57 63.05
C GLY F 301 -50.15 -15.77 62.96
N MET F 302 -50.16 -14.50 63.40
CA MET F 302 -48.98 -13.60 63.33
C MET F 302 -47.88 -14.16 64.24
N HIS F 303 -46.61 -13.94 63.87
CA HIS F 303 -45.42 -14.46 64.61
C HIS F 303 -45.39 -13.79 65.98
N LYS F 304 -45.23 -14.60 67.03
CA LYS F 304 -45.31 -14.13 68.44
C LYS F 304 -43.98 -13.45 68.82
N VAL F 305 -43.75 -12.23 68.33
CA VAL F 305 -42.60 -11.36 68.73
C VAL F 305 -43.11 -9.95 69.02
N PRO F 306 -42.36 -9.12 69.77
CA PRO F 306 -42.74 -7.72 69.99
C PRO F 306 -42.96 -6.93 68.70
N LEU F 307 -43.74 -5.85 68.83
CA LEU F 307 -44.14 -4.95 67.71
C LEU F 307 -44.28 -3.52 68.23
N ILE F 308 -43.67 -2.56 67.52
CA ILE F 308 -44.10 -1.12 67.51
C ILE F 308 -44.78 -0.87 66.18
N THR F 309 -45.92 -0.18 66.18
CA THR F 309 -46.54 0.40 64.96
C THR F 309 -46.94 1.84 65.27
N SER F 310 -47.08 2.68 64.26
CA SER F 310 -47.09 4.16 64.44
C SER F 310 -47.84 4.84 63.31
N VAL F 311 -48.34 6.05 63.60
CA VAL F 311 -48.87 7.02 62.60
C VAL F 311 -48.36 8.41 62.97
N THR F 312 -48.40 9.33 62.00
CA THR F 312 -48.20 10.79 62.18
C THR F 312 -49.58 11.45 62.25
N SER F 313 -49.63 12.71 62.67
CA SER F 313 -50.88 13.50 62.81
C SER F 313 -51.46 13.84 61.43
N GLU F 314 -50.61 14.06 60.42
CA GLU F 314 -51.02 14.45 59.04
C GLU F 314 -50.45 13.44 58.02
N GLU F 315 -50.52 12.15 58.35
CA GLU F 315 -50.37 11.01 57.43
C GLU F 315 -50.87 11.36 56.03
N GLY F 316 -52.12 11.84 55.94
CA GLY F 316 -52.85 12.07 54.68
C GLY F 316 -52.12 12.98 53.70
N LEU F 317 -51.03 13.64 54.10
CA LEU F 317 -50.20 14.47 53.18
C LEU F 317 -49.53 13.58 52.15
N TYR F 318 -49.50 12.26 52.39
CA TYR F 318 -49.40 11.23 51.32
C TYR F 318 -50.80 10.67 51.09
N PRO F 319 -51.49 11.01 49.97
CA PRO F 319 -50.93 11.78 48.87
C PRO F 319 -51.21 13.29 48.79
N ALA F 320 -51.98 13.84 49.73
CA ALA F 320 -52.64 15.16 49.62
C ALA F 320 -51.62 16.25 49.23
N ALA F 321 -50.37 16.15 49.68
CA ALA F 321 -49.30 17.16 49.46
C ALA F 321 -49.13 17.48 47.97
N VAL F 322 -49.28 16.50 47.09
CA VAL F 322 -49.02 16.69 45.63
C VAL F 322 -50.20 17.47 45.00
N TYR F 323 -51.36 17.53 45.68
CA TYR F 323 -52.54 18.30 45.21
C TYR F 323 -52.23 19.80 45.28
N GLN F 324 -51.22 20.20 46.05
CA GLN F 324 -50.82 21.63 46.23
C GLN F 324 -49.79 22.04 45.17
N LYS F 325 -49.29 21.08 44.38
CA LYS F 325 -48.20 21.25 43.39
C LYS F 325 -48.65 22.20 42.27
N SER F 326 -49.78 21.89 41.62
CA SER F 326 -50.45 22.75 40.61
C SER F 326 -51.69 23.39 41.24
N PRO F 327 -51.94 24.70 41.01
CA PRO F 327 -53.01 25.41 41.73
C PRO F 327 -54.46 25.14 41.25
N ASP F 328 -54.66 24.23 40.29
CA ASP F 328 -56.00 23.85 39.75
C ASP F 328 -56.55 22.63 40.48
N THR F 329 -55.67 21.77 41.02
CA THR F 329 -55.92 20.36 41.42
C THR F 329 -57.05 20.27 42.45
N LEU F 330 -57.10 21.17 43.42
CA LEU F 330 -58.14 21.14 44.48
C LEU F 330 -59.50 21.48 43.86
N ALA F 331 -59.53 22.39 42.88
CA ALA F 331 -60.74 22.73 42.09
C ALA F 331 -61.21 21.50 41.31
N TYR F 332 -60.29 20.80 40.64
CA TYR F 332 -60.57 19.59 39.83
C TYR F 332 -61.19 18.49 40.71
N LEU F 333 -60.67 18.31 41.92
CA LEU F 333 -61.13 17.27 42.89
C LEU F 333 -62.56 17.60 43.35
N GLU F 334 -62.86 18.89 43.51
CA GLU F 334 -64.22 19.40 43.86
C GLU F 334 -65.21 19.00 42.77
N ALA F 335 -64.92 19.37 41.51
CA ALA F 335 -65.75 19.13 40.32
C ALA F 335 -66.08 17.63 40.22
N ASN F 336 -65.07 16.78 40.36
CA ASN F 336 -65.14 15.33 40.00
C ASN F 336 -65.06 14.48 41.27
N TRP F 337 -65.48 15.02 42.42
CA TRP F 337 -65.41 14.34 43.73
C TRP F 337 -66.04 12.95 43.66
N ASP F 338 -67.27 12.87 43.13
CA ASP F 338 -68.08 11.62 43.04
C ASP F 338 -67.29 10.54 42.29
N GLN F 339 -66.57 10.91 41.23
CA GLN F 339 -65.79 9.98 40.36
C GLN F 339 -64.42 9.67 40.99
N LEU F 340 -63.84 10.58 41.79
CA LEU F 340 -62.43 10.48 42.24
C LEU F 340 -62.32 10.00 43.68
N ALA F 341 -63.39 10.02 44.46
CA ALA F 341 -63.39 9.58 45.88
C ALA F 341 -62.79 8.17 45.95
N SER F 342 -63.37 7.22 45.22
CA SER F 342 -63.04 5.77 45.26
C SER F 342 -61.59 5.53 44.82
N ASN F 343 -61.02 6.46 44.04
CA ASN F 343 -59.61 6.39 43.58
C ASN F 343 -58.70 6.85 44.73
N ILE F 344 -58.86 8.08 45.21
CA ILE F 344 -57.88 8.72 46.14
C ILE F 344 -57.95 8.07 47.53
N PHE F 345 -59.13 7.59 47.94
CA PHE F 345 -59.35 6.86 49.22
C PHE F 345 -59.19 5.35 49.01
N GLU F 346 -58.80 4.96 47.78
CA GLU F 346 -58.28 3.60 47.47
C GLU F 346 -59.30 2.56 47.95
N TYR F 347 -60.54 2.64 47.44
CA TYR F 347 -61.58 1.58 47.59
C TYR F 347 -62.10 1.20 46.20
N ASN F 348 -61.21 1.17 45.21
CA ASN F 348 -61.59 0.99 43.79
C ASN F 348 -62.22 -0.40 43.59
N ASP F 349 -61.71 -1.42 44.29
CA ASP F 349 -62.00 -2.85 43.98
C ASP F 349 -62.86 -3.50 45.06
N THR F 350 -63.12 -2.82 46.18
CA THR F 350 -63.70 -3.40 47.42
C THR F 350 -65.06 -2.77 47.76
N LEU F 351 -65.56 -1.87 46.91
CA LEU F 351 -66.94 -1.31 46.97
C LEU F 351 -67.57 -1.50 45.60
N PRO F 352 -68.85 -1.96 45.51
CA PRO F 352 -69.57 -1.96 44.24
C PRO F 352 -69.66 -0.54 43.65
N VAL F 353 -69.68 -0.44 42.32
CA VAL F 353 -69.64 0.84 41.56
C VAL F 353 -70.89 1.68 41.88
N ASN F 354 -72.09 1.06 41.97
CA ASN F 354 -73.38 1.76 42.23
C ASN F 354 -73.36 2.55 43.55
N GLN F 355 -72.47 2.16 44.48
CA GLN F 355 -72.43 2.70 45.87
C GLN F 355 -71.49 3.90 45.94
N ARG F 356 -70.68 4.14 44.90
CA ARG F 356 -69.58 5.14 44.89
C ARG F 356 -70.14 6.55 45.14
N ALA F 357 -71.27 6.91 44.51
CA ALA F 357 -71.97 8.19 44.71
C ALA F 357 -72.37 8.36 46.18
N GLY F 358 -72.92 7.29 46.78
CA GLY F 358 -73.41 7.26 48.17
C GLY F 358 -72.30 7.37 49.20
N VAL F 359 -71.24 6.58 49.05
CA VAL F 359 -70.05 6.55 49.96
C VAL F 359 -69.25 7.84 49.81
N ALA F 360 -69.16 8.39 48.59
CA ALA F 360 -68.49 9.68 48.29
C ALA F 360 -69.15 10.78 49.12
N ALA F 361 -70.48 10.86 49.10
CA ALA F 361 -71.29 11.84 49.87
C ALA F 361 -71.00 11.70 51.36
N LYS F 362 -71.05 10.47 51.88
CA LYS F 362 -70.86 10.15 53.33
C LYS F 362 -69.51 10.66 53.82
N ILE F 363 -68.45 10.55 53.00
CA ILE F 363 -67.07 10.98 53.38
C ILE F 363 -67.01 12.52 53.39
N LYS F 364 -67.51 13.17 52.35
CA LYS F 364 -67.53 14.66 52.25
C LYS F 364 -68.35 15.22 53.43
N GLN F 365 -69.50 14.62 53.70
CA GLN F 365 -70.42 14.94 54.83
C GLN F 365 -69.63 14.93 56.14
N ARG F 366 -68.96 13.80 56.43
CA ARG F 366 -68.27 13.52 57.72
C ARG F 366 -67.09 14.49 57.96
N TYR F 367 -66.17 14.64 57.01
CA TYR F 367 -64.87 15.34 57.20
C TYR F 367 -64.99 16.82 56.83
N LEU F 368 -65.67 17.13 55.72
CA LEU F 368 -65.73 18.49 55.11
C LEU F 368 -67.05 19.20 55.44
N GLY F 369 -68.02 18.49 56.03
CA GLY F 369 -69.34 19.06 56.40
C GLY F 369 -70.14 19.48 55.18
N ASN F 370 -69.90 18.84 54.04
CA ASN F 370 -70.61 19.12 52.76
C ASN F 370 -70.12 20.42 52.13
N LYS F 371 -69.06 21.04 52.67
CA LYS F 371 -68.42 22.23 52.04
C LYS F 371 -67.58 21.76 50.87
N PRO F 372 -67.28 22.63 49.87
CA PRO F 372 -66.44 22.24 48.74
C PRO F 372 -64.98 22.00 49.14
N VAL F 373 -64.24 21.24 48.31
CA VAL F 373 -62.77 21.03 48.42
C VAL F 373 -62.07 22.32 47.97
N SER F 374 -61.23 22.89 48.83
CA SER F 374 -60.51 24.17 48.60
C SER F 374 -59.39 24.31 49.64
N GLN F 375 -58.74 25.46 49.70
CA GLN F 375 -57.64 25.74 50.67
C GLN F 375 -58.18 25.63 52.11
N GLU F 376 -59.38 26.15 52.37
CA GLU F 376 -60.00 26.22 53.73
C GLU F 376 -60.29 24.80 54.26
N THR F 377 -60.69 23.87 53.38
CA THR F 377 -61.08 22.48 53.73
C THR F 377 -59.92 21.49 53.56
N TYR F 378 -58.78 21.92 52.99
CA TYR F 378 -57.58 21.08 52.72
C TYR F 378 -57.20 20.29 53.96
N PRO F 379 -57.05 20.92 55.15
CA PRO F 379 -56.66 20.19 56.37
C PRO F 379 -57.59 19.02 56.73
N GLN F 380 -58.88 19.11 56.39
CA GLN F 380 -59.91 18.07 56.68
C GLN F 380 -59.80 16.93 55.65
N LEU F 381 -59.49 17.28 54.39
CA LEU F 381 -59.20 16.31 53.29
C LEU F 381 -57.98 15.46 53.68
N VAL F 382 -56.96 16.10 54.26
CA VAL F 382 -55.70 15.48 54.75
C VAL F 382 -56.04 14.46 55.84
N GLN F 383 -56.94 14.81 56.76
CA GLN F 383 -57.34 13.97 57.91
C GLN F 383 -58.08 12.72 57.40
N ALA F 384 -59.01 12.89 56.45
CA ALA F 384 -59.78 11.78 55.85
C ALA F 384 -58.81 10.77 55.21
N LEU F 385 -57.91 11.25 54.35
CA LEU F 385 -56.91 10.39 53.65
C LEU F 385 -56.02 9.70 54.68
N GLY F 386 -55.45 10.46 55.63
CA GLY F 386 -54.63 9.94 56.73
C GLY F 386 -55.33 8.83 57.49
N ASP F 387 -56.64 8.96 57.73
CA ASP F 387 -57.45 8.00 58.53
C ASP F 387 -57.68 6.72 57.71
N ARG F 388 -58.26 6.85 56.51
CA ARG F 388 -58.58 5.71 55.60
C ARG F 388 -57.32 4.86 55.36
N LEU F 389 -56.29 5.48 54.76
CA LEU F 389 -55.09 4.80 54.19
C LEU F 389 -54.17 4.26 55.30
N PHE F 390 -54.05 4.94 56.45
CA PHE F 390 -52.96 4.67 57.44
C PHE F 390 -53.50 4.44 58.86
N ALA F 391 -54.14 5.44 59.46
CA ALA F 391 -54.43 5.49 60.92
C ALA F 391 -55.27 4.28 61.34
N VAL F 392 -56.42 4.05 60.69
CA VAL F 392 -57.39 2.97 61.04
C VAL F 392 -56.66 1.61 61.13
N ASP F 393 -55.89 1.26 60.10
CA ASP F 393 -55.37 -0.12 59.91
C ASP F 393 -54.15 -0.34 60.81
N VAL F 394 -53.43 0.74 61.15
CA VAL F 394 -52.33 0.72 62.16
C VAL F 394 -52.96 0.43 63.53
N GLY F 395 -54.14 0.99 63.80
CA GLY F 395 -54.92 0.71 65.02
C GLY F 395 -55.25 -0.77 65.10
N LYS F 396 -55.86 -1.31 64.04
CA LYS F 396 -56.29 -2.74 63.98
C LYS F 396 -55.07 -3.65 64.15
N LEU F 397 -53.95 -3.33 63.50
CA LEU F 397 -52.66 -4.06 63.63
C LEU F 397 -52.23 -4.17 65.11
N ALA F 398 -52.15 -3.05 65.82
CA ALA F 398 -51.77 -2.96 67.26
C ALA F 398 -52.73 -3.82 68.10
N GLN F 399 -54.03 -3.53 68.01
CA GLN F 399 -55.11 -4.23 68.75
C GLN F 399 -54.97 -5.74 68.58
N ILE F 400 -54.96 -6.22 67.32
CA ILE F 400 -55.11 -7.67 67.01
C ILE F 400 -53.83 -8.42 67.43
N HIS F 401 -52.66 -7.81 67.24
CA HIS F 401 -51.35 -8.40 67.68
C HIS F 401 -51.25 -8.40 69.21
N ALA F 402 -51.66 -7.32 69.88
CA ALA F 402 -51.68 -7.24 71.35
C ALA F 402 -52.48 -8.43 71.89
N ARG F 403 -53.56 -8.80 71.20
CA ARG F 403 -54.52 -9.87 71.59
C ARG F 403 -53.83 -11.24 71.55
N HIS F 404 -53.36 -11.68 70.38
CA HIS F 404 -53.01 -13.10 70.11
C HIS F 404 -51.54 -13.41 70.39
N SER F 405 -50.67 -12.39 70.41
CA SER F 405 -49.19 -12.53 70.34
C SER F 405 -48.62 -13.00 71.68
N GLY F 406 -49.22 -12.59 72.80
CA GLY F 406 -48.63 -12.71 74.14
C GLY F 406 -47.29 -12.01 74.21
N GLN F 407 -47.11 -10.95 73.41
CA GLN F 407 -45.84 -10.18 73.30
C GLN F 407 -46.13 -8.68 73.46
N PRO F 408 -45.22 -7.90 74.07
CA PRO F 408 -45.40 -6.45 74.20
C PRO F 408 -45.67 -5.82 72.84
N THR F 409 -46.79 -5.10 72.74
CA THR F 409 -47.27 -4.42 71.51
C THR F 409 -47.41 -2.93 71.81
N TYR F 410 -46.72 -2.09 71.04
CA TYR F 410 -46.64 -0.63 71.27
C TYR F 410 -47.25 0.11 70.07
N LEU F 411 -47.82 1.28 70.32
CA LEU F 411 -48.47 2.18 69.33
C LEU F 411 -48.03 3.60 69.68
N TYR F 412 -47.63 4.41 68.70
CA TYR F 412 -47.26 5.85 68.90
C TYR F 412 -47.96 6.70 67.83
N ARG F 413 -48.17 7.97 68.17
CA ARG F 413 -48.71 9.03 67.28
C ARG F 413 -47.72 10.21 67.34
N TYR F 414 -47.15 10.56 66.19
CA TYR F 414 -46.03 11.52 66.01
C TYR F 414 -46.60 12.81 65.41
N SER F 415 -46.50 13.91 66.17
CA SER F 415 -47.12 15.22 65.84
C SER F 415 -46.10 16.36 65.95
N PHE F 416 -44.80 16.05 66.00
CA PHE F 416 -43.69 17.05 66.00
C PHE F 416 -43.41 17.53 64.58
N ARG F 417 -43.51 18.83 64.33
CA ARG F 417 -43.18 19.46 63.03
C ARG F 417 -41.78 20.10 63.13
N GLY F 418 -40.79 19.51 62.46
CA GLY F 418 -39.41 20.01 62.40
C GLY F 418 -39.25 21.05 61.31
N GLU F 419 -38.00 21.45 61.02
CA GLU F 419 -37.65 22.42 59.94
C GLU F 419 -38.24 21.95 58.60
N LYS F 420 -38.16 20.64 58.30
CA LYS F 420 -38.50 20.07 56.97
C LYS F 420 -39.61 19.02 57.09
N SER F 421 -40.32 18.79 55.97
CA SER F 421 -41.37 17.76 55.79
C SER F 421 -41.28 17.12 54.40
N LEU F 422 -41.82 15.91 54.27
CA LEU F 422 -41.97 15.22 52.96
C LEU F 422 -42.88 16.05 52.04
N SER F 423 -43.79 16.85 52.61
CA SER F 423 -44.72 17.72 51.84
C SER F 423 -43.95 18.77 51.03
N ASN F 424 -42.74 19.15 51.47
CA ASN F 424 -41.83 20.09 50.74
C ASN F 424 -41.55 19.56 49.33
N MET F 425 -41.00 18.33 49.24
CA MET F 425 -40.70 17.64 47.97
C MET F 425 -41.99 17.51 47.15
N MET F 426 -43.03 16.94 47.75
CA MET F 426 -44.26 16.49 47.03
C MET F 426 -45.08 17.68 46.55
N ALA F 427 -45.07 18.79 47.29
CA ALA F 427 -45.81 20.03 46.95
C ALA F 427 -44.90 21.06 46.24
N SER F 428 -43.58 20.88 46.33
CA SER F 428 -42.55 21.78 45.74
C SER F 428 -42.70 23.20 46.30
N ASN F 429 -42.89 23.31 47.62
CA ASN F 429 -43.05 24.59 48.35
C ASN F 429 -42.52 24.44 49.79
N ASP F 430 -42.56 25.51 50.58
CA ASP F 430 -42.05 25.57 51.99
C ASP F 430 -43.21 25.69 52.99
N LYS F 431 -44.45 25.49 52.54
CA LYS F 431 -45.66 25.74 53.38
C LYS F 431 -45.82 24.59 54.40
N ASN F 432 -46.30 24.91 55.59
CA ASN F 432 -46.48 23.96 56.72
C ASN F 432 -47.94 23.49 56.72
N TYR F 433 -48.20 22.27 56.24
CA TYR F 433 -49.53 21.62 56.28
C TYR F 433 -49.59 20.60 57.43
N GLY F 434 -48.58 20.61 58.32
CA GLY F 434 -48.47 19.70 59.47
C GLY F 434 -47.41 18.62 59.25
N VAL F 435 -47.53 17.51 60.00
CA VAL F 435 -46.51 16.41 60.06
C VAL F 435 -46.89 15.34 59.06
N SER F 436 -46.23 15.35 57.89
CA SER F 436 -46.46 14.39 56.79
C SER F 436 -46.12 12.96 57.24
N HIS F 437 -46.81 12.00 56.65
CA HIS F 437 -46.33 10.60 56.48
C HIS F 437 -44.82 10.64 56.26
N ALA F 438 -44.06 9.91 57.08
CA ALA F 438 -42.62 9.59 56.95
C ALA F 438 -41.70 10.67 57.57
N ASP F 439 -42.25 11.76 58.11
CA ASP F 439 -41.43 12.85 58.70
C ASP F 439 -40.67 12.35 59.93
N ASP F 440 -41.17 11.32 60.61
CA ASP F 440 -40.43 10.65 61.73
C ASP F 440 -39.28 9.85 61.13
N ILE F 441 -39.57 9.08 60.09
CA ILE F 441 -38.60 8.23 59.33
C ILE F 441 -37.40 9.07 58.89
N PHE F 442 -37.64 10.28 58.37
CA PHE F 442 -36.60 11.16 57.77
C PHE F 442 -35.74 11.83 58.85
N HIS F 443 -36.06 11.61 60.14
CA HIS F 443 -35.17 11.94 61.29
C HIS F 443 -34.21 10.78 61.57
N ILE F 444 -34.66 9.54 61.39
CA ILE F 444 -33.86 8.30 61.64
C ILE F 444 -32.84 8.14 60.49
N PHE F 445 -33.31 8.21 59.25
CA PHE F 445 -32.49 8.11 58.01
C PHE F 445 -32.30 9.50 57.42
N LYS F 446 -31.16 9.73 56.73
CA LYS F 446 -30.93 10.90 55.84
C LYS F 446 -31.40 10.53 54.42
N PHE F 447 -32.47 11.18 53.97
CA PHE F 447 -33.10 11.03 52.63
C PHE F 447 -32.81 12.33 51.89
N PRO F 448 -32.46 12.29 50.58
CA PRO F 448 -31.93 13.45 49.87
C PRO F 448 -32.77 14.73 50.08
N SER F 449 -32.16 15.76 50.69
CA SER F 449 -32.66 17.15 50.89
C SER F 449 -33.81 17.20 51.91
N LEU F 450 -33.99 16.15 52.71
CA LEU F 450 -34.99 16.06 53.81
C LEU F 450 -34.31 15.72 55.13
N SER F 451 -33.03 16.05 55.29
CA SER F 451 -32.31 15.97 56.59
C SER F 451 -32.14 17.39 57.14
N SER F 452 -32.38 17.59 58.43
CA SER F 452 -32.25 18.90 59.12
C SER F 452 -31.18 18.79 60.21
N THR F 453 -30.45 19.89 60.47
CA THR F 453 -29.42 19.99 61.54
C THR F 453 -29.78 21.12 62.54
N SER F 454 -31.02 21.60 62.55
CA SER F 454 -31.55 22.48 63.62
C SER F 454 -31.72 21.65 64.90
N SER F 455 -31.39 22.22 66.06
CA SER F 455 -31.17 21.50 67.35
C SER F 455 -32.38 20.62 67.69
N GLU F 456 -33.60 21.12 67.46
CA GLU F 456 -34.87 20.45 67.84
C GLU F 456 -35.07 19.18 66.99
N ASP F 457 -34.69 19.21 65.71
CA ASP F 457 -34.72 18.04 64.79
C ASP F 457 -33.68 17.01 65.24
N VAL F 458 -32.44 17.47 65.49
CA VAL F 458 -31.28 16.61 65.90
C VAL F 458 -31.70 15.83 67.17
N ARG F 459 -32.35 16.49 68.12
CA ARG F 459 -32.77 15.86 69.41
C ARG F 459 -33.87 14.82 69.15
N MET F 460 -34.72 15.01 68.13
CA MET F 460 -35.72 13.99 67.70
C MET F 460 -35.01 12.78 67.07
N THR F 461 -33.94 13.02 66.31
CA THR F 461 -33.08 11.96 65.74
C THR F 461 -32.57 11.07 66.88
N GLU F 462 -31.94 11.67 67.91
CA GLU F 462 -31.38 10.91 69.06
C GLU F 462 -32.49 10.05 69.67
N ALA F 463 -33.73 10.58 69.77
CA ALA F 463 -34.83 9.98 70.56
C ALA F 463 -35.47 8.80 69.81
N LEU F 464 -35.83 8.98 68.53
CA LEU F 464 -36.35 7.89 67.65
C LEU F 464 -35.31 6.78 67.55
N ILE F 465 -34.03 7.13 67.51
CA ILE F 465 -32.93 6.12 67.42
C ILE F 465 -32.83 5.41 68.78
N ASP F 466 -32.94 6.16 69.88
CA ASP F 466 -32.96 5.58 71.26
C ASP F 466 -34.15 4.62 71.39
N MET F 467 -35.30 4.97 70.81
CA MET F 467 -36.50 4.10 70.74
C MET F 467 -36.10 2.77 70.10
N ILE F 468 -35.44 2.81 68.94
CA ILE F 468 -35.03 1.60 68.18
C ILE F 468 -33.99 0.83 69.01
N TYR F 469 -32.97 1.51 69.53
CA TYR F 469 -31.90 0.84 70.32
C TYR F 469 -32.53 0.17 71.55
N SER F 470 -33.23 0.93 72.39
CA SER F 470 -33.79 0.44 73.67
C SER F 470 -34.71 -0.76 73.39
N PHE F 471 -35.57 -0.66 72.37
CA PHE F 471 -36.51 -1.73 71.95
C PHE F 471 -35.73 -2.98 71.49
N SER F 472 -34.53 -2.78 70.94
CA SER F 472 -33.67 -3.84 70.35
C SER F 472 -32.80 -4.51 71.43
N THR F 473 -32.72 -3.93 72.63
CA THR F 473 -31.77 -4.36 73.69
C THR F 473 -32.58 -4.84 74.91
N THR F 474 -33.22 -3.92 75.65
CA THR F 474 -33.99 -4.18 76.89
C THR F 474 -35.37 -4.75 76.56
N GLY F 475 -35.88 -4.53 75.35
CA GLY F 475 -37.26 -4.89 74.96
C GLY F 475 -38.27 -3.82 75.34
N ASN F 476 -37.83 -2.80 76.09
CA ASN F 476 -38.67 -1.72 76.69
C ASN F 476 -38.38 -0.39 75.99
N PRO F 477 -39.21 0.03 75.03
CA PRO F 477 -38.93 1.18 74.17
C PRO F 477 -39.07 2.54 74.89
N LYS F 478 -38.09 3.41 74.68
CA LYS F 478 -37.84 4.61 75.50
C LYS F 478 -37.08 5.64 74.67
N LEU F 479 -37.72 6.78 74.34
CA LEU F 479 -37.16 7.85 73.46
C LEU F 479 -36.18 8.72 74.26
N THR F 480 -36.52 8.98 75.53
CA THR F 480 -35.70 9.74 76.50
C THR F 480 -35.88 9.10 77.88
N ASN F 481 -35.00 9.42 78.83
CA ASN F 481 -35.12 9.00 80.24
C ASN F 481 -36.23 9.80 80.93
N GLU F 482 -36.60 10.96 80.38
CA GLU F 482 -37.54 11.94 81.02
C GLU F 482 -38.97 11.63 80.61
N ALA F 483 -39.18 11.17 79.38
CA ALA F 483 -40.52 10.76 78.87
C ALA F 483 -41.18 9.85 79.89
N PRO F 484 -42.52 9.89 80.04
CA PRO F 484 -43.22 8.95 80.91
C PRO F 484 -43.14 7.52 80.35
N VAL F 485 -43.33 6.52 81.22
CA VAL F 485 -43.27 5.07 80.85
C VAL F 485 -44.24 4.86 79.68
N TRP F 486 -43.75 4.25 78.60
CA TRP F 486 -44.55 3.85 77.41
C TRP F 486 -45.28 2.56 77.74
N THR F 487 -46.61 2.62 77.84
CA THR F 487 -47.49 1.49 78.23
C THR F 487 -47.80 0.68 76.98
N PRO F 488 -47.56 -0.66 76.97
CA PRO F 488 -47.97 -1.49 75.84
C PRO F 488 -49.50 -1.51 75.71
N VAL F 489 -49.97 -1.82 74.50
CA VAL F 489 -51.43 -1.97 74.21
C VAL F 489 -51.89 -3.20 74.99
N THR F 490 -52.98 -3.07 75.75
CA THR F 490 -53.53 -4.13 76.63
C THR F 490 -54.27 -5.16 75.79
N PRO F 491 -53.96 -6.48 75.94
CA PRO F 491 -54.70 -7.54 75.25
C PRO F 491 -56.21 -7.55 75.50
N GLY F 492 -57.01 -7.71 74.44
CA GLY F 492 -58.47 -7.85 74.49
C GLY F 492 -59.19 -6.53 74.78
N SER F 493 -58.45 -5.42 74.90
CA SER F 493 -58.99 -4.08 75.25
C SER F 493 -59.55 -3.39 74.01
N ALA F 494 -60.73 -2.77 74.11
CA ALA F 494 -61.29 -1.86 73.08
C ALA F 494 -60.51 -0.53 73.13
N GLU F 495 -59.94 -0.21 74.28
CA GLU F 495 -59.03 0.96 74.50
C GLU F 495 -57.64 0.61 73.98
N LEU F 496 -57.10 1.41 73.07
CA LEU F 496 -55.70 1.33 72.58
C LEU F 496 -54.88 2.41 73.27
N SER F 497 -54.02 2.02 74.21
CA SER F 497 -52.97 2.90 74.82
C SER F 497 -51.95 3.27 73.75
N TYR F 498 -51.60 4.55 73.63
CA TYR F 498 -50.57 5.04 72.67
C TYR F 498 -49.82 6.24 73.27
N LEU F 499 -48.52 6.34 72.95
CA LEU F 499 -47.64 7.48 73.30
C LEU F 499 -47.87 8.59 72.26
N GLU F 500 -48.33 9.76 72.70
CA GLU F 500 -48.40 10.98 71.87
C GLU F 500 -47.03 11.67 71.92
N ILE F 501 -46.34 11.76 70.78
CA ILE F 501 -45.03 12.46 70.66
C ILE F 501 -45.25 13.79 69.94
N ALA F 502 -45.21 14.89 70.71
CA ALA F 502 -45.37 16.28 70.22
C ALA F 502 -43.99 16.88 69.90
N SER F 503 -42.97 16.53 70.69
CA SER F 503 -41.58 17.04 70.58
C SER F 503 -40.64 16.11 71.36
N PRO F 504 -39.30 16.26 71.23
CA PRO F 504 -38.35 15.45 72.00
C PRO F 504 -38.55 15.52 73.53
N SER F 505 -39.05 16.65 74.04
CA SER F 505 -39.23 16.92 75.50
C SER F 505 -40.69 16.84 75.90
N ARG F 506 -41.63 16.72 74.97
CA ARG F 506 -43.10 16.73 75.27
C ARG F 506 -43.77 15.51 74.66
N MET F 507 -43.88 14.42 75.44
CA MET F 507 -44.71 13.23 75.09
C MET F 507 -45.44 12.72 76.34
N GLU F 508 -46.64 12.15 76.15
CA GLU F 508 -47.51 11.61 77.23
C GLU F 508 -48.40 10.49 76.69
N MET F 509 -48.71 9.50 77.54
CA MET F 509 -49.59 8.34 77.22
C MET F 509 -51.03 8.83 77.05
N LYS F 510 -51.69 8.41 75.97
CA LYS F 510 -53.14 8.65 75.70
C LYS F 510 -53.81 7.30 75.38
N SER F 511 -55.11 7.35 75.10
CA SER F 511 -55.97 6.18 74.82
C SER F 511 -56.96 6.55 73.71
N SER F 512 -57.40 5.59 72.92
CA SER F 512 -58.51 5.76 71.96
C SER F 512 -59.28 4.45 71.81
N SER F 513 -60.60 4.52 71.88
CA SER F 513 -61.55 3.42 71.58
C SER F 513 -62.04 3.55 70.14
N ASP F 514 -61.46 4.47 69.35
CA ASP F 514 -61.84 4.71 67.93
C ASP F 514 -60.65 5.29 67.14
N PHE F 515 -59.50 4.62 67.16
CA PHE F 515 -58.22 5.13 66.60
C PHE F 515 -58.37 5.42 65.10
N GLY F 516 -58.17 6.69 64.72
CA GLY F 516 -58.29 7.17 63.33
C GLY F 516 -59.72 7.05 62.82
N HIS F 517 -60.69 7.13 63.72
CA HIS F 517 -62.15 7.13 63.39
C HIS F 517 -62.49 5.84 62.62
N ARG F 518 -62.12 4.68 63.16
CA ARG F 518 -62.43 3.32 62.65
C ARG F 518 -63.94 3.14 62.42
N SER F 519 -64.77 3.43 63.43
CA SER F 519 -66.24 3.15 63.44
C SER F 519 -66.92 3.76 62.20
N PHE F 520 -66.44 4.91 61.71
CA PHE F 520 -66.96 5.58 60.50
C PHE F 520 -66.60 4.78 59.24
N TRP F 521 -65.32 4.46 59.05
CA TRP F 521 -64.78 3.81 57.83
C TRP F 521 -65.27 2.36 57.71
N ASP F 522 -65.47 1.68 58.84
CA ASP F 522 -66.04 0.30 58.91
C ASP F 522 -67.53 0.30 58.52
N SER F 523 -68.20 1.46 58.51
CA SER F 523 -69.67 1.60 58.28
C SER F 523 -70.01 1.82 56.81
N LEU F 524 -69.01 2.10 55.95
CA LEU F 524 -69.21 2.52 54.54
C LEU F 524 -69.50 1.30 53.67
N GLY F 525 -69.19 0.10 54.16
CA GLY F 525 -69.57 -1.19 53.54
C GLY F 525 -68.54 -1.68 52.55
N PHE F 526 -67.26 -1.36 52.78
CA PHE F 526 -66.08 -1.89 52.04
C PHE F 526 -65.94 -3.39 52.30
N VAL F 527 -65.73 -4.20 51.26
CA VAL F 527 -65.50 -5.67 51.41
C VAL F 527 -64.05 -5.88 51.85
N GLU F 528 -63.76 -5.53 53.12
CA GLU F 528 -62.39 -5.48 53.67
C GLU F 528 -62.40 -5.92 55.15
N ASN F 529 -61.35 -6.63 55.57
CA ASN F 529 -61.07 -6.99 56.99
C ASN F 529 -62.26 -7.76 57.55
N GLU F 530 -63.02 -7.17 58.49
CA GLU F 530 -64.19 -7.79 59.17
C GLU F 530 -65.25 -8.17 58.13
N ASN F 531 -65.34 -7.39 57.04
CA ASN F 531 -66.41 -7.48 56.01
C ASN F 531 -65.95 -8.32 54.82
N TYR F 532 -64.82 -9.04 54.93
CA TYR F 532 -64.20 -9.74 53.77
C TYR F 532 -65.02 -10.99 53.41
N ARG F 533 -65.35 -11.10 52.13
CA ARG F 533 -65.98 -12.27 51.47
C ARG F 533 -65.17 -12.58 50.21
N HIS F 534 -64.95 -13.87 49.93
CA HIS F 534 -63.99 -14.38 48.91
C HIS F 534 -64.31 -13.80 47.53
N SER G 1 -46.67 -4.60 -10.96
CA SER G 1 -46.03 -5.00 -9.67
C SER G 1 -47.02 -5.84 -8.85
N LYS G 2 -46.79 -7.15 -8.74
CA LYS G 2 -47.78 -8.14 -8.22
C LYS G 2 -48.00 -7.92 -6.73
N PRO G 3 -49.22 -8.18 -6.20
CA PRO G 3 -49.53 -7.87 -4.80
C PRO G 3 -48.70 -8.78 -3.89
N VAL G 4 -48.14 -8.21 -2.83
CA VAL G 4 -47.39 -9.00 -1.81
C VAL G 4 -47.90 -8.63 -0.43
N VAL G 5 -47.99 -9.64 0.43
CA VAL G 5 -48.53 -9.58 1.80
C VAL G 5 -47.67 -10.54 2.63
N ARG G 6 -47.43 -10.23 3.90
CA ARG G 6 -46.76 -11.17 4.84
C ARG G 6 -47.84 -11.74 5.76
N VAL G 7 -47.85 -13.06 5.93
CA VAL G 7 -48.63 -13.77 6.97
C VAL G 7 -47.63 -14.34 7.98
N THR G 8 -48.13 -14.99 9.03
CA THR G 8 -47.32 -15.53 10.16
C THR G 8 -46.15 -16.39 9.67
N GLN G 9 -46.37 -17.20 8.63
CA GLN G 9 -45.41 -18.23 8.15
C GLN G 9 -44.52 -17.68 7.01
N GLY G 10 -44.78 -16.47 6.51
CA GLY G 10 -43.86 -15.75 5.60
C GLY G 10 -44.56 -14.94 4.53
N VAL G 11 -43.81 -14.55 3.49
CA VAL G 11 -44.21 -13.58 2.43
C VAL G 11 -44.94 -14.34 1.33
N LEU G 12 -46.05 -13.79 0.84
CA LEU G 12 -46.79 -14.32 -0.33
C LEU G 12 -46.71 -13.31 -1.49
N GLN G 13 -46.63 -13.80 -2.73
CA GLN G 13 -46.86 -12.98 -3.95
C GLN G 13 -48.04 -13.58 -4.73
N GLY G 14 -49.11 -12.80 -4.81
CA GLY G 14 -50.39 -13.17 -5.46
C GLY G 14 -50.46 -12.60 -6.86
N SER G 15 -51.69 -12.57 -7.42
CA SER G 15 -52.02 -12.00 -8.75
C SER G 15 -53.06 -10.90 -8.58
N TRP G 16 -53.11 -9.96 -9.52
CA TRP G 16 -54.22 -9.00 -9.68
C TRP G 16 -55.27 -9.69 -10.56
N LYS G 17 -56.52 -9.68 -10.13
CA LYS G 17 -57.67 -10.21 -10.90
C LYS G 17 -58.67 -9.08 -11.08
N VAL G 18 -59.78 -9.34 -11.75
CA VAL G 18 -60.85 -8.35 -12.06
C VAL G 18 -62.20 -8.95 -11.67
N SER G 19 -62.97 -8.23 -10.87
CA SER G 19 -64.35 -8.59 -10.47
C SER G 19 -65.25 -8.61 -11.73
N THR G 20 -66.45 -9.15 -11.60
CA THR G 20 -67.46 -9.23 -12.67
C THR G 20 -67.71 -7.84 -13.28
N HIS G 21 -67.78 -6.76 -12.46
CA HIS G 21 -68.14 -5.38 -12.90
C HIS G 21 -66.90 -4.48 -13.12
N GLY G 22 -65.70 -5.05 -13.28
CA GLY G 22 -64.52 -4.33 -13.80
C GLY G 22 -63.66 -3.69 -12.72
N ARG G 23 -63.80 -4.11 -11.47
CA ARG G 23 -62.99 -3.64 -10.32
C ARG G 23 -61.79 -4.57 -10.09
N THR G 24 -60.63 -4.00 -9.80
CA THR G 24 -59.34 -4.71 -9.51
C THR G 24 -59.41 -5.34 -8.12
N TYR G 25 -58.86 -6.55 -7.92
CA TYR G 25 -58.71 -7.15 -6.56
C TYR G 25 -57.47 -8.05 -6.48
N ALA G 26 -56.93 -8.17 -5.27
CA ALA G 26 -55.72 -8.96 -4.93
C ALA G 26 -56.16 -10.40 -4.63
N SER G 27 -55.53 -11.37 -5.29
CA SER G 27 -55.86 -12.81 -5.16
C SER G 27 -54.60 -13.56 -4.70
N PHE G 28 -54.67 -14.22 -3.54
CA PHE G 28 -53.59 -15.07 -2.97
C PHE G 28 -54.09 -16.51 -2.88
N GLU G 29 -53.72 -17.34 -3.86
CA GLU G 29 -54.23 -18.73 -3.99
C GLU G 29 -53.09 -19.70 -3.67
N GLY G 30 -53.44 -20.87 -3.11
CA GLY G 30 -52.48 -21.94 -2.80
C GLY G 30 -51.62 -21.61 -1.60
N VAL G 31 -52.18 -20.84 -0.66
CA VAL G 31 -51.49 -20.46 0.61
C VAL G 31 -51.58 -21.64 1.56
N PRO G 32 -50.45 -22.18 2.06
CA PRO G 32 -50.48 -23.34 2.93
C PRO G 32 -50.84 -22.87 4.34
N TYR G 33 -51.75 -23.57 5.03
CA TYR G 33 -52.24 -23.21 6.40
C TYR G 33 -51.95 -24.32 7.41
N ALA G 34 -51.33 -25.41 6.97
CA ALA G 34 -50.94 -26.54 7.86
C ALA G 34 -49.82 -27.33 7.20
N ARG G 35 -49.07 -28.06 8.03
CA ARG G 35 -48.06 -29.04 7.57
C ARG G 35 -48.76 -30.02 6.62
N PRO G 36 -48.12 -30.39 5.48
CA PRO G 36 -48.66 -31.44 4.62
C PRO G 36 -48.98 -32.72 5.42
N PRO G 37 -50.23 -33.21 5.38
CA PRO G 37 -50.64 -34.33 6.22
C PRO G 37 -50.22 -35.64 5.52
N VAL G 38 -48.91 -35.86 5.53
CA VAL G 38 -48.15 -36.86 4.72
C VAL G 38 -47.38 -37.76 5.68
N GLY G 39 -47.18 -39.04 5.35
CA GLY G 39 -46.40 -39.99 6.17
C GLY G 39 -47.06 -40.28 7.50
N LYS G 40 -46.36 -40.02 8.60
CA LYS G 40 -46.85 -40.29 9.97
C LYS G 40 -48.04 -39.37 10.28
N TYR G 41 -48.18 -38.27 9.54
CA TYR G 41 -49.24 -37.23 9.75
C TYR G 41 -50.44 -37.47 8.84
N ARG G 42 -50.47 -38.62 8.15
CA ARG G 42 -51.70 -39.10 7.49
C ARG G 42 -52.68 -39.57 8.57
N PHE G 43 -53.94 -39.14 8.49
CA PHE G 43 -55.05 -39.51 9.40
C PHE G 43 -54.99 -38.71 10.71
N ARG G 44 -53.85 -38.06 10.99
CA ARG G 44 -53.64 -37.33 12.27
C ARG G 44 -54.20 -35.92 12.14
N GLU G 45 -54.52 -35.29 13.27
CA GLU G 45 -54.98 -33.88 13.35
C GLU G 45 -53.96 -33.00 12.62
N PRO G 46 -54.40 -31.87 12.02
CA PRO G 46 -53.50 -30.97 11.31
C PRO G 46 -52.40 -30.45 12.26
N GLN G 47 -51.19 -30.28 11.73
CA GLN G 47 -49.97 -29.87 12.47
C GLN G 47 -49.66 -28.42 12.11
N HIS G 48 -49.06 -27.66 13.02
CA HIS G 48 -48.62 -26.27 12.76
C HIS G 48 -47.64 -26.28 11.58
N LEU G 49 -47.79 -25.32 10.68
CA LEU G 49 -46.93 -25.10 9.48
C LEU G 49 -45.70 -24.31 9.92
N LYS G 50 -44.49 -24.84 9.71
CA LYS G 50 -43.25 -24.11 10.06
C LYS G 50 -43.00 -23.08 8.97
N PRO G 51 -42.48 -21.87 9.32
CA PRO G 51 -42.36 -20.78 8.35
C PRO G 51 -41.52 -21.19 7.14
N TRP G 52 -41.93 -20.74 5.96
CA TRP G 52 -41.20 -20.96 4.67
C TRP G 52 -40.21 -19.80 4.45
N ALA G 53 -39.10 -20.11 3.78
CA ALA G 53 -38.07 -19.13 3.37
C ALA G 53 -38.53 -18.40 2.09
N GLY G 54 -38.09 -17.15 1.92
CA GLY G 54 -38.27 -16.39 0.67
C GLY G 54 -39.74 -16.16 0.38
N VAL G 55 -40.07 -15.93 -0.90
CA VAL G 55 -41.43 -15.54 -1.37
C VAL G 55 -42.16 -16.77 -1.92
N TRP G 56 -43.30 -17.12 -1.33
CA TRP G 56 -44.20 -18.23 -1.76
C TRP G 56 -45.14 -17.71 -2.87
N ASP G 57 -45.23 -18.45 -3.97
CA ASP G 57 -46.04 -18.09 -5.16
C ASP G 57 -47.51 -18.39 -4.88
N ALA G 58 -48.37 -17.36 -4.83
CA ALA G 58 -49.82 -17.46 -4.55
C ALA G 58 -50.64 -16.99 -5.77
N SER G 59 -50.08 -17.16 -6.98
CA SER G 59 -50.65 -16.64 -8.26
C SER G 59 -51.56 -17.69 -8.90
N LYS G 60 -51.49 -18.94 -8.45
CA LYS G 60 -52.24 -20.08 -9.01
C LYS G 60 -52.84 -20.89 -7.86
N THR G 61 -54.01 -21.49 -8.07
CA THR G 61 -54.56 -22.50 -7.13
C THR G 61 -53.65 -23.72 -7.19
N LEU G 62 -53.45 -24.40 -6.07
CA LEU G 62 -52.56 -25.59 -5.96
C LEU G 62 -53.45 -26.82 -5.82
N PRO G 63 -52.90 -28.05 -5.69
CA PRO G 63 -53.72 -29.25 -5.75
C PRO G 63 -54.81 -29.42 -4.68
N GLN G 64 -55.96 -29.89 -5.14
CA GLN G 64 -57.07 -30.31 -4.27
C GLN G 64 -56.65 -31.56 -3.49
N CYS G 65 -57.34 -31.84 -2.39
CA CYS G 65 -57.09 -32.99 -1.50
C CYS G 65 -57.39 -34.28 -2.24
N LEU G 66 -56.52 -35.27 -2.07
CA LEU G 66 -56.64 -36.60 -2.73
C LEU G 66 -58.04 -37.15 -2.43
N GLN G 67 -58.76 -37.49 -3.48
CA GLN G 67 -60.22 -37.72 -3.46
C GLN G 67 -60.60 -38.72 -4.55
N TRP G 68 -61.67 -39.47 -4.32
CA TRP G 68 -62.41 -40.15 -5.40
C TRP G 68 -63.38 -39.14 -5.99
N ASP G 69 -63.10 -38.67 -7.22
CA ASP G 69 -64.00 -37.79 -8.00
C ASP G 69 -64.98 -38.69 -8.76
N PRO G 70 -66.25 -38.82 -8.33
CA PRO G 70 -67.19 -39.76 -8.93
C PRO G 70 -67.70 -39.32 -10.31
N PHE G 71 -67.57 -38.04 -10.64
CA PHE G 71 -67.96 -37.47 -11.95
C PHE G 71 -66.88 -37.82 -12.98
N GLN G 72 -65.60 -37.74 -12.62
CA GLN G 72 -64.47 -38.12 -13.51
C GLN G 72 -64.10 -39.60 -13.33
N GLN G 73 -64.61 -40.28 -12.30
CA GLN G 73 -64.38 -41.74 -12.06
C GLN G 73 -62.87 -42.02 -11.98
N GLU G 74 -62.18 -41.36 -11.04
CA GLU G 74 -60.71 -41.45 -10.88
C GLU G 74 -60.33 -40.84 -9.52
N VAL G 75 -59.24 -41.33 -8.92
CA VAL G 75 -58.51 -40.64 -7.82
C VAL G 75 -57.80 -39.44 -8.44
N SER G 76 -57.98 -38.24 -7.88
CA SER G 76 -57.26 -37.01 -8.27
C SER G 76 -56.90 -36.21 -7.02
N GLY G 77 -55.94 -35.29 -7.18
CA GLY G 77 -55.42 -34.43 -6.11
C GLY G 77 -54.10 -34.94 -5.56
N SER G 78 -53.76 -34.48 -4.37
CA SER G 78 -52.49 -34.78 -3.67
C SER G 78 -52.79 -34.82 -2.17
N GLU G 79 -52.04 -35.59 -1.40
CA GLU G 79 -52.07 -35.52 0.08
C GLU G 79 -51.70 -34.08 0.48
N ASN G 80 -50.71 -33.49 -0.18
CA ASN G 80 -50.29 -32.10 0.05
C ASN G 80 -51.33 -31.17 -0.58
N CYS G 81 -52.34 -30.77 0.20
CA CYS G 81 -53.58 -30.12 -0.30
C CYS G 81 -54.14 -29.06 0.67
N LEU G 82 -53.61 -28.93 1.89
CA LEU G 82 -54.20 -28.04 2.91
C LEU G 82 -53.88 -26.59 2.54
N TYR G 83 -54.61 -26.08 1.54
CA TYR G 83 -54.39 -24.75 0.91
C TYR G 83 -55.61 -23.86 1.14
N ILE G 84 -55.34 -22.60 1.48
CA ILE G 84 -56.37 -21.54 1.64
C ILE G 84 -56.20 -20.50 0.52
N ASN G 85 -57.29 -19.94 0.00
CA ASN G 85 -57.27 -18.88 -1.04
C ASN G 85 -57.96 -17.63 -0.47
N VAL G 86 -57.29 -16.47 -0.48
CA VAL G 86 -57.77 -15.20 0.11
C VAL G 86 -57.85 -14.13 -0.99
N HIS G 87 -59.01 -13.49 -1.12
CA HIS G 87 -59.34 -12.51 -2.20
C HIS G 87 -59.80 -11.20 -1.55
N THR G 88 -59.12 -10.09 -1.84
CA THR G 88 -59.42 -8.77 -1.20
C THR G 88 -59.41 -7.66 -2.24
N PRO G 89 -60.45 -6.81 -2.27
CA PRO G 89 -60.45 -5.58 -3.06
C PRO G 89 -59.73 -4.40 -2.38
N LYS G 90 -59.38 -4.54 -1.09
CA LYS G 90 -58.63 -3.52 -0.31
C LYS G 90 -57.45 -4.22 0.37
N LEU G 91 -56.29 -4.25 -0.27
CA LEU G 91 -55.07 -4.87 0.30
C LEU G 91 -54.41 -3.83 1.22
N SER G 92 -54.93 -3.71 2.44
CA SER G 92 -54.49 -2.73 3.47
C SER G 92 -54.90 -3.24 4.86
N ALA G 93 -53.95 -3.35 5.79
CA ALA G 93 -54.19 -3.83 7.18
C ALA G 93 -55.32 -3.02 7.85
N GLY G 94 -55.51 -1.75 7.47
CA GLY G 94 -56.47 -0.83 8.10
C GLY G 94 -57.89 -0.92 7.55
N ALA G 95 -58.17 -1.83 6.60
CA ALA G 95 -59.43 -1.85 5.82
C ALA G 95 -60.59 -2.43 6.64
N SER G 96 -60.35 -3.51 7.38
CA SER G 96 -61.28 -4.13 8.35
C SER G 96 -62.64 -4.45 7.71
N LEU G 97 -62.64 -5.17 6.58
CA LEU G 97 -63.86 -5.57 5.86
C LEU G 97 -64.45 -6.82 6.50
N PRO G 98 -65.76 -7.09 6.33
CA PRO G 98 -66.33 -8.38 6.68
C PRO G 98 -65.61 -9.48 5.89
N VAL G 99 -65.47 -10.67 6.48
CA VAL G 99 -64.76 -11.83 5.87
C VAL G 99 -65.80 -12.90 5.56
N VAL G 100 -65.96 -13.24 4.28
CA VAL G 100 -66.85 -14.35 3.82
C VAL G 100 -66.00 -15.61 3.60
N VAL G 101 -66.08 -16.57 4.52
CA VAL G 101 -65.39 -17.89 4.39
C VAL G 101 -66.38 -18.87 3.76
N PHE G 102 -65.95 -19.64 2.76
CA PHE G 102 -66.80 -20.68 2.11
C PHE G 102 -66.19 -22.07 2.27
N ILE G 103 -66.97 -22.98 2.84
CA ILE G 103 -66.62 -24.43 2.97
C ILE G 103 -67.32 -25.18 1.84
N HIS G 104 -66.54 -25.80 0.96
CA HIS G 104 -67.08 -26.48 -0.26
C HIS G 104 -67.80 -27.76 0.15
N GLY G 105 -68.76 -28.16 -0.70
CA GLY G 105 -69.47 -29.45 -0.64
C GLY G 105 -68.78 -30.53 -1.45
N GLY G 106 -69.44 -31.68 -1.57
CA GLY G 106 -68.91 -32.91 -2.19
C GLY G 106 -69.04 -34.14 -1.29
N ALA G 107 -69.98 -34.11 -0.35
CA ALA G 107 -70.40 -35.24 0.52
C ALA G 107 -69.26 -35.68 1.43
N PHE G 108 -68.27 -34.82 1.65
CA PHE G 108 -67.04 -35.09 2.45
C PHE G 108 -66.12 -36.02 1.68
N MET G 109 -66.40 -36.27 0.40
CA MET G 109 -65.63 -37.24 -0.43
C MET G 109 -64.76 -36.49 -1.46
N TYR G 110 -65.32 -35.47 -2.10
CA TYR G 110 -64.69 -34.77 -3.26
C TYR G 110 -64.89 -33.26 -3.16
N GLY G 111 -64.34 -32.54 -4.13
CA GLY G 111 -64.41 -31.07 -4.22
C GLY G 111 -63.12 -30.40 -3.78
N ALA G 112 -63.11 -29.07 -3.88
CA ALA G 112 -61.96 -28.19 -3.56
C ALA G 112 -62.48 -26.77 -3.41
N GLY G 113 -61.84 -25.97 -2.57
CA GLY G 113 -62.17 -24.55 -2.40
C GLY G 113 -61.82 -23.75 -3.64
N SER G 114 -60.85 -24.24 -4.42
CA SER G 114 -60.29 -23.58 -5.63
C SER G 114 -61.27 -23.67 -6.80
N LEU G 115 -62.36 -24.43 -6.66
CA LEU G 115 -63.38 -24.58 -7.74
C LEU G 115 -64.36 -23.39 -7.71
N TYR G 116 -64.34 -22.60 -6.63
CA TYR G 116 -65.33 -21.52 -6.35
C TYR G 116 -64.69 -20.15 -6.55
N ASP G 117 -64.90 -19.60 -7.74
CA ASP G 117 -64.40 -18.27 -8.20
C ASP G 117 -65.22 -17.18 -7.50
N VAL G 118 -64.56 -16.13 -7.02
CA VAL G 118 -65.15 -15.08 -6.12
C VAL G 118 -65.35 -13.76 -6.89
N SER G 119 -65.34 -13.80 -8.22
CA SER G 119 -65.46 -12.61 -9.10
C SER G 119 -66.68 -11.77 -8.74
N HIS G 120 -67.80 -12.40 -8.40
CA HIS G 120 -69.06 -11.68 -8.07
C HIS G 120 -68.91 -10.98 -6.72
N LEU G 121 -68.32 -11.66 -5.73
CA LEU G 121 -68.21 -11.16 -4.33
C LEU G 121 -67.27 -9.96 -4.28
N MET G 122 -66.28 -9.90 -5.17
CA MET G 122 -65.23 -8.86 -5.14
C MET G 122 -65.76 -7.50 -5.65
N ASP G 123 -67.02 -7.45 -6.09
CA ASP G 123 -67.77 -6.19 -6.36
C ASP G 123 -68.32 -5.62 -5.05
N ARG G 124 -68.18 -6.33 -3.92
CA ARG G 124 -68.57 -5.84 -2.57
C ARG G 124 -67.30 -5.65 -1.74
N ASP G 125 -67.40 -4.86 -0.66
CA ASP G 125 -66.28 -4.61 0.27
C ASP G 125 -66.25 -5.72 1.32
N VAL G 126 -65.84 -6.92 0.90
CA VAL G 126 -65.58 -8.10 1.79
C VAL G 126 -64.25 -8.72 1.37
N VAL G 127 -63.61 -9.43 2.29
CA VAL G 127 -62.55 -10.41 1.96
C VAL G 127 -63.25 -11.76 1.81
N ALA G 128 -62.93 -12.51 0.76
CA ALA G 128 -63.50 -13.84 0.44
C ALA G 128 -62.42 -14.90 0.65
N VAL G 129 -62.76 -15.98 1.36
CA VAL G 129 -61.82 -17.10 1.68
C VAL G 129 -62.46 -18.41 1.24
N THR G 130 -61.73 -19.19 0.44
CA THR G 130 -62.02 -20.62 0.15
C THR G 130 -60.81 -21.43 0.60
N PHE G 131 -61.01 -22.70 0.91
CA PHE G 131 -59.87 -23.58 1.32
C PHE G 131 -60.22 -25.05 1.10
N ASN G 132 -59.18 -25.89 1.11
CA ASN G 132 -59.30 -27.36 1.08
C ASN G 132 -59.19 -27.90 2.50
N TYR G 133 -59.88 -29.02 2.76
CA TYR G 133 -59.79 -29.85 3.99
C TYR G 133 -59.76 -31.32 3.53
N ARG G 134 -59.19 -32.22 4.34
CA ARG G 134 -59.00 -33.64 3.93
C ARG G 134 -60.35 -34.34 3.75
N LEU G 135 -60.40 -35.27 2.81
CA LEU G 135 -61.66 -35.89 2.32
C LEU G 135 -61.62 -37.41 2.51
N GLY G 136 -62.79 -38.03 2.38
CA GLY G 136 -62.97 -39.49 2.50
C GLY G 136 -62.17 -40.06 3.66
N PRO G 137 -61.52 -41.23 3.47
CA PRO G 137 -60.81 -41.90 4.56
C PRO G 137 -59.59 -41.11 5.06
N LEU G 138 -58.99 -40.25 4.23
CA LEU G 138 -57.83 -39.41 4.62
C LEU G 138 -58.30 -38.34 5.59
N GLY G 139 -59.55 -37.90 5.46
CA GLY G 139 -60.16 -36.87 6.32
C GLY G 139 -60.92 -37.45 7.51
N PHE G 140 -61.49 -38.65 7.39
CA PHE G 140 -62.58 -39.10 8.31
C PHE G 140 -62.49 -40.59 8.65
N LEU G 141 -61.30 -41.22 8.54
CA LEU G 141 -61.08 -42.56 9.12
C LEU G 141 -61.28 -42.45 10.62
N SER G 142 -61.99 -43.41 11.21
CA SER G 142 -62.11 -43.58 12.67
C SER G 142 -62.18 -45.06 13.02
N THR G 143 -61.39 -45.47 14.02
CA THR G 143 -61.42 -46.82 14.62
C THR G 143 -62.29 -46.79 15.88
N GLY G 144 -62.77 -45.60 16.27
CA GLY G 144 -63.56 -45.37 17.50
C GLY G 144 -62.68 -45.44 18.73
N ASP G 145 -61.37 -45.22 18.58
CA ASP G 145 -60.37 -45.28 19.68
C ASP G 145 -59.17 -44.40 19.30
N GLU G 146 -58.19 -44.27 20.20
CA GLU G 146 -56.96 -43.44 20.11
C GLU G 146 -56.24 -43.59 18.76
N SER G 147 -56.22 -44.80 18.17
CA SER G 147 -55.48 -45.14 16.91
C SER G 147 -55.93 -44.23 15.76
N ALA G 148 -57.22 -43.90 15.71
CA ALA G 148 -57.81 -42.97 14.73
C ALA G 148 -59.13 -42.41 15.26
N PRO G 149 -59.08 -41.34 16.10
CA PRO G 149 -60.26 -40.85 16.82
C PRO G 149 -61.37 -40.31 15.89
N GLY G 150 -60.99 -39.64 14.80
CA GLY G 150 -61.95 -39.18 13.77
C GLY G 150 -61.93 -37.67 13.58
N ASN G 151 -62.59 -37.20 12.50
CA ASN G 151 -62.90 -35.78 12.24
C ASN G 151 -61.64 -34.99 11.85
N ALA G 152 -60.61 -35.63 11.26
CA ALA G 152 -59.38 -34.93 10.84
C ALA G 152 -59.76 -33.79 9.89
N GLY G 153 -60.70 -34.02 8.97
CA GLY G 153 -61.13 -33.06 7.93
C GLY G 153 -61.85 -31.85 8.50
N LEU G 154 -62.51 -32.00 9.65
CA LEU G 154 -63.15 -30.87 10.38
C LEU G 154 -62.10 -30.11 11.20
N LYS G 155 -61.10 -30.81 11.72
CA LYS G 155 -59.96 -30.18 12.42
C LYS G 155 -59.21 -29.30 11.41
N ASP G 156 -58.94 -29.80 10.20
CA ASP G 156 -58.41 -28.99 9.08
C ASP G 156 -59.20 -27.68 8.96
N GLN G 157 -60.52 -27.76 8.81
CA GLN G 157 -61.43 -26.59 8.64
C GLN G 157 -61.26 -25.65 9.84
N ALA G 158 -61.26 -26.19 11.05
CA ALA G 158 -61.13 -25.43 12.32
C ALA G 158 -59.76 -24.73 12.34
N PHE G 159 -58.72 -25.45 11.94
CA PHE G 159 -57.34 -24.93 11.81
C PHE G 159 -57.31 -23.77 10.81
N ALA G 160 -58.10 -23.86 9.74
CA ALA G 160 -58.20 -22.83 8.68
C ALA G 160 -58.87 -21.57 9.24
N LEU G 161 -59.94 -21.73 10.04
CA LEU G 161 -60.66 -20.61 10.70
C LEU G 161 -59.72 -19.92 11.69
N GLN G 162 -58.92 -20.71 12.42
CA GLN G 162 -57.89 -20.17 13.34
C GLN G 162 -56.87 -19.36 12.52
N TRP G 163 -56.42 -19.92 11.39
CA TRP G 163 -55.51 -19.23 10.43
C TRP G 163 -56.12 -17.88 10.02
N VAL G 164 -57.41 -17.88 9.68
CA VAL G 164 -58.13 -16.67 9.17
C VAL G 164 -58.12 -15.61 10.27
N LYS G 165 -58.44 -16.00 11.51
CA LYS G 165 -58.45 -15.10 12.67
C LYS G 165 -57.07 -14.45 12.84
N ASN G 166 -56.00 -15.22 12.69
CA ASN G 166 -54.63 -14.73 12.96
C ASN G 166 -54.05 -13.92 11.78
N ASN G 167 -54.56 -14.07 10.56
CA ASN G 167 -53.85 -13.58 9.35
C ASN G 167 -54.74 -12.69 8.49
N VAL G 168 -56.07 -12.88 8.48
CA VAL G 168 -56.97 -12.19 7.50
C VAL G 168 -56.75 -10.67 7.57
N MET G 169 -56.38 -10.12 8.72
CA MET G 169 -56.22 -8.65 8.93
C MET G 169 -55.25 -8.09 7.90
N MET G 170 -54.23 -8.86 7.52
CA MET G 170 -53.14 -8.46 6.59
C MET G 170 -53.68 -8.34 5.16
N PHE G 171 -54.86 -8.92 4.90
CA PHE G 171 -55.54 -8.92 3.59
C PHE G 171 -56.68 -7.89 3.60
N GLY G 172 -56.83 -7.13 4.69
CA GLY G 172 -57.85 -6.08 4.86
C GLY G 172 -59.15 -6.60 5.46
N GLY G 173 -59.13 -7.77 6.08
CA GLY G 173 -60.32 -8.40 6.68
C GLY G 173 -60.41 -8.12 8.17
N ASN G 174 -61.62 -8.12 8.71
CA ASN G 174 -61.89 -8.02 10.17
C ASN G 174 -62.05 -9.43 10.75
N PRO G 175 -61.11 -9.92 11.59
CA PRO G 175 -61.24 -11.26 12.18
C PRO G 175 -62.50 -11.44 13.05
N ASP G 176 -63.02 -10.34 13.61
CA ASP G 176 -64.21 -10.32 14.50
C ASP G 176 -65.52 -10.22 13.70
N SER G 177 -65.45 -10.31 12.37
CA SER G 177 -66.64 -10.28 11.46
C SER G 177 -66.42 -11.30 10.34
N VAL G 178 -66.22 -12.55 10.73
CA VAL G 178 -66.16 -13.73 9.81
C VAL G 178 -67.57 -14.30 9.67
N THR G 179 -68.14 -14.21 8.46
CA THR G 179 -69.38 -14.92 8.04
C THR G 179 -68.98 -16.32 7.53
N LEU G 180 -69.24 -17.36 8.33
CA LEU G 180 -68.88 -18.75 7.99
C LEU G 180 -70.00 -19.36 7.14
N THR G 181 -69.70 -19.71 5.88
CA THR G 181 -70.69 -20.22 4.89
C THR G 181 -70.21 -21.54 4.29
N GLY G 182 -71.14 -22.32 3.74
CA GLY G 182 -70.85 -23.62 3.12
C GLY G 182 -72.12 -24.22 2.54
N CYS G 183 -71.95 -25.13 1.57
CA CYS G 183 -73.03 -25.78 0.80
C CYS G 183 -72.83 -27.29 0.84
N SER G 184 -73.93 -28.05 1.01
CA SER G 184 -73.94 -29.54 1.02
C SER G 184 -73.16 -29.96 2.28
N ALA G 185 -72.08 -30.72 2.11
CA ALA G 185 -71.13 -31.11 3.19
C ALA G 185 -70.59 -29.85 3.87
N GLY G 186 -70.50 -28.76 3.09
CA GLY G 186 -70.08 -27.42 3.54
C GLY G 186 -71.05 -26.83 4.55
N GLY G 187 -72.35 -26.95 4.27
CA GLY G 187 -73.44 -26.48 5.15
C GLY G 187 -73.44 -27.23 6.47
N ALA G 188 -73.45 -28.57 6.39
CA ALA G 188 -73.33 -29.49 7.53
C ALA G 188 -72.08 -29.14 8.32
N SER G 189 -70.97 -28.86 7.62
CA SER G 189 -69.67 -28.46 8.22
C SER G 189 -69.85 -27.16 9.03
N VAL G 190 -70.48 -26.13 8.45
CA VAL G 190 -70.78 -24.85 9.17
C VAL G 190 -71.48 -25.20 10.49
N HIS G 191 -72.55 -26.01 10.42
CA HIS G 191 -73.30 -26.55 11.60
C HIS G 191 -72.33 -27.23 12.56
N TYR G 192 -71.48 -28.14 12.07
CA TYR G 192 -70.46 -28.84 12.88
C TYR G 192 -69.62 -27.79 13.64
N HIS G 193 -69.32 -26.63 13.03
CA HIS G 193 -68.45 -25.59 13.63
C HIS G 193 -69.18 -24.90 14.78
N TYR G 194 -70.51 -24.81 14.70
CA TYR G 194 -71.40 -24.29 15.78
C TYR G 194 -71.38 -25.25 16.99
N LEU G 195 -71.02 -26.53 16.78
CA LEU G 195 -71.13 -27.59 17.83
C LEU G 195 -69.77 -27.84 18.51
N SER G 196 -68.66 -27.37 17.95
CA SER G 196 -67.28 -27.76 18.37
C SER G 196 -66.66 -26.68 19.25
N PRO G 197 -66.03 -27.06 20.39
CA PRO G 197 -65.15 -26.16 21.14
C PRO G 197 -64.04 -25.56 20.28
N LEU G 198 -63.54 -26.31 19.28
CA LEU G 198 -62.37 -25.92 18.46
C LEU G 198 -62.65 -24.64 17.66
N SER G 199 -63.93 -24.35 17.35
CA SER G 199 -64.33 -23.24 16.45
C SER G 199 -65.08 -22.12 17.21
N LYS G 200 -65.23 -22.21 18.54
CA LYS G 200 -65.97 -21.20 19.35
C LYS G 200 -65.23 -19.86 19.31
N GLY G 201 -65.93 -18.78 18.95
CA GLY G 201 -65.40 -17.41 18.93
C GLY G 201 -64.60 -17.10 17.66
N ASN G 202 -64.59 -18.01 16.68
CA ASN G 202 -63.77 -17.87 15.44
C ASN G 202 -64.67 -17.55 14.24
N PHE G 203 -65.96 -17.29 14.47
CA PHE G 203 -66.91 -16.78 13.45
C PHE G 203 -68.03 -16.02 14.16
N ALA G 204 -68.42 -14.88 13.60
CA ALA G 204 -69.43 -13.94 14.14
C ALA G 204 -70.84 -14.39 13.73
N ARG G 205 -70.97 -15.20 12.67
CA ARG G 205 -72.27 -15.58 12.07
C ARG G 205 -72.06 -16.70 11.04
N GLY G 206 -73.15 -17.38 10.66
CA GLY G 206 -73.10 -18.58 9.80
C GLY G 206 -74.18 -18.61 8.74
N ILE G 207 -73.88 -19.25 7.60
CA ILE G 207 -74.87 -19.59 6.54
C ILE G 207 -74.65 -21.06 6.13
N ALA G 208 -75.57 -21.95 6.54
CA ALA G 208 -75.57 -23.38 6.16
C ALA G 208 -76.50 -23.58 4.95
N PHE G 209 -75.96 -23.46 3.73
CA PHE G 209 -76.73 -23.65 2.48
C PHE G 209 -76.98 -25.15 2.30
N SER G 210 -78.25 -25.56 2.26
CA SER G 210 -78.70 -26.92 1.85
C SER G 210 -77.89 -28.00 2.56
N GLY G 211 -77.74 -27.92 3.89
CA GLY G 211 -76.95 -28.90 4.65
C GLY G 211 -77.03 -28.69 6.14
N ALA G 212 -77.02 -29.79 6.90
CA ALA G 212 -77.08 -29.78 8.38
C ALA G 212 -76.36 -31.02 8.91
N ALA G 213 -75.70 -30.89 10.06
CA ALA G 213 -74.96 -31.97 10.76
C ALA G 213 -75.92 -33.02 11.31
N PHE G 214 -77.23 -32.74 11.31
CA PHE G 214 -78.31 -33.68 11.71
C PHE G 214 -78.54 -34.76 10.63
N ALA G 215 -78.24 -34.47 9.36
CA ALA G 215 -78.46 -35.42 8.23
C ALA G 215 -77.57 -36.66 8.39
N SER G 216 -78.15 -37.84 8.22
CA SER G 216 -77.51 -39.19 8.29
C SER G 216 -76.23 -39.23 7.46
N TRP G 217 -76.25 -38.68 6.23
CA TRP G 217 -75.13 -38.82 5.25
C TRP G 217 -73.89 -38.07 5.72
N THR G 218 -74.01 -37.21 6.73
CA THR G 218 -72.89 -36.38 7.27
C THR G 218 -72.30 -36.99 8.53
N HIS G 219 -72.80 -38.14 8.99
CA HIS G 219 -72.41 -38.75 10.29
C HIS G 219 -72.23 -40.26 10.17
N ALA G 220 -71.08 -40.77 10.62
CA ALA G 220 -70.74 -42.21 10.68
C ALA G 220 -70.99 -42.74 12.09
N VAL G 221 -71.97 -43.66 12.23
CA VAL G 221 -72.35 -44.29 13.53
C VAL G 221 -71.55 -45.59 13.73
N LYS G 222 -70.97 -46.18 12.68
CA LYS G 222 -70.14 -47.41 12.80
C LYS G 222 -68.82 -47.20 12.06
N PRO G 223 -68.02 -46.19 12.46
CA PRO G 223 -66.74 -45.91 11.82
C PRO G 223 -65.80 -47.13 11.76
N LEU G 224 -65.70 -47.92 12.84
CA LEU G 224 -64.76 -49.06 12.95
C LEU G 224 -65.08 -50.13 11.89
N GLN G 225 -66.37 -50.38 11.61
CA GLN G 225 -66.82 -51.27 10.52
C GLN G 225 -66.26 -50.79 9.18
N ASN G 226 -66.26 -49.48 8.93
CA ASN G 226 -65.84 -48.87 7.65
C ASN G 226 -64.31 -48.94 7.52
N ALA G 227 -63.59 -48.73 8.61
CA ALA G 227 -62.10 -48.77 8.66
C ALA G 227 -61.63 -50.22 8.42
N ARG G 228 -62.29 -51.20 9.04
CA ARG G 228 -61.93 -52.63 8.91
C ARG G 228 -62.17 -53.11 7.48
N SER G 229 -63.30 -52.70 6.88
CA SER G 229 -63.69 -53.03 5.48
C SER G 229 -62.64 -52.47 4.50
N LEU G 230 -62.30 -51.17 4.65
CA LEU G 230 -61.27 -50.46 3.83
C LEU G 230 -59.94 -51.21 3.93
N ALA G 231 -59.51 -51.54 5.15
CA ALA G 231 -58.23 -52.24 5.44
C ALA G 231 -58.24 -53.62 4.75
N ALA G 232 -59.34 -54.36 4.88
CA ALA G 232 -59.52 -55.69 4.27
C ALA G 232 -59.41 -55.58 2.75
N ILE G 233 -60.09 -54.60 2.15
CA ILE G 233 -60.11 -54.41 0.67
C ILE G 233 -58.68 -54.18 0.19
N VAL G 234 -57.86 -53.51 1.00
CA VAL G 234 -56.48 -53.09 0.64
C VAL G 234 -55.47 -54.18 1.05
N GLY G 235 -55.96 -55.28 1.61
CA GLY G 235 -55.15 -56.46 1.94
C GLY G 235 -54.41 -56.31 3.27
N CYS G 236 -54.81 -55.34 4.09
CA CYS G 236 -54.24 -55.16 5.45
C CYS G 236 -54.75 -56.26 6.37
N PRO G 237 -53.92 -56.71 7.33
CA PRO G 237 -54.41 -57.58 8.39
C PRO G 237 -55.17 -56.65 9.33
N THR G 238 -56.45 -56.94 9.55
CA THR G 238 -57.18 -56.46 10.75
C THR G 238 -56.78 -57.46 11.85
N GLY G 239 -56.80 -56.99 13.09
CA GLY G 239 -56.13 -57.63 14.23
C GLY G 239 -56.29 -56.72 15.42
N THR G 240 -55.46 -55.68 15.48
CA THR G 240 -55.62 -54.52 16.38
C THR G 240 -55.93 -53.31 15.51
N ASN G 241 -56.53 -52.28 16.09
CA ASN G 241 -56.86 -51.03 15.39
C ASN G 241 -55.55 -50.26 15.12
N ARG G 242 -54.55 -50.45 16.00
CA ARG G 242 -53.22 -49.82 15.87
C ARG G 242 -52.52 -50.35 14.61
N GLU G 243 -52.59 -51.65 14.35
CA GLU G 243 -52.04 -52.32 13.14
C GLU G 243 -52.86 -51.96 11.89
N LEU G 244 -54.17 -51.77 12.05
CA LEU G 244 -55.10 -51.37 10.96
C LEU G 244 -54.64 -50.01 10.43
N VAL G 245 -54.55 -49.01 11.30
CA VAL G 245 -54.19 -47.61 10.92
C VAL G 245 -52.75 -47.60 10.40
N ASP G 246 -51.86 -48.36 11.03
CA ASP G 246 -50.43 -48.43 10.64
C ASP G 246 -50.31 -48.95 9.21
N CYS G 247 -51.13 -49.94 8.82
CA CYS G 247 -51.09 -50.56 7.47
C CYS G 247 -51.66 -49.57 6.44
N LEU G 248 -52.76 -48.88 6.75
CA LEU G 248 -53.34 -47.82 5.88
C LEU G 248 -52.36 -46.64 5.75
N LYS G 249 -51.49 -46.39 6.74
CA LYS G 249 -50.47 -45.30 6.71
C LYS G 249 -49.39 -45.62 5.65
N TYR G 250 -49.00 -46.88 5.51
CA TYR G 250 -47.88 -47.34 4.66
C TYR G 250 -48.36 -47.75 3.27
N ARG G 251 -49.66 -47.95 3.07
CA ARG G 251 -50.27 -48.21 1.74
C ARG G 251 -50.23 -46.91 0.94
N PRO G 252 -50.18 -46.94 -0.42
CA PRO G 252 -50.17 -45.71 -1.20
C PRO G 252 -51.50 -44.98 -0.97
N ALA G 253 -51.44 -43.64 -0.85
CA ALA G 253 -52.62 -42.79 -0.58
C ALA G 253 -53.68 -43.05 -1.65
N GLU G 254 -53.25 -43.23 -2.91
CA GLU G 254 -54.14 -43.41 -4.08
C GLU G 254 -54.94 -44.71 -3.92
N VAL G 255 -54.34 -45.74 -3.32
CA VAL G 255 -54.97 -47.09 -3.12
C VAL G 255 -56.00 -46.97 -2.01
N VAL G 256 -55.63 -46.34 -0.90
CA VAL G 256 -56.53 -46.12 0.27
C VAL G 256 -57.77 -45.34 -0.18
N VAL G 257 -57.60 -44.27 -0.96
CA VAL G 257 -58.73 -43.40 -1.42
C VAL G 257 -59.57 -44.19 -2.43
N GLY G 258 -58.94 -44.84 -3.41
CA GLY G 258 -59.61 -45.64 -4.46
C GLY G 258 -60.39 -46.82 -3.89
N ALA G 259 -59.89 -47.44 -2.83
CA ALA G 259 -60.43 -48.70 -2.26
C ALA G 259 -61.85 -48.49 -1.71
N GLN G 260 -62.22 -47.26 -1.34
CA GLN G 260 -63.48 -47.00 -0.60
C GLN G 260 -64.69 -47.43 -1.45
N ILE G 261 -64.62 -47.31 -2.78
CA ILE G 261 -65.79 -47.52 -3.69
C ILE G 261 -66.17 -49.00 -3.76
N GLU G 262 -65.32 -49.90 -3.26
CA GLU G 262 -65.52 -51.37 -3.35
C GLU G 262 -66.09 -51.94 -2.05
N MET G 263 -66.41 -51.09 -1.08
CA MET G 263 -67.00 -51.51 0.22
C MET G 263 -68.43 -52.03 -0.01
N LEU G 264 -68.92 -52.90 0.87
CA LEU G 264 -70.26 -53.53 0.74
C LEU G 264 -71.34 -52.45 0.93
N GLU G 265 -72.23 -52.32 -0.06
CA GLU G 265 -73.32 -51.32 -0.08
C GLU G 265 -72.74 -49.90 -0.04
N PHE G 266 -71.64 -49.66 -0.75
CA PHE G 266 -71.14 -48.28 -0.97
C PHE G 266 -72.26 -47.49 -1.62
N PRO G 267 -72.45 -46.19 -1.25
CA PRO G 267 -73.46 -45.35 -1.88
C PRO G 267 -73.60 -45.52 -3.41
N TYR G 268 -74.83 -45.78 -3.85
CA TYR G 268 -75.22 -46.05 -5.26
C TYR G 268 -74.94 -44.80 -6.11
N GLN G 269 -74.17 -44.97 -7.18
CA GLN G 269 -73.66 -43.91 -8.09
C GLN G 269 -72.60 -43.04 -7.39
N GLN G 270 -72.19 -43.40 -6.16
CA GLN G 270 -70.99 -42.85 -5.49
C GLN G 270 -71.16 -41.34 -5.25
N MET G 271 -72.36 -40.89 -4.87
CA MET G 271 -72.64 -39.45 -4.60
C MET G 271 -72.43 -39.15 -3.11
N PHE G 272 -72.19 -40.18 -2.31
CA PHE G 272 -71.94 -40.07 -0.84
C PHE G 272 -70.79 -40.99 -0.46
N THR G 273 -70.38 -40.92 0.82
CA THR G 273 -69.28 -41.76 1.35
C THR G 273 -69.57 -42.11 2.81
N PRO G 274 -69.16 -43.31 3.27
CA PRO G 274 -69.22 -43.64 4.70
C PRO G 274 -68.10 -43.01 5.54
N PHE G 275 -67.10 -42.38 4.91
CA PHE G 275 -65.99 -41.67 5.60
C PHE G 275 -66.41 -40.21 5.81
N THR G 276 -67.16 -40.00 6.89
CA THR G 276 -67.82 -38.72 7.24
C THR G 276 -67.47 -38.39 8.69
N PRO G 277 -67.75 -37.14 9.14
CA PRO G 277 -67.66 -36.81 10.57
C PRO G 277 -68.27 -37.90 11.45
N THR G 278 -67.79 -37.99 12.69
CA THR G 278 -68.23 -39.00 13.67
C THR G 278 -68.16 -38.42 15.07
N VAL G 279 -68.57 -39.20 16.06
CA VAL G 279 -68.35 -38.90 17.50
C VAL G 279 -67.00 -39.49 17.88
N GLU G 280 -66.04 -38.65 18.28
CA GLU G 280 -64.71 -39.08 18.78
C GLU G 280 -64.87 -39.73 20.15
N PRO G 281 -63.94 -40.62 20.57
CA PRO G 281 -64.02 -41.24 21.90
C PRO G 281 -63.89 -40.19 23.01
N GLN G 282 -64.58 -40.41 24.15
CA GLN G 282 -64.50 -39.58 25.38
C GLN G 282 -63.03 -39.46 25.82
N GLY G 283 -62.56 -38.23 26.06
CA GLY G 283 -61.20 -37.94 26.56
C GLY G 283 -60.17 -37.92 25.45
N THR G 284 -60.60 -37.84 24.18
CA THR G 284 -59.74 -37.46 23.03
C THR G 284 -59.24 -36.03 23.25
N ARG G 285 -57.93 -35.82 23.23
CA ARG G 285 -57.28 -34.48 23.41
C ARG G 285 -57.61 -33.60 22.19
N ASP G 286 -58.06 -32.38 22.43
CA ASP G 286 -58.42 -31.38 21.38
C ASP G 286 -59.41 -32.00 20.40
N ALA G 287 -60.38 -32.77 20.91
CA ALA G 287 -61.48 -33.37 20.13
C ALA G 287 -62.27 -32.26 19.42
N PHE G 288 -62.72 -32.53 18.20
CA PHE G 288 -63.64 -31.62 17.47
C PHE G 288 -65.07 -31.83 17.98
N LEU G 289 -65.48 -33.08 18.17
CA LEU G 289 -66.84 -33.47 18.63
C LEU G 289 -66.79 -34.81 19.36
N THR G 290 -67.17 -34.82 20.64
CA THR G 290 -67.15 -36.03 21.52
C THR G 290 -68.59 -36.42 21.90
N GLN G 291 -69.60 -35.95 21.16
CA GLN G 291 -71.03 -36.19 21.47
C GLN G 291 -71.86 -36.02 20.19
N TYR G 292 -72.95 -36.77 20.06
CA TYR G 292 -73.86 -36.80 18.88
C TYR G 292 -74.40 -35.40 18.63
N PRO G 293 -74.30 -34.86 17.39
CA PRO G 293 -74.73 -33.50 17.09
C PRO G 293 -76.10 -33.08 17.66
N PHE G 294 -77.13 -33.91 17.47
CA PHE G 294 -78.51 -33.62 17.92
C PHE G 294 -78.54 -33.43 19.45
N LEU G 295 -77.87 -34.30 20.21
CA LEU G 295 -77.83 -34.21 21.70
C LEU G 295 -77.18 -32.88 22.10
N VAL G 296 -76.10 -32.47 21.43
CA VAL G 296 -75.37 -31.19 21.72
C VAL G 296 -76.33 -30.02 21.45
N ALA G 297 -77.00 -30.01 20.29
CA ALA G 297 -77.92 -28.92 19.86
C ALA G 297 -79.14 -28.86 20.80
N GLN G 298 -79.72 -30.01 21.15
CA GLN G 298 -80.93 -30.13 22.02
C GLN G 298 -80.63 -29.57 23.42
N ALA G 299 -79.36 -29.59 23.84
CA ALA G 299 -78.84 -29.02 25.11
C ALA G 299 -78.44 -27.54 24.95
N GLY G 300 -78.78 -26.88 23.84
CA GLY G 300 -78.46 -25.47 23.59
C GLY G 300 -76.95 -25.25 23.51
N GLY G 301 -76.23 -26.24 23.02
CA GLY G 301 -74.75 -26.26 22.99
C GLY G 301 -74.16 -25.46 21.84
N MET G 302 -74.98 -25.12 20.83
CA MET G 302 -74.51 -24.42 19.60
C MET G 302 -74.07 -22.99 19.94
N HIS G 303 -73.06 -22.46 19.24
CA HIS G 303 -72.49 -21.12 19.53
C HIS G 303 -73.57 -20.06 19.24
N LYS G 304 -73.64 -19.05 20.10
CA LYS G 304 -74.74 -18.04 20.10
C LYS G 304 -74.37 -16.92 19.13
N VAL G 305 -74.39 -17.23 17.83
CA VAL G 305 -74.24 -16.23 16.74
C VAL G 305 -75.36 -16.46 15.72
N PRO G 306 -75.76 -15.42 14.94
CA PRO G 306 -76.81 -15.56 13.94
C PRO G 306 -76.54 -16.66 12.89
N LEU G 307 -77.62 -17.17 12.31
CA LEU G 307 -77.64 -18.26 11.32
C LEU G 307 -78.66 -17.92 10.22
N ILE G 308 -78.26 -18.06 8.96
CA ILE G 308 -79.16 -18.35 7.82
C ILE G 308 -78.93 -19.82 7.42
N THR G 309 -80.00 -20.58 7.22
CA THR G 309 -79.96 -21.91 6.57
C THR G 309 -81.06 -21.92 5.51
N SER G 310 -81.04 -22.89 4.59
CA SER G 310 -81.81 -22.80 3.32
C SER G 310 -81.86 -24.15 2.59
N VAL G 311 -82.83 -24.28 1.69
CA VAL G 311 -82.94 -25.40 0.72
C VAL G 311 -83.49 -24.84 -0.60
N THR G 312 -83.40 -25.65 -1.65
CA THR G 312 -83.95 -25.37 -3.01
C THR G 312 -85.22 -26.20 -3.21
N SER G 313 -86.03 -25.85 -4.20
CA SER G 313 -87.32 -26.54 -4.50
C SER G 313 -87.06 -28.01 -4.89
N GLU G 314 -85.94 -28.31 -5.56
CA GLU G 314 -85.62 -29.69 -6.03
C GLU G 314 -84.23 -30.12 -5.54
N GLU G 315 -83.98 -30.02 -4.23
CA GLU G 315 -82.75 -30.51 -3.56
C GLU G 315 -82.33 -31.88 -4.11
N GLY G 316 -83.29 -32.81 -4.23
CA GLY G 316 -83.04 -34.25 -4.51
C GLY G 316 -82.39 -34.51 -5.86
N LEU G 317 -82.25 -33.51 -6.72
CA LEU G 317 -81.44 -33.63 -7.97
C LEU G 317 -80.00 -33.95 -7.61
N TYR G 318 -79.58 -33.69 -6.36
CA TYR G 318 -78.47 -34.43 -5.69
C TYR G 318 -79.09 -35.52 -4.83
N PRO G 319 -79.04 -36.82 -5.22
CA PRO G 319 -78.27 -37.30 -6.38
C PRO G 319 -79.01 -37.65 -7.70
N ALA G 320 -80.34 -37.49 -7.75
CA ALA G 320 -81.21 -38.04 -8.81
C ALA G 320 -80.83 -37.53 -10.22
N ALA G 321 -80.16 -36.39 -10.35
CA ALA G 321 -79.71 -35.87 -11.66
C ALA G 321 -78.79 -36.90 -12.35
N VAL G 322 -77.98 -37.66 -11.58
CA VAL G 322 -77.04 -38.66 -12.18
C VAL G 322 -77.84 -39.87 -12.67
N TYR G 323 -79.08 -40.06 -12.21
CA TYR G 323 -79.96 -41.18 -12.65
C TYR G 323 -80.36 -41.00 -14.13
N GLN G 324 -80.26 -39.78 -14.68
CA GLN G 324 -80.64 -39.45 -16.08
C GLN G 324 -79.43 -39.57 -17.03
N LYS G 325 -78.22 -39.81 -16.49
CA LYS G 325 -76.94 -39.85 -17.23
C LYS G 325 -76.91 -41.07 -18.16
N SER G 326 -77.17 -42.27 -17.62
CA SER G 326 -77.39 -43.53 -18.36
C SER G 326 -78.89 -43.83 -18.40
N PRO G 327 -79.46 -44.20 -19.57
CA PRO G 327 -80.92 -44.36 -19.70
C PRO G 327 -81.49 -45.64 -19.06
N ASP G 328 -80.66 -46.49 -18.44
CA ASP G 328 -81.06 -47.79 -17.82
C ASP G 328 -81.06 -47.69 -16.29
N THR G 329 -80.61 -46.56 -15.71
CA THR G 329 -80.43 -46.39 -14.24
C THR G 329 -81.78 -46.39 -13.53
N LEU G 330 -82.77 -45.63 -14.03
CA LEU G 330 -84.13 -45.56 -13.45
C LEU G 330 -84.74 -46.97 -13.39
N ALA G 331 -84.56 -47.77 -14.44
CA ALA G 331 -85.08 -49.14 -14.54
C ALA G 331 -84.39 -50.02 -13.49
N TYR G 332 -83.09 -49.84 -13.26
CA TYR G 332 -82.28 -50.61 -12.28
C TYR G 332 -82.76 -50.31 -10.84
N LEU G 333 -83.16 -49.06 -10.61
CA LEU G 333 -83.70 -48.57 -9.31
C LEU G 333 -85.06 -49.23 -9.08
N GLU G 334 -85.90 -49.28 -10.11
CA GLU G 334 -87.24 -49.92 -10.06
C GLU G 334 -87.05 -51.41 -9.69
N ALA G 335 -86.15 -52.09 -10.41
CA ALA G 335 -85.96 -53.56 -10.33
C ALA G 335 -85.39 -53.97 -8.97
N ASN G 336 -84.70 -53.07 -8.28
CA ASN G 336 -83.93 -53.40 -7.03
C ASN G 336 -84.27 -52.39 -5.92
N TRP G 337 -85.49 -51.85 -5.93
CA TRP G 337 -85.94 -50.78 -5.00
C TRP G 337 -85.73 -51.23 -3.56
N ASP G 338 -86.14 -52.46 -3.21
CA ASP G 338 -86.17 -52.99 -1.83
C ASP G 338 -84.75 -53.11 -1.26
N GLN G 339 -83.74 -53.29 -2.10
CA GLN G 339 -82.31 -53.43 -1.67
C GLN G 339 -81.65 -52.04 -1.67
N LEU G 340 -82.11 -51.12 -2.53
CA LEU G 340 -81.40 -49.86 -2.85
C LEU G 340 -81.94 -48.68 -2.03
N ALA G 341 -83.15 -48.76 -1.51
CA ALA G 341 -83.81 -47.62 -0.81
C ALA G 341 -82.96 -47.18 0.39
N SER G 342 -82.48 -48.14 1.19
CA SER G 342 -81.56 -47.92 2.35
C SER G 342 -80.25 -47.28 1.89
N ASN G 343 -79.89 -47.45 0.62
CA ASN G 343 -78.67 -46.86 0.01
C ASN G 343 -78.96 -45.40 -0.38
N ILE G 344 -79.89 -45.16 -1.30
CA ILE G 344 -80.13 -43.82 -1.93
C ILE G 344 -80.68 -42.83 -0.91
N PHE G 345 -81.41 -43.28 0.12
CA PHE G 345 -81.99 -42.44 1.20
C PHE G 345 -81.10 -42.46 2.45
N GLU G 346 -79.96 -43.15 2.37
CA GLU G 346 -78.81 -43.02 3.34
C GLU G 346 -79.26 -43.35 4.77
N TYR G 347 -79.84 -44.54 4.98
CA TYR G 347 -80.13 -45.12 6.32
C TYR G 347 -79.53 -46.53 6.41
N ASN G 348 -78.38 -46.72 5.77
CA ASN G 348 -77.70 -48.04 5.69
C ASN G 348 -77.36 -48.55 7.10
N ASP G 349 -77.04 -47.63 8.03
CA ASP G 349 -76.46 -47.96 9.36
C ASP G 349 -77.42 -47.60 10.50
N THR G 350 -78.56 -46.97 10.21
CA THR G 350 -79.45 -46.36 11.23
C THR G 350 -80.82 -47.04 11.20
N LEU G 351 -80.99 -48.10 10.41
CA LEU G 351 -82.18 -48.96 10.42
C LEU G 351 -81.70 -50.42 10.48
N PRO G 352 -82.34 -51.30 11.29
CA PRO G 352 -82.06 -52.74 11.24
C PRO G 352 -82.33 -53.31 9.84
N VAL G 353 -81.55 -54.30 9.44
CA VAL G 353 -81.60 -54.89 8.06
C VAL G 353 -83.00 -55.47 7.83
N ASN G 354 -83.63 -56.09 8.84
CA ASN G 354 -84.94 -56.78 8.71
C ASN G 354 -86.07 -55.77 8.44
N GLN G 355 -85.86 -54.48 8.71
CA GLN G 355 -86.90 -53.43 8.55
C GLN G 355 -86.82 -52.79 7.15
N ARG G 356 -85.85 -53.20 6.32
CA ARG G 356 -85.57 -52.51 5.02
C ARG G 356 -86.78 -52.65 4.07
N ALA G 357 -87.34 -53.87 3.94
CA ALA G 357 -88.47 -54.19 3.02
C ALA G 357 -89.66 -53.29 3.33
N GLY G 358 -89.97 -53.10 4.61
CA GLY G 358 -91.13 -52.35 5.11
C GLY G 358 -91.00 -50.86 4.84
N VAL G 359 -89.86 -50.28 5.23
CA VAL G 359 -89.58 -48.81 5.12
C VAL G 359 -89.49 -48.43 3.65
N ALA G 360 -88.87 -49.27 2.82
CA ALA G 360 -88.73 -49.07 1.35
C ALA G 360 -90.13 -48.93 0.72
N ALA G 361 -91.08 -49.79 1.12
CA ALA G 361 -92.47 -49.81 0.61
C ALA G 361 -93.23 -48.56 1.06
N LYS G 362 -93.11 -48.17 2.33
CA LYS G 362 -93.72 -46.94 2.89
C LYS G 362 -93.28 -45.72 2.04
N ILE G 363 -91.98 -45.60 1.77
CA ILE G 363 -91.38 -44.46 1.01
C ILE G 363 -91.94 -44.46 -0.42
N LYS G 364 -91.97 -45.61 -1.09
CA LYS G 364 -92.47 -45.73 -2.49
C LYS G 364 -93.95 -45.34 -2.51
N GLN G 365 -94.71 -45.84 -1.53
CA GLN G 365 -96.16 -45.52 -1.32
C GLN G 365 -96.33 -44.00 -1.19
N ARG G 366 -95.53 -43.33 -0.36
CA ARG G 366 -95.77 -41.93 0.08
C ARG G 366 -95.52 -40.93 -1.06
N TYR G 367 -94.55 -41.18 -1.94
CA TYR G 367 -94.10 -40.20 -2.98
C TYR G 367 -94.54 -40.62 -4.38
N LEU G 368 -94.47 -41.92 -4.69
CA LEU G 368 -94.75 -42.49 -6.04
C LEU G 368 -96.11 -43.19 -6.07
N GLY G 369 -96.83 -43.29 -4.95
CA GLY G 369 -98.11 -44.02 -4.87
C GLY G 369 -97.95 -45.45 -5.34
N ASN G 370 -96.77 -46.04 -5.10
CA ASN G 370 -96.41 -47.45 -5.42
C ASN G 370 -96.34 -47.69 -6.94
N LYS G 371 -96.49 -46.66 -7.78
CA LYS G 371 -96.20 -46.73 -9.23
C LYS G 371 -94.71 -47.01 -9.40
N PRO G 372 -94.29 -47.69 -10.51
CA PRO G 372 -92.87 -47.97 -10.72
C PRO G 372 -92.02 -46.70 -10.86
N VAL G 373 -90.72 -46.79 -10.53
CA VAL G 373 -89.71 -45.73 -10.79
C VAL G 373 -89.53 -45.62 -12.31
N SER G 374 -89.94 -44.49 -12.89
CA SER G 374 -89.83 -44.18 -14.35
C SER G 374 -89.61 -42.68 -14.54
N GLN G 375 -89.54 -42.21 -15.79
CA GLN G 375 -89.48 -40.77 -16.13
C GLN G 375 -90.71 -40.05 -15.54
N GLU G 376 -91.88 -40.72 -15.54
CA GLU G 376 -93.16 -40.14 -15.04
C GLU G 376 -93.06 -39.88 -13.53
N THR G 377 -92.40 -40.77 -12.78
CA THR G 377 -92.31 -40.70 -11.29
C THR G 377 -91.03 -39.99 -10.84
N TYR G 378 -90.21 -39.48 -11.78
CA TYR G 378 -88.91 -38.84 -11.50
C TYR G 378 -89.07 -37.58 -10.66
N PRO G 379 -90.02 -36.65 -10.98
CA PRO G 379 -90.24 -35.47 -10.14
C PRO G 379 -90.53 -35.81 -8.67
N GLN G 380 -91.25 -36.92 -8.42
CA GLN G 380 -91.63 -37.38 -7.06
C GLN G 380 -90.41 -37.98 -6.36
N LEU G 381 -89.69 -38.88 -7.04
CA LEU G 381 -88.42 -39.48 -6.53
C LEU G 381 -87.48 -38.33 -6.10
N VAL G 382 -87.39 -37.27 -6.90
CA VAL G 382 -86.53 -36.08 -6.63
C VAL G 382 -86.98 -35.46 -5.30
N GLN G 383 -88.28 -35.32 -5.09
CA GLN G 383 -88.86 -34.72 -3.87
C GLN G 383 -88.48 -35.57 -2.66
N ALA G 384 -88.61 -36.90 -2.77
CA ALA G 384 -88.36 -37.88 -1.69
C ALA G 384 -86.90 -37.76 -1.20
N LEU G 385 -85.95 -37.69 -2.13
CA LEU G 385 -84.49 -37.63 -1.83
C LEU G 385 -84.18 -36.27 -1.20
N GLY G 386 -84.66 -35.18 -1.79
CA GLY G 386 -84.45 -33.80 -1.30
C GLY G 386 -84.96 -33.61 0.12
N ASP G 387 -86.12 -34.19 0.44
CA ASP G 387 -86.78 -34.08 1.76
C ASP G 387 -85.92 -34.81 2.80
N ARG G 388 -85.62 -36.08 2.53
CA ARG G 388 -84.82 -36.98 3.39
C ARG G 388 -83.40 -36.44 3.61
N LEU G 389 -82.66 -36.16 2.53
CA LEU G 389 -81.21 -35.84 2.57
C LEU G 389 -80.94 -34.40 3.04
N PHE G 390 -81.81 -33.43 2.76
CA PHE G 390 -81.50 -31.97 2.90
C PHE G 390 -82.56 -31.21 3.71
N ALA G 391 -83.83 -31.23 3.29
CA ALA G 391 -84.88 -30.26 3.72
C ALA G 391 -85.29 -30.51 5.17
N VAL G 392 -85.62 -31.75 5.54
CA VAL G 392 -86.06 -32.11 6.91
C VAL G 392 -85.02 -31.57 7.90
N ASP G 393 -83.75 -31.87 7.69
CA ASP G 393 -82.69 -31.63 8.70
C ASP G 393 -82.31 -30.13 8.70
N VAL G 394 -82.51 -29.42 7.58
CA VAL G 394 -82.35 -27.94 7.52
C VAL G 394 -83.44 -27.29 8.39
N GLY G 395 -84.67 -27.82 8.33
CA GLY G 395 -85.80 -27.38 9.19
C GLY G 395 -85.48 -27.53 10.68
N LYS G 396 -84.96 -28.70 11.08
CA LYS G 396 -84.58 -28.99 12.48
C LYS G 396 -83.45 -28.03 12.89
N LEU G 397 -82.47 -27.80 12.01
CA LEU G 397 -81.37 -26.84 12.23
C LEU G 397 -81.97 -25.47 12.57
N ALA G 398 -82.83 -24.95 11.70
CA ALA G 398 -83.45 -23.61 11.82
C ALA G 398 -84.24 -23.54 13.14
N GLN G 399 -85.18 -24.48 13.34
CA GLN G 399 -86.05 -24.53 14.53
C GLN G 399 -85.21 -24.58 15.82
N ILE G 400 -84.23 -25.49 15.88
CA ILE G 400 -83.50 -25.79 17.14
C ILE G 400 -82.58 -24.61 17.49
N HIS G 401 -81.93 -23.99 16.50
CA HIS G 401 -81.08 -22.79 16.75
C HIS G 401 -81.96 -21.60 17.14
N ALA G 402 -83.07 -21.39 16.43
CA ALA G 402 -84.05 -20.31 16.71
C ALA G 402 -84.45 -20.34 18.20
N ARG G 403 -84.51 -21.54 18.78
CA ARG G 403 -85.03 -21.79 20.16
C ARG G 403 -83.98 -21.44 21.22
N HIS G 404 -82.74 -21.94 21.08
CA HIS G 404 -81.70 -21.97 22.15
C HIS G 404 -80.69 -20.83 22.01
N SER G 405 -80.53 -20.26 20.81
CA SER G 405 -79.42 -19.34 20.45
C SER G 405 -79.63 -17.95 21.08
N GLY G 406 -80.88 -17.49 21.18
CA GLY G 406 -81.22 -16.09 21.47
C GLY G 406 -80.72 -15.17 20.37
N GLN G 407 -80.47 -15.69 19.17
CA GLN G 407 -79.88 -14.94 18.04
C GLN G 407 -80.80 -15.06 16.82
N PRO G 408 -80.88 -14.03 15.95
CA PRO G 408 -81.70 -14.11 14.75
C PRO G 408 -81.37 -15.39 13.97
N THR G 409 -82.41 -16.14 13.62
CA THR G 409 -82.34 -17.39 12.83
C THR G 409 -83.30 -17.25 11.65
N TYR G 410 -82.76 -17.25 10.44
CA TYR G 410 -83.50 -17.11 9.17
C TYR G 410 -83.41 -18.41 8.36
N LEU G 411 -84.49 -18.71 7.66
CA LEU G 411 -84.67 -19.88 6.78
C LEU G 411 -85.14 -19.36 5.41
N TYR G 412 -84.67 -19.94 4.31
CA TYR G 412 -85.19 -19.58 2.96
C TYR G 412 -85.33 -20.84 2.10
N ARG G 413 -86.32 -20.79 1.20
CA ARG G 413 -86.58 -21.80 0.15
C ARG G 413 -86.39 -21.11 -1.21
N TYR G 414 -85.48 -21.64 -2.02
CA TYR G 414 -85.03 -21.05 -3.31
C TYR G 414 -85.62 -21.86 -4.45
N SER G 415 -86.58 -21.30 -5.20
CA SER G 415 -87.28 -21.99 -6.30
C SER G 415 -87.11 -21.21 -7.62
N PHE G 416 -86.03 -20.45 -7.75
CA PHE G 416 -85.70 -19.74 -9.02
C PHE G 416 -84.89 -20.67 -9.91
N ARG G 417 -85.43 -20.98 -11.10
CA ARG G 417 -84.75 -21.74 -12.16
C ARG G 417 -84.16 -20.74 -13.16
N GLY G 418 -82.85 -20.48 -13.06
CA GLY G 418 -82.11 -19.64 -14.02
C GLY G 418 -81.73 -20.40 -15.28
N GLU G 419 -80.84 -19.85 -16.10
CA GLU G 419 -80.44 -20.41 -17.42
C GLU G 419 -79.90 -21.84 -17.22
N LYS G 420 -79.08 -22.03 -16.18
CA LYS G 420 -78.25 -23.24 -15.92
C LYS G 420 -78.61 -23.85 -14.57
N SER G 421 -78.25 -25.14 -14.39
CA SER G 421 -78.50 -25.94 -13.17
C SER G 421 -77.38 -26.99 -13.02
N LEU G 422 -77.05 -27.35 -11.77
CA LEU G 422 -76.10 -28.43 -11.45
C LEU G 422 -76.54 -29.74 -12.15
N SER G 423 -77.84 -29.88 -12.43
CA SER G 423 -78.42 -31.05 -13.15
C SER G 423 -77.82 -31.18 -14.56
N ASN G 424 -77.58 -30.06 -15.24
CA ASN G 424 -76.93 -29.98 -16.58
C ASN G 424 -75.63 -30.81 -16.56
N MET G 425 -74.78 -30.59 -15.55
CA MET G 425 -73.47 -31.26 -15.37
C MET G 425 -73.69 -32.71 -14.91
N MET G 426 -74.55 -32.93 -13.92
CA MET G 426 -74.72 -34.26 -13.28
C MET G 426 -75.40 -35.25 -14.23
N ALA G 427 -76.38 -34.78 -15.02
CA ALA G 427 -77.16 -35.60 -16.00
C ALA G 427 -76.48 -35.62 -17.38
N SER G 428 -75.61 -34.65 -17.67
CA SER G 428 -74.96 -34.43 -18.99
C SER G 428 -76.05 -34.21 -20.07
N ASN G 429 -77.04 -33.37 -19.76
CA ASN G 429 -78.11 -32.98 -20.72
C ASN G 429 -78.46 -31.50 -20.48
N ASP G 430 -79.51 -31.00 -21.13
CA ASP G 430 -80.01 -29.59 -21.03
C ASP G 430 -81.42 -29.55 -20.43
N LYS G 431 -81.93 -30.67 -19.93
CA LYS G 431 -83.33 -30.80 -19.44
C LYS G 431 -83.54 -29.92 -18.20
N ASN G 432 -84.76 -29.40 -18.04
CA ASN G 432 -85.21 -28.67 -16.83
C ASN G 432 -85.95 -29.65 -15.92
N TYR G 433 -85.27 -30.16 -14.90
CA TYR G 433 -85.85 -31.01 -13.81
C TYR G 433 -86.15 -30.14 -12.59
N GLY G 434 -85.99 -28.81 -12.71
CA GLY G 434 -86.25 -27.83 -11.64
C GLY G 434 -84.95 -27.23 -11.10
N VAL G 435 -85.02 -26.71 -9.86
CA VAL G 435 -83.94 -25.95 -9.17
C VAL G 435 -83.18 -26.91 -8.26
N SER G 436 -81.97 -27.30 -8.67
CA SER G 436 -81.14 -28.34 -8.02
C SER G 436 -80.51 -27.76 -6.75
N HIS G 437 -80.25 -28.63 -5.78
CA HIS G 437 -79.19 -28.48 -4.76
C HIS G 437 -78.05 -27.67 -5.37
N ALA G 438 -77.68 -26.54 -4.75
CA ALA G 438 -76.46 -25.75 -5.06
C ALA G 438 -76.71 -24.73 -6.19
N ASP G 439 -77.89 -24.70 -6.81
CA ASP G 439 -78.19 -23.76 -7.93
C ASP G 439 -78.20 -22.32 -7.40
N ASP G 440 -78.46 -22.13 -6.10
CA ASP G 440 -78.36 -20.81 -5.42
C ASP G 440 -76.87 -20.43 -5.30
N ILE G 441 -76.03 -21.36 -4.83
CA ILE G 441 -74.55 -21.20 -4.66
C ILE G 441 -73.89 -20.81 -5.99
N PHE G 442 -74.37 -21.37 -7.11
CA PHE G 442 -73.76 -21.17 -8.45
C PHE G 442 -74.13 -19.80 -9.01
N HIS G 443 -74.90 -18.99 -8.29
CA HIS G 443 -75.13 -17.55 -8.60
C HIS G 443 -74.19 -16.67 -7.77
N ILE G 444 -73.81 -17.13 -6.57
CA ILE G 444 -72.87 -16.42 -5.63
C ILE G 444 -71.43 -16.61 -6.11
N PHE G 445 -71.04 -17.87 -6.35
CA PHE G 445 -69.69 -18.26 -6.85
C PHE G 445 -69.81 -18.67 -8.32
N LYS G 446 -68.75 -18.46 -9.09
CA LYS G 446 -68.61 -18.99 -10.48
C LYS G 446 -67.93 -20.37 -10.40
N PHE G 447 -68.67 -21.42 -10.78
CA PHE G 447 -68.21 -22.83 -10.84
C PHE G 447 -68.04 -23.16 -12.32
N PRO G 448 -66.99 -23.94 -12.71
CA PRO G 448 -66.74 -24.21 -14.13
C PRO G 448 -68.02 -24.55 -14.91
N SER G 449 -68.32 -23.72 -15.92
CA SER G 449 -69.43 -23.86 -16.90
C SER G 449 -70.81 -23.93 -16.23
N LEU G 450 -70.96 -23.42 -15.01
CA LEU G 450 -72.29 -23.24 -14.34
C LEU G 450 -72.46 -21.77 -13.94
N SER G 451 -71.92 -20.87 -14.75
CA SER G 451 -72.11 -19.39 -14.66
C SER G 451 -73.10 -18.95 -15.72
N SER G 452 -74.00 -18.03 -15.38
CA SER G 452 -74.92 -17.36 -16.35
C SER G 452 -74.66 -15.86 -16.34
N THR G 453 -74.85 -15.20 -17.48
CA THR G 453 -74.84 -13.72 -17.59
C THR G 453 -76.14 -13.25 -18.25
N SER G 454 -77.20 -14.07 -18.27
CA SER G 454 -78.56 -13.68 -18.72
C SER G 454 -79.21 -12.82 -17.61
N SER G 455 -79.87 -11.70 -17.99
CA SER G 455 -80.22 -10.56 -17.10
C SER G 455 -80.80 -11.04 -15.76
N GLU G 456 -81.73 -12.00 -15.80
CA GLU G 456 -82.48 -12.52 -14.63
C GLU G 456 -81.50 -13.19 -13.66
N ASP G 457 -80.58 -14.02 -14.17
CA ASP G 457 -79.54 -14.74 -13.39
C ASP G 457 -78.60 -13.74 -12.71
N VAL G 458 -78.13 -12.72 -13.44
CA VAL G 458 -77.24 -11.64 -12.94
C VAL G 458 -77.93 -10.91 -11.78
N ARG G 459 -79.26 -10.73 -11.87
CA ARG G 459 -80.08 -10.06 -10.81
C ARG G 459 -80.13 -10.92 -9.55
N MET G 460 -80.25 -12.24 -9.70
CA MET G 460 -80.26 -13.20 -8.58
C MET G 460 -78.89 -13.21 -7.89
N THR G 461 -77.81 -13.18 -8.68
CA THR G 461 -76.40 -13.05 -8.19
C THR G 461 -76.30 -11.82 -7.29
N GLU G 462 -76.83 -10.69 -7.74
CA GLU G 462 -76.82 -9.39 -7.02
C GLU G 462 -77.57 -9.54 -5.68
N ALA G 463 -78.75 -10.15 -5.70
CA ALA G 463 -79.65 -10.31 -4.53
C ALA G 463 -79.00 -11.23 -3.47
N LEU G 464 -78.48 -12.38 -3.91
CA LEU G 464 -77.86 -13.39 -2.99
C LEU G 464 -76.60 -12.81 -2.37
N ILE G 465 -75.85 -11.99 -3.12
CA ILE G 465 -74.61 -11.34 -2.58
C ILE G 465 -75.01 -10.16 -1.68
N ASP G 466 -76.12 -9.48 -1.96
CA ASP G 466 -76.70 -8.45 -1.07
C ASP G 466 -77.19 -9.11 0.23
N MET G 467 -77.67 -10.36 0.15
CA MET G 467 -78.10 -11.13 1.34
C MET G 467 -76.88 -11.34 2.26
N ILE G 468 -75.75 -11.75 1.69
CA ILE G 468 -74.51 -12.04 2.48
C ILE G 468 -73.99 -10.72 3.06
N TYR G 469 -74.04 -9.64 2.28
CA TYR G 469 -73.42 -8.35 2.69
C TYR G 469 -74.22 -7.76 3.85
N SER G 470 -75.54 -7.67 3.71
CA SER G 470 -76.46 -7.07 4.71
C SER G 470 -76.40 -7.89 6.01
N PHE G 471 -76.48 -9.22 5.91
CA PHE G 471 -76.35 -10.18 7.04
C PHE G 471 -75.01 -9.95 7.77
N SER G 472 -73.96 -9.56 7.05
CA SER G 472 -72.56 -9.46 7.54
C SER G 472 -72.27 -8.06 8.10
N THR G 473 -73.13 -7.07 7.84
CA THR G 473 -72.96 -5.63 8.21
C THR G 473 -74.06 -5.17 9.18
N THR G 474 -75.32 -5.14 8.74
CA THR G 474 -76.49 -4.71 9.57
C THR G 474 -77.01 -5.88 10.40
N GLY G 475 -76.92 -7.12 9.89
CA GLY G 475 -77.44 -8.32 10.58
C GLY G 475 -78.85 -8.68 10.15
N ASN G 476 -79.49 -7.78 9.39
CA ASN G 476 -80.86 -7.95 8.81
C ASN G 476 -80.70 -8.33 7.36
N PRO G 477 -80.85 -9.63 7.02
CA PRO G 477 -80.61 -10.07 5.65
C PRO G 477 -81.64 -9.46 4.71
N LYS G 478 -81.19 -8.87 3.61
CA LYS G 478 -82.04 -8.17 2.62
C LYS G 478 -81.49 -8.42 1.21
N LEU G 479 -82.30 -9.02 0.33
CA LEU G 479 -81.96 -9.40 -1.07
C LEU G 479 -82.21 -8.21 -2.01
N THR G 480 -83.37 -7.55 -1.90
CA THR G 480 -83.72 -6.32 -2.66
C THR G 480 -84.54 -5.39 -1.77
N ASN G 481 -84.57 -4.10 -2.10
CA ASN G 481 -85.33 -3.05 -1.35
C ASN G 481 -86.83 -3.27 -1.54
N GLU G 482 -87.25 -3.82 -2.69
CA GLU G 482 -88.67 -3.96 -3.10
C GLU G 482 -89.30 -5.18 -2.42
N ALA G 483 -88.47 -6.14 -1.96
CA ALA G 483 -88.91 -7.39 -1.29
C ALA G 483 -89.44 -7.05 0.10
N PRO G 484 -90.48 -7.77 0.60
CA PRO G 484 -90.93 -7.61 1.98
C PRO G 484 -89.79 -7.93 2.96
N VAL G 485 -89.93 -7.47 4.21
CA VAL G 485 -88.98 -7.73 5.32
C VAL G 485 -88.85 -9.25 5.48
N TRP G 486 -87.62 -9.74 5.60
CA TRP G 486 -87.34 -11.17 5.90
C TRP G 486 -87.42 -11.36 7.43
N THR G 487 -88.50 -12.00 7.88
CA THR G 487 -88.81 -12.26 9.31
C THR G 487 -87.98 -13.45 9.80
N PRO G 488 -87.27 -13.32 10.95
CA PRO G 488 -86.52 -14.45 11.50
C PRO G 488 -87.49 -15.56 11.98
N VAL G 489 -86.99 -16.78 12.07
CA VAL G 489 -87.72 -17.94 12.67
C VAL G 489 -88.05 -17.60 14.12
N THR G 490 -89.31 -17.75 14.54
CA THR G 490 -89.80 -17.40 15.89
C THR G 490 -89.41 -18.50 16.88
N PRO G 491 -88.61 -18.18 17.92
CA PRO G 491 -88.23 -19.16 18.95
C PRO G 491 -89.41 -19.95 19.53
N GLY G 492 -89.25 -21.27 19.66
CA GLY G 492 -90.22 -22.17 20.33
C GLY G 492 -91.42 -22.52 19.46
N SER G 493 -91.57 -21.90 18.28
CA SER G 493 -92.74 -22.07 17.38
C SER G 493 -92.58 -23.34 16.53
N ALA G 494 -93.65 -24.13 16.44
CA ALA G 494 -93.79 -25.29 15.52
C ALA G 494 -93.81 -24.79 14.07
N GLU G 495 -94.35 -23.59 13.85
CA GLU G 495 -94.36 -22.90 12.54
C GLU G 495 -92.98 -22.31 12.25
N LEU G 496 -92.36 -22.68 11.11
CA LEU G 496 -91.07 -22.13 10.64
C LEU G 496 -91.33 -21.06 9.57
N SER G 497 -91.15 -19.79 9.91
CA SER G 497 -91.13 -18.64 8.97
C SER G 497 -89.92 -18.77 8.05
N TYR G 498 -90.15 -18.82 6.74
CA TYR G 498 -89.10 -18.87 5.69
C TYR G 498 -89.45 -17.92 4.54
N LEU G 499 -88.43 -17.29 3.96
CA LEU G 499 -88.54 -16.49 2.71
C LEU G 499 -88.55 -17.45 1.50
N GLU G 500 -89.64 -17.45 0.73
CA GLU G 500 -89.76 -18.17 -0.57
C GLU G 500 -89.20 -17.25 -1.65
N ILE G 501 -88.04 -17.60 -2.21
CA ILE G 501 -87.36 -16.85 -3.31
C ILE G 501 -87.71 -17.54 -4.63
N ALA G 502 -88.77 -17.07 -5.30
CA ALA G 502 -89.29 -17.61 -6.58
C ALA G 502 -88.50 -17.02 -7.75
N SER G 503 -88.03 -15.78 -7.61
CA SER G 503 -87.27 -15.02 -8.64
C SER G 503 -86.70 -13.75 -7.99
N PRO G 504 -85.81 -12.99 -8.65
CA PRO G 504 -85.29 -11.75 -8.06
C PRO G 504 -86.33 -10.65 -7.79
N SER G 505 -87.44 -10.63 -8.55
CA SER G 505 -88.51 -9.61 -8.45
C SER G 505 -89.70 -10.14 -7.63
N ARG G 506 -89.73 -11.44 -7.30
CA ARG G 506 -90.87 -12.09 -6.58
C ARG G 506 -90.33 -13.00 -5.48
N MET G 507 -90.29 -12.50 -4.24
CA MET G 507 -89.99 -13.28 -3.01
C MET G 507 -90.93 -12.84 -1.89
N GLU G 508 -91.51 -13.80 -1.17
CA GLU G 508 -92.48 -13.50 -0.08
C GLU G 508 -92.30 -14.49 1.08
N MET G 509 -92.69 -14.07 2.28
CA MET G 509 -92.65 -14.87 3.53
C MET G 509 -93.74 -15.95 3.48
N LYS G 510 -93.44 -17.12 4.04
CA LYS G 510 -94.36 -18.26 4.16
C LYS G 510 -94.05 -18.98 5.48
N SER G 511 -94.82 -20.01 5.78
CA SER G 511 -94.74 -20.78 7.04
C SER G 511 -94.93 -22.27 6.74
N SER G 512 -94.42 -23.15 7.60
CA SER G 512 -94.68 -24.61 7.57
C SER G 512 -94.51 -25.21 8.97
N SER G 513 -95.41 -26.11 9.35
CA SER G 513 -95.34 -26.91 10.61
C SER G 513 -94.93 -28.35 10.28
N ASP G 514 -94.48 -28.60 9.04
CA ASP G 514 -94.00 -29.94 8.61
C ASP G 514 -92.94 -29.77 7.50
N PHE G 515 -91.97 -28.87 7.71
CA PHE G 515 -90.95 -28.50 6.69
C PHE G 515 -90.20 -29.76 6.27
N GLY G 516 -90.24 -30.08 4.97
CA GLY G 516 -89.58 -31.25 4.36
C GLY G 516 -90.36 -32.53 4.53
N HIS G 517 -91.61 -32.42 5.01
CA HIS G 517 -92.49 -33.57 5.38
C HIS G 517 -91.80 -34.36 6.49
N ARG G 518 -91.34 -33.65 7.53
CA ARG G 518 -90.68 -34.21 8.75
C ARG G 518 -91.51 -35.36 9.33
N SER G 519 -92.81 -35.15 9.56
CA SER G 519 -93.67 -36.13 10.27
C SER G 519 -93.49 -37.51 9.63
N PHE G 520 -93.41 -37.58 8.29
CA PHE G 520 -93.27 -38.86 7.55
C PHE G 520 -91.90 -39.52 7.79
N TRP G 521 -90.83 -38.75 7.60
CA TRP G 521 -89.44 -39.27 7.70
C TRP G 521 -89.12 -39.63 9.15
N ASP G 522 -89.70 -38.92 10.12
CA ASP G 522 -89.54 -39.22 11.57
C ASP G 522 -90.36 -40.47 11.96
N SER G 523 -91.22 -41.00 11.08
CA SER G 523 -92.17 -42.09 11.44
C SER G 523 -91.68 -43.47 10.99
N LEU G 524 -90.42 -43.62 10.55
CA LEU G 524 -89.90 -44.88 9.95
C LEU G 524 -89.00 -45.63 10.94
N GLY G 525 -88.68 -45.04 12.09
CA GLY G 525 -87.87 -45.66 13.15
C GLY G 525 -86.38 -45.68 12.81
N PHE G 526 -85.86 -44.63 12.18
CA PHE G 526 -84.40 -44.44 11.97
C PHE G 526 -83.77 -44.11 13.31
N VAL G 527 -82.74 -44.85 13.72
CA VAL G 527 -81.99 -44.56 14.98
C VAL G 527 -81.12 -43.32 14.72
N GLU G 528 -81.77 -42.16 14.61
CA GLU G 528 -81.15 -40.83 14.33
C GLU G 528 -81.89 -39.77 15.15
N ASN G 529 -81.23 -38.65 15.43
CA ASN G 529 -81.83 -37.40 15.99
C ASN G 529 -82.72 -37.75 17.20
N GLU G 530 -84.02 -37.45 17.13
CA GLU G 530 -84.96 -37.63 18.28
C GLU G 530 -84.95 -39.09 18.73
N ASN G 531 -84.78 -40.03 17.80
CA ASN G 531 -84.82 -41.50 18.04
C ASN G 531 -83.43 -42.07 18.35
N TYR G 532 -82.41 -41.23 18.58
CA TYR G 532 -80.99 -41.67 18.69
C TYR G 532 -80.78 -42.50 19.97
N ARG G 533 -80.06 -43.61 19.85
CA ARG G 533 -79.55 -44.46 20.97
C ARG G 533 -78.10 -44.85 20.66
N HIS G 534 -77.30 -45.17 21.69
CA HIS G 534 -75.89 -45.63 21.58
C HIS G 534 -75.83 -47.09 21.12
N SER H 1 -58.14 -68.02 -10.09
CA SER H 1 -57.53 -67.65 -8.76
C SER H 1 -56.21 -66.90 -8.99
N LYS H 2 -56.17 -65.60 -8.65
CA LYS H 2 -55.11 -64.63 -9.03
C LYS H 2 -53.73 -65.08 -8.55
N PRO H 3 -52.65 -64.79 -9.31
CA PRO H 3 -51.30 -65.27 -8.99
C PRO H 3 -50.70 -64.60 -7.75
N VAL H 4 -50.01 -65.38 -6.91
CA VAL H 4 -49.47 -64.92 -5.60
C VAL H 4 -47.98 -65.28 -5.54
N VAL H 5 -47.14 -64.30 -5.23
CA VAL H 5 -45.67 -64.45 -5.06
C VAL H 5 -45.29 -63.77 -3.75
N ARG H 6 -44.29 -64.32 -3.05
CA ARG H 6 -43.60 -63.65 -1.92
C ARG H 6 -42.27 -63.11 -2.43
N VAL H 7 -42.04 -61.80 -2.29
CA VAL H 7 -40.72 -61.13 -2.47
C VAL H 7 -40.19 -60.78 -1.06
N THR H 8 -38.99 -60.20 -0.98
CA THR H 8 -38.28 -59.84 0.28
C THR H 8 -39.21 -59.05 1.20
N GLN H 9 -39.99 -58.11 0.66
CA GLN H 9 -40.78 -57.13 1.46
C GLN H 9 -42.19 -57.66 1.77
N GLY H 10 -42.61 -58.79 1.18
CA GLY H 10 -43.85 -59.48 1.60
C GLY H 10 -44.60 -60.10 0.43
N VAL H 11 -45.90 -60.34 0.62
CA VAL H 11 -46.77 -61.10 -0.33
C VAL H 11 -47.35 -60.12 -1.37
N LEU H 12 -47.27 -60.50 -2.66
CA LEU H 12 -47.92 -59.77 -3.78
C LEU H 12 -49.03 -60.65 -4.35
N GLN H 13 -50.14 -60.03 -4.74
CA GLN H 13 -51.23 -60.65 -5.55
C GLN H 13 -51.33 -59.88 -6.87
N GLY H 14 -51.05 -60.54 -7.99
CA GLY H 14 -51.03 -59.93 -9.33
C GLY H 14 -52.29 -60.28 -10.09
N SER H 15 -52.25 -60.18 -11.41
CA SER H 15 -53.37 -60.56 -12.33
C SER H 15 -52.87 -61.58 -13.35
N TRP H 16 -53.78 -62.36 -13.91
CA TRP H 16 -53.54 -63.18 -15.14
C TRP H 16 -53.87 -62.35 -16.38
N LYS H 17 -53.00 -62.37 -17.37
CA LYS H 17 -53.20 -61.67 -18.66
C LYS H 17 -52.85 -62.63 -19.79
N VAL H 18 -53.14 -62.21 -21.03
CA VAL H 18 -53.01 -63.02 -22.26
C VAL H 18 -52.00 -62.33 -23.18
N SER H 19 -50.98 -63.06 -23.64
CA SER H 19 -49.98 -62.59 -24.64
C SER H 19 -50.71 -62.32 -25.95
N THR H 20 -50.04 -61.64 -26.88
CA THR H 20 -50.54 -61.31 -28.24
C THR H 20 -51.06 -62.59 -28.93
N HIS H 21 -50.33 -63.72 -28.84
CA HIS H 21 -50.69 -65.00 -29.51
C HIS H 21 -51.50 -65.91 -28.59
N GLY H 22 -51.98 -65.43 -27.43
CA GLY H 22 -53.07 -66.07 -26.67
C GLY H 22 -52.60 -66.92 -25.49
N ARG H 23 -51.31 -66.82 -25.12
CA ARG H 23 -50.71 -67.53 -23.97
C ARG H 23 -50.98 -66.75 -22.68
N THR H 24 -51.17 -67.46 -21.55
CA THR H 24 -51.40 -66.87 -20.21
C THR H 24 -50.06 -66.55 -19.54
N TYR H 25 -49.91 -65.34 -19.00
CA TYR H 25 -48.76 -64.95 -18.15
C TYR H 25 -49.26 -64.28 -16.88
N ALA H 26 -48.45 -64.35 -15.82
CA ALA H 26 -48.69 -63.71 -14.51
C ALA H 26 -48.09 -62.30 -14.56
N SER H 27 -48.87 -61.29 -14.17
CA SER H 27 -48.52 -59.85 -14.22
C SER H 27 -48.64 -59.26 -12.82
N PHE H 28 -47.55 -58.72 -12.28
CA PHE H 28 -47.46 -58.07 -10.94
C PHE H 28 -47.08 -56.61 -11.15
N GLU H 29 -48.05 -55.70 -11.07
CA GLU H 29 -47.85 -54.26 -11.38
C GLU H 29 -47.96 -53.45 -10.08
N GLY H 30 -47.25 -52.32 -10.01
CA GLY H 30 -47.28 -51.41 -8.85
C GLY H 30 -46.60 -52.02 -7.63
N VAL H 31 -45.55 -52.81 -7.85
CA VAL H 31 -44.70 -53.39 -6.79
C VAL H 31 -43.74 -52.31 -6.32
N PRO H 32 -43.73 -51.96 -5.01
CA PRO H 32 -42.79 -50.98 -4.48
C PRO H 32 -41.39 -51.60 -4.29
N TYR H 33 -40.35 -50.90 -4.75
CA TYR H 33 -38.93 -51.38 -4.69
C TYR H 33 -38.08 -50.45 -3.85
N ALA H 34 -38.65 -49.33 -3.39
CA ALA H 34 -37.98 -48.36 -2.50
C ALA H 34 -39.01 -47.63 -1.64
N ARG H 35 -38.55 -47.13 -0.51
CA ARG H 35 -39.32 -46.19 0.35
C ARG H 35 -39.75 -44.99 -0.48
N PRO H 36 -41.01 -44.52 -0.37
CA PRO H 36 -41.48 -43.34 -1.10
C PRO H 36 -40.55 -42.15 -0.89
N PRO H 37 -39.97 -41.58 -1.96
CA PRO H 37 -39.00 -40.50 -1.83
C PRO H 37 -39.69 -39.15 -1.57
N VAL H 38 -40.15 -38.96 -0.33
CA VAL H 38 -41.12 -37.90 0.09
C VAL H 38 -40.53 -37.13 1.28
N GLY H 39 -40.94 -35.88 1.45
CA GLY H 39 -40.48 -35.01 2.56
C GLY H 39 -38.97 -34.87 2.53
N LYS H 40 -38.29 -35.38 3.56
CA LYS H 40 -36.82 -35.20 3.76
C LYS H 40 -36.04 -36.13 2.82
N TYR H 41 -36.73 -37.12 2.22
CA TYR H 41 -36.12 -38.09 1.27
C TYR H 41 -36.33 -37.64 -0.17
N ARG H 42 -36.93 -36.46 -0.39
CA ARG H 42 -36.90 -35.79 -1.71
C ARG H 42 -35.45 -35.33 -1.96
N PHE H 43 -34.94 -35.58 -3.16
CA PHE H 43 -33.59 -35.16 -3.66
C PHE H 43 -32.49 -36.11 -3.18
N ARG H 44 -32.85 -37.12 -2.38
CA ARG H 44 -31.88 -38.03 -1.72
C ARG H 44 -31.91 -39.40 -2.39
N GLU H 45 -30.82 -40.16 -2.25
CA GLU H 45 -30.71 -41.55 -2.77
C GLU H 45 -31.89 -42.36 -2.23
N PRO H 46 -32.38 -43.36 -2.99
CA PRO H 46 -33.50 -44.19 -2.55
C PRO H 46 -33.19 -44.93 -1.24
N GLN H 47 -34.19 -45.11 -0.40
CA GLN H 47 -34.06 -45.76 0.94
C GLN H 47 -34.66 -47.16 0.87
N HIS H 48 -34.16 -48.08 1.69
CA HIS H 48 -34.69 -49.47 1.79
C HIS H 48 -36.18 -49.40 2.14
N LEU H 49 -36.99 -50.17 1.40
CA LEU H 49 -38.43 -50.31 1.63
C LEU H 49 -38.62 -51.26 2.82
N LYS H 50 -39.31 -50.78 3.85
CA LYS H 50 -39.76 -51.58 5.02
C LYS H 50 -40.77 -52.62 4.52
N PRO H 51 -40.72 -53.88 4.99
CA PRO H 51 -41.73 -54.88 4.62
C PRO H 51 -43.14 -54.38 4.93
N TRP H 52 -44.08 -54.57 4.01
CA TRP H 52 -45.51 -54.22 4.21
C TRP H 52 -46.23 -55.37 4.91
N ALA H 53 -47.27 -55.08 5.68
CA ALA H 53 -48.16 -56.07 6.31
C ALA H 53 -49.16 -56.59 5.27
N GLY H 54 -49.56 -57.87 5.38
CA GLY H 54 -50.67 -58.48 4.62
C GLY H 54 -50.35 -58.61 3.14
N VAL H 55 -51.38 -58.52 2.29
CA VAL H 55 -51.26 -58.79 0.83
C VAL H 55 -51.31 -57.47 0.05
N TRP H 56 -50.19 -57.09 -0.55
CA TRP H 56 -50.07 -55.93 -1.48
C TRP H 56 -50.73 -56.28 -2.81
N ASP H 57 -51.69 -55.46 -3.27
CA ASP H 57 -52.41 -55.66 -4.55
C ASP H 57 -51.53 -55.17 -5.71
N ALA H 58 -51.26 -56.07 -6.66
CA ALA H 58 -50.37 -55.83 -7.81
C ALA H 58 -51.11 -56.13 -9.11
N SER H 59 -52.42 -55.88 -9.13
CA SER H 59 -53.35 -56.19 -10.25
C SER H 59 -53.41 -55.01 -11.24
N LYS H 60 -52.80 -53.89 -10.88
CA LYS H 60 -52.93 -52.59 -11.60
C LYS H 60 -51.62 -51.81 -11.50
N THR H 61 -51.31 -50.98 -12.50
CA THR H 61 -50.17 -50.04 -12.45
C THR H 61 -50.53 -48.93 -11.45
N LEU H 62 -49.55 -48.46 -10.67
CA LEU H 62 -49.72 -47.33 -9.71
C LEU H 62 -49.13 -46.08 -10.35
N PRO H 63 -49.17 -44.92 -9.66
CA PRO H 63 -48.84 -43.64 -10.30
C PRO H 63 -47.42 -43.53 -10.87
N GLN H 64 -47.27 -42.78 -11.96
CA GLN H 64 -45.94 -42.39 -12.52
C GLN H 64 -45.30 -41.36 -11.58
N CYS H 65 -43.99 -41.19 -11.72
CA CYS H 65 -43.20 -40.18 -10.98
C CYS H 65 -43.65 -38.79 -11.40
N LEU H 66 -43.81 -37.90 -10.43
CA LEU H 66 -44.26 -36.51 -10.65
C LEU H 66 -43.33 -35.90 -11.70
N GLN H 67 -43.94 -35.38 -12.77
CA GLN H 67 -43.22 -35.00 -14.01
C GLN H 67 -43.98 -33.86 -14.68
N TRP H 68 -43.25 -33.00 -15.38
CA TRP H 68 -43.83 -32.17 -16.46
C TRP H 68 -44.01 -33.06 -17.69
N ASP H 69 -45.25 -33.40 -18.03
CA ASP H 69 -45.62 -34.06 -19.31
C ASP H 69 -45.81 -32.96 -20.35
N PRO H 70 -44.87 -32.79 -21.33
CA PRO H 70 -44.98 -31.73 -22.33
C PRO H 70 -46.09 -31.95 -23.37
N PHE H 71 -46.55 -33.19 -23.53
CA PHE H 71 -47.59 -33.58 -24.51
C PHE H 71 -48.97 -33.28 -23.92
N GLN H 72 -49.13 -33.44 -22.60
CA GLN H 72 -50.39 -33.13 -21.88
C GLN H 72 -50.35 -31.70 -21.33
N GLN H 73 -49.16 -31.08 -21.28
CA GLN H 73 -48.94 -29.66 -20.88
C GLN H 73 -49.37 -29.46 -19.43
N GLU H 74 -49.06 -30.43 -18.56
CA GLU H 74 -49.48 -30.43 -17.13
C GLU H 74 -48.44 -31.18 -16.29
N VAL H 75 -48.40 -30.89 -14.99
CA VAL H 75 -47.76 -31.75 -13.96
C VAL H 75 -48.73 -32.90 -13.66
N SER H 76 -48.22 -34.14 -13.68
CA SER H 76 -48.99 -35.38 -13.40
C SER H 76 -48.08 -36.38 -12.70
N GLY H 77 -48.66 -37.40 -12.09
CA GLY H 77 -47.95 -38.39 -11.26
C GLY H 77 -48.05 -38.08 -9.78
N SER H 78 -47.20 -38.73 -8.98
CA SER H 78 -47.08 -38.58 -7.51
C SER H 78 -45.60 -38.63 -7.17
N GLU H 79 -45.20 -38.11 -6.01
CA GLU H 79 -43.81 -38.32 -5.48
C GLU H 79 -43.66 -39.79 -5.11
N ASN H 80 -44.77 -40.47 -4.79
CA ASN H 80 -44.78 -41.90 -4.43
C ASN H 80 -44.98 -42.69 -5.73
N CYS H 81 -43.89 -43.00 -6.41
CA CYS H 81 -43.88 -43.53 -7.80
C CYS H 81 -42.85 -44.65 -8.01
N LEU H 82 -42.03 -44.99 -7.02
CA LEU H 82 -40.92 -45.96 -7.22
C LEU H 82 -41.51 -47.38 -7.22
N TYR H 83 -42.13 -47.71 -8.34
CA TYR H 83 -42.84 -49.00 -8.59
C TYR H 83 -42.15 -49.75 -9.72
N ILE H 84 -42.12 -51.08 -9.62
CA ILE H 84 -41.58 -52.02 -10.63
C ILE H 84 -42.73 -52.94 -11.06
N ASN H 85 -42.72 -53.41 -12.31
CA ASN H 85 -43.77 -54.29 -12.88
C ASN H 85 -43.08 -55.53 -13.43
N VAL H 86 -43.42 -56.70 -12.90
CA VAL H 86 -42.81 -57.99 -13.28
C VAL H 86 -43.90 -58.82 -13.95
N HIS H 87 -43.57 -59.40 -15.11
CA HIS H 87 -44.47 -60.19 -15.98
C HIS H 87 -43.75 -61.50 -16.33
N THR H 88 -44.32 -62.64 -15.96
CA THR H 88 -43.73 -63.99 -16.22
C THR H 88 -44.77 -64.91 -16.83
N PRO H 89 -44.39 -65.67 -17.88
CA PRO H 89 -45.21 -66.75 -18.42
C PRO H 89 -44.97 -68.10 -17.72
N LYS H 90 -44.00 -68.15 -16.80
CA LYS H 90 -43.69 -69.34 -15.97
C LYS H 90 -43.44 -68.90 -14.53
N LEU H 91 -44.52 -68.83 -13.75
CA LEU H 91 -44.45 -68.49 -12.32
C LEU H 91 -43.96 -69.73 -11.58
N SER H 92 -42.66 -69.82 -11.34
CA SER H 92 -41.99 -71.01 -10.75
C SER H 92 -40.53 -70.64 -10.45
N ALA H 93 -40.12 -70.76 -9.18
CA ALA H 93 -38.78 -70.41 -8.70
C ALA H 93 -37.69 -71.07 -9.56
N GLY H 94 -37.99 -72.21 -10.21
CA GLY H 94 -37.02 -73.05 -10.94
C GLY H 94 -36.99 -72.84 -12.45
N ALA H 95 -37.80 -71.94 -13.02
CA ALA H 95 -37.95 -71.74 -14.49
C ALA H 95 -36.65 -71.18 -15.09
N SER H 96 -35.98 -70.29 -14.37
CA SER H 96 -34.65 -69.72 -14.71
C SER H 96 -34.68 -69.08 -16.10
N LEU H 97 -35.66 -68.22 -16.38
CA LEU H 97 -35.82 -67.58 -17.72
C LEU H 97 -34.91 -66.36 -17.81
N PRO H 98 -34.41 -66.05 -19.02
CA PRO H 98 -33.76 -64.75 -19.26
C PRO H 98 -34.68 -63.59 -18.83
N VAL H 99 -34.10 -62.54 -18.24
CA VAL H 99 -34.86 -61.36 -17.72
C VAL H 99 -34.55 -60.16 -18.64
N VAL H 100 -35.60 -59.57 -19.21
CA VAL H 100 -35.52 -58.32 -20.02
C VAL H 100 -36.04 -57.16 -19.15
N VAL H 101 -35.12 -56.33 -18.66
CA VAL H 101 -35.43 -55.06 -17.95
C VAL H 101 -35.48 -53.95 -19.01
N PHE H 102 -36.50 -53.09 -18.94
CA PHE H 102 -36.64 -51.91 -19.83
C PHE H 102 -36.71 -50.63 -18.98
N ILE H 103 -35.79 -49.71 -19.27
CA ILE H 103 -35.72 -48.33 -18.72
C ILE H 103 -36.36 -47.39 -19.74
N HIS H 104 -37.48 -46.78 -19.40
CA HIS H 104 -38.28 -45.94 -20.35
C HIS H 104 -37.52 -44.68 -20.72
N GLY H 105 -37.91 -44.07 -21.84
CA GLY H 105 -37.46 -42.74 -22.29
C GLY H 105 -38.41 -41.64 -21.85
N GLY H 106 -38.10 -40.41 -22.24
CA GLY H 106 -38.76 -39.15 -21.84
C GLY H 106 -37.77 -38.08 -21.40
N ALA H 107 -36.51 -38.16 -21.86
CA ALA H 107 -35.46 -37.13 -21.73
C ALA H 107 -35.14 -36.84 -20.26
N PHE H 108 -35.33 -37.83 -19.39
CA PHE H 108 -35.14 -37.74 -17.92
C PHE H 108 -36.17 -36.80 -17.29
N MET H 109 -37.20 -36.38 -18.04
CA MET H 109 -38.21 -35.39 -17.60
C MET H 109 -39.56 -36.06 -17.36
N TYR H 110 -39.98 -36.94 -18.27
CA TYR H 110 -41.36 -37.51 -18.28
C TYR H 110 -41.29 -39.01 -18.62
N GLY H 111 -42.47 -39.66 -18.60
CA GLY H 111 -42.66 -41.09 -18.93
C GLY H 111 -42.86 -41.97 -17.70
N ALA H 112 -42.94 -43.29 -17.93
CA ALA H 112 -43.17 -44.32 -16.89
C ALA H 112 -42.96 -45.71 -17.51
N GLY H 113 -42.55 -46.67 -16.69
CA GLY H 113 -42.41 -48.10 -17.07
C GLY H 113 -43.74 -48.70 -17.44
N SER H 114 -44.82 -48.25 -16.79
CA SER H 114 -46.19 -48.80 -16.93
C SER H 114 -46.85 -48.37 -18.25
N LEU H 115 -46.19 -47.53 -19.06
CA LEU H 115 -46.69 -47.15 -20.41
C LEU H 115 -46.30 -48.22 -21.45
N TYR H 116 -45.42 -49.16 -21.07
CA TYR H 116 -44.80 -50.16 -21.98
C TYR H 116 -45.41 -51.53 -21.68
N ASP H 117 -46.37 -51.92 -22.50
CA ASP H 117 -47.15 -53.18 -22.39
C ASP H 117 -46.34 -54.32 -23.02
N VAL H 118 -46.23 -55.44 -22.31
CA VAL H 118 -45.25 -56.53 -22.61
C VAL H 118 -45.94 -57.72 -23.31
N SER H 119 -47.12 -57.51 -23.91
CA SER H 119 -47.96 -58.58 -24.54
C SER H 119 -47.18 -59.37 -25.62
N HIS H 120 -46.41 -58.68 -26.45
CA HIS H 120 -45.55 -59.31 -27.49
C HIS H 120 -44.48 -60.18 -26.78
N LEU H 121 -43.81 -59.65 -25.75
CA LEU H 121 -42.64 -60.31 -25.12
C LEU H 121 -43.06 -61.59 -24.37
N MET H 122 -44.31 -61.69 -23.92
CA MET H 122 -44.79 -62.81 -23.06
C MET H 122 -45.13 -64.04 -23.91
N ASP H 123 -44.91 -63.97 -25.21
CA ASP H 123 -44.95 -65.14 -26.15
C ASP H 123 -43.57 -65.79 -26.22
N ARG H 124 -42.54 -65.18 -25.62
CA ARG H 124 -41.19 -65.78 -25.43
C ARG H 124 -41.02 -66.20 -23.97
N ASP H 125 -40.10 -67.12 -23.70
CA ASP H 125 -39.78 -67.61 -22.34
C ASP H 125 -38.77 -66.63 -21.71
N VAL H 126 -39.27 -65.46 -21.36
CA VAL H 126 -38.52 -64.41 -20.61
C VAL H 126 -39.42 -63.82 -19.53
N VAL H 127 -38.80 -63.34 -18.45
CA VAL H 127 -39.42 -62.39 -17.49
C VAL H 127 -39.22 -60.98 -18.07
N ALA H 128 -40.28 -60.20 -18.21
CA ALA H 128 -40.23 -58.76 -18.60
C ALA H 128 -40.36 -57.90 -17.35
N VAL H 129 -39.54 -56.85 -17.25
CA VAL H 129 -39.50 -55.92 -16.10
C VAL H 129 -39.51 -54.47 -16.63
N THR H 130 -40.49 -53.68 -16.18
CA THR H 130 -40.56 -52.20 -16.35
C THR H 130 -40.64 -51.57 -14.96
N PHE H 131 -40.23 -50.31 -14.84
CA PHE H 131 -40.20 -49.62 -13.54
C PHE H 131 -40.15 -48.11 -13.78
N ASN H 132 -40.50 -47.35 -12.75
CA ASN H 132 -40.36 -45.88 -12.72
C ASN H 132 -39.09 -45.51 -11.94
N TYR H 133 -38.45 -44.42 -12.36
CA TYR H 133 -37.34 -43.74 -11.65
C TYR H 133 -37.70 -42.26 -11.56
N ARG H 134 -37.16 -41.55 -10.57
CA ARG H 134 -37.46 -40.12 -10.35
C ARG H 134 -36.95 -39.31 -11.54
N LEU H 135 -37.70 -38.28 -11.90
CA LEU H 135 -37.54 -37.50 -13.16
C LEU H 135 -37.31 -36.03 -12.81
N GLY H 136 -36.80 -35.29 -13.80
CA GLY H 136 -36.63 -33.82 -13.73
C GLY H 136 -35.89 -33.43 -12.46
N PRO H 137 -36.27 -32.30 -11.83
CA PRO H 137 -35.54 -31.81 -10.64
C PRO H 137 -35.64 -32.75 -9.43
N LEU H 138 -36.68 -33.58 -9.35
CA LEU H 138 -36.85 -34.56 -8.23
C LEU H 138 -35.82 -35.68 -8.37
N GLY H 139 -35.51 -36.05 -9.62
CA GLY H 139 -34.52 -37.10 -9.94
C GLY H 139 -33.10 -36.56 -9.99
N PHE H 140 -32.88 -35.32 -10.42
CA PHE H 140 -31.56 -34.89 -10.95
C PHE H 140 -31.14 -33.48 -10.49
N LEU H 141 -31.78 -32.91 -9.47
CA LEU H 141 -31.23 -31.69 -8.82
C LEU H 141 -29.81 -32.02 -8.35
N SER H 142 -28.86 -31.13 -8.67
CA SER H 142 -27.47 -31.13 -8.13
C SER H 142 -27.00 -29.69 -7.88
N THR H 143 -26.33 -29.50 -6.75
CA THR H 143 -25.70 -28.23 -6.33
C THR H 143 -24.18 -28.36 -6.55
N GLY H 144 -23.74 -29.53 -7.00
CA GLY H 144 -22.31 -29.87 -7.15
C GLY H 144 -21.63 -30.01 -5.80
N ASP H 145 -22.37 -30.31 -4.72
CA ASP H 145 -21.79 -30.53 -3.37
C ASP H 145 -22.68 -31.49 -2.58
N GLU H 146 -22.35 -31.72 -1.30
CA GLU H 146 -22.99 -32.71 -0.40
C GLU H 146 -24.50 -32.44 -0.23
N SER H 147 -24.97 -31.19 -0.36
CA SER H 147 -26.38 -30.76 -0.18
C SER H 147 -27.30 -31.49 -1.17
N ALA H 148 -26.84 -31.69 -2.41
CA ALA H 148 -27.52 -32.46 -3.46
C ALA H 148 -26.47 -32.88 -4.50
N PRO H 149 -25.82 -34.05 -4.31
CA PRO H 149 -24.72 -34.49 -5.20
C PRO H 149 -25.17 -34.74 -6.64
N GLY H 150 -26.36 -35.31 -6.84
CA GLY H 150 -26.97 -35.57 -8.16
C GLY H 150 -27.23 -37.04 -8.44
N ASN H 151 -27.90 -37.34 -9.56
CA ASN H 151 -28.11 -38.70 -10.12
C ASN H 151 -29.04 -39.55 -9.24
N ALA H 152 -29.90 -38.95 -8.41
CA ALA H 152 -30.90 -39.70 -7.59
C ALA H 152 -31.71 -40.65 -8.49
N GLY H 153 -32.09 -40.19 -9.70
CA GLY H 153 -32.90 -40.96 -10.65
C GLY H 153 -32.19 -42.22 -11.13
N LEU H 154 -30.90 -42.12 -11.46
CA LEU H 154 -30.04 -43.27 -11.85
C LEU H 154 -29.85 -44.19 -10.64
N LYS H 155 -29.79 -43.61 -9.44
CA LYS H 155 -29.67 -44.37 -8.17
C LYS H 155 -30.94 -45.21 -7.98
N ASP H 156 -32.11 -44.64 -8.33
CA ASP H 156 -33.40 -45.39 -8.33
C ASP H 156 -33.29 -46.59 -9.27
N GLN H 157 -32.75 -46.38 -10.49
CA GLN H 157 -32.58 -47.45 -11.53
C GLN H 157 -31.67 -48.54 -10.97
N ALA H 158 -30.51 -48.15 -10.41
CA ALA H 158 -29.52 -49.09 -9.81
C ALA H 158 -30.19 -49.88 -8.69
N PHE H 159 -31.06 -49.23 -7.91
CA PHE H 159 -31.78 -49.82 -6.74
C PHE H 159 -32.83 -50.83 -7.23
N ALA H 160 -33.46 -50.53 -8.36
CA ALA H 160 -34.45 -51.42 -9.03
C ALA H 160 -33.73 -52.67 -9.55
N LEU H 161 -32.55 -52.52 -10.15
CA LEU H 161 -31.70 -53.63 -10.66
C LEU H 161 -31.24 -54.51 -9.48
N GLN H 162 -30.84 -53.89 -8.38
CA GLN H 162 -30.51 -54.62 -7.12
C GLN H 162 -31.75 -55.41 -6.66
N TRP H 163 -32.94 -54.83 -6.83
CA TRP H 163 -34.23 -55.47 -6.47
C TRP H 163 -34.45 -56.69 -7.37
N VAL H 164 -34.22 -56.55 -8.67
CA VAL H 164 -34.38 -57.65 -9.68
C VAL H 164 -33.44 -58.81 -9.31
N LYS H 165 -32.17 -58.51 -9.03
CA LYS H 165 -31.13 -59.49 -8.62
C LYS H 165 -31.63 -60.27 -7.40
N ASN H 166 -32.11 -59.57 -6.37
CA ASN H 166 -32.53 -60.20 -5.09
C ASN H 166 -33.87 -60.95 -5.21
N ASN H 167 -34.76 -60.61 -6.15
CA ASN H 167 -36.20 -61.01 -6.07
C ASN H 167 -36.72 -61.68 -7.35
N VAL H 168 -36.12 -61.44 -8.51
CA VAL H 168 -36.68 -61.89 -9.83
C VAL H 168 -36.79 -63.42 -9.89
N MET H 169 -36.01 -64.17 -9.10
CA MET H 169 -36.07 -65.66 -9.09
C MET H 169 -37.49 -66.13 -8.72
N MET H 170 -38.24 -65.36 -7.91
CA MET H 170 -39.60 -65.73 -7.42
C MET H 170 -40.60 -65.65 -8.59
N PHE H 171 -40.25 -64.94 -9.66
CA PHE H 171 -41.12 -64.77 -10.85
C PHE H 171 -40.63 -65.69 -11.98
N GLY H 172 -39.68 -66.58 -11.70
CA GLY H 172 -39.17 -67.58 -12.67
C GLY H 172 -38.02 -67.04 -13.50
N GLY H 173 -37.39 -65.98 -13.02
CA GLY H 173 -36.28 -65.29 -13.69
C GLY H 173 -34.92 -65.77 -13.20
N ASN H 174 -33.90 -65.65 -14.05
CA ASN H 174 -32.49 -65.97 -13.73
C ASN H 174 -31.73 -64.68 -13.46
N PRO H 175 -31.37 -64.40 -12.20
CA PRO H 175 -30.75 -63.12 -11.86
C PRO H 175 -29.39 -62.95 -12.52
N ASP H 176 -28.79 -64.04 -13.04
CA ASP H 176 -27.46 -64.01 -13.68
C ASP H 176 -27.60 -63.80 -15.20
N SER H 177 -28.82 -63.75 -15.72
CA SER H 177 -29.09 -63.47 -17.16
C SER H 177 -30.09 -62.32 -17.30
N VAL H 178 -29.71 -61.13 -16.81
CA VAL H 178 -30.49 -59.87 -16.95
C VAL H 178 -30.03 -59.18 -18.23
N THR H 179 -30.92 -59.07 -19.22
CA THR H 179 -30.72 -58.23 -20.43
C THR H 179 -31.26 -56.82 -20.11
N LEU H 180 -30.35 -55.88 -19.82
CA LEU H 180 -30.68 -54.47 -19.48
C LEU H 180 -30.88 -53.66 -20.76
N THR H 181 -32.11 -53.19 -21.02
CA THR H 181 -32.49 -52.43 -22.24
C THR H 181 -33.08 -51.07 -21.87
N GLY H 182 -33.18 -50.16 -22.85
CA GLY H 182 -33.73 -48.81 -22.64
C GLY H 182 -33.68 -47.98 -23.92
N CYS H 183 -34.55 -46.98 -24.02
CA CYS H 183 -34.76 -46.13 -25.22
C CYS H 183 -34.74 -44.64 -24.85
N SER H 184 -34.14 -43.79 -25.71
CA SER H 184 -33.94 -42.32 -25.50
C SER H 184 -33.10 -42.17 -24.22
N ALA H 185 -33.63 -41.49 -23.20
CA ALA H 185 -33.03 -41.36 -21.84
C ALA H 185 -32.77 -42.75 -21.24
N GLY H 186 -33.62 -43.72 -21.59
CA GLY H 186 -33.44 -45.14 -21.21
C GLY H 186 -32.18 -45.73 -21.79
N GLY H 187 -31.88 -45.43 -23.06
CA GLY H 187 -30.66 -45.88 -23.76
C GLY H 187 -29.41 -45.34 -23.08
N ALA H 188 -29.36 -44.02 -22.87
CA ALA H 188 -28.30 -43.31 -22.12
C ALA H 188 -28.16 -43.94 -20.73
N SER H 189 -29.31 -44.28 -20.11
CA SER H 189 -29.39 -44.84 -18.74
C SER H 189 -28.65 -46.18 -18.71
N VAL H 190 -28.92 -47.04 -19.69
CA VAL H 190 -28.21 -48.35 -19.88
C VAL H 190 -26.71 -48.07 -19.93
N HIS H 191 -26.26 -47.15 -20.79
CA HIS H 191 -24.83 -46.74 -20.88
C HIS H 191 -24.35 -46.27 -19.51
N TYR H 192 -25.17 -45.52 -18.76
CA TYR H 192 -24.83 -44.98 -17.42
C TYR H 192 -24.57 -46.14 -16.44
N HIS H 193 -25.33 -47.23 -16.55
CA HIS H 193 -25.17 -48.43 -15.69
C HIS H 193 -23.84 -49.14 -16.02
N TYR H 194 -23.37 -49.10 -17.27
CA TYR H 194 -22.06 -49.68 -17.68
C TYR H 194 -20.92 -48.92 -16.99
N LEU H 195 -21.14 -47.64 -16.62
CA LEU H 195 -20.09 -46.71 -16.11
C LEU H 195 -20.02 -46.74 -14.59
N SER H 196 -21.11 -47.13 -13.91
CA SER H 196 -21.32 -46.93 -12.46
C SER H 196 -20.92 -48.17 -11.65
N PRO H 197 -20.08 -48.01 -10.60
CA PRO H 197 -19.81 -49.12 -9.67
C PRO H 197 -21.10 -49.76 -9.11
N LEU H 198 -22.18 -48.99 -8.95
CA LEU H 198 -23.42 -49.42 -8.26
C LEU H 198 -24.15 -50.52 -9.04
N SER H 199 -23.95 -50.62 -10.36
CA SER H 199 -24.72 -51.54 -11.24
C SER H 199 -23.84 -52.68 -11.77
N LYS H 200 -22.56 -52.71 -11.38
CA LYS H 200 -21.59 -53.75 -11.79
C LYS H 200 -22.04 -55.12 -11.26
N GLY H 201 -22.09 -56.12 -12.14
CA GLY H 201 -22.51 -57.50 -11.82
C GLY H 201 -24.02 -57.64 -11.67
N ASN H 202 -24.82 -56.65 -12.09
CA ASN H 202 -26.30 -56.68 -11.97
C ASN H 202 -26.96 -56.71 -13.35
N PHE H 203 -26.20 -56.94 -14.41
CA PHE H 203 -26.72 -57.27 -15.77
C PHE H 203 -25.64 -58.01 -16.56
N ALA H 204 -26.06 -58.98 -17.38
CA ALA H 204 -25.18 -59.87 -18.16
C ALA H 204 -24.85 -59.25 -19.53
N ARG H 205 -25.63 -58.26 -19.98
CA ARG H 205 -25.57 -57.69 -21.35
C ARG H 205 -26.56 -56.52 -21.45
N GLY H 206 -26.33 -55.61 -22.42
CA GLY H 206 -27.13 -54.38 -22.59
C GLY H 206 -27.61 -54.16 -24.01
N ILE H 207 -28.70 -53.42 -24.16
CA ILE H 207 -29.23 -52.87 -25.44
C ILE H 207 -29.59 -51.39 -25.23
N ALA H 208 -28.80 -50.48 -25.79
CA ALA H 208 -29.01 -49.01 -25.71
C ALA H 208 -29.65 -48.55 -27.02
N PHE H 209 -30.98 -48.58 -27.09
CA PHE H 209 -31.74 -48.10 -28.27
C PHE H 209 -31.70 -46.57 -28.31
N SER H 210 -31.07 -45.98 -29.34
CA SER H 210 -31.20 -44.55 -29.72
C SER H 210 -30.83 -43.64 -28.55
N GLY H 211 -29.71 -43.88 -27.87
CA GLY H 211 -29.33 -43.12 -26.67
C GLY H 211 -28.00 -43.61 -26.10
N ALA H 212 -27.18 -42.66 -25.67
CA ALA H 212 -25.84 -42.87 -25.09
C ALA H 212 -25.55 -41.75 -24.11
N ALA H 213 -24.83 -42.06 -23.02
CA ALA H 213 -24.47 -41.15 -21.92
C ALA H 213 -23.47 -40.07 -22.38
N PHE H 214 -22.95 -40.16 -23.61
CA PHE H 214 -22.03 -39.16 -24.22
C PHE H 214 -22.80 -38.01 -24.86
N ALA H 215 -24.12 -38.15 -25.03
CA ALA H 215 -24.99 -37.12 -25.62
C ALA H 215 -25.14 -35.93 -24.65
N SER H 216 -25.10 -34.69 -25.18
CA SER H 216 -25.12 -33.42 -24.40
C SER H 216 -26.38 -33.33 -23.54
N TRP H 217 -27.54 -33.73 -24.08
CA TRP H 217 -28.88 -33.64 -23.43
C TRP H 217 -29.03 -34.61 -22.24
N THR H 218 -28.10 -35.54 -22.04
CA THR H 218 -28.13 -36.54 -20.94
C THR H 218 -27.22 -36.10 -19.78
N HIS H 219 -26.60 -34.93 -19.88
CA HIS H 219 -25.51 -34.52 -18.95
C HIS H 219 -25.55 -33.01 -18.69
N ALA H 220 -25.59 -32.65 -17.41
CA ALA H 220 -25.57 -31.25 -16.91
C ALA H 220 -24.14 -30.90 -16.52
N VAL H 221 -23.51 -29.95 -17.21
CA VAL H 221 -22.12 -29.49 -16.89
C VAL H 221 -22.17 -28.32 -15.89
N LYS H 222 -23.32 -27.66 -15.76
CA LYS H 222 -23.52 -26.50 -14.82
C LYS H 222 -24.76 -26.73 -13.95
N PRO H 223 -24.78 -27.81 -13.15
CA PRO H 223 -25.95 -28.14 -12.34
C PRO H 223 -26.34 -27.06 -11.31
N LEU H 224 -25.36 -26.37 -10.72
CA LEU H 224 -25.61 -25.36 -9.65
C LEU H 224 -26.35 -24.17 -10.27
N GLN H 225 -25.96 -23.76 -11.49
CA GLN H 225 -26.68 -22.71 -12.26
C GLN H 225 -28.16 -23.08 -12.35
N ASN H 226 -28.46 -24.34 -12.68
CA ASN H 226 -29.84 -24.84 -12.93
C ASN H 226 -30.64 -24.82 -11.62
N ALA H 227 -30.02 -25.29 -10.53
CA ALA H 227 -30.60 -25.38 -9.17
C ALA H 227 -30.91 -23.98 -8.64
N ARG H 228 -30.02 -23.02 -8.88
CA ARG H 228 -30.20 -21.61 -8.45
C ARG H 228 -31.37 -21.00 -9.22
N SER H 229 -31.41 -21.25 -10.52
CA SER H 229 -32.44 -20.73 -11.45
C SER H 229 -33.83 -21.25 -11.05
N LEU H 230 -33.95 -22.55 -10.78
CA LEU H 230 -35.21 -23.20 -10.31
C LEU H 230 -35.62 -22.62 -8.95
N ALA H 231 -34.68 -22.48 -8.02
CA ALA H 231 -34.94 -21.96 -6.66
C ALA H 231 -35.45 -20.52 -6.75
N ALA H 232 -34.90 -19.70 -7.64
CA ALA H 232 -35.29 -18.29 -7.83
C ALA H 232 -36.70 -18.19 -8.44
N ILE H 233 -37.02 -19.01 -9.44
CA ILE H 233 -38.39 -19.05 -10.04
C ILE H 233 -39.44 -19.32 -8.94
N VAL H 234 -39.13 -20.22 -8.02
CA VAL H 234 -40.01 -20.68 -6.91
C VAL H 234 -39.95 -19.70 -5.73
N GLY H 235 -39.09 -18.68 -5.81
CA GLY H 235 -38.99 -17.60 -4.81
C GLY H 235 -38.15 -18.03 -3.61
N CYS H 236 -37.42 -19.15 -3.71
CA CYS H 236 -36.48 -19.64 -2.68
C CYS H 236 -35.28 -18.70 -2.60
N PRO H 237 -34.77 -18.40 -1.37
CA PRO H 237 -33.56 -17.61 -1.22
C PRO H 237 -32.39 -18.51 -1.63
N THR H 238 -31.57 -18.00 -2.55
CA THR H 238 -30.19 -18.45 -2.78
C THR H 238 -29.30 -17.64 -1.82
N GLY H 239 -28.35 -18.32 -1.21
CA GLY H 239 -27.37 -17.78 -0.26
C GLY H 239 -26.31 -18.85 -0.04
N THR H 240 -26.72 -19.96 0.56
CA THR H 240 -25.97 -21.24 0.61
C THR H 240 -26.76 -22.30 -0.17
N ASN H 241 -26.07 -23.37 -0.56
CA ASN H 241 -26.65 -24.53 -1.28
C ASN H 241 -27.56 -25.31 -0.34
N ARG H 242 -27.19 -25.40 0.94
CA ARG H 242 -27.97 -26.06 2.01
C ARG H 242 -29.35 -25.36 2.11
N GLU H 243 -29.36 -24.02 2.22
CA GLU H 243 -30.59 -23.18 2.26
C GLU H 243 -31.41 -23.41 0.97
N LEU H 244 -30.74 -23.46 -0.19
CA LEU H 244 -31.38 -23.65 -1.51
C LEU H 244 -32.15 -24.97 -1.51
N VAL H 245 -31.46 -26.08 -1.23
CA VAL H 245 -32.05 -27.44 -1.24
C VAL H 245 -33.16 -27.49 -0.18
N ASP H 246 -32.89 -26.98 1.02
CA ASP H 246 -33.81 -27.00 2.17
C ASP H 246 -35.13 -26.33 1.78
N CYS H 247 -35.06 -25.20 1.10
CA CYS H 247 -36.25 -24.46 0.59
C CYS H 247 -37.01 -25.32 -0.44
N LEU H 248 -36.32 -25.94 -1.40
CA LEU H 248 -36.96 -26.79 -2.44
C LEU H 248 -37.67 -28.00 -1.80
N LYS H 249 -37.07 -28.60 -0.76
CA LYS H 249 -37.61 -29.77 -0.02
C LYS H 249 -39.00 -29.43 0.54
N TYR H 250 -39.21 -28.20 0.98
CA TYR H 250 -40.40 -27.77 1.76
C TYR H 250 -41.45 -27.09 0.87
N ARG H 251 -41.05 -26.64 -0.32
CA ARG H 251 -41.99 -26.18 -1.38
C ARG H 251 -42.78 -27.39 -1.90
N PRO H 252 -43.98 -27.20 -2.45
CA PRO H 252 -44.76 -28.32 -2.99
C PRO H 252 -44.06 -28.96 -4.20
N ALA H 253 -44.08 -30.29 -4.25
CA ALA H 253 -43.47 -31.09 -5.35
C ALA H 253 -43.99 -30.57 -6.71
N GLU H 254 -45.30 -30.29 -6.81
CA GLU H 254 -45.98 -29.87 -8.05
C GLU H 254 -45.41 -28.52 -8.53
N VAL H 255 -45.12 -27.60 -7.60
CA VAL H 255 -44.56 -26.25 -7.90
C VAL H 255 -43.12 -26.39 -8.41
N VAL H 256 -42.30 -27.20 -7.72
CA VAL H 256 -40.87 -27.45 -8.03
C VAL H 256 -40.77 -28.09 -9.42
N VAL H 257 -41.66 -29.02 -9.74
CA VAL H 257 -41.65 -29.76 -11.04
C VAL H 257 -42.18 -28.81 -12.13
N GLY H 258 -43.21 -28.04 -11.83
CA GLY H 258 -43.86 -27.16 -12.82
C GLY H 258 -42.96 -25.99 -13.18
N ALA H 259 -42.04 -25.63 -12.27
CA ALA H 259 -41.22 -24.40 -12.33
C ALA H 259 -40.12 -24.54 -13.39
N GLN H 260 -39.62 -25.76 -13.62
CA GLN H 260 -38.47 -26.04 -14.51
C GLN H 260 -38.69 -25.34 -15.86
N ILE H 261 -39.92 -25.31 -16.38
CA ILE H 261 -40.22 -24.81 -17.76
C ILE H 261 -40.02 -23.29 -17.85
N GLU H 262 -39.96 -22.59 -16.72
CA GLU H 262 -39.82 -21.10 -16.69
C GLU H 262 -38.34 -20.69 -16.77
N MET H 263 -37.41 -21.64 -16.78
CA MET H 263 -35.95 -21.36 -16.79
C MET H 263 -35.56 -20.66 -18.10
N LEU H 264 -34.60 -19.74 -18.02
CA LEU H 264 -34.09 -18.99 -19.20
C LEU H 264 -33.50 -19.99 -20.20
N GLU H 265 -33.96 -19.92 -21.46
CA GLU H 265 -33.54 -20.80 -22.59
C GLU H 265 -33.88 -22.26 -22.29
N PHE H 266 -34.98 -22.52 -21.59
CA PHE H 266 -35.50 -23.90 -21.37
C PHE H 266 -35.67 -24.53 -22.75
N PRO H 267 -35.35 -25.83 -22.91
CA PRO H 267 -35.47 -26.50 -24.20
C PRO H 267 -36.74 -26.13 -24.98
N TYR H 268 -36.59 -25.76 -26.25
CA TYR H 268 -37.65 -25.23 -27.16
C TYR H 268 -38.62 -26.36 -27.51
N GLN H 269 -39.92 -26.18 -27.18
CA GLN H 269 -41.01 -27.19 -27.29
C GLN H 269 -40.91 -28.21 -26.15
N GLN H 270 -40.04 -27.98 -25.17
CA GLN H 270 -39.97 -28.74 -23.89
C GLN H 270 -39.83 -30.24 -24.19
N MET H 271 -38.96 -30.61 -25.12
CA MET H 271 -38.71 -32.02 -25.47
C MET H 271 -37.48 -32.53 -24.71
N PHE H 272 -36.82 -31.65 -23.94
CA PHE H 272 -35.67 -31.99 -23.06
C PHE H 272 -35.78 -31.19 -21.75
N THR H 273 -34.86 -31.47 -20.82
CA THR H 273 -34.79 -30.81 -19.50
C THR H 273 -33.34 -30.63 -19.10
N PRO H 274 -32.97 -29.52 -18.43
CA PRO H 274 -31.65 -29.39 -17.83
C PRO H 274 -31.43 -30.19 -16.51
N PHE H 275 -32.47 -30.85 -15.98
CA PHE H 275 -32.38 -31.74 -14.78
C PHE H 275 -32.13 -33.17 -15.25
N THR H 276 -30.84 -33.46 -15.45
CA THR H 276 -30.29 -34.69 -16.08
C THR H 276 -29.11 -35.20 -15.25
N PRO H 277 -28.63 -36.44 -15.53
CA PRO H 277 -27.45 -36.96 -14.84
C PRO H 277 -26.29 -35.96 -14.85
N THR H 278 -25.37 -36.09 -13.89
CA THR H 278 -24.24 -35.15 -13.74
C THR H 278 -23.05 -35.90 -13.15
N VAL H 279 -21.92 -35.21 -12.98
CA VAL H 279 -20.75 -35.72 -12.23
C VAL H 279 -20.97 -35.40 -10.75
N GLU H 280 -21.04 -36.41 -9.88
CA GLU H 280 -21.15 -36.21 -8.42
C GLU H 280 -19.80 -35.75 -7.89
N PRO H 281 -19.75 -34.99 -6.77
CA PRO H 281 -18.48 -34.59 -6.16
C PRO H 281 -17.61 -35.76 -5.69
N GLN H 282 -16.29 -35.55 -5.66
CA GLN H 282 -15.27 -36.48 -5.11
C GLN H 282 -15.61 -36.85 -3.66
N GLY H 283 -15.63 -38.15 -3.35
CA GLY H 283 -15.88 -38.67 -1.99
C GLY H 283 -17.34 -38.57 -1.59
N THR H 284 -18.26 -38.45 -2.55
CA THR H 284 -19.71 -38.70 -2.34
C THR H 284 -19.89 -40.19 -2.05
N ARG H 285 -20.46 -40.52 -0.89
CA ARG H 285 -20.65 -41.91 -0.40
C ARG H 285 -21.62 -42.66 -1.32
N ASP H 286 -21.21 -43.83 -1.83
CA ASP H 286 -22.03 -44.73 -2.70
C ASP H 286 -22.51 -43.97 -3.94
N ALA H 287 -21.65 -43.10 -4.50
CA ALA H 287 -21.92 -42.29 -5.70
C ALA H 287 -22.27 -43.21 -6.89
N PHE H 288 -23.14 -42.72 -7.78
CA PHE H 288 -23.45 -43.38 -9.07
C PHE H 288 -22.32 -43.12 -10.07
N LEU H 289 -21.85 -41.87 -10.15
CA LEU H 289 -20.84 -41.42 -11.14
C LEU H 289 -20.12 -40.16 -10.64
N THR H 290 -18.81 -40.26 -10.37
CA THR H 290 -17.94 -39.17 -9.86
C THR H 290 -16.93 -38.74 -10.94
N GLN H 291 -17.14 -39.12 -12.20
CA GLN H 291 -16.23 -38.77 -13.32
C GLN H 291 -17.05 -38.67 -14.63
N TYR H 292 -16.61 -37.81 -15.55
CA TYR H 292 -17.30 -37.47 -16.83
C TYR H 292 -17.38 -38.75 -17.66
N PRO H 293 -18.57 -39.13 -18.20
CA PRO H 293 -18.75 -40.45 -18.82
C PRO H 293 -17.70 -40.82 -19.87
N PHE H 294 -17.32 -39.87 -20.73
CA PHE H 294 -16.31 -40.07 -21.80
C PHE H 294 -14.98 -40.53 -21.20
N LEU H 295 -14.51 -39.87 -20.13
CA LEU H 295 -13.20 -40.15 -19.50
C LEU H 295 -13.20 -41.57 -18.91
N VAL H 296 -14.33 -42.02 -18.39
CA VAL H 296 -14.46 -43.40 -17.81
C VAL H 296 -14.40 -44.41 -18.95
N ALA H 297 -15.14 -44.16 -20.03
CA ALA H 297 -15.23 -45.06 -21.22
C ALA H 297 -13.87 -45.13 -21.91
N GLN H 298 -13.25 -43.97 -22.12
CA GLN H 298 -11.93 -43.81 -22.77
C GLN H 298 -10.89 -44.63 -22.01
N ALA H 299 -11.01 -44.73 -20.68
CA ALA H 299 -10.07 -45.45 -19.78
C ALA H 299 -10.44 -46.94 -19.65
N GLY H 300 -11.37 -47.43 -20.48
CA GLY H 300 -11.77 -48.85 -20.51
C GLY H 300 -12.58 -49.26 -19.28
N GLY H 301 -13.22 -48.29 -18.61
CA GLY H 301 -13.89 -48.50 -17.32
C GLY H 301 -15.29 -49.11 -17.44
N MET H 302 -15.85 -49.23 -18.65
CA MET H 302 -17.22 -49.77 -18.87
C MET H 302 -17.22 -51.27 -18.51
N HIS H 303 -18.29 -51.75 -17.86
CA HIS H 303 -18.42 -53.17 -17.43
C HIS H 303 -18.30 -54.07 -18.67
N LYS H 304 -17.54 -55.16 -18.55
CA LYS H 304 -17.14 -56.05 -19.68
C LYS H 304 -18.25 -57.07 -19.93
N VAL H 305 -19.33 -56.64 -20.58
CA VAL H 305 -20.49 -57.48 -20.97
C VAL H 305 -20.94 -57.07 -22.37
N PRO H 306 -21.57 -57.98 -23.15
CA PRO H 306 -22.03 -57.67 -24.51
C PRO H 306 -22.96 -56.44 -24.56
N LEU H 307 -23.00 -55.78 -25.73
CA LEU H 307 -23.82 -54.57 -25.98
C LEU H 307 -24.34 -54.58 -27.42
N ILE H 308 -25.65 -54.35 -27.61
CA ILE H 308 -26.25 -53.83 -28.88
C ILE H 308 -26.55 -52.34 -28.63
N THR H 309 -26.32 -51.50 -29.64
CA THR H 309 -26.74 -50.07 -29.66
C THR H 309 -27.20 -49.77 -31.10
N SER H 310 -27.99 -48.72 -31.30
CA SER H 310 -28.88 -48.60 -32.48
C SER H 310 -29.41 -47.18 -32.65
N VAL H 311 -29.64 -46.79 -33.90
CA VAL H 311 -30.35 -45.54 -34.28
C VAL H 311 -31.36 -45.89 -35.38
N THR H 312 -32.38 -45.05 -35.54
CA THR H 312 -33.32 -45.07 -36.69
C THR H 312 -32.79 -44.11 -37.75
N SER H 313 -33.37 -44.14 -38.96
CA SER H 313 -32.93 -43.32 -40.11
C SER H 313 -33.35 -41.86 -39.91
N GLU H 314 -34.49 -41.61 -39.26
CA GLU H 314 -35.02 -40.23 -39.01
C GLU H 314 -35.17 -40.03 -37.50
N GLU H 315 -34.09 -40.24 -36.75
CA GLU H 315 -33.97 -39.99 -35.30
C GLU H 315 -34.52 -38.59 -34.94
N GLY H 316 -34.20 -37.58 -35.73
CA GLY H 316 -34.45 -36.16 -35.42
C GLY H 316 -35.93 -35.79 -35.40
N LEU H 317 -36.84 -36.70 -35.77
CA LEU H 317 -38.30 -36.50 -35.59
C LEU H 317 -38.63 -36.36 -34.09
N TYR H 318 -37.76 -36.86 -33.21
CA TYR H 318 -37.60 -36.34 -31.84
C TYR H 318 -36.45 -35.34 -31.87
N PRO H 319 -36.69 -34.01 -31.78
CA PRO H 319 -38.00 -33.41 -31.51
C PRO H 319 -38.80 -32.86 -32.69
N ALA H 320 -38.25 -32.88 -33.91
CA ALA H 320 -38.69 -32.04 -35.05
C ALA H 320 -40.15 -32.34 -35.43
N ALA H 321 -40.70 -33.51 -35.09
CA ALA H 321 -42.11 -33.87 -35.34
C ALA H 321 -43.05 -32.81 -34.75
N VAL H 322 -42.74 -32.27 -33.57
CA VAL H 322 -43.61 -31.26 -32.90
C VAL H 322 -43.60 -29.97 -33.72
N TYR H 323 -42.55 -29.70 -34.51
CA TYR H 323 -42.46 -28.46 -35.33
C TYR H 323 -43.54 -28.45 -36.42
N GLN H 324 -44.15 -29.60 -36.71
CA GLN H 324 -45.17 -29.76 -37.78
C GLN H 324 -46.58 -29.61 -37.22
N LYS H 325 -46.73 -29.69 -35.88
CA LYS H 325 -48.03 -29.54 -35.15
C LYS H 325 -48.70 -28.23 -35.56
N SER H 326 -47.97 -27.10 -35.48
CA SER H 326 -48.46 -25.73 -35.82
C SER H 326 -47.82 -25.27 -37.13
N PRO H 327 -48.59 -24.65 -38.05
CA PRO H 327 -48.05 -24.29 -39.37
C PRO H 327 -47.04 -23.13 -39.33
N ASP H 328 -46.95 -22.39 -38.21
CA ASP H 328 -46.10 -21.19 -38.03
C ASP H 328 -44.66 -21.58 -37.63
N THR H 329 -44.47 -22.76 -37.02
CA THR H 329 -43.27 -23.07 -36.21
C THR H 329 -41.99 -23.06 -37.05
N LEU H 330 -41.98 -23.68 -38.25
CA LEU H 330 -40.78 -23.71 -39.13
C LEU H 330 -40.37 -22.28 -39.50
N ALA H 331 -41.32 -21.41 -39.86
CA ALA H 331 -41.09 -19.99 -40.18
C ALA H 331 -40.43 -19.29 -38.98
N TYR H 332 -40.87 -19.61 -37.75
CA TYR H 332 -40.34 -19.02 -36.49
C TYR H 332 -38.88 -19.46 -36.28
N LEU H 333 -38.59 -20.74 -36.48
CA LEU H 333 -37.22 -21.32 -36.40
C LEU H 333 -36.29 -20.60 -37.41
N GLU H 334 -36.77 -20.39 -38.64
CA GLU H 334 -36.04 -19.67 -39.71
C GLU H 334 -35.64 -18.28 -39.20
N ALA H 335 -36.61 -17.53 -38.64
CA ALA H 335 -36.47 -16.14 -38.17
C ALA H 335 -35.46 -16.06 -37.03
N ASN H 336 -35.49 -17.02 -36.09
CA ASN H 336 -34.78 -16.94 -34.79
C ASN H 336 -33.66 -17.99 -34.72
N TRP H 337 -33.17 -18.47 -35.88
CA TRP H 337 -32.21 -19.59 -35.99
C TRP H 337 -30.96 -19.33 -35.15
N ASP H 338 -30.44 -18.10 -35.22
CA ASP H 338 -29.17 -17.69 -34.56
C ASP H 338 -29.29 -17.87 -33.05
N GLN H 339 -30.48 -17.61 -32.49
CA GLN H 339 -30.79 -17.71 -31.04
C GLN H 339 -31.19 -19.14 -30.69
N LEU H 340 -31.82 -19.89 -31.61
CA LEU H 340 -32.51 -21.15 -31.28
C LEU H 340 -31.63 -22.38 -31.56
N ALA H 341 -30.58 -22.26 -32.39
CA ALA H 341 -29.72 -23.40 -32.77
C ALA H 341 -29.12 -24.03 -31.50
N SER H 342 -28.61 -23.22 -30.57
CA SER H 342 -27.95 -23.69 -29.31
C SER H 342 -28.98 -24.38 -28.39
N ASN H 343 -30.26 -24.11 -28.59
CA ASN H 343 -31.36 -24.72 -27.79
C ASN H 343 -31.73 -26.06 -28.43
N ILE H 344 -32.15 -26.01 -29.68
CA ILE H 344 -32.68 -27.14 -30.50
C ILE H 344 -31.62 -28.26 -30.56
N PHE H 345 -30.35 -27.92 -30.75
CA PHE H 345 -29.21 -28.87 -30.87
C PHE H 345 -28.55 -29.14 -29.51
N GLU H 346 -29.07 -28.55 -28.42
CA GLU H 346 -28.67 -28.85 -27.02
C GLU H 346 -27.15 -28.68 -26.80
N TYR H 347 -26.62 -27.49 -27.08
CA TYR H 347 -25.26 -27.06 -26.65
C TYR H 347 -25.39 -25.72 -25.92
N ASN H 348 -26.41 -25.62 -25.07
CA ASN H 348 -26.68 -24.38 -24.31
C ASN H 348 -25.49 -24.08 -23.38
N ASP H 349 -24.88 -25.12 -22.82
CA ASP H 349 -23.92 -25.00 -21.68
C ASP H 349 -22.50 -25.34 -22.13
N THR H 350 -22.32 -25.87 -23.36
CA THR H 350 -21.06 -26.51 -23.84
C THR H 350 -20.42 -25.69 -24.98
N LEU H 351 -20.91 -24.48 -25.24
CA LEU H 351 -20.32 -23.52 -26.22
C LEU H 351 -20.44 -22.13 -25.64
N PRO H 352 -19.37 -21.30 -25.66
CA PRO H 352 -19.50 -19.90 -25.25
C PRO H 352 -20.62 -19.20 -26.02
N VAL H 353 -21.36 -18.31 -25.34
CA VAL H 353 -22.46 -17.48 -25.93
C VAL H 353 -21.92 -16.74 -27.17
N ASN H 354 -20.70 -16.21 -27.09
CA ASN H 354 -19.90 -15.59 -28.19
C ASN H 354 -20.08 -16.28 -29.54
N GLN H 355 -20.10 -17.61 -29.51
CA GLN H 355 -19.82 -18.49 -30.68
C GLN H 355 -21.12 -18.97 -31.33
N ARG H 356 -22.27 -18.73 -30.69
CA ARG H 356 -23.57 -19.32 -31.11
C ARG H 356 -23.87 -18.97 -32.57
N ALA H 357 -23.69 -17.70 -32.97
CA ALA H 357 -23.99 -17.16 -34.31
C ALA H 357 -23.11 -17.86 -35.37
N GLY H 358 -21.82 -17.97 -35.07
CA GLY H 358 -20.83 -18.71 -35.88
C GLY H 358 -21.22 -20.16 -36.06
N VAL H 359 -21.55 -20.85 -34.97
CA VAL H 359 -21.89 -22.31 -34.97
C VAL H 359 -23.26 -22.53 -35.63
N ALA H 360 -24.23 -21.64 -35.41
CA ALA H 360 -25.56 -21.68 -36.06
C ALA H 360 -25.38 -21.62 -37.58
N ALA H 361 -24.55 -20.70 -38.07
CA ALA H 361 -24.20 -20.56 -39.51
C ALA H 361 -23.58 -21.86 -40.02
N LYS H 362 -22.55 -22.39 -39.36
CA LYS H 362 -21.86 -23.63 -39.82
C LYS H 362 -22.87 -24.78 -39.99
N ILE H 363 -23.80 -24.94 -39.06
CA ILE H 363 -24.83 -26.04 -39.09
C ILE H 363 -25.78 -25.81 -40.27
N LYS H 364 -26.31 -24.60 -40.44
CA LYS H 364 -27.27 -24.28 -41.52
C LYS H 364 -26.60 -24.56 -42.87
N GLN H 365 -25.35 -24.09 -43.01
CA GLN H 365 -24.46 -24.30 -44.18
C GLN H 365 -24.38 -25.80 -44.51
N ARG H 366 -24.00 -26.62 -43.53
CA ARG H 366 -23.61 -28.03 -43.73
C ARG H 366 -24.81 -28.88 -44.13
N TYR H 367 -25.98 -28.67 -43.51
CA TYR H 367 -27.18 -29.54 -43.65
C TYR H 367 -28.20 -28.94 -44.61
N LEU H 368 -28.41 -27.62 -44.60
CA LEU H 368 -29.49 -26.96 -45.40
C LEU H 368 -28.92 -26.22 -46.62
N GLY H 369 -27.59 -26.09 -46.74
CA GLY H 369 -26.93 -25.31 -47.82
C GLY H 369 -27.25 -23.83 -47.71
N ASN H 370 -27.41 -23.35 -46.47
CA ASN H 370 -27.75 -21.94 -46.14
C ASN H 370 -29.15 -21.57 -46.70
N LYS H 371 -29.91 -22.52 -47.25
CA LYS H 371 -31.35 -22.35 -47.59
C LYS H 371 -32.12 -22.06 -46.31
N PRO H 372 -33.32 -21.44 -46.38
CA PRO H 372 -34.12 -21.17 -45.18
C PRO H 372 -34.78 -22.45 -44.67
N VAL H 373 -34.97 -22.53 -43.35
CA VAL H 373 -35.80 -23.59 -42.68
C VAL H 373 -37.22 -23.46 -43.24
N SER H 374 -37.74 -24.52 -43.86
CA SER H 374 -39.08 -24.56 -44.52
C SER H 374 -39.52 -26.02 -44.64
N GLN H 375 -40.72 -26.26 -45.17
CA GLN H 375 -41.23 -27.64 -45.44
C GLN H 375 -40.26 -28.37 -46.37
N GLU H 376 -39.63 -27.63 -47.29
CA GLU H 376 -38.69 -28.16 -48.30
C GLU H 376 -37.41 -28.65 -47.62
N THR H 377 -36.87 -27.91 -46.63
CA THR H 377 -35.60 -28.23 -45.91
C THR H 377 -35.85 -29.04 -44.64
N TYR H 378 -37.08 -29.47 -44.37
CA TYR H 378 -37.48 -30.25 -43.17
C TYR H 378 -36.66 -31.52 -43.05
N PRO H 379 -36.54 -32.37 -44.10
CA PRO H 379 -35.77 -33.61 -44.00
C PRO H 379 -34.32 -33.41 -43.55
N GLN H 380 -33.68 -32.32 -44.01
CA GLN H 380 -32.27 -31.98 -43.69
C GLN H 380 -32.17 -31.53 -42.22
N LEU H 381 -33.16 -30.78 -41.73
CA LEU H 381 -33.25 -30.32 -40.32
C LEU H 381 -33.36 -31.54 -39.41
N VAL H 382 -34.18 -32.52 -39.81
CA VAL H 382 -34.41 -33.80 -39.08
C VAL H 382 -33.08 -34.54 -39.01
N GLN H 383 -32.36 -34.65 -40.13
CA GLN H 383 -31.03 -35.32 -40.19
C GLN H 383 -30.08 -34.65 -39.20
N ALA H 384 -30.00 -33.32 -39.22
CA ALA H 384 -29.09 -32.53 -38.36
C ALA H 384 -29.38 -32.84 -36.88
N LEU H 385 -30.65 -32.88 -36.51
CA LEU H 385 -31.07 -33.11 -35.10
C LEU H 385 -30.76 -34.56 -34.71
N GLY H 386 -31.08 -35.52 -35.59
CA GLY H 386 -30.83 -36.96 -35.35
C GLY H 386 -29.36 -37.25 -35.11
N ASP H 387 -28.50 -36.67 -35.96
CA ASP H 387 -27.03 -36.87 -35.95
C ASP H 387 -26.48 -36.32 -34.63
N ARG H 388 -26.76 -35.04 -34.36
CA ARG H 388 -26.34 -34.29 -33.14
C ARG H 388 -26.79 -35.02 -31.87
N LEU H 389 -28.09 -35.30 -31.76
CA LEU H 389 -28.72 -35.72 -30.47
C LEU H 389 -28.50 -37.23 -30.22
N PHE H 390 -28.48 -38.08 -31.24
CA PHE H 390 -28.57 -39.56 -31.09
C PHE H 390 -27.46 -40.30 -31.83
N ALA H 391 -27.30 -40.10 -33.15
CA ALA H 391 -26.51 -40.99 -34.04
C ALA H 391 -25.00 -40.95 -33.71
N VAL H 392 -24.39 -39.77 -33.68
CA VAL H 392 -22.93 -39.57 -33.41
C VAL H 392 -22.55 -40.31 -32.12
N ASP H 393 -23.31 -40.12 -31.05
CA ASP H 393 -22.94 -40.59 -29.69
C ASP H 393 -23.21 -42.10 -29.56
N VAL H 394 -24.28 -42.60 -30.20
CA VAL H 394 -24.51 -44.07 -30.34
C VAL H 394 -23.29 -44.70 -31.03
N GLY H 395 -22.81 -44.07 -32.12
CA GLY H 395 -21.60 -44.45 -32.85
C GLY H 395 -20.38 -44.53 -31.95
N LYS H 396 -20.14 -43.47 -31.16
CA LYS H 396 -19.01 -43.40 -30.19
C LYS H 396 -19.15 -44.49 -29.13
N LEU H 397 -20.38 -44.83 -28.71
CA LEU H 397 -20.64 -45.92 -27.72
C LEU H 397 -20.20 -47.27 -28.30
N ALA H 398 -20.70 -47.63 -29.49
CA ALA H 398 -20.33 -48.88 -30.22
C ALA H 398 -18.81 -48.98 -30.29
N GLN H 399 -18.14 -47.92 -30.75
CA GLN H 399 -16.69 -47.91 -31.07
C GLN H 399 -15.89 -48.09 -29.77
N ILE H 400 -16.17 -47.29 -28.73
CA ILE H 400 -15.33 -47.27 -27.49
C ILE H 400 -15.51 -48.58 -26.72
N HIS H 401 -16.72 -49.14 -26.71
CA HIS H 401 -17.02 -50.44 -26.06
C HIS H 401 -16.40 -51.59 -26.88
N ALA H 402 -16.50 -51.56 -28.20
CA ALA H 402 -15.88 -52.58 -29.08
C ALA H 402 -14.38 -52.65 -28.79
N ARG H 403 -13.75 -51.50 -28.52
CA ARG H 403 -12.28 -51.36 -28.29
C ARG H 403 -11.89 -52.02 -26.95
N HIS H 404 -12.56 -51.69 -25.85
CA HIS H 404 -12.07 -51.91 -24.46
C HIS H 404 -12.73 -53.13 -23.80
N SER H 405 -13.97 -53.49 -24.18
CA SER H 405 -14.81 -54.46 -23.42
C SER H 405 -14.26 -55.90 -23.51
N GLY H 406 -13.58 -56.25 -24.60
CA GLY H 406 -13.28 -57.64 -24.97
C GLY H 406 -14.55 -58.46 -25.16
N GLN H 407 -15.68 -57.81 -25.48
CA GLN H 407 -17.02 -58.47 -25.57
C GLN H 407 -17.66 -58.14 -26.91
N PRO H 408 -18.52 -59.03 -27.44
CA PRO H 408 -19.26 -58.74 -28.66
C PRO H 408 -20.02 -57.40 -28.53
N THR H 409 -19.74 -56.46 -29.43
CA THR H 409 -20.41 -55.14 -29.52
C THR H 409 -21.05 -55.01 -30.90
N TYR H 410 -22.37 -54.83 -30.95
CA TYR H 410 -23.19 -54.75 -32.19
C TYR H 410 -23.84 -53.37 -32.32
N LEU H 411 -24.08 -52.96 -33.57
CA LEU H 411 -24.66 -51.65 -33.97
C LEU H 411 -25.69 -51.91 -35.08
N TYR H 412 -26.93 -51.43 -34.95
CA TYR H 412 -27.91 -51.48 -36.06
C TYR H 412 -28.47 -50.09 -36.36
N ARG H 413 -28.83 -49.90 -37.64
CA ARG H 413 -29.55 -48.71 -38.16
C ARG H 413 -30.92 -49.18 -38.68
N TYR H 414 -31.99 -48.63 -38.14
CA TYR H 414 -33.38 -49.10 -38.38
C TYR H 414 -34.09 -48.08 -39.27
N SER H 415 -34.46 -48.49 -40.48
CA SER H 415 -34.97 -47.59 -41.54
C SER H 415 -36.26 -48.16 -42.15
N PHE H 416 -36.89 -49.13 -41.48
CA PHE H 416 -38.24 -49.67 -41.82
C PHE H 416 -39.31 -48.72 -41.29
N ARG H 417 -40.14 -48.20 -42.21
CA ARG H 417 -41.35 -47.41 -41.91
C ARG H 417 -42.59 -48.32 -41.98
N GLY H 418 -43.16 -48.66 -40.83
CA GLY H 418 -44.44 -49.39 -40.71
C GLY H 418 -45.65 -48.47 -40.81
N GLU H 419 -46.85 -49.01 -40.62
CA GLU H 419 -48.15 -48.29 -40.68
C GLU H 419 -48.08 -46.99 -39.88
N LYS H 420 -47.54 -47.04 -38.66
CA LYS H 420 -47.57 -45.95 -37.65
C LYS H 420 -46.16 -45.54 -37.23
N SER H 421 -46.05 -44.31 -36.71
CA SER H 421 -44.81 -43.66 -36.23
C SER H 421 -45.14 -42.76 -35.04
N LEU H 422 -44.18 -42.55 -34.14
CA LEU H 422 -44.27 -41.58 -33.01
C LEU H 422 -44.54 -40.18 -33.55
N SER H 423 -44.10 -39.85 -34.77
CA SER H 423 -44.32 -38.52 -35.42
C SER H 423 -45.82 -38.24 -35.53
N ASN H 424 -46.64 -39.28 -35.70
CA ASN H 424 -48.13 -39.18 -35.73
C ASN H 424 -48.64 -38.51 -34.45
N MET H 425 -48.22 -39.02 -33.29
CA MET H 425 -48.57 -38.48 -31.96
C MET H 425 -48.00 -37.07 -31.80
N MET H 426 -46.72 -36.87 -32.16
CA MET H 426 -45.95 -35.63 -31.88
C MET H 426 -46.35 -34.51 -32.87
N ALA H 427 -46.73 -34.84 -34.11
CA ALA H 427 -47.17 -33.87 -35.16
C ALA H 427 -48.70 -33.73 -35.20
N SER H 428 -49.45 -34.68 -34.61
CA SER H 428 -50.95 -34.76 -34.68
C SER H 428 -51.41 -34.79 -36.14
N ASN H 429 -50.87 -35.73 -36.92
CA ASN H 429 -51.22 -35.96 -38.35
C ASN H 429 -50.81 -37.38 -38.75
N ASP H 430 -51.14 -37.79 -39.98
CA ASP H 430 -50.82 -39.13 -40.55
C ASP H 430 -49.66 -39.01 -41.54
N LYS H 431 -49.05 -37.83 -41.64
CA LYS H 431 -47.98 -37.52 -42.63
C LYS H 431 -46.76 -38.39 -42.36
N ASN H 432 -46.14 -38.90 -43.43
CA ASN H 432 -44.93 -39.77 -43.37
C ASN H 432 -43.69 -38.89 -43.50
N TYR H 433 -42.86 -38.80 -42.44
CA TYR H 433 -41.57 -38.06 -42.42
C TYR H 433 -40.39 -39.03 -42.30
N GLY H 434 -40.63 -40.34 -42.43
CA GLY H 434 -39.62 -41.39 -42.24
C GLY H 434 -39.75 -42.14 -40.92
N VAL H 435 -38.65 -42.72 -40.45
CA VAL H 435 -38.61 -43.67 -39.30
C VAL H 435 -38.17 -42.87 -38.07
N SER H 436 -39.14 -42.45 -37.26
CA SER H 436 -38.88 -41.66 -36.03
C SER H 436 -38.05 -42.48 -35.04
N HIS H 437 -37.22 -41.78 -34.28
CA HIS H 437 -36.87 -42.11 -32.88
C HIS H 437 -37.99 -42.98 -32.30
N ALA H 438 -37.65 -44.21 -31.90
CA ALA H 438 -38.47 -45.12 -31.07
C ALA H 438 -39.45 -45.95 -31.92
N ASP H 439 -39.48 -45.80 -33.25
CA ASP H 439 -40.42 -46.58 -34.12
C ASP H 439 -40.07 -48.08 -34.06
N ASP H 440 -38.82 -48.42 -33.73
CA ASP H 440 -38.37 -49.83 -33.55
C ASP H 440 -38.91 -50.35 -32.21
N ILE H 441 -38.79 -49.56 -31.14
CA ILE H 441 -39.22 -49.90 -29.75
C ILE H 441 -40.73 -50.12 -29.70
N PHE H 442 -41.50 -49.38 -30.50
CA PHE H 442 -42.98 -49.43 -30.46
C PHE H 442 -43.48 -50.67 -31.20
N HIS H 443 -42.59 -51.46 -31.80
CA HIS H 443 -42.88 -52.80 -32.33
C HIS H 443 -42.64 -53.88 -31.26
N ILE H 444 -41.63 -53.68 -30.40
CA ILE H 444 -41.26 -54.60 -29.27
C ILE H 444 -42.33 -54.52 -28.18
N PHE H 445 -42.62 -53.30 -27.70
CA PHE H 445 -43.67 -52.99 -26.70
C PHE H 445 -44.92 -52.46 -27.42
N LYS H 446 -46.08 -52.55 -26.75
CA LYS H 446 -47.30 -51.77 -27.08
C LYS H 446 -47.29 -50.49 -26.24
N PHE H 447 -47.23 -49.34 -26.90
CA PHE H 447 -47.40 -47.98 -26.31
C PHE H 447 -48.73 -47.44 -26.83
N PRO H 448 -49.50 -46.69 -26.01
CA PRO H 448 -50.88 -46.30 -26.37
C PRO H 448 -51.05 -45.70 -27.79
N SER H 449 -51.86 -46.39 -28.61
CA SER H 449 -52.30 -46.04 -29.98
C SER H 449 -51.14 -46.00 -30.99
N LEU H 450 -50.03 -46.68 -30.69
CA LEU H 450 -48.85 -46.82 -31.60
C LEU H 450 -48.56 -48.31 -31.86
N SER H 451 -49.55 -49.18 -31.66
CA SER H 451 -49.49 -50.64 -31.99
C SER H 451 -50.11 -50.88 -33.36
N SER H 452 -49.46 -51.69 -34.20
CA SER H 452 -49.93 -52.07 -35.56
C SER H 452 -50.10 -53.59 -35.64
N THR H 453 -51.10 -54.03 -36.41
CA THR H 453 -51.42 -55.45 -36.72
C THR H 453 -51.54 -55.63 -38.23
N SER H 454 -50.86 -54.78 -39.02
CA SER H 454 -50.60 -55.00 -40.46
C SER H 454 -49.44 -56.00 -40.61
N SER H 455 -49.49 -56.84 -41.63
CA SER H 455 -48.70 -58.10 -41.73
C SER H 455 -47.20 -57.85 -41.52
N GLU H 456 -46.63 -56.86 -42.20
CA GLU H 456 -45.16 -56.60 -42.20
C GLU H 456 -44.73 -56.05 -40.82
N ASP H 457 -45.54 -55.20 -40.20
CA ASP H 457 -45.32 -54.65 -38.83
C ASP H 457 -45.22 -55.78 -37.81
N VAL H 458 -46.10 -56.78 -37.90
CA VAL H 458 -46.13 -57.98 -37.00
C VAL H 458 -44.83 -58.78 -37.20
N ARG H 459 -44.32 -58.87 -38.42
CA ARG H 459 -43.07 -59.64 -38.71
C ARG H 459 -41.86 -58.88 -38.13
N MET H 460 -41.91 -57.54 -38.07
CA MET H 460 -40.83 -56.73 -37.45
C MET H 460 -40.85 -56.91 -35.93
N THR H 461 -42.04 -56.99 -35.31
CA THR H 461 -42.23 -57.34 -33.88
C THR H 461 -41.51 -58.67 -33.58
N GLU H 462 -41.83 -59.72 -34.35
CA GLU H 462 -41.25 -61.07 -34.19
C GLU H 462 -39.73 -60.97 -34.27
N ALA H 463 -39.21 -60.15 -35.22
CA ALA H 463 -37.77 -60.04 -35.56
C ALA H 463 -37.00 -59.36 -34.42
N LEU H 464 -37.49 -58.21 -33.93
CA LEU H 464 -36.83 -57.45 -32.85
C LEU H 464 -36.86 -58.25 -31.55
N ILE H 465 -37.92 -59.03 -31.31
CA ILE H 465 -38.01 -59.87 -30.08
C ILE H 465 -37.07 -61.09 -30.25
N ASP H 466 -37.01 -61.67 -31.45
CA ASP H 466 -36.00 -62.72 -31.77
C ASP H 466 -34.59 -62.15 -31.54
N MET H 467 -34.37 -60.87 -31.85
CA MET H 467 -33.08 -60.18 -31.62
C MET H 467 -32.76 -60.23 -30.13
N ILE H 468 -33.75 -59.89 -29.29
CA ILE H 468 -33.58 -59.79 -27.82
C ILE H 468 -33.42 -61.21 -27.25
N TYR H 469 -34.22 -62.17 -27.74
CA TYR H 469 -34.21 -63.57 -27.27
C TYR H 469 -32.87 -64.23 -27.66
N SER H 470 -32.51 -64.17 -28.94
CA SER H 470 -31.22 -64.70 -29.46
C SER H 470 -30.05 -64.12 -28.66
N PHE H 471 -30.05 -62.79 -28.42
CA PHE H 471 -28.97 -62.03 -27.75
C PHE H 471 -28.85 -62.46 -26.28
N SER H 472 -29.96 -62.88 -25.66
CA SER H 472 -30.10 -63.22 -24.21
C SER H 472 -29.95 -64.73 -23.98
N THR H 473 -29.89 -65.49 -25.08
CA THR H 473 -29.81 -66.97 -25.11
C THR H 473 -28.43 -67.35 -25.65
N THR H 474 -28.24 -67.29 -26.96
CA THR H 474 -27.01 -67.76 -27.66
C THR H 474 -25.89 -66.72 -27.52
N GLY H 475 -26.23 -65.43 -27.39
CA GLY H 475 -25.27 -64.32 -27.43
C GLY H 475 -25.08 -63.78 -28.84
N ASN H 476 -25.45 -64.54 -29.87
CA ASN H 476 -25.38 -64.17 -31.31
C ASN H 476 -26.72 -63.58 -31.73
N PRO H 477 -26.85 -62.23 -31.82
CA PRO H 477 -28.13 -61.60 -32.14
C PRO H 477 -28.55 -61.90 -33.58
N LYS H 478 -29.79 -62.35 -33.76
CA LYS H 478 -30.37 -62.78 -35.07
C LYS H 478 -31.86 -62.46 -35.09
N LEU H 479 -32.31 -61.69 -36.09
CA LEU H 479 -33.69 -61.21 -36.28
C LEU H 479 -34.50 -62.24 -37.06
N THR H 480 -33.89 -62.89 -38.06
CA THR H 480 -34.49 -63.98 -38.88
C THR H 480 -33.42 -65.02 -39.25
N ASN H 481 -33.85 -66.19 -39.73
CA ASN H 481 -32.98 -67.29 -40.20
C ASN H 481 -32.45 -66.99 -41.61
N GLU H 482 -33.17 -66.18 -42.39
CA GLU H 482 -32.86 -65.86 -43.82
C GLU H 482 -31.81 -64.75 -43.88
N ALA H 483 -31.78 -63.84 -42.91
CA ALA H 483 -30.91 -62.64 -42.89
C ALA H 483 -29.46 -63.08 -42.93
N PRO H 484 -28.54 -62.23 -43.46
CA PRO H 484 -27.11 -62.47 -43.34
C PRO H 484 -26.70 -62.36 -41.87
N VAL H 485 -25.57 -62.96 -41.51
CA VAL H 485 -25.01 -62.97 -40.12
C VAL H 485 -24.67 -61.53 -39.72
N TRP H 486 -25.20 -61.10 -38.58
CA TRP H 486 -24.87 -59.81 -37.94
C TRP H 486 -23.44 -59.88 -37.39
N THR H 487 -22.50 -59.22 -38.08
CA THR H 487 -21.07 -59.05 -37.70
C THR H 487 -20.95 -58.05 -36.55
N PRO H 488 -20.15 -58.35 -35.50
CA PRO H 488 -19.86 -57.38 -34.45
C PRO H 488 -18.96 -56.26 -34.97
N VAL H 489 -18.92 -55.14 -34.26
CA VAL H 489 -18.00 -54.00 -34.52
C VAL H 489 -16.58 -54.49 -34.24
N THR H 490 -15.62 -54.13 -35.10
CA THR H 490 -14.21 -54.57 -35.00
C THR H 490 -13.49 -53.73 -33.94
N PRO H 491 -13.01 -54.34 -32.84
CA PRO H 491 -12.17 -53.63 -31.89
C PRO H 491 -11.03 -52.85 -32.59
N GLY H 492 -10.85 -51.58 -32.20
CA GLY H 492 -9.74 -50.71 -32.63
C GLY H 492 -9.96 -50.11 -34.02
N SER H 493 -11.05 -50.44 -34.70
CA SER H 493 -11.31 -50.03 -36.11
C SER H 493 -12.11 -48.71 -36.19
N ALA H 494 -11.66 -47.81 -37.06
CA ALA H 494 -12.33 -46.52 -37.37
C ALA H 494 -13.61 -46.79 -38.19
N GLU H 495 -13.67 -47.88 -38.95
CA GLU H 495 -14.91 -48.28 -39.67
C GLU H 495 -15.79 -49.02 -38.66
N LEU H 496 -17.07 -48.65 -38.58
CA LEU H 496 -18.08 -49.29 -37.69
C LEU H 496 -19.03 -50.12 -38.55
N SER H 497 -18.90 -51.45 -38.47
CA SER H 497 -19.85 -52.41 -39.10
C SER H 497 -21.19 -52.30 -38.36
N TYR H 498 -22.29 -52.21 -39.11
CA TYR H 498 -23.66 -52.16 -38.55
C TYR H 498 -24.64 -52.89 -39.48
N LEU H 499 -25.68 -53.51 -38.90
CA LEU H 499 -26.81 -54.12 -39.63
C LEU H 499 -27.81 -53.04 -40.05
N GLU H 500 -27.92 -52.76 -41.35
CA GLU H 500 -28.98 -51.90 -41.93
C GLU H 500 -30.26 -52.74 -42.00
N ILE H 501 -31.21 -52.51 -41.09
CA ILE H 501 -32.56 -53.16 -41.09
C ILE H 501 -33.52 -52.29 -41.90
N ALA H 502 -33.75 -52.63 -43.16
CA ALA H 502 -34.63 -51.88 -44.10
C ALA H 502 -36.08 -52.37 -43.95
N SER H 503 -36.27 -53.67 -43.71
CA SER H 503 -37.59 -54.32 -43.52
C SER H 503 -37.37 -55.64 -42.76
N PRO H 504 -38.43 -56.38 -42.39
CA PRO H 504 -38.26 -57.69 -41.77
C PRO H 504 -37.56 -58.74 -42.67
N SER H 505 -37.63 -58.59 -43.99
CA SER H 505 -37.07 -59.56 -44.97
C SER H 505 -35.97 -58.94 -45.83
N ARG H 506 -35.52 -57.72 -45.50
CA ARG H 506 -34.41 -57.02 -46.19
C ARG H 506 -33.52 -56.36 -45.13
N MET H 507 -32.39 -56.97 -44.83
CA MET H 507 -31.32 -56.40 -43.96
C MET H 507 -29.97 -56.97 -44.39
N GLU H 508 -28.94 -56.12 -44.44
CA GLU H 508 -27.57 -56.47 -44.87
C GLU H 508 -26.57 -55.66 -44.04
N MET H 509 -25.39 -56.22 -43.78
CA MET H 509 -24.30 -55.51 -43.06
C MET H 509 -23.89 -54.29 -43.88
N LYS H 510 -23.45 -53.23 -43.19
CA LYS H 510 -22.86 -52.01 -43.81
C LYS H 510 -21.78 -51.47 -42.87
N SER H 511 -21.04 -50.47 -43.34
CA SER H 511 -19.89 -49.86 -42.62
C SER H 511 -20.00 -48.34 -42.73
N SER H 512 -19.43 -47.62 -41.77
CA SER H 512 -19.22 -46.15 -41.84
C SER H 512 -18.00 -45.79 -40.99
N SER H 513 -17.12 -44.95 -41.53
CA SER H 513 -15.97 -44.33 -40.83
C SER H 513 -16.35 -42.94 -40.32
N ASP H 514 -17.60 -42.54 -40.50
CA ASP H 514 -18.10 -41.20 -40.06
C ASP H 514 -19.60 -41.30 -39.69
N PHE H 515 -19.93 -42.20 -38.76
CA PHE H 515 -21.30 -42.53 -38.33
C PHE H 515 -21.97 -41.28 -37.71
N GLY H 516 -23.07 -40.82 -38.31
CA GLY H 516 -23.85 -39.65 -37.88
C GLY H 516 -23.16 -38.33 -38.22
N HIS H 517 -22.20 -38.35 -39.14
CA HIS H 517 -21.39 -37.17 -39.57
C HIS H 517 -20.67 -36.62 -38.33
N ARG H 518 -20.10 -37.53 -37.54
CA ARG H 518 -19.34 -37.25 -36.30
C ARG H 518 -18.34 -36.12 -36.54
N SER H 519 -17.60 -36.17 -37.65
CA SER H 519 -16.43 -35.29 -37.95
C SER H 519 -16.88 -33.83 -38.02
N PHE H 520 -18.11 -33.57 -38.48
CA PHE H 520 -18.70 -32.21 -38.51
C PHE H 520 -18.99 -31.73 -37.08
N TRP H 521 -19.66 -32.57 -36.29
CA TRP H 521 -20.17 -32.19 -34.95
C TRP H 521 -19.00 -32.05 -33.96
N ASP H 522 -17.96 -32.90 -34.09
CA ASP H 522 -16.69 -32.80 -33.30
C ASP H 522 -15.90 -31.52 -33.65
N SER H 523 -16.19 -30.86 -34.77
CA SER H 523 -15.38 -29.73 -35.31
C SER H 523 -15.89 -28.36 -34.84
N LEU H 524 -16.95 -28.29 -34.04
CA LEU H 524 -17.70 -27.04 -33.76
C LEU H 524 -17.20 -26.38 -32.46
N GLY H 525 -16.35 -27.08 -31.71
CA GLY H 525 -15.70 -26.54 -30.49
C GLY H 525 -16.54 -26.73 -29.25
N PHE H 526 -17.52 -27.66 -29.27
CA PHE H 526 -18.31 -28.00 -28.05
C PHE H 526 -17.35 -28.55 -27.00
N VAL H 527 -17.51 -28.14 -25.73
CA VAL H 527 -16.65 -28.62 -24.60
C VAL H 527 -17.24 -29.94 -24.12
N GLU H 528 -17.25 -30.94 -25.01
CA GLU H 528 -17.93 -32.25 -24.83
C GLU H 528 -16.95 -33.36 -25.25
N ASN H 529 -16.98 -34.49 -24.54
CA ASN H 529 -16.33 -35.78 -24.90
C ASN H 529 -14.83 -35.57 -25.15
N GLU H 530 -14.37 -35.71 -26.39
CA GLU H 530 -12.94 -35.59 -26.78
C GLU H 530 -12.38 -34.25 -26.28
N ASN H 531 -13.19 -33.19 -26.28
CA ASN H 531 -12.78 -31.79 -26.00
C ASN H 531 -13.29 -31.32 -24.63
N TYR H 532 -13.49 -32.26 -23.69
CA TYR H 532 -13.98 -31.95 -22.32
C TYR H 532 -12.85 -31.39 -21.47
N ARG H 533 -13.05 -30.19 -20.91
CA ARG H 533 -12.19 -29.54 -19.88
C ARG H 533 -13.02 -29.37 -18.60
N HIS H 534 -12.35 -29.34 -17.44
CA HIS H 534 -12.99 -29.22 -16.10
C HIS H 534 -13.32 -27.74 -15.81
C1 NAG I . 25.24 43.61 23.46
C2 NAG I . 25.76 44.09 22.10
C3 NAG I . 25.65 45.61 21.99
C4 NAG I . 24.26 46.11 22.38
C5 NAG I . 23.81 45.49 23.70
C6 NAG I . 22.38 45.81 24.03
C7 NAG I . 27.50 42.56 21.32
C8 NAG I . 28.96 42.28 21.28
N2 NAG I . 27.14 43.70 21.91
O3 NAG I . 25.97 45.97 20.64
O4 NAG I . 24.24 47.52 22.61
O5 NAG I . 23.90 44.06 23.59
O6 NAG I . 21.56 45.68 22.88
O7 NAG I . 26.68 41.78 20.83
C1 NAG I . 23.96 48.28 21.44
C2 NAG I . 23.42 49.62 21.92
C3 NAG I . 23.16 50.51 20.72
C4 NAG I . 24.41 50.66 19.87
C5 NAG I . 25.01 49.30 19.54
C6 NAG I . 26.40 49.41 18.94
C7 NAG I . 22.26 49.72 24.06
C8 NAG I . 20.92 49.77 24.73
N2 NAG I . 22.23 49.51 22.75
O3 NAG I . 22.73 51.77 21.22
O4 NAG I . 24.07 51.28 18.63
O5 NAG I . 25.16 48.49 20.72
O6 NAG I . 26.89 48.14 18.56
O7 NAG I . 23.31 49.85 24.69
C1 BMA I . 24.42 52.65 18.58
C2 BMA I . 24.71 52.97 17.14
C3 BMA I . 25.06 54.42 16.97
C4 BMA I . 24.02 55.34 17.60
C5 BMA I . 23.47 54.85 18.99
C6 BMA I . 22.11 55.41 19.35
O2 BMA I . 23.57 52.62 16.35
O3 BMA I . 25.14 54.70 15.56
O4 BMA I . 24.64 56.62 17.78
O5 BMA I . 23.30 53.41 19.02
O6 BMA I . 22.17 56.63 20.10
C1 MAN I . 26.49 54.65 15.02
C2 MAN I . 26.46 55.32 13.66
C3 MAN I . 25.75 54.50 12.62
C4 MAN I . 26.35 53.10 12.56
C5 MAN I . 26.30 52.47 13.96
C6 MAN I . 26.94 51.10 14.02
O2 MAN I . 27.78 55.55 13.17
O3 MAN I . 25.87 55.16 11.37
O4 MAN I . 25.63 52.31 11.64
O5 MAN I . 27.02 53.32 14.89
O6 MAN I . 27.06 50.64 15.36
C1 MAN I . 28.30 56.80 13.60
C2 MAN I . 29.19 57.34 12.50
C3 MAN I . 30.41 56.45 12.35
C4 MAN I . 31.15 56.38 13.68
C5 MAN I . 30.19 55.75 14.69
C6 MAN I . 30.79 55.57 16.08
O2 MAN I . 29.53 58.70 12.75
O3 MAN I . 31.25 56.94 11.30
O4 MAN I . 32.34 55.61 13.57
O5 MAN I . 29.03 56.62 14.82
O6 MAN I . 29.82 55.02 16.98
C1 NAG J . 75.81 28.70 -6.81
C2 NAG J . 74.31 28.70 -7.11
C3 NAG J . 73.88 27.32 -7.62
C4 NAG J . 74.81 26.76 -8.70
C5 NAG J . 76.28 27.03 -8.39
C6 NAG J . 77.20 26.76 -9.55
C7 NAG J . 72.61 30.06 -5.89
C8 NAG J . 71.61 29.97 -4.79
N2 NAG J . 73.48 29.03 -5.96
O3 NAG J . 72.54 27.40 -8.09
O4 NAG J . 74.70 25.33 -8.73
O5 NAG J . 76.44 28.42 -8.04
O6 NAG J . 76.72 27.33 -10.76
O7 NAG J . 72.65 31.01 -6.66
C1 NAG J . 73.79 24.77 -9.69
C2 NAG J . 74.36 23.42 -10.14
C3 NAG J . 73.34 22.70 -11.00
C4 NAG J . 72.00 22.63 -10.30
C5 NAG J . 71.53 24.01 -9.86
C6 NAG J . 70.26 23.92 -9.03
C7 NAG J . 76.79 23.15 -10.31
C8 NAG J . 77.98 23.28 -11.21
N2 NAG J . 75.62 23.48 -10.85
O3 NAG J . 73.79 21.38 -11.30
O4 NAG J . 71.05 22.13 -11.21
O5 NAG J . 72.53 24.64 -9.04
O6 NAG J . 70.05 25.06 -8.21
O7 NAG J . 76.90 22.79 -9.14
C1 BMA J . 70.65 20.81 -10.82
C2 BMA J . 69.26 20.68 -11.33
C3 BMA J . 68.72 19.29 -11.09
C4 BMA J . 69.70 18.20 -11.50
C5 BMA J . 71.18 18.48 -11.13
C6 BMA J . 72.17 17.64 -11.91
O2 BMA J . 69.20 21.01 -12.72
O3 BMA J . 67.52 19.18 -11.86
O4 BMA J . 69.29 16.99 -10.86
O5 BMA J . 71.53 19.85 -11.40
O6 BMA J . 71.87 16.24 -11.87
C1 MAN J . 66.32 19.41 -11.13
C2 MAN J . 65.21 18.97 -12.09
C3 MAN J . 64.90 20.04 -13.12
C4 MAN J . 64.64 21.35 -12.43
C5 MAN J . 65.89 21.75 -11.69
C6 MAN J . 65.80 23.09 -11.01
O2 MAN J . 64.04 18.63 -11.35
O3 MAN J . 63.79 19.65 -13.91
O4 MAN J . 64.27 22.35 -13.36
O5 MAN J . 66.14 20.76 -10.67
O6 MAN J . 66.90 23.31 -10.15
C1 MAN J . 64.13 17.29 -10.83
C2 MAN J . 62.73 16.81 -10.56
C3 MAN J . 62.11 17.59 -9.42
C4 MAN J . 63.00 17.50 -8.18
C5 MAN J . 64.41 17.97 -8.53
C6 MAN J . 65.40 17.80 -7.38
O2 MAN J . 62.78 15.40 -10.31
O3 MAN J . 60.81 17.11 -9.12
O4 MAN J . 62.45 18.32 -7.16
O5 MAN J . 64.93 17.19 -9.64
O6 MAN J . 66.58 18.60 -7.58
C1 NAG K . 51.27 4.45 -55.88
C2 NAG K . 50.08 5.26 -55.35
C3 NAG K . 49.17 5.70 -56.50
C4 NAG K . 49.94 6.32 -57.66
C5 NAG K . 51.13 5.44 -58.02
C6 NAG K . 52.04 6.04 -59.08
C7 NAG K . 49.51 4.63 -53.07
C8 NAG K . 48.53 3.91 -52.20
N2 NAG K . 49.29 4.53 -54.39
O3 NAG K . 48.26 6.63 -55.94
O4 NAG K . 49.12 6.41 -58.82
O5 NAG K . 51.93 5.24 -56.85
O6 NAG K . 52.58 7.27 -58.65
O7 NAG K . 50.44 5.28 -52.61
C1 NAG K . 48.39 7.64 -58.92
C2 NAG K . 48.13 7.89 -60.41
C3 NAG K . 47.31 9.15 -60.59
C4 NAG K . 46.04 9.08 -59.76
C5 NAG K . 46.33 8.73 -58.30
C6 NAG K . 45.07 8.44 -57.54
C7 NAG K . 49.65 6.99 -62.09
C8 NAG K . 51.03 7.07 -62.69
N2 NAG K . 49.32 7.95 -61.22
O3 NAG K . 47.04 9.33 -61.97
O4 NAG K . 45.40 10.36 -59.74
O5 NAG K . 47.18 7.57 -58.20
O6 NAG K . 45.30 8.40 -56.15
O7 NAG K . 48.87 6.08 -62.37
C1 BMA K . 44.37 10.40 -60.70
C2 BMA K . 43.45 11.46 -60.19
C3 BMA K . 42.26 11.58 -61.11
C4 BMA K . 42.70 11.82 -62.56
C5 BMA K . 43.88 10.90 -63.01
C6 BMA K . 44.63 11.41 -64.22
O2 BMA K . 44.16 12.68 -60.03
O3 BMA K . 41.44 12.66 -60.63
O4 BMA K . 41.61 11.55 -63.42
O5 BMA K . 44.87 10.78 -61.97
O6 BMA K . 43.78 11.76 -65.30
C1 MAN K . 40.33 12.25 -59.79
C2 MAN K . 39.41 13.45 -59.68
C3 MAN K . 40.00 14.52 -58.79
C4 MAN K . 40.34 13.93 -57.43
C5 MAN K . 41.30 12.76 -57.62
C6 MAN K . 41.64 12.05 -56.33
O2 MAN K . 38.14 13.06 -59.17
O3 MAN K . 39.07 15.59 -58.67
O4 MAN K . 40.93 14.93 -56.60
O5 MAN K . 40.65 11.78 -58.47
O6 MAN K . 42.55 10.97 -56.52
C1 MAN K . 37.24 12.67 -60.21
C2 MAN K . 35.84 12.94 -59.71
C3 MAN K . 35.52 12.04 -58.53
C4 MAN K . 35.66 10.59 -58.95
C5 MAN K . 37.08 10.35 -59.47
C6 MAN K . 37.28 8.96 -60.03
O2 MAN K . 34.92 12.79 -60.80
O3 MAN K . 34.22 12.29 -58.01
O4 MAN K . 35.42 9.75 -57.83
O5 MAN K . 37.38 11.29 -60.55
O6 MAN K . 38.65 8.70 -60.33
C1 NAG L . 12.95 -6.86 -10.82
C2 NAG L . 13.93 -5.70 -11.04
C3 NAG L . 14.77 -5.47 -9.78
C4 NAG L . 13.90 -5.34 -8.54
C5 NAG L . 12.94 -6.53 -8.46
C6 NAG L . 11.97 -6.42 -7.31
C7 NAG L . 14.52 -5.40 -13.41
C8 NAG L . 15.51 -5.76 -14.47
N2 NAG L . 14.79 -5.88 -12.19
O3 NAG L . 15.55 -4.30 -10.00
O4 NAG L . 14.70 -5.38 -7.37
O5 NAG L . 12.17 -6.58 -9.67
O6 NAG L . 11.25 -5.21 -7.38
O7 NAG L . 13.53 -4.72 -13.65
C1 NAG L . 15.30 -4.18 -6.89
C2 NAG L . 15.50 -4.51 -5.42
C3 NAG L . 16.27 -3.41 -4.71
C4 NAG L . 17.52 -3.02 -5.48
C5 NAG L . 17.23 -2.75 -6.95
C6 NAG L . 18.52 -2.51 -7.71
C7 NAG L . 13.98 -5.86 -4.03
C8 NAG L . 12.93 -5.72 -2.98
N2 NAG L . 14.26 -4.74 -4.71
O3 NAG L . 16.61 -3.90 -3.41
O4 NAG L . 18.00 -1.80 -4.95
O5 NAG L . 16.54 -3.87 -7.54
O6 NAG L . 18.43 -2.85 -9.08
O7 NAG L . 14.55 -6.91 -4.25
C1 BMA L . 19.16 -2.01 -4.14
C2 BMA L . 19.90 -0.70 -4.23
C3 BMA L . 21.07 -0.67 -3.26
C4 BMA L . 20.53 -0.95 -1.86
C5 BMA L . 19.83 -2.32 -1.83
C6 BMA L . 19.21 -2.67 -0.50
O2 BMA L . 18.99 0.38 -3.99
O3 BMA L . 21.71 0.59 -3.34
O4 BMA L . 21.57 -0.93 -0.89
O5 BMA L . 18.77 -2.33 -2.81
O6 BMA L . 19.97 -3.67 0.20
C1 MAN L . 22.78 0.73 -4.32
C2 MAN L . 23.48 2.04 -3.95
C3 MAN L . 22.74 3.27 -4.43
C4 MAN L . 22.35 3.13 -5.89
C5 MAN L . 21.55 1.86 -6.09
C6 MAN L . 21.15 1.65 -7.53
O2 MAN L . 24.79 2.06 -4.50
O3 MAN L . 23.57 4.42 -4.30
O4 MAN L . 21.59 4.27 -6.30
O5 MAN L . 22.37 0.73 -5.70
O6 MAN L . 20.52 0.38 -7.71
C1 MAN L . 25.86 1.88 -3.54
C2 MAN L . 27.03 2.73 -4.00
C3 MAN L . 27.56 2.21 -5.33
C4 MAN L . 27.88 0.73 -5.24
C5 MAN L . 26.64 -0.02 -4.76
C6 MAN L . 26.86 -1.51 -4.58
O2 MAN L . 28.05 2.76 -3.02
O3 MAN L . 28.71 2.97 -5.70
O4 MAN L . 28.26 0.23 -6.53
O5 MAN L . 26.23 0.51 -3.48
O6 MAN L . 25.65 -2.13 -4.11
C1 NAG M . -2.19 2.60 27.01
C2 NAG M . -3.00 1.51 27.71
C3 NAG M . -2.31 1.10 29.01
C4 NAG M . -0.83 0.78 28.76
C5 NAG M . -0.16 1.96 28.08
C6 NAG M . 1.29 1.70 27.75
C7 NAG M . -5.38 1.73 27.15
C8 NAG M . -6.70 2.30 27.59
N2 NAG M . -4.36 1.93 27.99
O3 NAG M . -3.03 -0.01 29.53
O4 NAG M . -0.11 0.58 29.98
O5 NAG M . -0.83 2.22 26.84
O6 NAG M . 1.42 0.45 27.11
O7 NAG M . -5.25 1.14 26.08
C1 NAG M . -0.09 -0.74 30.50
C2 NAG M . 1.13 -0.80 31.41
C3 NAG M . 1.15 -2.16 32.12
C4 NAG M . -0.16 -2.39 32.85
C5 NAG M . -1.36 -2.23 31.93
C6 NAG M . -2.66 -2.20 32.72
C7 NAG M . 3.15 0.52 30.96
C8 NAG M . 4.45 0.58 30.22
N2 NAG M . 2.40 -0.56 30.75
O3 NAG M . 2.24 -2.19 33.02
O4 NAG M . -0.19 -3.74 33.31
O5 NAG M . -1.29 -0.97 31.21
O6 NAG M . -3.79 -2.23 31.87
O7 NAG M . 2.81 1.43 31.72
C1 BMA M . 0.18 -3.86 34.69
C2 BMA M . -0.55 -5.12 35.05
C3 BMA M . -0.21 -5.52 36.45
C4 BMA M . 1.29 -5.75 36.54
C5 BMA M . 2.05 -4.46 36.16
C6 BMA M . 3.55 -4.66 36.05
O2 BMA M . -0.21 -6.13 34.11
O3 BMA M . -0.90 -6.72 36.78
O4 BMA M . 1.64 -6.15 37.87
O5 BMA M . 1.61 -3.97 34.86
O6 BMA M . 4.28 -3.54 36.51
C1 MAN M . -2.20 -6.55 37.40
C2 MAN M . -2.49 -7.88 38.06
C3 MAN M . -2.69 -8.96 37.02
C4 MAN M . -3.83 -8.56 36.09
C5 MAN M . -3.50 -7.20 35.47
C6 MAN M . -4.61 -6.66 34.59
O2 MAN M . -3.66 -7.77 38.87
O3 MAN M . -2.96 -10.19 37.67
O4 MAN M . -4.02 -9.53 35.06
O5 MAN M . -3.27 -6.21 36.51
O6 MAN M . -4.17 -5.54 33.84
C1 MAN M . -3.30 -7.66 40.24
C2 MAN M . -4.38 -8.36 41.04
C3 MAN M . -5.68 -7.59 40.88
C4 MAN M . -5.49 -6.18 41.39
C5 MAN M . -4.40 -5.50 40.55
C6 MAN M . -4.07 -4.10 41.00
O2 MAN M . -3.93 -8.49 42.38
O3 MAN M . -6.75 -8.25 41.56
O4 MAN M . -6.70 -5.45 41.29
O5 MAN M . -3.17 -6.29 40.64
O6 MAN M . -3.00 -3.53 40.22
C1 NAG N . -60.96 0.02 39.30
C2 NAG N . -60.14 -0.83 38.34
C3 NAG N . -60.83 -0.90 36.98
C4 NAG N . -62.30 -1.30 37.10
C5 NAG N . -62.99 -0.42 38.13
C6 NAG N . -64.41 -0.85 38.43
C7 NAG N . -57.75 -0.63 38.97
C8 NAG N . -56.46 0.01 38.60
N2 NAG N . -58.78 -0.34 38.17
O3 NAG N . -60.12 -1.80 36.15
O4 NAG N . -63.00 -1.11 35.87
O5 NAG N . -62.28 -0.50 39.38
O6 NAG N . -64.48 -2.24 38.76
O7 NAG N . -57.86 -1.35 39.96
C1 NAG N . -63.01 -2.23 34.96
C2 NAG N . -64.21 -2.02 34.04
C3 NAG N . -64.23 -3.09 32.96
C4 NAG N . -62.91 -3.15 32.21
C5 NAG N . -61.74 -3.28 33.18
C6 NAG N . -60.41 -3.08 32.47
C7 NAG N . -66.22 -0.86 34.84
C8 NAG N . -67.53 -1.00 35.55
N2 NAG N . -65.49 -1.97 34.71
O3 NAG N . -65.30 -2.77 32.06
O4 NAG N . -62.90 -4.31 31.38
O5 NAG N . -61.79 -2.28 34.22
O6 NAG N . -59.33 -3.65 33.18
O7 NAG N . -65.84 0.23 34.40
C1 BMA N . -63.04 -4.00 29.98
C2 BMA N . -62.33 -5.13 29.29
C3 BMA N . -62.49 -5.03 27.78
C4 BMA N . -63.98 -4.98 27.44
C5 BMA N . -64.70 -3.84 28.21
C6 BMA N . -66.21 -3.91 28.07
O2 BMA N . -62.82 -6.38 29.77
O3 BMA N . -61.86 -6.17 27.18
O4 BMA N . -64.12 -4.76 26.03
O5 BMA N . -64.43 -3.94 29.62
O6 BMA N . -66.65 -3.51 26.77
C1 MAN N . -60.55 -5.94 26.67
C2 MAN N . -60.24 -7.13 25.77
C3 MAN N . -59.92 -8.38 26.58
C4 MAN N . -58.79 -8.07 27.54
C5 MAN N . -59.25 -6.96 28.47
C6 MAN N . -58.20 -6.58 29.49
O2 MAN N . -59.16 -6.82 24.90
O3 MAN N . -59.54 -9.45 25.72
O4 MAN N . -58.45 -9.23 28.29
O5 MAN N . -59.52 -5.77 27.68
O6 MAN N . -58.57 -5.41 30.22
C1 MAN N . -59.57 -6.57 23.55
C2 MAN N . -58.46 -7.08 22.63
C3 MAN N . -57.21 -6.21 22.76
C4 MAN N . -57.54 -4.74 22.62
C5 MAN N . -58.63 -4.35 23.61
C6 MAN N . -59.05 -2.90 23.53
O2 MAN N . -58.92 -7.18 21.28
O3 MAN N . -56.27 -6.59 21.77
O4 MAN N . -56.36 -3.97 22.88
O5 MAN N . -59.81 -5.16 23.36
O6 MAN N . -59.93 -2.56 24.61
C1 NAG O . -74.22 -51.04 5.12
C2 NAG O . -72.72 -51.16 5.37
C3 NAG O . -72.29 -52.61 5.30
C4 NAG O . -73.14 -53.51 6.19
C5 NAG O . -74.63 -53.23 5.96
C6 NAG O . -75.51 -53.93 6.98
C7 NAG O . -71.55 -49.14 4.60
C8 NAG O . -70.89 -48.50 3.43
N2 NAG O . -71.94 -50.40 4.42
O3 NAG O . -70.92 -52.65 5.66
O4 NAG O . -72.94 -54.90 5.88
O5 NAG O . -74.89 -51.83 6.09
O6 NAG O . -75.14 -53.54 8.29
O7 NAG O . -71.72 -48.54 5.66
C1 NAG O . -71.92 -55.52 6.66
C2 NAG O . -72.24 -57.01 6.67
C3 NAG O . -71.12 -57.74 7.40
C4 NAG O . -69.77 -57.43 6.77
C5 NAG O . -69.55 -55.93 6.69
C6 NAG O . -68.33 -55.60 5.85
C7 NAG O . -74.61 -57.62 6.52
C8 NAG O . -75.84 -57.98 7.30
N2 NAG O . -73.53 -57.34 7.25
O3 NAG O . -71.40 -59.14 7.35
O4 NAG O . -68.74 -57.97 7.58
O5 NAG O . -70.67 -55.29 6.05
O6 NAG O . -67.97 -54.24 6.00
O7 NAG O . -74.62 -57.55 5.29
C1 BMA O . -68.08 -59.08 6.94
C2 BMA O . -66.75 -59.20 7.65
C3 BMA O . -66.06 -60.46 7.25
C4 BMA O . -66.96 -61.63 7.61
C5 BMA O . -68.24 -61.53 6.77
C6 BMA O . -69.25 -62.62 7.08
O2 BMA O . -66.96 -59.16 9.07
O3 BMA O . -64.79 -60.53 7.89
O4 BMA O . -66.33 -62.88 7.36
O5 BMA O . -68.90 -60.26 7.03
O6 BMA O . -69.88 -62.41 8.35
C1 MAN O . -63.71 -60.14 6.99
C2 MAN O . -62.42 -60.62 7.62
C3 MAN O . -62.03 -59.81 8.83
C4 MAN O . -62.05 -58.32 8.54
C5 MAN O . -63.37 -57.92 7.87
C6 MAN O . -63.40 -56.48 7.44
O2 MAN O . -61.36 -60.52 6.67
O3 MAN O . -60.71 -60.20 9.21
O4 MAN O . -61.89 -57.60 9.75
O5 MAN O . -63.58 -58.73 6.70
O6 MAN O . -64.57 -56.15 6.70
C1 MAN O . -61.16 -61.77 5.99
C2 MAN O . -59.67 -61.86 5.75
C3 MAN O . -59.25 -60.75 4.80
C4 MAN O . -60.05 -60.86 3.52
C5 MAN O . -61.53 -60.69 3.89
C6 MAN O . -62.49 -60.71 2.73
O2 MAN O . -59.36 -63.18 5.30
O3 MAN O . -57.84 -60.79 4.58
O4 MAN O . -59.66 -59.88 2.58
O5 MAN O . -61.88 -61.77 4.77
O6 MAN O . -63.84 -60.53 3.19
C1 NAG P . -28.45 -21.63 -21.07
C2 NAG P . -28.99 -21.62 -19.64
C3 NAG P . -29.04 -20.21 -19.06
C4 NAG P . -27.76 -19.41 -19.34
C5 NAG P . -27.37 -19.54 -20.81
C6 NAG P . -26.06 -18.86 -21.14
C7 NAG P . -30.45 -23.55 -19.31
C8 NAG P . -31.88 -24.00 -19.20
N2 NAG P . -30.28 -22.26 -19.58
O3 NAG P . -29.31 -20.33 -17.67
O4 NAG P . -27.96 -18.02 -19.08
O5 NAG P . -27.21 -20.94 -21.12
O6 NAG P . -25.00 -19.40 -20.37
O7 NAG P . -29.51 -24.31 -19.15
C1 NAG P . -27.72 -17.57 -17.73
C2 NAG P . -27.44 -16.08 -17.84
C3 NAG P . -27.31 -15.43 -16.47
C4 NAG P . -28.52 -15.78 -15.60
C5 NAG P . -28.77 -17.28 -15.57
C6 NAG P . -30.07 -17.60 -14.87
C7 NAG P . -26.33 -15.27 -19.88
C8 NAG P . -25.04 -14.80 -20.47
N2 NAG P . -26.26 -15.78 -18.65
O3 NAG P . -27.22 -14.02 -16.61
O4 NAG P . -28.26 -15.33 -14.27
O5 NAG P . -28.86 -17.81 -16.91
O6 NAG P . -30.43 -18.97 -14.98
O7 NAG P . -27.39 -15.19 -20.48
C1 BMA P . -29.27 -14.35 -13.91
C2 BMA P . -29.38 -14.35 -12.40
C3 BMA P . -30.30 -13.24 -11.92
C4 BMA P . -30.00 -11.90 -12.58
C5 BMA P . -29.87 -12.03 -14.11
C6 BMA P . -29.42 -10.77 -14.83
O2 BMA P . -28.08 -14.28 -11.82
O3 BMA P . -30.21 -13.13 -10.50
O4 BMA P . -31.04 -10.97 -12.27
O5 BMA P . -28.91 -13.06 -14.42
O6 BMA P . -28.32 -10.11 -14.19
C1 MAN P . -31.34 -13.73 -9.84
C2 MAN P . -31.27 -13.46 -8.34
C3 MAN P . -30.21 -14.31 -7.68
C4 MAN P . -30.47 -15.78 -8.01
C5 MAN P . -30.35 -15.94 -9.52
C6 MAN P . -30.52 -17.36 -10.01
O2 MAN P . -32.54 -13.76 -7.75
O3 MAN P . -30.21 -14.09 -6.26
O4 MAN P . -29.55 -16.64 -7.33
O5 MAN P . -31.39 -15.14 -10.13
O6 MAN P . -30.84 -17.40 -11.40
C1 MAN P . -33.37 -12.69 -7.23
C2 MAN P . -34.22 -13.35 -6.14
C3 MAN P . -35.31 -14.25 -6.73
C4 MAN P . -36.10 -13.47 -7.76
C5 MAN P . -35.12 -13.05 -8.84
C6 MAN P . -35.73 -12.41 -10.07
O2 MAN P . -34.78 -12.33 -5.30
O3 MAN P . -36.15 -14.80 -5.72
O4 MAN P . -37.15 -14.27 -8.29
O5 MAN P . -34.20 -12.09 -8.24
O6 MAN P . -35.01 -12.79 -11.25
#